data_8BUR
#
_entry.id   8BUR
#
_cell.length_a   250.266
_cell.length_b   250.266
_cell.length_c   217.643
_cell.angle_alpha   90.000
_cell.angle_beta   90.000
_cell.angle_gamma   120.000
#
_symmetry.space_group_name_H-M   'P 31 2 1'
#
loop_
_entity.id
_entity.type
_entity.pdbx_description
1 polymer 'DNA damage-binding protein 1'
2 polymer 'Cyclin-dependent kinase 12'
3 polymer Cyclin-K
4 non-polymer 'SULFATE ION'
5 non-polymer ~{N}-[2-(2-methoxyphenyl)ethyl]-2-[[9-propan-2-yl-6-[(4-pyridin-2-ylphenyl)methylamino]purin-2-yl]amino]ethanamide
#
loop_
_entity_poly.entity_id
_entity_poly.type
_entity_poly.pdbx_seq_one_letter_code
_entity_poly.pdbx_strand_id
1 'polypeptide(L)'
;GGGRMSYNYVVTAQKPTAVNGCVTGHFTSAEDLNLLIAKNTRLEIYVVTAEGLRPVKEVGMYGKIAVMELFRPKGESKDL
LFILTAKYNACILEYKQSGESIDIITRAHGNVQDRIGRPSETGIIGIIDPECRMIGLRLYDGLFKVIPLDRDNKELKAFN
IRLEELHVIDVKFLYGCQAPTICFVYQDPQGRHVKTYEVSLREKEFNKGPWKQENVEAEASMVIAVPEPFGGAIIIGQES
ITYHNGDKYLAIAPPIIKQSTIVCHNRVDPNGSRYLLGDMEGRLFMLLLEKEEQMDGTVTLKDLRVELLGETSIAECLTY
LDNGVVFVGSRLGDSQLVKLNVDSNEQGSYVVAMETFTNLGPIVDMCVVDLERQGQGQLVTCSGAFKEGSLRIIRNGIGG
NGNSGEIQKLHIRTVPLYESPRKICYQEVSQCFGVLSSRIEVQDTSGGTTALRPSASTQALSSSVSSSKLFSSSTAPHET
SFGEEVEVHNLLIIDQHTFEVLHAHQFLQNEYALSLVSCKLGKDPNTYFIVGTAMVYPEEAEPKQGRIVVFQYSDGKLQT
VAEKEVKGAVYSMVEFNGKLLASINSTVRLYEWTTEKELRTECNHYNNIMALYLKTKGDFILVGDLMRSVLLLAYKPMEG
NFEEIARDFNPNWMSAVEILDDDNFLGAENAFNLFVCQKDSAATTDEERQHLQEVGLFHLGEFVNVFCHGSLVMQNLGET
STPTQGSVLFGTVNGMIGLVTSLSESWYNLLLDMQNRLNKVIKSVGKIEHSFWRSFHTERKTEPATGFIDGDLIESFLDI
SRPKMQEVVANLQYDDGSGMKREATADDLIKVVEELTRIH
;
D,A,G
2 'polypeptide(L)'
;GGGRRQTESDWGKRCVDKFDIIGIIGEGTYGQVYKAKDKDTGELVALKKVRLDNEKEGFPITAIREIKILRQLIHRSVVN
MKEIVTDKQDALDFKKDKGAFYLVFEYMDHDLMGLLESGLVHFSEDHIKSFMKQLMEGLEYCHKKNFLHRDIKCSNILLN
NSGQIKLADFGLARLYNSEESRPY(TPO)NKVITLWYRPPELLLGEERYTPAIDVWSCGCILGELFTKKPIFQANLELAQ
LELISRLCGSPCPAVWPDVIRLPYFNTMKPKKQYRRRLREEFSFIPSAALDLLDHMLTLDPSKRCTAEQTLQSDFLKDVE
LSKMAPPDLPHWQDCHELWSKKRRRQRQ
;
E,B,H
3 'polypeptide(L)'
;GGGRMKENKENSSPSVTSANLDHTKPCWYWDKKDLAHTPSQLEGLDPATEARYRREGARFIFDVGTRLGLHYDTLATGII
YFHRFYMFHSFKQFPRYVTGACCLFLAGKVEETPKKCKDIIKTARSLLNDVQFGQFGDDPKEEVMVLERILLQTIKFDLQ
VEHPYQFLLKYAKQLKGDKNKIQKLVQMAWTFVNDSLCTTLSLQWEPEIIAVAVMYLAGRLCKFEIQEWTSKPMYRRWWE
QFVQDVPVDVLEDICHQILDLYSQGKQQMPH
;
F,C,I
#
# COMPACT_ATOMS: atom_id res chain seq x y z
N MET A 5 35.72 33.59 -36.86
CA MET A 5 36.67 32.47 -37.16
C MET A 5 37.61 32.30 -35.96
N SER A 6 38.30 31.18 -35.88
CA SER A 6 39.28 30.91 -34.82
C SER A 6 40.63 30.55 -35.41
N TYR A 7 41.69 30.82 -34.66
CA TYR A 7 43.06 30.66 -35.12
C TYR A 7 43.84 29.87 -34.08
N ASN A 8 44.44 28.76 -34.51
CA ASN A 8 45.15 27.88 -33.59
C ASN A 8 46.40 27.29 -34.25
N TYR A 9 47.28 26.74 -33.41
CA TYR A 9 48.62 26.28 -33.78
C TYR A 9 48.88 24.93 -33.12
N VAL A 10 49.37 23.96 -33.91
CA VAL A 10 49.57 22.59 -33.45
C VAL A 10 51.01 22.16 -33.71
N VAL A 11 51.68 21.66 -32.67
CA VAL A 11 53.06 21.22 -32.77
C VAL A 11 53.23 19.85 -32.12
N THR A 12 54.19 19.09 -32.64
CA THR A 12 54.59 17.82 -32.04
C THR A 12 55.63 18.06 -30.95
N ALA A 13 55.35 17.55 -29.74
CA ALA A 13 56.33 17.58 -28.66
C ALA A 13 57.15 16.29 -28.62
N GLN A 14 56.54 15.14 -28.92
CA GLN A 14 57.23 13.86 -29.03
C GLN A 14 56.72 13.17 -30.28
N LYS A 15 57.65 12.73 -31.14
CA LYS A 15 57.24 12.08 -32.37
C LYS A 15 56.65 10.69 -32.08
N PRO A 16 55.87 10.16 -33.02
CA PRO A 16 55.34 8.80 -32.84
C PRO A 16 56.44 7.80 -32.58
N THR A 17 56.26 6.99 -31.52
CA THR A 17 57.26 6.03 -31.08
C THR A 17 56.91 4.58 -31.38
N ALA A 18 55.63 4.28 -31.60
CA ALA A 18 55.23 2.89 -31.84
C ALA A 18 55.68 2.44 -33.21
N VAL A 19 56.12 1.18 -33.29
CA VAL A 19 56.61 0.62 -34.55
C VAL A 19 55.44 0.01 -35.31
N ASN A 20 55.14 0.57 -36.47
CA ASN A 20 54.03 0.13 -37.32
C ASN A 20 54.44 -0.87 -38.38
N GLY A 21 55.71 -0.89 -38.74
CA GLY A 21 56.20 -1.88 -39.67
C GLY A 21 57.69 -1.82 -39.85
N CYS A 22 58.35 -2.95 -40.14
CA CYS A 22 59.79 -2.96 -40.31
C CYS A 22 60.19 -3.99 -41.36
N VAL A 23 61.13 -3.60 -42.22
CA VAL A 23 61.64 -4.45 -43.28
C VAL A 23 63.16 -4.37 -43.29
N THR A 24 63.79 -5.37 -43.91
CA THR A 24 65.23 -5.40 -44.10
C THR A 24 65.54 -5.56 -45.58
N GLY A 25 66.75 -5.18 -45.95
CA GLY A 25 67.16 -5.26 -47.34
C GLY A 25 68.42 -4.47 -47.59
N HIS A 26 68.59 -4.04 -48.84
CA HIS A 26 69.80 -3.37 -49.29
C HIS A 26 69.37 -2.07 -49.98
N PHE A 27 68.94 -1.11 -49.16
CA PHE A 27 68.30 0.11 -49.64
C PHE A 27 69.29 1.27 -49.80
N THR A 28 70.19 1.47 -48.83
CA THR A 28 71.11 2.60 -48.92
C THR A 28 72.27 2.31 -49.85
N SER A 29 72.72 1.06 -49.92
CA SER A 29 73.78 0.63 -50.81
C SER A 29 73.54 -0.83 -51.13
N ALA A 30 73.97 -1.27 -52.31
CA ALA A 30 73.84 -2.68 -52.64
C ALA A 30 74.66 -3.56 -51.70
N GLU A 31 75.51 -2.95 -50.88
CA GLU A 31 76.44 -3.64 -50.00
C GLU A 31 75.97 -3.72 -48.55
N ASP A 32 75.42 -2.63 -48.01
CA ASP A 32 74.97 -2.61 -46.63
C ASP A 32 73.71 -3.44 -46.39
N LEU A 33 73.53 -3.90 -45.15
CA LEU A 33 72.27 -4.49 -44.70
C LEU A 33 71.48 -3.44 -43.93
N ASN A 34 70.30 -3.12 -44.44
CA ASN A 34 69.49 -2.05 -43.87
C ASN A 34 68.37 -2.59 -43.01
N LEU A 35 67.91 -1.76 -42.10
CA LEU A 35 66.66 -1.95 -41.37
C LEU A 35 65.86 -0.66 -41.51
N LEU A 36 64.72 -0.75 -42.18
CA LEU A 36 63.80 0.39 -42.30
C LEU A 36 62.68 0.17 -41.30
N ILE A 37 62.53 1.12 -40.37
CA ILE A 37 61.49 1.07 -39.34
C ILE A 37 60.49 2.17 -39.67
N ALA A 38 59.21 1.81 -39.71
CA ALA A 38 58.14 2.75 -40.02
C ALA A 38 57.37 3.06 -38.74
N LYS A 39 57.38 4.32 -38.34
CA LYS A 39 56.46 4.87 -37.35
C LYS A 39 55.50 5.79 -38.07
N ASN A 40 54.34 6.04 -37.45
CA ASN A 40 53.29 6.76 -38.15
C ASN A 40 53.88 8.04 -38.75
N THR A 41 53.82 8.15 -40.07
CA THR A 41 54.30 9.31 -40.82
C THR A 41 55.83 9.42 -40.83
N ARG A 42 56.52 8.59 -40.07
CA ARG A 42 57.98 8.66 -39.94
C ARG A 42 58.63 7.39 -40.48
N LEU A 43 59.69 7.56 -41.27
CA LEU A 43 60.53 6.47 -41.76
C LEU A 43 61.94 6.60 -41.21
N GLU A 44 62.42 5.56 -40.52
CA GLU A 44 63.76 5.54 -39.96
C GLU A 44 64.60 4.51 -40.71
N ILE A 45 65.80 4.92 -41.14
CA ILE A 45 66.69 4.06 -41.90
C ILE A 45 67.92 3.79 -41.03
N TYR A 46 68.24 2.50 -40.85
CA TYR A 46 69.39 2.08 -40.06
C TYR A 46 70.30 1.21 -40.92
N VAL A 47 71.54 1.05 -40.46
CA VAL A 47 72.48 0.11 -41.06
C VAL A 47 72.91 -0.88 -39.98
N VAL A 48 72.88 -2.16 -40.30
CA VAL A 48 73.12 -3.22 -39.32
C VAL A 48 74.61 -3.40 -39.12
N THR A 49 75.04 -3.39 -37.85
CA THR A 49 76.42 -3.61 -37.46
C THR A 49 76.50 -4.86 -36.60
N ALA A 50 77.71 -5.17 -36.10
CA ALA A 50 77.87 -6.31 -35.21
C ALA A 50 77.46 -6.01 -33.77
N GLU A 51 77.26 -4.76 -33.40
CA GLU A 51 76.84 -4.42 -32.04
C GLU A 51 75.36 -4.04 -31.97
N GLY A 52 74.83 -3.48 -33.05
CA GLY A 52 73.48 -2.95 -33.08
C GLY A 52 73.22 -2.22 -34.37
N LEU A 53 72.53 -1.09 -34.29
CA LEU A 53 72.13 -0.34 -35.46
C LEU A 53 72.83 1.00 -35.51
N ARG A 54 73.29 1.39 -36.70
CA ARG A 54 73.85 2.72 -36.90
C ARG A 54 72.81 3.56 -37.62
N PRO A 55 72.23 4.58 -37.00
CA PRO A 55 71.27 5.41 -37.74
C PRO A 55 71.98 6.18 -38.85
N VAL A 56 71.25 6.39 -39.95
CA VAL A 56 71.81 7.08 -41.11
C VAL A 56 70.88 8.19 -41.58
N LYS A 57 69.57 7.96 -41.54
CA LYS A 57 68.64 8.94 -42.09
C LYS A 57 67.23 8.73 -41.55
N GLU A 58 66.53 9.84 -41.32
CA GLU A 58 65.10 9.81 -40.99
C GLU A 58 64.38 10.85 -41.81
N VAL A 59 63.24 10.48 -42.40
CA VAL A 59 62.40 11.41 -43.14
C VAL A 59 60.97 11.32 -42.62
N GLY A 60 60.26 12.43 -42.72
CA GLY A 60 58.83 12.44 -42.52
C GLY A 60 58.12 12.44 -43.87
N MET A 61 56.93 11.85 -43.88
CA MET A 61 56.08 11.82 -45.06
C MET A 61 54.75 12.44 -44.70
N TYR A 62 54.10 13.06 -45.70
CA TYR A 62 52.81 13.70 -45.46
C TYR A 62 51.68 12.68 -45.64
N GLY A 63 51.70 11.69 -44.75
CA GLY A 63 50.79 10.57 -44.81
C GLY A 63 51.12 9.46 -43.83
N LYS A 64 50.12 8.68 -43.45
CA LYS A 64 50.33 7.51 -42.61
C LYS A 64 50.84 6.36 -43.49
N ILE A 65 51.98 5.79 -43.10
CA ILE A 65 52.62 4.76 -43.90
C ILE A 65 51.83 3.46 -43.73
N ALA A 66 51.13 3.06 -44.78
CA ALA A 66 50.33 1.84 -44.75
C ALA A 66 51.06 0.63 -45.31
N VAL A 67 51.77 0.79 -46.42
CA VAL A 67 52.55 -0.27 -47.02
C VAL A 67 54.01 0.19 -47.08
N MET A 68 54.92 -0.71 -46.72
CA MET A 68 56.35 -0.44 -46.82
C MET A 68 57.06 -1.72 -47.22
N GLU A 69 57.68 -1.72 -48.40
CA GLU A 69 58.33 -2.92 -48.92
C GLU A 69 59.53 -2.54 -49.76
N LEU A 70 60.58 -3.35 -49.67
CA LEU A 70 61.79 -3.20 -50.47
C LEU A 70 61.85 -4.25 -51.57
N PHE A 71 62.28 -3.84 -52.75
CA PHE A 71 62.36 -4.71 -53.92
C PHE A 71 63.50 -4.24 -54.80
N ARG A 72 63.98 -5.13 -55.67
CA ARG A 72 65.08 -4.81 -56.56
C ARG A 72 64.80 -5.30 -57.98
N PRO A 73 64.28 -4.43 -58.84
CA PRO A 73 63.98 -4.86 -60.21
C PRO A 73 65.27 -5.05 -61.02
N LYS A 74 65.20 -5.97 -61.98
CA LYS A 74 66.34 -6.22 -62.86
C LYS A 74 66.83 -4.91 -63.48
N GLY A 75 68.14 -4.69 -63.37
CA GLY A 75 68.77 -3.50 -63.85
C GLY A 75 69.16 -2.51 -62.78
N GLU A 76 68.58 -2.64 -61.58
CA GLU A 76 68.94 -1.79 -60.46
C GLU A 76 70.08 -2.43 -59.68
N SER A 77 70.95 -1.59 -59.13
CA SER A 77 72.04 -2.09 -58.29
C SER A 77 71.58 -2.39 -56.87
N LYS A 78 70.54 -1.70 -56.41
CA LYS A 78 70.15 -1.77 -55.01
C LYS A 78 68.64 -1.69 -54.88
N ASP A 79 68.14 -2.00 -53.69
CA ASP A 79 66.72 -2.11 -53.48
C ASP A 79 66.04 -0.74 -53.59
N LEU A 80 64.84 -0.74 -54.12
CA LEU A 80 63.97 0.43 -54.12
C LEU A 80 62.88 0.23 -53.08
N LEU A 81 62.31 1.33 -52.60
CA LEU A 81 61.34 1.32 -51.53
C LEU A 81 59.98 1.72 -52.07
N PHE A 82 58.98 0.89 -51.82
CA PHE A 82 57.60 1.24 -52.13
C PHE A 82 56.88 1.62 -50.84
N ILE A 83 56.14 2.72 -50.88
CA ILE A 83 55.31 3.15 -49.76
C ILE A 83 53.96 3.57 -50.31
N LEU A 84 52.90 3.18 -49.63
CA LEU A 84 51.53 3.61 -49.91
C LEU A 84 50.97 4.19 -48.63
N THR A 85 50.40 5.38 -48.71
CA THR A 85 49.86 5.98 -47.50
C THR A 85 48.40 5.56 -47.33
N ALA A 86 47.87 5.83 -46.12
CA ALA A 86 46.50 5.45 -45.83
C ALA A 86 45.48 6.24 -46.64
N LYS A 87 45.84 7.42 -47.15
CA LYS A 87 45.00 8.16 -48.06
C LYS A 87 45.24 7.76 -49.52
N TYR A 88 45.99 6.68 -49.73
CA TYR A 88 46.25 6.04 -51.01
C TYR A 88 47.26 6.78 -51.86
N ASN A 89 48.19 7.51 -51.24
CA ASN A 89 49.30 8.10 -51.97
C ASN A 89 50.39 7.05 -52.15
N ALA A 90 50.71 6.71 -53.39
CA ALA A 90 51.73 5.71 -53.70
C ALA A 90 52.97 6.37 -54.27
N CYS A 91 54.13 5.77 -53.98
CA CYS A 91 55.40 6.29 -54.48
C CYS A 91 56.47 5.21 -54.41
N ILE A 92 57.48 5.35 -55.27
CA ILE A 92 58.69 4.53 -55.23
C ILE A 92 59.87 5.45 -54.94
N LEU A 93 60.67 5.07 -53.94
CA LEU A 93 61.72 5.93 -53.40
C LEU A 93 63.09 5.31 -53.62
N GLU A 94 64.10 6.17 -53.77
CA GLU A 94 65.48 5.75 -53.89
C GLU A 94 66.40 6.57 -52.99
N TYR A 95 67.32 5.88 -52.32
CA TYR A 95 68.36 6.51 -51.50
C TYR A 95 69.53 6.93 -52.38
N LYS A 96 69.99 8.17 -52.21
CA LYS A 96 71.13 8.69 -52.95
C LYS A 96 71.99 9.53 -52.01
N GLN A 97 73.30 9.31 -52.03
CA GLN A 97 74.23 9.97 -51.13
C GLN A 97 75.39 10.52 -51.93
N SER A 98 75.71 11.79 -51.71
CA SER A 98 76.81 12.47 -52.39
C SER A 98 77.78 12.93 -51.32
N GLY A 99 78.70 12.08 -50.94
CA GLY A 99 79.60 12.45 -49.85
C GLY A 99 78.77 12.57 -48.57
N GLU A 100 78.76 13.79 -48.03
CA GLU A 100 78.05 14.09 -46.80
C GLU A 100 76.57 14.38 -47.02
N SER A 101 76.12 14.57 -48.26
CA SER A 101 74.75 14.95 -48.58
C SER A 101 73.87 13.73 -48.83
N ILE A 102 72.87 13.52 -47.97
CA ILE A 102 71.93 12.40 -48.10
C ILE A 102 70.56 12.96 -48.47
N ASP A 103 69.95 12.41 -49.53
CA ASP A 103 68.61 12.81 -49.94
C ASP A 103 67.82 11.60 -50.44
N ILE A 104 66.49 11.74 -50.45
CA ILE A 104 65.59 10.66 -50.89
C ILE A 104 64.89 11.04 -52.18
N ILE A 105 65.03 10.18 -53.20
CA ILE A 105 64.54 10.44 -54.54
C ILE A 105 63.14 9.86 -54.70
N THR A 106 62.23 10.66 -55.25
CA THR A 106 60.89 10.15 -55.61
C THR A 106 60.94 9.73 -57.08
N ARG A 107 61.00 8.41 -57.31
CA ARG A 107 61.15 7.91 -58.67
C ARG A 107 59.82 7.82 -59.40
N ALA A 108 58.74 7.49 -58.69
CA ALA A 108 57.41 7.38 -59.27
C ALA A 108 56.40 7.71 -58.18
N HIS A 109 55.27 8.29 -58.58
CA HIS A 109 54.27 8.64 -57.59
C HIS A 109 52.90 8.85 -58.19
N GLY A 110 51.88 8.66 -57.36
CA GLY A 110 50.51 8.88 -57.74
C GLY A 110 49.57 8.43 -56.65
N ASN A 111 48.30 8.81 -56.81
CA ASN A 111 47.22 8.48 -55.87
C ASN A 111 46.33 7.43 -56.52
N VAL A 112 46.19 6.29 -55.85
CA VAL A 112 45.55 5.12 -56.45
C VAL A 112 44.12 4.93 -55.96
N GLN A 113 43.51 5.96 -55.40
CA GLN A 113 42.15 5.86 -54.87
C GLN A 113 41.15 5.68 -56.00
N ASP A 114 40.17 4.78 -55.76
CA ASP A 114 39.08 4.56 -56.70
C ASP A 114 37.87 5.40 -56.30
N ARG A 115 37.15 5.88 -57.32
CA ARG A 115 35.92 6.63 -57.07
C ARG A 115 34.90 5.81 -56.31
N ILE A 116 34.77 4.53 -56.65
CA ILE A 116 33.77 3.63 -56.08
C ILE A 116 34.47 2.36 -55.60
N GLY A 117 34.33 2.05 -54.31
CA GLY A 117 34.86 0.82 -53.74
C GLY A 117 34.56 0.79 -52.25
N ARG A 118 34.56 -0.45 -51.76
CA ARG A 118 34.32 -0.65 -50.33
C ARG A 118 35.61 -0.98 -49.60
N PRO A 119 36.09 -0.13 -48.69
CA PRO A 119 37.30 -0.46 -47.93
C PRO A 119 37.18 -1.78 -47.18
N SER A 120 38.24 -2.59 -47.24
CA SER A 120 38.22 -3.95 -46.70
C SER A 120 38.40 -3.98 -45.19
N GLU A 121 37.90 -5.06 -44.58
CA GLU A 121 37.98 -5.22 -43.13
C GLU A 121 39.42 -5.40 -42.65
N THR A 122 40.19 -6.26 -43.32
CA THR A 122 41.57 -6.54 -42.92
C THR A 122 42.55 -5.49 -43.43
N GLY A 123 42.05 -4.35 -43.90
CA GLY A 123 42.90 -3.21 -44.18
C GLY A 123 43.64 -3.33 -45.49
N ILE A 124 44.37 -2.26 -45.81
CA ILE A 124 45.18 -2.23 -47.03
C ILE A 124 46.22 -3.33 -46.94
N ILE A 125 46.34 -4.14 -48.00
CA ILE A 125 47.42 -5.10 -48.12
C ILE A 125 48.19 -4.79 -49.39
N GLY A 126 49.52 -4.75 -49.27
CA GLY A 126 50.38 -4.53 -50.42
C GLY A 126 51.47 -5.58 -50.47
N ILE A 127 51.66 -6.19 -51.65
CA ILE A 127 52.65 -7.23 -51.86
C ILE A 127 53.30 -7.00 -53.22
N ILE A 128 54.52 -7.49 -53.37
CA ILE A 128 55.27 -7.35 -54.61
C ILE A 128 55.72 -8.72 -55.11
N ASP A 129 55.66 -8.89 -56.42
CA ASP A 129 56.04 -10.12 -57.09
C ASP A 129 57.49 -10.47 -56.84
N PRO A 130 57.82 -11.76 -56.70
CA PRO A 130 59.25 -12.13 -56.54
C PRO A 130 60.12 -11.72 -57.71
N GLU A 131 59.57 -11.67 -58.92
CA GLU A 131 60.32 -11.15 -60.07
C GLU A 131 60.15 -9.65 -60.23
N CYS A 132 59.54 -8.98 -59.24
CA CYS A 132 59.33 -7.54 -59.27
C CYS A 132 58.72 -7.10 -60.59
N ARG A 133 57.71 -7.85 -61.04
CA ARG A 133 56.99 -7.47 -62.25
C ARG A 133 55.82 -6.55 -61.94
N MET A 134 55.25 -6.64 -60.74
CA MET A 134 54.09 -5.84 -60.41
C MET A 134 53.97 -5.68 -58.90
N ILE A 135 53.20 -4.67 -58.50
CA ILE A 135 52.79 -4.46 -57.12
C ILE A 135 51.32 -4.81 -57.00
N GLY A 136 51.00 -5.71 -56.08
CA GLY A 136 49.61 -6.05 -55.81
C GLY A 136 49.08 -5.24 -54.65
N LEU A 137 47.88 -4.68 -54.82
CA LEU A 137 47.23 -3.92 -53.76
C LEU A 137 45.83 -4.49 -53.55
N ARG A 138 45.49 -4.77 -52.29
CA ARG A 138 44.14 -5.12 -51.89
C ARG A 138 43.60 -3.94 -51.09
N LEU A 139 42.89 -3.05 -51.79
CA LEU A 139 42.32 -1.87 -51.15
C LEU A 139 40.83 -2.00 -50.88
N TYR A 140 40.07 -2.61 -51.78
CA TYR A 140 38.62 -2.66 -51.67
C TYR A 140 38.12 -4.09 -51.79
N ASP A 141 37.02 -4.37 -51.08
CA ASP A 141 36.37 -5.67 -51.20
C ASP A 141 36.02 -5.95 -52.66
N GLY A 142 36.33 -7.16 -53.11
CA GLY A 142 35.96 -7.58 -54.44
C GLY A 142 36.86 -7.08 -55.55
N LEU A 143 37.95 -6.40 -55.23
CA LEU A 143 38.85 -5.88 -56.24
C LEU A 143 40.31 -6.14 -55.89
N PHE A 144 41.11 -6.43 -56.91
CA PHE A 144 42.56 -6.55 -56.80
C PHE A 144 43.18 -5.55 -57.78
N LYS A 145 43.98 -4.63 -57.24
CA LYS A 145 44.61 -3.58 -58.07
C LYS A 145 46.05 -3.96 -58.37
N VAL A 146 46.44 -3.79 -59.63
CA VAL A 146 47.77 -4.15 -60.11
C VAL A 146 48.45 -2.90 -60.63
N ILE A 147 49.57 -2.53 -60.02
CA ILE A 147 50.48 -1.54 -60.58
C ILE A 147 51.63 -2.32 -61.27
N PRO A 148 51.64 -2.38 -62.59
CA PRO A 148 52.77 -3.09 -63.25
C PRO A 148 54.04 -2.26 -63.15
N LEU A 149 55.13 -2.94 -62.81
CA LEU A 149 56.41 -2.25 -62.61
C LEU A 149 57.23 -2.19 -63.90
N ASP A 150 56.71 -1.50 -64.89
CA ASP A 150 57.48 -1.20 -66.10
C ASP A 150 58.21 0.14 -65.92
N ARG A 151 59.29 0.30 -66.67
CA ARG A 151 60.11 1.50 -66.58
C ARG A 151 59.31 2.77 -66.86
N ASP A 152 58.27 2.68 -67.69
CA ASP A 152 57.57 3.87 -68.12
C ASP A 152 56.47 4.32 -67.16
N ASN A 153 56.13 3.50 -66.18
CA ASN A 153 54.99 3.81 -65.30
C ASN A 153 55.42 4.73 -64.16
N LYS A 154 55.84 5.95 -64.54
CA LYS A 154 56.31 6.90 -63.54
C LYS A 154 55.16 7.49 -62.72
N GLU A 155 53.93 7.38 -63.21
CA GLU A 155 52.75 7.86 -62.49
C GLU A 155 52.04 6.75 -61.73
N LEU A 156 52.58 5.53 -61.75
CA LEU A 156 51.99 4.39 -61.08
C LEU A 156 50.53 4.19 -61.47
N LYS A 157 50.26 4.23 -62.77
CA LYS A 157 48.93 3.93 -63.27
C LYS A 157 48.63 2.45 -63.09
N ALA A 158 47.35 2.14 -62.83
CA ALA A 158 46.98 0.78 -62.45
C ALA A 158 45.58 0.45 -62.94
N PHE A 159 45.28 -0.85 -62.91
CA PHE A 159 44.00 -1.41 -63.29
C PHE A 159 43.53 -2.39 -62.23
N ASN A 160 42.21 -2.57 -62.18
CA ASN A 160 41.58 -3.49 -61.24
C ASN A 160 41.16 -4.77 -61.95
N ILE A 161 41.31 -5.90 -61.26
CA ILE A 161 40.82 -7.19 -61.71
C ILE A 161 39.67 -7.59 -60.80
N ARG A 162 38.51 -7.91 -61.38
CA ARG A 162 37.41 -8.35 -60.55
C ARG A 162 37.79 -9.60 -59.78
N LEU A 163 37.48 -9.61 -58.49
CA LEU A 163 37.77 -10.71 -57.59
C LEU A 163 36.45 -11.23 -57.04
N GLU A 164 36.15 -12.50 -57.31
CA GLU A 164 34.88 -13.07 -56.87
C GLU A 164 34.80 -13.12 -55.35
N GLU A 165 35.91 -13.44 -54.70
CA GLU A 165 35.95 -13.64 -53.25
C GLU A 165 35.97 -12.27 -52.57
N LEU A 166 34.85 -11.89 -51.98
CA LEU A 166 34.69 -10.52 -51.49
C LEU A 166 35.46 -10.27 -50.20
N HIS A 167 35.55 -11.27 -49.33
CA HIS A 167 36.16 -11.13 -48.01
C HIS A 167 37.49 -11.89 -47.99
N VAL A 168 38.59 -11.17 -48.24
CA VAL A 168 39.93 -11.75 -48.25
C VAL A 168 40.60 -11.45 -46.93
N ILE A 169 41.22 -12.46 -46.34
CA ILE A 169 41.92 -12.29 -45.07
C ILE A 169 43.36 -11.83 -45.30
N ASP A 170 44.12 -12.56 -46.10
CA ASP A 170 45.50 -12.23 -46.38
C ASP A 170 45.89 -12.79 -47.74
N VAL A 171 46.86 -12.14 -48.38
CA VAL A 171 47.33 -12.55 -49.70
C VAL A 171 48.82 -12.30 -49.81
N LYS A 172 49.50 -13.19 -50.53
CA LYS A 172 50.93 -13.08 -50.78
C LYS A 172 51.21 -13.58 -52.19
N PHE A 173 52.25 -13.03 -52.82
CA PHE A 173 52.73 -13.60 -54.08
C PHE A 173 53.56 -14.84 -53.73
N LEU A 174 53.44 -15.89 -54.54
CA LEU A 174 54.13 -17.15 -54.28
C LEU A 174 55.47 -17.19 -55.01
N TYR A 175 56.37 -18.01 -54.50
CA TYR A 175 57.65 -18.28 -55.14
C TYR A 175 57.53 -19.54 -55.99
N GLY A 176 58.34 -19.61 -57.04
CA GLY A 176 58.45 -20.83 -57.82
C GLY A 176 57.33 -21.11 -58.81
N CYS A 177 56.72 -20.08 -59.35
CA CYS A 177 55.59 -20.24 -60.27
C CYS A 177 55.94 -19.78 -61.67
N GLN A 178 55.28 -20.41 -62.65
CA GLN A 178 55.52 -20.11 -64.05
C GLN A 178 55.01 -18.72 -64.43
N ALA A 179 53.97 -18.24 -63.75
CA ALA A 179 53.42 -16.91 -63.94
C ALA A 179 53.21 -16.26 -62.58
N PRO A 180 53.12 -14.92 -62.51
CA PRO A 180 52.80 -14.28 -61.23
C PRO A 180 51.56 -14.90 -60.62
N THR A 181 51.68 -15.43 -59.39
CA THR A 181 50.62 -16.18 -58.74
C THR A 181 50.40 -15.62 -57.34
N ILE A 182 49.14 -15.42 -56.99
CA ILE A 182 48.76 -15.00 -55.63
C ILE A 182 48.14 -16.18 -54.91
N CYS A 183 48.47 -16.30 -53.62
CA CYS A 183 47.87 -17.29 -52.74
C CYS A 183 47.22 -16.51 -51.59
N PHE A 184 45.96 -16.80 -51.29
CA PHE A 184 45.27 -16.01 -50.30
C PHE A 184 44.25 -16.88 -49.55
N VAL A 185 43.93 -16.42 -48.34
CA VAL A 185 42.86 -16.97 -47.53
C VAL A 185 41.67 -16.03 -47.61
N TYR A 186 40.47 -16.60 -47.79
CA TYR A 186 39.26 -15.80 -47.89
C TYR A 186 38.16 -16.44 -47.06
N GLN A 187 37.13 -15.65 -46.76
CA GLN A 187 36.01 -16.11 -45.96
C GLN A 187 34.69 -15.92 -46.71
N ASP A 188 33.86 -16.97 -46.71
CA ASP A 188 32.49 -16.93 -47.22
C ASP A 188 31.64 -17.67 -46.19
N PRO A 189 30.33 -17.83 -46.40
CA PRO A 189 29.50 -18.44 -45.34
C PRO A 189 29.91 -19.86 -44.98
N GLN A 190 30.67 -20.56 -45.83
CA GLN A 190 31.01 -21.95 -45.57
C GLN A 190 32.30 -22.10 -44.78
N GLY A 191 32.89 -21.01 -44.31
CA GLY A 191 34.16 -21.07 -43.61
C GLY A 191 35.28 -20.34 -44.32
N ARG A 192 36.52 -20.66 -44.00
CA ARG A 192 37.67 -20.06 -44.65
C ARG A 192 38.37 -21.08 -45.55
N HIS A 193 38.93 -20.55 -46.63
CA HIS A 193 39.52 -21.36 -47.67
C HIS A 193 40.83 -20.71 -48.11
N VAL A 194 41.70 -21.52 -48.70
CA VAL A 194 42.91 -21.04 -49.33
C VAL A 194 42.77 -21.32 -50.82
N LYS A 195 43.17 -20.35 -51.65
CA LYS A 195 42.93 -20.41 -53.08
C LYS A 195 44.06 -19.68 -53.80
N THR A 196 44.26 -20.02 -55.07
CA THR A 196 45.29 -19.39 -55.88
C THR A 196 44.73 -18.88 -57.20
N TYR A 197 45.39 -17.84 -57.72
CA TYR A 197 45.15 -17.32 -59.06
C TYR A 197 46.51 -17.00 -59.69
N GLU A 198 46.50 -16.91 -61.03
CA GLU A 198 47.63 -16.38 -61.78
C GLU A 198 47.25 -15.01 -62.32
N VAL A 199 48.20 -14.07 -62.32
CA VAL A 199 47.96 -12.69 -62.73
C VAL A 199 48.63 -12.48 -64.09
N SER A 200 47.82 -12.11 -65.09
CA SER A 200 48.30 -11.88 -66.45
C SER A 200 48.29 -10.39 -66.76
N LEU A 201 49.49 -9.79 -66.82
CA LEU A 201 49.58 -8.38 -67.20
C LEU A 201 49.15 -8.15 -68.63
N ARG A 202 49.30 -9.15 -69.50
CA ARG A 202 48.91 -9.00 -70.89
C ARG A 202 47.40 -8.99 -71.04
N GLU A 203 46.71 -9.94 -70.40
CA GLU A 203 45.26 -10.01 -70.45
C GLU A 203 44.57 -9.11 -69.43
N LYS A 204 45.27 -8.69 -68.38
CA LYS A 204 44.68 -7.86 -67.34
C LYS A 204 43.49 -8.57 -66.69
N GLU A 205 43.72 -9.83 -66.32
CA GLU A 205 42.73 -10.62 -65.59
C GLU A 205 43.44 -11.79 -64.90
N PHE A 206 42.68 -12.47 -64.04
CA PHE A 206 43.16 -13.69 -63.41
C PHE A 206 42.96 -14.88 -64.35
N ASN A 207 43.87 -15.85 -64.26
CA ASN A 207 43.71 -17.15 -64.88
C ASN A 207 43.73 -18.21 -63.78
N LYS A 208 43.25 -19.41 -64.11
CA LYS A 208 43.21 -20.47 -63.11
C LYS A 208 44.58 -20.65 -62.47
N GLY A 209 44.57 -20.83 -61.14
CA GLY A 209 45.78 -20.90 -60.35
C GLY A 209 46.39 -22.28 -60.32
N PRO A 210 47.64 -22.35 -59.84
CA PRO A 210 48.37 -23.63 -59.89
C PRO A 210 47.78 -24.76 -59.04
N TRP A 211 47.18 -24.49 -57.88
CA TRP A 211 46.65 -25.60 -57.10
C TRP A 211 45.28 -25.31 -56.53
N LYS A 212 44.57 -26.39 -56.22
CA LYS A 212 43.16 -26.31 -55.93
C LYS A 212 42.93 -25.66 -54.56
N GLN A 213 41.70 -25.22 -54.36
CA GLN A 213 41.29 -24.67 -53.07
C GLN A 213 41.28 -25.77 -52.01
N GLU A 214 41.64 -25.39 -50.79
CA GLU A 214 41.56 -26.25 -49.62
C GLU A 214 40.86 -25.50 -48.50
N ASN A 215 40.00 -26.22 -47.78
CA ASN A 215 39.35 -25.65 -46.61
C ASN A 215 40.35 -25.59 -45.46
N VAL A 216 40.39 -24.45 -44.77
CA VAL A 216 41.38 -24.20 -43.73
C VAL A 216 40.68 -23.76 -42.45
N GLU A 217 41.47 -23.68 -41.39
CA GLU A 217 40.97 -23.30 -40.07
C GLU A 217 40.08 -22.07 -40.13
N ALA A 218 39.06 -22.05 -39.27
CA ALA A 218 38.10 -20.96 -39.26
C ALA A 218 38.76 -19.62 -38.97
N GLU A 219 39.81 -19.60 -38.15
CA GLU A 219 40.51 -18.37 -37.81
C GLU A 219 41.88 -18.27 -38.48
N ALA A 220 42.02 -18.87 -39.67
CA ALA A 220 43.23 -18.71 -40.46
C ALA A 220 43.53 -17.23 -40.68
N SER A 221 44.68 -16.77 -40.21
CA SER A 221 44.98 -15.35 -40.15
C SER A 221 46.05 -14.88 -41.13
N MET A 222 47.14 -15.62 -41.32
CA MET A 222 48.26 -15.10 -42.08
C MET A 222 48.72 -16.10 -43.14
N VAL A 223 49.24 -15.57 -44.23
CA VAL A 223 49.75 -16.38 -45.33
C VAL A 223 51.24 -16.11 -45.41
N ILE A 224 52.04 -17.15 -45.18
CA ILE A 224 53.49 -17.11 -45.32
C ILE A 224 53.81 -17.73 -46.68
N ALA A 225 54.52 -16.98 -47.52
CA ALA A 225 54.97 -17.47 -48.81
C ALA A 225 56.35 -18.11 -48.64
N VAL A 226 56.44 -19.41 -48.92
CA VAL A 226 57.68 -20.16 -48.72
C VAL A 226 58.59 -20.02 -49.94
N PRO A 227 59.93 -19.96 -49.73
CA PRO A 227 60.84 -19.72 -50.86
C PRO A 227 61.05 -20.91 -51.80
N GLU A 228 61.91 -20.71 -52.81
CA GLU A 228 62.02 -21.66 -53.89
C GLU A 228 62.36 -23.09 -53.47
N PRO A 229 63.23 -23.34 -52.48
CA PRO A 229 63.57 -24.75 -52.20
C PRO A 229 62.38 -25.62 -51.88
N PHE A 230 61.41 -25.11 -51.11
CA PHE A 230 60.18 -25.83 -50.82
C PHE A 230 59.05 -25.43 -51.75
N GLY A 231 58.85 -24.12 -51.92
CA GLY A 231 57.73 -23.60 -52.67
C GLY A 231 56.46 -23.60 -51.83
N GLY A 232 55.38 -23.15 -52.43
CA GLY A 232 54.10 -23.19 -51.74
C GLY A 232 53.94 -22.11 -50.67
N ALA A 233 53.07 -22.41 -49.70
CA ALA A 233 52.72 -21.44 -48.67
C ALA A 233 52.48 -22.14 -47.33
N ILE A 234 52.55 -21.36 -46.25
CA ILE A 234 52.16 -21.78 -44.91
C ILE A 234 51.02 -20.89 -44.44
N ILE A 235 50.04 -21.49 -43.76
CA ILE A 235 48.87 -20.78 -43.26
C ILE A 235 48.86 -20.89 -41.74
N ILE A 236 48.90 -19.74 -41.06
CA ILE A 236 48.95 -19.69 -39.60
C ILE A 236 47.55 -19.43 -39.08
N GLY A 237 47.12 -20.22 -38.09
CA GLY A 237 45.84 -19.99 -37.44
C GLY A 237 45.92 -19.78 -35.94
N GLN A 238 44.80 -20.01 -35.25
CA GLN A 238 44.78 -19.94 -33.79
C GLN A 238 45.25 -21.26 -33.18
N GLU A 239 44.87 -22.38 -33.78
CA GLU A 239 45.25 -23.69 -33.27
C GLU A 239 46.24 -24.44 -34.13
N SER A 240 46.33 -24.16 -35.43
CA SER A 240 47.12 -25.00 -36.32
C SER A 240 47.92 -24.18 -37.32
N ILE A 241 49.01 -24.80 -37.78
CA ILE A 241 49.83 -24.31 -38.89
C ILE A 241 49.84 -25.39 -39.96
N THR A 242 49.56 -25.00 -41.20
CA THR A 242 49.45 -25.95 -42.29
C THR A 242 50.32 -25.49 -43.46
N TYR A 243 50.80 -26.47 -44.23
CA TYR A 243 51.58 -26.21 -45.44
C TYR A 243 50.81 -26.77 -46.62
N HIS A 244 50.69 -25.96 -47.66
CA HIS A 244 49.94 -26.31 -48.87
C HIS A 244 50.84 -26.13 -50.08
N ASN A 245 50.81 -27.10 -51.00
CA ASN A 245 51.50 -26.95 -52.27
C ASN A 245 51.05 -28.04 -53.25
N GLY A 246 50.04 -27.74 -54.05
CA GLY A 246 49.50 -28.71 -54.99
C GLY A 246 48.96 -29.93 -54.28
N ASP A 247 49.66 -31.06 -54.43
CA ASP A 247 49.27 -32.31 -53.80
C ASP A 247 49.78 -32.45 -52.37
N LYS A 248 50.76 -31.65 -51.97
CA LYS A 248 51.35 -31.78 -50.63
C LYS A 248 50.51 -31.03 -49.59
N TYR A 249 50.28 -31.67 -48.46
CA TYR A 249 49.53 -31.05 -47.36
C TYR A 249 50.12 -31.53 -46.04
N LEU A 250 50.47 -30.58 -45.17
CA LEU A 250 50.91 -30.88 -43.82
C LEU A 250 50.14 -30.04 -42.81
N ALA A 251 50.02 -30.57 -41.60
CA ALA A 251 49.37 -29.82 -40.52
C ALA A 251 49.96 -30.22 -39.17
N ILE A 252 50.45 -29.22 -38.44
CA ILE A 252 50.91 -29.37 -37.06
C ILE A 252 50.00 -28.49 -36.20
N ALA A 253 49.54 -29.04 -35.08
CA ALA A 253 48.63 -28.34 -34.18
C ALA A 253 49.18 -28.49 -32.76
N PRO A 254 50.32 -27.88 -32.47
CA PRO A 254 50.92 -28.04 -31.14
C PRO A 254 50.12 -27.26 -30.11
N PRO A 255 49.86 -27.85 -28.94
CA PRO A 255 48.99 -27.15 -27.96
C PRO A 255 49.53 -25.83 -27.49
N ILE A 256 50.82 -25.54 -27.70
CA ILE A 256 51.41 -24.36 -27.09
C ILE A 256 50.88 -23.10 -27.75
N ILE A 257 50.61 -23.15 -29.06
CA ILE A 257 50.16 -21.95 -29.75
C ILE A 257 48.68 -21.65 -29.52
N LYS A 258 47.86 -22.64 -29.16
CA LYS A 258 46.44 -22.38 -28.90
C LYS A 258 46.26 -21.35 -27.81
N GLN A 259 47.23 -21.24 -26.90
CA GLN A 259 47.10 -20.36 -25.74
C GLN A 259 47.06 -18.88 -26.12
N SER A 260 47.80 -18.48 -27.15
CA SER A 260 47.85 -17.07 -27.52
C SER A 260 47.90 -16.92 -29.03
N THR A 261 47.13 -15.96 -29.53
CA THR A 261 47.04 -15.70 -30.96
C THR A 261 48.38 -15.24 -31.52
N ILE A 262 48.77 -15.82 -32.65
CA ILE A 262 50.01 -15.44 -33.33
C ILE A 262 49.74 -14.30 -34.31
N VAL A 263 50.54 -13.25 -34.24
CA VAL A 263 50.27 -12.05 -35.03
C VAL A 263 51.39 -11.69 -36.01
N CYS A 264 52.60 -12.22 -35.90
CA CYS A 264 53.68 -11.78 -36.79
C CYS A 264 54.55 -12.95 -37.21
N HIS A 265 55.22 -12.79 -38.36
CA HIS A 265 56.09 -13.83 -38.89
C HIS A 265 57.27 -13.21 -39.63
N ASN A 266 58.37 -13.96 -39.70
CA ASN A 266 59.53 -13.57 -40.48
C ASN A 266 60.28 -14.84 -40.91
N ARG A 267 61.19 -14.68 -41.86
CA ARG A 267 62.01 -15.77 -42.35
C ARG A 267 63.41 -15.62 -41.76
N VAL A 268 63.92 -16.68 -41.14
CA VAL A 268 65.24 -16.62 -40.54
C VAL A 268 66.30 -17.07 -41.54
N ASP A 269 66.01 -18.14 -42.29
CA ASP A 269 66.88 -18.69 -43.31
C ASP A 269 66.34 -18.37 -44.68
N PRO A 270 67.07 -17.66 -45.53
CA PRO A 270 66.53 -17.28 -46.85
C PRO A 270 65.90 -18.42 -47.64
N ASN A 271 66.33 -19.66 -47.41
CA ASN A 271 65.81 -20.82 -48.10
C ASN A 271 64.47 -21.31 -47.54
N GLY A 272 63.96 -20.70 -46.49
CA GLY A 272 62.67 -21.06 -45.94
C GLY A 272 62.70 -22.13 -44.87
N SER A 273 63.90 -22.58 -44.47
CA SER A 273 63.97 -23.65 -43.49
C SER A 273 63.39 -23.22 -42.15
N ARG A 274 63.61 -21.97 -41.76
CA ARG A 274 63.21 -21.53 -40.42
C ARG A 274 62.53 -20.18 -40.48
N TYR A 275 61.39 -20.07 -39.80
CA TYR A 275 60.61 -18.85 -39.67
C TYR A 275 60.45 -18.51 -38.20
N LEU A 276 60.22 -17.23 -37.91
CA LEU A 276 59.99 -16.74 -36.56
C LEU A 276 58.53 -16.35 -36.41
N LEU A 277 57.92 -16.77 -35.30
CA LEU A 277 56.51 -16.49 -35.02
C LEU A 277 56.39 -15.85 -33.64
N GLY A 278 55.50 -14.87 -33.54
CA GLY A 278 55.23 -14.21 -32.28
C GLY A 278 53.74 -14.16 -31.98
N ASP A 279 53.42 -14.06 -30.68
CA ASP A 279 52.02 -14.07 -30.25
C ASP A 279 51.74 -12.92 -29.31
N MET A 280 50.45 -12.72 -29.01
CA MET A 280 49.99 -11.53 -28.29
C MET A 280 50.38 -11.53 -26.82
N GLU A 281 50.91 -12.64 -26.29
CA GLU A 281 51.41 -12.68 -24.92
C GLU A 281 52.92 -12.47 -24.86
N GLY A 282 53.54 -12.10 -25.98
CA GLY A 282 54.95 -11.81 -26.05
C GLY A 282 55.87 -12.97 -26.35
N ARG A 283 55.34 -14.18 -26.50
CA ARG A 283 56.21 -15.34 -26.71
C ARG A 283 56.75 -15.38 -28.14
N LEU A 284 58.01 -15.79 -28.26
CA LEU A 284 58.68 -15.90 -29.55
C LEU A 284 58.95 -17.37 -29.87
N PHE A 285 58.48 -17.82 -31.03
CA PHE A 285 58.64 -19.21 -31.46
C PHE A 285 59.55 -19.29 -32.68
N MET A 286 60.10 -20.50 -32.90
CA MET A 286 60.78 -20.84 -34.14
C MET A 286 59.99 -21.91 -34.86
N LEU A 287 59.61 -21.64 -36.11
CA LEU A 287 58.94 -22.60 -36.96
C LEU A 287 59.98 -23.24 -37.87
N LEU A 288 60.10 -24.55 -37.83
CA LEU A 288 61.14 -25.28 -38.51
C LEU A 288 60.56 -26.10 -39.66
N LEU A 289 61.17 -25.98 -40.83
CA LEU A 289 60.78 -26.79 -41.99
C LEU A 289 61.81 -27.91 -42.13
N GLU A 290 61.38 -29.13 -41.82
CA GLU A 290 62.26 -30.30 -41.83
C GLU A 290 62.32 -30.85 -43.24
N LYS A 291 63.50 -30.85 -43.83
CA LYS A 291 63.67 -31.25 -45.22
C LYS A 291 63.92 -32.74 -45.37
N GLU A 292 63.46 -33.26 -46.51
CA GLU A 292 63.73 -34.64 -46.93
C GLU A 292 64.08 -34.62 -48.42
N GLU A 293 65.29 -35.02 -48.78
CA GLU A 293 65.69 -35.08 -50.18
C GLU A 293 65.52 -36.49 -50.72
N GLN A 294 64.84 -36.60 -51.87
CA GLN A 294 64.67 -37.89 -52.53
C GLN A 294 65.84 -38.21 -53.45
N MET A 295 65.98 -39.50 -53.78
CA MET A 295 67.04 -39.90 -54.68
C MET A 295 66.89 -39.24 -56.05
N ASP A 296 65.69 -38.74 -56.34
CA ASP A 296 65.45 -37.97 -57.55
C ASP A 296 66.31 -36.72 -57.58
N GLY A 297 66.82 -36.28 -56.45
CA GLY A 297 67.46 -34.99 -56.35
C GLY A 297 66.56 -33.85 -55.97
N THR A 298 65.27 -34.11 -55.81
CA THR A 298 64.32 -33.07 -55.46
C THR A 298 64.28 -32.93 -53.94
N VAL A 299 63.81 -31.79 -53.47
CA VAL A 299 63.75 -31.48 -52.05
C VAL A 299 62.28 -31.27 -51.74
N THR A 300 61.78 -31.99 -50.76
CA THR A 300 60.38 -31.89 -50.34
C THR A 300 60.33 -31.51 -48.87
N LEU A 301 59.15 -31.11 -48.42
CA LEU A 301 58.92 -30.75 -47.03
C LEU A 301 58.45 -32.01 -46.31
N LYS A 302 59.20 -32.44 -45.30
CA LYS A 302 58.90 -33.65 -44.56
C LYS A 302 57.94 -33.39 -43.41
N ASP A 303 58.22 -32.38 -42.59
CA ASP A 303 57.40 -32.12 -41.43
C ASP A 303 57.65 -30.70 -40.96
N LEU A 304 56.74 -30.21 -40.12
CA LEU A 304 56.86 -28.91 -39.48
C LEU A 304 57.01 -29.13 -37.97
N ARG A 305 57.79 -28.26 -37.33
CA ARG A 305 58.02 -28.30 -35.90
C ARG A 305 58.00 -26.88 -35.39
N VAL A 306 57.48 -26.70 -34.18
CA VAL A 306 57.43 -25.40 -33.52
C VAL A 306 58.19 -25.52 -32.22
N GLU A 307 59.08 -24.55 -31.96
CA GLU A 307 59.90 -24.55 -30.75
C GLU A 307 59.83 -23.18 -30.10
N LEU A 308 59.54 -23.16 -28.79
CA LEU A 308 59.45 -21.93 -28.02
C LEU A 308 60.85 -21.43 -27.67
N LEU A 309 61.14 -20.18 -28.02
CA LEU A 309 62.45 -19.58 -27.77
C LEU A 309 62.53 -18.79 -26.48
N GLY A 310 61.51 -17.98 -26.19
CA GLY A 310 61.53 -17.14 -25.00
C GLY A 310 60.44 -16.10 -25.05
N GLU A 311 60.72 -14.94 -24.46
CA GLU A 311 59.73 -13.88 -24.42
C GLU A 311 60.34 -12.58 -24.92
N THR A 312 59.59 -11.88 -25.77
CA THR A 312 59.92 -10.55 -26.26
C THR A 312 58.79 -9.60 -25.90
N SER A 313 58.90 -8.35 -26.34
CA SER A 313 57.77 -7.44 -26.24
C SER A 313 56.71 -7.83 -27.26
N ILE A 314 55.44 -7.62 -26.88
CA ILE A 314 54.34 -7.86 -27.81
C ILE A 314 54.66 -7.07 -29.08
N ALA A 315 54.84 -7.76 -30.21
CA ALA A 315 55.50 -7.20 -31.37
C ALA A 315 54.56 -7.10 -32.57
N GLU A 316 54.42 -5.88 -33.11
CA GLU A 316 53.71 -5.72 -34.37
C GLU A 316 54.50 -6.31 -35.53
N CYS A 317 55.82 -6.09 -35.57
CA CYS A 317 56.64 -6.62 -36.65
C CYS A 317 57.88 -7.27 -36.06
N LEU A 318 58.24 -8.44 -36.58
CA LEU A 318 59.55 -9.02 -36.32
C LEU A 318 60.38 -8.93 -37.60
N THR A 319 61.67 -8.69 -37.44
CA THR A 319 62.60 -8.83 -38.55
C THR A 319 63.91 -9.36 -37.99
N TYR A 320 64.38 -10.48 -38.55
CA TYR A 320 65.68 -11.04 -38.21
C TYR A 320 66.73 -10.25 -38.97
N LEU A 321 67.81 -9.88 -38.29
CA LEU A 321 68.84 -9.10 -38.95
C LEU A 321 70.02 -9.99 -39.37
N ASP A 322 70.85 -10.41 -38.42
CA ASP A 322 71.98 -11.24 -38.78
C ASP A 322 72.54 -11.87 -37.51
N ASN A 323 73.28 -12.95 -37.69
CA ASN A 323 73.92 -13.64 -36.55
C ASN A 323 72.76 -14.11 -35.68
N GLY A 324 72.73 -13.76 -34.40
CA GLY A 324 71.61 -14.06 -33.54
C GLY A 324 70.67 -12.92 -33.24
N VAL A 325 70.80 -11.79 -33.95
CA VAL A 325 70.09 -10.58 -33.58
C VAL A 325 68.78 -10.44 -34.34
N VAL A 326 67.72 -10.14 -33.58
CA VAL A 326 66.37 -9.93 -34.09
C VAL A 326 65.89 -8.57 -33.61
N PHE A 327 65.29 -7.80 -34.51
CA PHE A 327 64.63 -6.57 -34.09
C PHE A 327 63.15 -6.83 -33.85
N VAL A 328 62.67 -6.44 -32.66
CA VAL A 328 61.29 -6.65 -32.25
C VAL A 328 60.60 -5.30 -32.32
N GLY A 329 59.70 -5.13 -33.28
CA GLY A 329 58.99 -3.87 -33.40
C GLY A 329 57.67 -3.91 -32.66
N SER A 330 57.52 -3.10 -31.61
CA SER A 330 56.39 -3.17 -30.70
C SER A 330 55.57 -1.90 -30.79
N ARG A 331 54.25 -2.07 -30.88
CA ARG A 331 53.29 -0.99 -30.86
C ARG A 331 52.62 -0.78 -29.51
N LEU A 332 52.47 -1.85 -28.73
CA LEU A 332 51.88 -1.80 -27.41
C LEU A 332 52.91 -1.58 -26.32
N GLY A 333 54.16 -1.98 -26.56
CA GLY A 333 55.23 -1.79 -25.60
C GLY A 333 56.53 -1.32 -26.23
N ASP A 334 57.60 -1.30 -25.44
CA ASP A 334 58.90 -0.88 -25.97
C ASP A 334 59.44 -1.90 -26.97
N SER A 335 60.01 -1.40 -28.06
CA SER A 335 60.62 -2.25 -29.06
C SER A 335 62.00 -2.72 -28.59
N GLN A 336 62.57 -3.69 -29.31
CA GLN A 336 63.80 -4.27 -28.79
C GLN A 336 64.72 -4.81 -29.87
N LEU A 337 65.99 -4.92 -29.50
CA LEU A 337 66.95 -5.85 -30.09
C LEU A 337 67.17 -6.98 -29.10
N VAL A 338 67.04 -8.22 -29.56
CA VAL A 338 67.26 -9.39 -28.73
C VAL A 338 68.17 -10.33 -29.48
N LYS A 339 68.99 -11.09 -28.75
CA LYS A 339 69.88 -12.08 -29.36
C LYS A 339 69.37 -13.48 -29.06
N LEU A 340 69.27 -14.30 -30.10
CA LEU A 340 68.89 -15.70 -29.98
C LEU A 340 70.16 -16.53 -29.83
N ASN A 341 70.23 -17.32 -28.76
CA ASN A 341 71.39 -18.14 -28.48
C ASN A 341 71.10 -19.59 -28.85
N VAL A 342 72.15 -20.32 -29.22
CA VAL A 342 71.99 -21.74 -29.51
C VAL A 342 71.76 -22.52 -28.22
N ASP A 343 72.44 -22.13 -27.14
CA ASP A 343 72.28 -22.76 -25.85
C ASP A 343 71.32 -21.91 -25.02
N SER A 344 70.39 -22.57 -24.34
CA SER A 344 69.46 -21.90 -23.45
C SER A 344 70.17 -21.46 -22.17
N ASN A 345 69.60 -20.46 -21.50
CA ASN A 345 70.16 -20.04 -20.23
C ASN A 345 69.58 -20.95 -19.14
N GLU A 346 69.93 -20.69 -17.89
CA GLU A 346 69.53 -21.58 -16.80
C GLU A 346 68.04 -21.60 -16.55
N GLN A 347 67.30 -20.65 -17.10
CA GLN A 347 65.84 -20.63 -16.95
C GLN A 347 65.15 -21.35 -18.11
N GLY A 348 65.91 -21.82 -19.09
CA GLY A 348 65.36 -22.46 -20.26
C GLY A 348 65.14 -21.55 -21.45
N SER A 349 65.52 -20.29 -21.37
CA SER A 349 65.27 -19.33 -22.44
C SER A 349 66.47 -19.20 -23.36
N TYR A 350 66.19 -19.07 -24.66
CA TYR A 350 67.21 -18.80 -25.67
C TYR A 350 67.26 -17.33 -26.06
N VAL A 351 66.46 -16.48 -25.43
CA VAL A 351 66.34 -15.09 -25.82
C VAL A 351 66.89 -14.23 -24.68
N VAL A 352 67.80 -13.32 -25.02
CA VAL A 352 68.38 -12.41 -24.04
C VAL A 352 68.35 -11.01 -24.65
N ALA A 353 67.76 -10.07 -23.93
CA ALA A 353 67.59 -8.72 -24.43
C ALA A 353 68.92 -7.98 -24.54
N MET A 354 69.09 -7.25 -25.64
CA MET A 354 70.25 -6.39 -25.83
C MET A 354 69.96 -4.92 -25.53
N GLU A 355 69.09 -4.32 -26.34
CA GLU A 355 68.76 -2.91 -26.20
C GLU A 355 67.24 -2.74 -26.14
N THR A 356 66.81 -1.67 -25.49
CA THR A 356 65.40 -1.36 -25.32
C THR A 356 65.14 0.07 -25.80
N PHE A 357 64.34 0.19 -26.85
CA PHE A 357 63.96 1.47 -27.42
C PHE A 357 62.65 1.93 -26.80
N THR A 358 62.56 3.22 -26.49
CA THR A 358 61.44 3.70 -25.72
C THR A 358 60.23 3.83 -26.64
N ASN A 359 59.09 3.27 -26.20
CA ASN A 359 57.82 3.41 -26.87
C ASN A 359 56.80 3.89 -25.83
N LEU A 360 56.35 5.13 -25.95
CA LEU A 360 55.29 5.60 -25.07
C LEU A 360 54.00 4.80 -25.21
N GLY A 361 53.94 3.86 -26.16
CA GLY A 361 52.82 2.95 -26.29
C GLY A 361 51.54 3.73 -26.49
N PRO A 362 50.40 3.04 -26.40
CA PRO A 362 49.12 3.76 -26.35
C PRO A 362 49.06 4.62 -25.09
N ILE A 363 48.77 5.90 -25.26
CA ILE A 363 48.60 6.81 -24.12
C ILE A 363 47.10 6.87 -23.85
N VAL A 364 46.63 6.04 -22.91
CA VAL A 364 45.19 5.97 -22.63
C VAL A 364 44.74 7.22 -21.89
N ASP A 365 45.52 7.68 -20.90
CA ASP A 365 45.19 8.88 -20.15
C ASP A 365 46.51 9.48 -19.70
N MET A 366 46.46 10.73 -19.23
CA MET A 366 47.65 11.38 -18.70
C MET A 366 47.26 12.63 -17.94
N CYS A 367 48.14 13.07 -17.04
CA CYS A 367 47.94 14.29 -16.27
C CYS A 367 49.28 15.02 -16.13
N VAL A 368 49.20 16.34 -15.95
CA VAL A 368 50.38 17.18 -15.74
C VAL A 368 50.42 17.58 -14.28
N VAL A 369 51.56 17.36 -13.65
CA VAL A 369 51.75 17.60 -12.22
C VAL A 369 53.17 18.11 -12.00
N ASP A 370 53.31 19.13 -11.15
CA ASP A 370 54.62 19.68 -10.78
C ASP A 370 55.08 18.95 -9.53
N LEU A 371 55.75 17.82 -9.72
CA LEU A 371 56.16 17.00 -8.59
C LEU A 371 57.17 17.70 -7.69
N GLU A 372 58.15 18.36 -8.29
CA GLU A 372 59.28 18.96 -7.59
C GLU A 372 59.07 20.43 -7.25
N ARG A 373 57.85 20.95 -7.37
CA ARG A 373 57.52 22.35 -7.06
C ARG A 373 58.29 23.33 -7.93
N GLN A 374 58.65 22.93 -9.14
CA GLN A 374 59.51 23.74 -9.99
C GLN A 374 58.79 24.76 -10.86
N GLY A 375 57.47 24.81 -10.89
CA GLY A 375 56.81 25.67 -11.83
C GLY A 375 56.82 25.14 -13.24
N GLN A 376 57.48 24.01 -13.47
CA GLN A 376 57.55 23.41 -14.80
C GLN A 376 56.32 22.60 -15.16
N GLY A 377 56.16 21.45 -14.51
CA GLY A 377 55.11 20.50 -14.80
C GLY A 377 55.73 19.31 -15.52
N GLN A 378 55.47 18.12 -15.01
CA GLN A 378 55.90 16.86 -15.60
C GLN A 378 54.66 16.09 -16.03
N LEU A 379 54.81 15.29 -17.06
CA LEU A 379 53.70 14.55 -17.64
C LEU A 379 53.82 13.09 -17.22
N VAL A 380 52.81 12.60 -16.50
CA VAL A 380 52.72 11.21 -16.11
C VAL A 380 51.66 10.58 -17.02
N THR A 381 52.05 9.60 -17.82
CA THR A 381 51.18 9.04 -18.84
C THR A 381 50.86 7.59 -18.47
N CYS A 382 49.62 7.19 -18.76
CA CYS A 382 49.24 5.77 -18.75
C CYS A 382 49.59 5.21 -20.12
N SER A 383 50.63 4.39 -20.18
CA SER A 383 51.21 3.94 -21.43
C SER A 383 51.30 2.42 -21.46
N GLY A 384 51.11 1.87 -22.65
CA GLY A 384 51.23 0.45 -22.87
C GLY A 384 49.94 -0.30 -22.63
N ALA A 385 50.00 -1.60 -22.90
CA ALA A 385 48.89 -2.49 -22.64
C ALA A 385 49.43 -3.84 -22.20
N PHE A 386 48.66 -4.52 -21.36
CA PHE A 386 48.95 -5.90 -20.93
C PHE A 386 50.32 -5.88 -20.27
N LYS A 387 51.21 -6.81 -20.62
CA LYS A 387 52.53 -6.92 -19.99
C LYS A 387 53.36 -5.66 -20.15
N GLU A 388 53.10 -4.87 -21.18
CA GLU A 388 53.87 -3.67 -21.43
C GLU A 388 53.31 -2.47 -20.72
N GLY A 389 52.32 -2.67 -19.85
CA GLY A 389 51.70 -1.54 -19.19
C GLY A 389 52.69 -0.81 -18.31
N SER A 390 52.67 0.50 -18.39
CA SER A 390 53.66 1.32 -17.73
C SER A 390 53.07 2.69 -17.44
N LEU A 391 53.65 3.33 -16.42
CA LEU A 391 53.48 4.75 -16.16
C LEU A 391 54.78 5.41 -16.59
N ARG A 392 54.68 6.49 -17.37
CA ARG A 392 55.84 7.17 -17.92
C ARG A 392 55.85 8.61 -17.45
N ILE A 393 56.87 9.00 -16.71
CA ILE A 393 57.01 10.35 -16.19
C ILE A 393 57.96 11.11 -17.12
N ILE A 394 57.46 12.19 -17.70
CA ILE A 394 58.15 12.89 -18.79
C ILE A 394 58.39 14.34 -18.37
N ARG A 395 59.65 14.77 -18.52
CA ARG A 395 60.05 16.14 -18.20
C ARG A 395 60.95 16.65 -19.32
N ASN A 396 60.98 17.97 -19.50
CA ASN A 396 61.89 18.60 -20.46
C ASN A 396 63.23 18.94 -19.82
N GLY A 397 64.31 18.65 -20.55
CA GLY A 397 65.66 18.93 -20.08
C GLY A 397 66.72 18.68 -21.13
N GLN A 408 69.15 19.08 -25.70
CA GLN A 408 67.72 19.25 -25.95
C GLN A 408 67.07 17.91 -26.25
N LYS A 409 66.49 17.29 -25.23
CA LYS A 409 65.78 16.03 -25.36
C LYS A 409 64.82 15.95 -24.18
N LEU A 410 63.90 14.99 -24.24
CA LEU A 410 62.93 14.80 -23.18
C LEU A 410 63.44 13.64 -22.31
N HIS A 411 63.36 13.80 -20.99
CA HIS A 411 63.74 12.75 -20.04
C HIS A 411 62.51 11.96 -19.64
N ILE A 412 62.57 10.63 -19.80
CA ILE A 412 61.42 9.76 -19.59
C ILE A 412 61.79 8.67 -18.58
N ARG A 413 60.99 8.54 -17.54
CA ARG A 413 61.10 7.47 -16.57
C ARG A 413 59.94 6.48 -16.75
N THR A 414 60.24 5.19 -16.62
CA THR A 414 59.27 4.12 -16.85
C THR A 414 58.97 3.37 -15.56
N VAL A 415 57.69 3.21 -15.24
CA VAL A 415 57.25 2.44 -14.08
C VAL A 415 56.52 1.20 -14.59
N PRO A 416 57.12 0.02 -14.53
CA PRO A 416 56.46 -1.18 -15.07
C PRO A 416 55.26 -1.59 -14.22
N LEU A 417 54.15 -1.88 -14.89
CA LEU A 417 52.93 -2.34 -14.24
C LEU A 417 52.51 -3.75 -14.61
N TYR A 418 52.92 -4.24 -15.78
CA TYR A 418 52.61 -5.58 -16.28
C TYR A 418 51.11 -5.84 -16.33
N GLU A 419 50.32 -4.77 -16.32
CA GLU A 419 48.88 -4.84 -16.52
C GLU A 419 48.48 -3.52 -17.19
N SER A 420 47.24 -3.46 -17.65
CA SER A 420 46.85 -2.35 -18.50
C SER A 420 46.46 -1.14 -17.66
N PRO A 421 47.12 0.00 -17.82
CA PRO A 421 46.68 1.22 -17.13
C PRO A 421 45.56 1.87 -17.94
N ARG A 422 44.58 2.45 -17.23
CA ARG A 422 43.41 2.99 -17.89
C ARG A 422 43.22 4.48 -17.65
N LYS A 423 43.20 4.93 -16.39
CA LYS A 423 43.02 6.33 -16.08
C LYS A 423 43.96 6.70 -14.93
N ILE A 424 44.44 7.94 -14.92
CA ILE A 424 45.33 8.42 -13.88
C ILE A 424 44.87 9.79 -13.39
N CYS A 425 45.04 10.04 -12.10
CA CYS A 425 44.71 11.33 -11.49
C CYS A 425 45.61 11.53 -10.28
N TYR A 426 46.02 12.78 -10.06
CA TYR A 426 46.93 13.11 -8.98
C TYR A 426 46.19 13.70 -7.79
N GLN A 427 46.56 13.23 -6.59
CA GLN A 427 45.97 13.66 -5.31
C GLN A 427 47.11 14.22 -4.47
N GLU A 428 47.28 15.55 -4.46
CA GLU A 428 48.45 16.11 -3.80
C GLU A 428 48.39 15.88 -2.29
N VAL A 429 47.21 16.02 -1.69
CA VAL A 429 47.10 15.89 -0.24
C VAL A 429 47.76 14.60 0.25
N SER A 430 47.67 13.55 -0.56
CA SER A 430 48.17 12.23 -0.19
C SER A 430 49.54 11.92 -0.77
N GLN A 431 50.16 12.88 -1.47
CA GLN A 431 51.46 12.66 -2.10
C GLN A 431 51.50 11.38 -2.92
N CYS A 432 50.44 11.14 -3.71
CA CYS A 432 50.35 9.92 -4.50
C CYS A 432 49.43 10.13 -5.70
N PHE A 433 49.46 9.14 -6.60
CA PHE A 433 48.56 9.07 -7.74
C PHE A 433 47.54 7.95 -7.57
N GLY A 434 46.34 8.16 -8.09
CA GLY A 434 45.37 7.09 -8.30
C GLY A 434 45.36 6.65 -9.77
N VAL A 435 45.46 5.35 -9.98
CA VAL A 435 45.51 4.78 -11.33
C VAL A 435 44.53 3.62 -11.40
N LEU A 436 43.64 3.66 -12.40
CA LEU A 436 42.74 2.55 -12.70
C LEU A 436 43.42 1.59 -13.66
N SER A 437 43.31 0.29 -13.39
CA SER A 437 44.03 -0.69 -14.17
C SER A 437 43.19 -1.95 -14.34
N SER A 438 43.54 -2.76 -15.34
CA SER A 438 42.85 -4.01 -15.60
C SER A 438 43.88 -5.06 -16.02
N ARG A 439 43.74 -6.26 -15.46
CA ARG A 439 44.62 -7.38 -15.78
C ARG A 439 43.78 -8.56 -16.25
N ILE A 440 44.42 -9.43 -17.02
CA ILE A 440 43.74 -10.53 -17.69
C ILE A 440 43.93 -11.80 -16.86
N GLU A 441 42.84 -12.37 -16.38
CA GLU A 441 42.86 -13.70 -15.78
C GLU A 441 42.07 -14.65 -16.68
N VAL A 442 42.28 -15.96 -16.52
CA VAL A 442 41.66 -16.96 -17.38
C VAL A 442 40.90 -17.95 -16.50
N GLN A 443 39.72 -18.36 -16.97
CA GLN A 443 38.92 -19.32 -16.21
C GLN A 443 39.72 -20.61 -16.03
N ASP A 444 39.90 -21.04 -14.78
CA ASP A 444 40.74 -22.20 -14.48
C ASP A 444 39.87 -23.30 -13.88
N THR A 445 40.48 -24.45 -13.65
CA THR A 445 39.72 -25.63 -13.26
C THR A 445 39.08 -25.50 -11.88
N SER A 446 39.51 -24.53 -11.07
CA SER A 446 38.88 -24.33 -9.77
C SER A 446 37.49 -23.71 -9.89
N GLY A 447 37.12 -23.21 -11.06
CA GLY A 447 35.93 -22.42 -11.22
C GLY A 447 36.17 -20.93 -11.14
N GLY A 448 37.28 -20.52 -10.54
CA GLY A 448 37.69 -19.14 -10.49
C GLY A 448 38.57 -18.79 -11.66
N THR A 449 39.50 -17.86 -11.43
CA THR A 449 40.41 -17.46 -12.48
C THR A 449 41.82 -17.37 -11.94
N THR A 450 42.78 -17.39 -12.84
CA THR A 450 44.20 -17.36 -12.53
C THR A 450 44.87 -16.36 -13.46
N ALA A 451 45.80 -15.58 -12.90
CA ALA A 451 46.49 -14.55 -13.66
C ALA A 451 47.71 -15.14 -14.35
N LEU A 452 47.94 -14.69 -15.59
CA LEU A 452 49.03 -15.21 -16.39
C LEU A 452 50.39 -14.81 -15.85
N ARG A 453 50.45 -13.77 -15.04
CA ARG A 453 51.72 -13.26 -14.51
C ARG A 453 51.37 -12.31 -13.38
N PRO A 454 52.26 -12.13 -12.41
CA PRO A 454 52.02 -11.13 -11.38
C PRO A 454 52.16 -9.73 -11.93
N SER A 455 51.38 -8.81 -11.39
CA SER A 455 51.35 -7.44 -11.89
C SER A 455 51.01 -6.49 -10.74
N ALA A 456 50.93 -5.21 -11.08
CA ALA A 456 50.85 -4.16 -10.07
C ALA A 456 49.74 -4.40 -9.06
N SER A 457 48.55 -4.81 -9.55
CA SER A 457 47.42 -4.96 -8.65
C SER A 457 47.63 -6.11 -7.67
N THR A 458 48.44 -7.11 -8.06
CA THR A 458 48.77 -8.23 -7.19
C THR A 458 49.96 -7.97 -6.28
N GLN A 459 50.88 -7.09 -6.69
CA GLN A 459 52.08 -6.84 -5.91
C GLN A 459 51.98 -5.53 -5.13
N ALA A 460 50.79 -5.20 -4.66
CA ALA A 460 50.61 -4.01 -3.86
C ALA A 460 51.04 -4.33 -2.44
N LEU A 461 51.37 -3.28 -1.67
CA LEU A 461 51.78 -3.51 -0.30
C LEU A 461 50.58 -3.98 0.54
N SER A 462 49.50 -3.20 0.53
CA SER A 462 48.22 -3.57 1.12
C SER A 462 47.17 -3.67 0.02
N SER A 463 46.13 -4.46 0.27
CA SER A 463 45.10 -4.70 -0.74
C SER A 463 43.73 -4.83 -0.11
N SER A 464 42.71 -4.55 -0.94
CA SER A 464 41.31 -4.67 -0.55
C SER A 464 40.50 -5.18 -1.73
N VAL A 465 39.32 -5.71 -1.44
CA VAL A 465 38.39 -6.17 -2.46
C VAL A 465 36.99 -5.66 -2.13
N SER A 466 36.24 -5.26 -3.14
CA SER A 466 34.92 -4.69 -2.90
C SER A 466 33.94 -5.78 -2.48
N SER A 467 33.20 -5.50 -1.41
CA SER A 467 32.21 -6.40 -0.85
C SER A 467 30.79 -5.89 -1.08
N SER A 468 30.63 -4.92 -1.97
CA SER A 468 29.35 -4.28 -2.17
C SER A 468 28.27 -5.30 -2.50
N LYS A 469 27.07 -5.05 -1.98
CA LYS A 469 25.93 -5.93 -2.20
C LYS A 469 24.91 -5.31 -3.15
N LEU A 470 25.32 -4.27 -3.89
CA LEU A 470 24.37 -3.56 -4.74
C LEU A 470 23.75 -4.48 -5.78
N PHE A 471 24.58 -5.18 -6.55
CA PHE A 471 24.14 -6.09 -7.60
C PHE A 471 24.06 -7.55 -7.14
N SER A 472 24.32 -7.81 -5.86
CA SER A 472 24.33 -9.18 -5.35
C SER A 472 23.04 -9.96 -5.55
N SER A 473 21.91 -9.30 -5.81
CA SER A 473 20.68 -10.06 -5.99
C SER A 473 20.76 -10.94 -7.22
N SER A 474 21.45 -10.46 -8.26
CA SER A 474 21.69 -11.23 -9.48
C SER A 474 20.46 -11.96 -10.01
N THR A 475 20.52 -13.31 -10.04
CA THR A 475 19.47 -14.18 -10.62
C THR A 475 19.62 -14.12 -12.14
N ALA A 476 20.70 -13.51 -12.64
CA ALA A 476 21.05 -13.44 -14.07
C ALA A 476 22.21 -14.40 -14.36
N PRO A 477 22.04 -15.44 -15.17
CA PRO A 477 23.10 -16.46 -15.31
C PRO A 477 24.17 -16.05 -16.33
N HIS A 478 25.43 -16.20 -15.94
CA HIS A 478 26.56 -15.96 -16.85
C HIS A 478 27.50 -17.18 -16.76
N GLU A 479 27.43 -18.08 -17.74
CA GLU A 479 28.22 -19.30 -17.73
C GLU A 479 29.68 -19.07 -18.14
N THR A 480 30.56 -19.87 -17.54
CA THR A 480 31.99 -19.78 -17.73
C THR A 480 32.56 -21.06 -18.32
N SER A 481 33.38 -20.92 -19.36
CA SER A 481 34.07 -22.05 -19.97
C SER A 481 35.55 -21.93 -19.64
N PHE A 482 36.17 -23.06 -19.32
CA PHE A 482 37.60 -23.06 -19.01
C PHE A 482 38.39 -22.49 -20.18
N GLY A 483 39.33 -21.59 -19.87
CA GLY A 483 40.19 -20.98 -20.87
C GLY A 483 39.76 -19.61 -21.35
N GLU A 484 38.54 -19.17 -21.05
CA GLU A 484 38.09 -17.85 -21.47
C GLU A 484 38.77 -16.77 -20.64
N GLU A 485 39.03 -15.63 -21.28
CA GLU A 485 39.66 -14.50 -20.63
C GLU A 485 38.63 -13.61 -19.93
N VAL A 486 39.08 -12.97 -18.85
CA VAL A 486 38.29 -11.97 -18.14
C VAL A 486 39.19 -10.81 -17.76
N GLU A 487 38.60 -9.61 -17.64
CA GLU A 487 39.34 -8.46 -17.16
C GLU A 487 39.03 -8.28 -15.68
N VAL A 488 40.05 -8.00 -14.87
CA VAL A 488 39.89 -7.72 -13.46
C VAL A 488 40.39 -6.30 -13.25
N HIS A 489 39.50 -5.40 -12.88
CA HIS A 489 39.83 -3.98 -12.77
C HIS A 489 40.16 -3.62 -11.32
N ASN A 490 41.11 -2.70 -11.17
CA ASN A 490 41.61 -2.32 -9.85
C ASN A 490 41.88 -0.82 -9.82
N LEU A 491 41.84 -0.24 -8.62
CA LEU A 491 42.34 1.10 -8.36
C LEU A 491 43.68 0.98 -7.65
N LEU A 492 44.72 1.56 -8.23
CA LEU A 492 46.05 1.52 -7.64
C LEU A 492 46.38 2.85 -6.99
N ILE A 493 46.94 2.79 -5.78
CA ILE A 493 47.48 3.96 -5.10
C ILE A 493 48.99 3.88 -5.20
N ILE A 494 49.61 4.89 -5.82
CA ILE A 494 51.01 4.88 -6.19
C ILE A 494 51.70 6.14 -5.67
N ASP A 495 52.81 5.94 -4.97
CA ASP A 495 53.54 7.05 -4.35
C ASP A 495 54.23 7.93 -5.39
N GLN A 496 54.18 9.25 -5.16
CA GLN A 496 54.64 10.18 -6.19
C GLN A 496 56.17 10.27 -6.28
N HIS A 497 56.89 9.82 -5.26
CA HIS A 497 58.36 9.86 -5.31
C HIS A 497 58.98 8.51 -5.67
N THR A 498 58.55 7.44 -4.99
CA THR A 498 59.07 6.11 -5.28
C THR A 498 58.33 5.44 -6.44
N PHE A 499 57.07 5.81 -6.67
CA PHE A 499 56.22 5.15 -7.66
C PHE A 499 56.08 3.66 -7.32
N GLU A 500 55.92 3.40 -6.02
CA GLU A 500 55.71 2.07 -5.48
C GLU A 500 54.22 1.89 -5.27
N VAL A 501 53.70 0.72 -5.61
CA VAL A 501 52.27 0.48 -5.43
C VAL A 501 51.99 0.31 -3.95
N LEU A 502 51.30 1.29 -3.37
CA LEU A 502 51.02 1.27 -1.96
C LEU A 502 49.77 0.45 -1.66
N HIS A 503 48.76 0.56 -2.52
CA HIS A 503 47.51 -0.11 -2.26
C HIS A 503 46.84 -0.49 -3.57
N ALA A 504 46.07 -1.57 -3.50
CA ALA A 504 45.35 -2.09 -4.67
C ALA A 504 43.94 -2.49 -4.24
N HIS A 505 42.94 -1.89 -4.88
CA HIS A 505 41.54 -2.19 -4.61
C HIS A 505 40.96 -2.87 -5.85
N GLN A 506 40.46 -4.09 -5.66
CA GLN A 506 39.91 -4.89 -6.75
C GLN A 506 38.40 -4.73 -6.79
N PHE A 507 37.89 -4.27 -7.92
CA PHE A 507 36.46 -4.04 -8.06
C PHE A 507 35.74 -5.36 -8.23
N LEU A 508 34.42 -5.28 -8.29
CA LEU A 508 33.59 -6.47 -8.32
C LEU A 508 33.82 -7.28 -9.59
N GLN A 509 33.47 -8.57 -9.52
CA GLN A 509 33.57 -9.43 -10.67
C GLN A 509 32.70 -8.88 -11.80
N ASN A 510 33.27 -8.79 -13.00
CA ASN A 510 32.59 -8.23 -14.16
C ASN A 510 32.28 -6.74 -13.99
N GLU A 511 32.98 -6.07 -13.08
CA GLU A 511 32.84 -4.64 -12.89
C GLU A 511 34.04 -3.98 -13.58
N TYR A 512 33.76 -3.08 -14.52
CA TYR A 512 34.80 -2.35 -15.23
C TYR A 512 34.85 -0.93 -14.70
N ALA A 513 36.05 -0.48 -14.34
CA ALA A 513 36.27 0.89 -13.87
C ALA A 513 36.50 1.79 -15.07
N LEU A 514 35.68 2.83 -15.20
CA LEU A 514 35.71 3.69 -16.37
C LEU A 514 36.17 5.11 -16.11
N SER A 515 35.94 5.65 -14.91
CA SER A 515 36.24 7.05 -14.64
C SER A 515 36.87 7.20 -13.26
N LEU A 516 37.70 8.22 -13.12
CA LEU A 516 38.44 8.45 -11.88
C LEU A 516 38.68 9.93 -11.69
N VAL A 517 38.34 10.42 -10.50
CA VAL A 517 38.65 11.80 -10.11
C VAL A 517 39.15 11.82 -8.68
N SER A 518 39.92 12.87 -8.37
CA SER A 518 40.37 13.18 -7.02
C SER A 518 39.96 14.59 -6.69
N CYS A 519 39.15 14.76 -5.65
CA CYS A 519 38.63 16.08 -5.33
C CYS A 519 38.00 16.11 -3.94
N LYS A 520 37.73 17.32 -3.47
CA LYS A 520 36.86 17.56 -2.33
C LYS A 520 35.47 17.95 -2.83
N LEU A 521 34.44 17.57 -2.07
CA LEU A 521 33.07 17.89 -2.42
C LEU A 521 32.40 18.63 -1.28
N GLY A 522 31.52 19.57 -1.66
CA GLY A 522 30.68 20.25 -0.69
C GLY A 522 31.45 20.90 0.43
N LYS A 523 30.94 20.69 1.65
CA LYS A 523 31.57 21.17 2.88
C LYS A 523 32.40 20.08 3.54
N ASP A 524 32.71 19.01 2.83
CA ASP A 524 33.51 17.91 3.39
C ASP A 524 34.98 18.23 3.22
N PRO A 525 35.75 18.33 4.29
CA PRO A 525 37.18 18.69 4.15
C PRO A 525 38.05 17.56 3.63
N ASN A 526 37.57 16.32 3.63
CA ASN A 526 38.36 15.20 3.18
C ASN A 526 38.53 15.19 1.66
N THR A 527 39.71 14.78 1.21
CA THR A 527 39.99 14.62 -0.21
C THR A 527 39.81 13.16 -0.59
N TYR A 528 38.97 12.89 -1.59
CA TYR A 528 38.61 11.52 -1.93
C TYR A 528 39.10 11.14 -3.33
N PHE A 529 39.27 9.84 -3.51
CA PHE A 529 39.32 9.23 -4.84
C PHE A 529 37.90 8.76 -5.16
N ILE A 530 37.36 9.18 -6.30
CA ILE A 530 36.03 8.76 -6.72
C ILE A 530 36.18 8.05 -8.05
N VAL A 531 35.62 6.83 -8.13
CA VAL A 531 35.75 5.97 -9.29
C VAL A 531 34.34 5.67 -9.77
N GLY A 532 34.14 5.77 -11.08
CA GLY A 532 32.88 5.36 -11.69
C GLY A 532 33.08 4.06 -12.43
N THR A 533 32.18 3.11 -12.17
CA THR A 533 32.31 1.75 -12.69
C THR A 533 31.03 1.39 -13.44
N ALA A 534 31.10 0.28 -14.18
CA ALA A 534 29.95 -0.25 -14.91
C ALA A 534 30.00 -1.76 -14.87
N MET A 535 28.86 -2.39 -14.61
CA MET A 535 28.76 -3.85 -14.66
C MET A 535 28.57 -4.28 -16.12
N VAL A 536 29.53 -5.04 -16.62
CA VAL A 536 29.59 -5.42 -18.03
C VAL A 536 29.43 -6.93 -18.11
N TYR A 537 28.44 -7.38 -18.89
CA TYR A 537 28.25 -8.80 -19.18
C TYR A 537 28.20 -9.02 -20.68
N PRO A 538 28.87 -10.06 -21.19
CA PRO A 538 28.95 -10.23 -22.65
C PRO A 538 27.61 -10.14 -23.37
N GLU A 539 26.52 -10.46 -22.66
CA GLU A 539 25.21 -10.49 -23.29
C GLU A 539 24.71 -9.09 -23.64
N GLU A 540 25.07 -8.08 -22.85
CA GLU A 540 24.53 -6.74 -23.01
C GLU A 540 25.29 -5.97 -24.09
N ALA A 541 24.55 -5.30 -24.97
CA ALA A 541 25.19 -4.40 -25.92
C ALA A 541 25.66 -3.14 -25.21
N GLU A 542 24.83 -2.60 -24.32
CA GLU A 542 25.14 -1.48 -23.46
C GLU A 542 24.92 -1.84 -21.99
N PRO A 543 25.87 -1.55 -21.10
CA PRO A 543 25.68 -1.92 -19.69
C PRO A 543 24.47 -1.21 -19.09
N LYS A 544 23.75 -1.93 -18.23
CA LYS A 544 22.57 -1.37 -17.58
C LYS A 544 22.72 -1.20 -16.07
N GLN A 545 23.91 -1.42 -15.52
CA GLN A 545 24.17 -1.30 -14.09
C GLN A 545 25.51 -0.62 -13.85
N GLY A 546 25.63 0.04 -12.71
CA GLY A 546 26.84 0.77 -12.42
C GLY A 546 26.89 1.30 -11.00
N ARG A 547 28.10 1.76 -10.64
CA ARG A 547 28.39 2.28 -9.31
C ARG A 547 29.28 3.51 -9.41
N ILE A 548 29.03 4.49 -8.55
CA ILE A 548 29.95 5.58 -8.28
C ILE A 548 30.44 5.37 -6.86
N VAL A 549 31.74 5.17 -6.68
CA VAL A 549 32.29 4.77 -5.39
C VAL A 549 33.19 5.88 -4.87
N VAL A 550 33.02 6.21 -3.59
CA VAL A 550 33.81 7.25 -2.93
C VAL A 550 34.76 6.56 -1.97
N PHE A 551 36.05 6.69 -2.25
CA PHE A 551 37.12 6.09 -1.48
C PHE A 551 37.86 7.21 -0.75
N GLN A 552 38.42 6.90 0.41
CA GLN A 552 39.37 7.80 1.04
C GLN A 552 40.67 7.04 1.29
N TYR A 553 41.77 7.58 0.78
CA TYR A 553 43.09 7.01 1.05
C TYR A 553 43.63 7.68 2.32
N SER A 554 43.79 6.89 3.38
CA SER A 554 44.23 7.41 4.66
C SER A 554 45.10 6.37 5.36
N ASP A 555 46.28 6.78 5.79
CA ASP A 555 47.18 5.95 6.60
C ASP A 555 47.43 4.59 5.95
N GLY A 556 47.76 4.61 4.66
CA GLY A 556 48.13 3.38 3.99
C GLY A 556 46.99 2.47 3.63
N LYS A 557 45.75 2.88 3.92
CA LYS A 557 44.58 2.08 3.60
C LYS A 557 43.55 2.92 2.86
N LEU A 558 42.79 2.24 2.01
CA LEU A 558 41.71 2.86 1.24
C LEU A 558 40.40 2.45 1.89
N GLN A 559 39.59 3.45 2.27
CA GLN A 559 38.36 3.23 2.99
C GLN A 559 37.21 3.60 2.08
N THR A 560 36.16 2.77 2.04
CA THR A 560 35.02 3.07 1.18
C THR A 560 34.04 3.95 1.97
N VAL A 561 33.93 5.21 1.54
CA VAL A 561 33.11 6.19 2.24
C VAL A 561 31.64 6.05 1.87
N ALA A 562 31.33 5.87 0.59
CA ALA A 562 29.95 5.77 0.15
C ALA A 562 29.91 5.17 -1.26
N GLU A 563 28.73 4.68 -1.63
CA GLU A 563 28.47 4.17 -2.97
C GLU A 563 27.10 4.63 -3.43
N LYS A 564 27.00 4.99 -4.71
CA LYS A 564 25.76 5.41 -5.35
C LYS A 564 25.51 4.49 -6.53
N GLU A 565 24.31 3.91 -6.60
CA GLU A 565 23.99 3.00 -7.69
C GLU A 565 23.45 3.81 -8.86
N VAL A 566 23.85 3.45 -10.08
CA VAL A 566 23.36 4.09 -11.29
C VAL A 566 22.90 3.01 -12.26
N LYS A 567 22.04 3.39 -13.19
CA LYS A 567 21.46 2.46 -14.15
C LYS A 567 22.15 2.60 -15.51
N GLY A 568 23.47 2.49 -15.48
CA GLY A 568 24.25 2.61 -16.70
C GLY A 568 25.74 2.62 -16.37
N ALA A 569 26.54 3.08 -17.34
CA ALA A 569 27.99 3.13 -17.21
C ALA A 569 28.44 4.54 -16.90
N VAL A 570 29.30 4.70 -15.89
CA VAL A 570 29.81 6.02 -15.50
C VAL A 570 31.05 6.26 -16.36
N TYR A 571 30.81 6.70 -17.61
CA TYR A 571 31.92 6.82 -18.55
C TYR A 571 32.88 7.94 -18.16
N SER A 572 32.37 9.08 -17.69
CA SER A 572 33.21 10.24 -17.44
C SER A 572 32.64 11.05 -16.27
N MET A 573 33.56 11.47 -15.38
CA MET A 573 33.21 12.30 -14.24
C MET A 573 34.17 13.48 -14.16
N VAL A 574 33.69 14.57 -13.57
CA VAL A 574 34.49 15.79 -13.44
C VAL A 574 33.90 16.61 -12.30
N GLU A 575 34.77 17.14 -11.45
CA GLU A 575 34.31 17.97 -10.35
C GLU A 575 33.77 19.31 -10.85
N PHE A 576 32.63 19.73 -10.30
CA PHE A 576 31.93 20.93 -10.76
C PHE A 576 31.56 21.78 -9.55
N ASN A 577 32.46 22.68 -9.15
CA ASN A 577 32.18 23.68 -8.13
C ASN A 577 31.61 23.03 -6.87
N GLY A 578 32.35 22.07 -6.33
CA GLY A 578 31.97 21.37 -5.12
C GLY A 578 30.97 20.26 -5.32
N LYS A 579 30.51 20.04 -6.54
CA LYS A 579 29.56 18.99 -6.89
C LYS A 579 30.25 18.01 -7.82
N LEU A 580 29.65 16.84 -7.98
CA LEU A 580 30.19 15.79 -8.83
C LEU A 580 29.35 15.70 -10.10
N LEU A 581 29.98 15.98 -11.23
CA LEU A 581 29.35 15.87 -12.54
C LEU A 581 29.77 14.54 -13.15
N ALA A 582 28.80 13.67 -13.42
CA ALA A 582 29.04 12.34 -13.93
C ALA A 582 28.14 12.09 -15.13
N SER A 583 28.65 11.36 -16.11
CA SER A 583 27.89 10.97 -17.29
C SER A 583 27.56 9.49 -17.18
N ILE A 584 26.28 9.17 -17.10
CA ILE A 584 25.81 7.79 -17.00
C ILE A 584 25.05 7.50 -18.30
N ASN A 585 25.72 6.83 -19.25
CA ASN A 585 25.12 6.49 -20.53
C ASN A 585 24.57 7.74 -21.22
N SER A 586 23.26 7.75 -21.49
CA SER A 586 22.67 8.90 -22.16
C SER A 586 22.61 10.13 -21.27
N THR A 587 22.50 9.95 -19.96
CA THR A 587 22.31 11.05 -19.03
C THR A 587 23.61 11.72 -18.60
N VAL A 588 23.56 13.05 -18.44
CA VAL A 588 24.61 13.83 -17.80
C VAL A 588 24.02 14.34 -16.48
N ARG A 589 24.61 13.95 -15.35
CA ARG A 589 24.01 14.21 -14.05
C ARG A 589 24.94 15.01 -13.15
N LEU A 590 24.35 15.87 -12.32
CA LEU A 590 25.07 16.64 -11.32
C LEU A 590 24.61 16.20 -9.94
N TYR A 591 25.55 15.73 -9.13
CA TYR A 591 25.29 15.22 -7.79
C TYR A 591 25.81 16.22 -6.75
N GLU A 592 25.10 16.35 -5.64
CA GLU A 592 25.58 17.09 -4.48
C GLU A 592 26.05 16.12 -3.39
N TRP A 593 27.03 16.56 -2.60
CA TRP A 593 27.62 15.77 -1.52
C TRP A 593 27.04 16.28 -0.21
N THR A 594 26.20 15.46 0.44
CA THR A 594 25.48 15.92 1.61
C THR A 594 26.38 15.89 2.85
N THR A 595 25.84 16.44 3.94
CA THR A 595 26.50 16.35 5.23
C THR A 595 26.49 14.94 5.79
N GLU A 596 25.68 14.03 5.22
CA GLU A 596 25.71 12.63 5.59
C GLU A 596 26.66 11.81 4.75
N LYS A 597 27.50 12.47 3.94
CA LYS A 597 28.51 11.78 3.14
C LYS A 597 27.86 10.76 2.21
N GLU A 598 26.85 11.23 1.48
CA GLU A 598 26.22 10.45 0.43
C GLU A 598 25.99 11.38 -0.75
N LEU A 599 26.06 10.82 -1.95
CA LEU A 599 25.82 11.59 -3.17
C LEU A 599 24.32 11.75 -3.37
N ARG A 600 23.92 12.93 -3.84
CA ARG A 600 22.53 13.27 -4.04
C ARG A 600 22.33 13.86 -5.43
N THR A 601 21.32 13.37 -6.13
CA THR A 601 21.02 13.90 -7.45
C THR A 601 20.50 15.31 -7.32
N GLU A 602 20.96 16.19 -8.22
CA GLU A 602 20.38 17.53 -8.31
C GLU A 602 19.67 17.77 -9.63
N CYS A 603 20.36 17.63 -10.75
CA CYS A 603 19.82 17.95 -12.08
C CYS A 603 20.41 17.01 -13.11
N ASN A 604 19.68 16.85 -14.23
CA ASN A 604 20.04 15.86 -15.24
C ASN A 604 19.89 16.44 -16.65
N HIS A 605 20.58 15.83 -17.63
CA HIS A 605 20.36 16.15 -19.04
C HIS A 605 20.23 14.83 -19.82
N TYR A 606 19.30 14.80 -20.79
CA TYR A 606 19.02 13.53 -21.46
C TYR A 606 19.07 13.55 -22.98
N ASN A 607 19.37 14.67 -23.63
CA ASN A 607 19.48 14.69 -25.09
C ASN A 607 20.91 14.32 -25.52
N ASN A 608 21.27 13.08 -25.22
CA ASN A 608 22.60 12.57 -25.50
C ASN A 608 22.44 11.12 -25.91
N ILE A 609 23.20 10.73 -26.94
CA ILE A 609 23.19 9.34 -27.38
C ILE A 609 24.03 8.50 -26.43
N MET A 610 25.29 8.87 -26.27
CA MET A 610 26.15 8.30 -25.24
C MET A 610 27.12 9.40 -24.83
N ALA A 611 27.05 9.85 -23.58
CA ALA A 611 27.90 10.96 -23.12
C ALA A 611 29.27 10.41 -22.74
N LEU A 612 30.17 10.35 -23.72
CA LEU A 612 31.46 9.68 -23.49
C LEU A 612 32.47 10.57 -22.75
N TYR A 613 32.49 11.87 -23.04
CA TYR A 613 33.52 12.77 -22.51
C TYR A 613 32.91 14.02 -21.91
N LEU A 614 33.50 14.50 -20.82
CA LEU A 614 33.04 15.69 -20.10
C LEU A 614 34.19 16.63 -19.74
N LYS A 615 33.95 17.94 -19.86
CA LYS A 615 34.91 18.99 -19.52
C LYS A 615 34.14 20.21 -19.02
N THR A 616 34.73 20.92 -18.03
CA THR A 616 34.04 22.03 -17.38
C THR A 616 34.90 23.29 -17.36
N LYS A 617 34.28 24.45 -17.54
CA LYS A 617 34.93 25.75 -17.30
C LYS A 617 33.89 26.68 -16.68
N GLY A 618 34.10 27.05 -15.41
CA GLY A 618 33.10 27.88 -14.76
C GLY A 618 31.84 27.06 -14.56
N ASP A 619 30.70 27.64 -14.92
CA ASP A 619 29.44 26.91 -14.92
C ASP A 619 29.08 26.33 -16.29
N PHE A 620 30.03 26.28 -17.21
CA PHE A 620 29.84 25.69 -18.53
C PHE A 620 30.39 24.26 -18.55
N ILE A 621 29.70 23.40 -19.28
CA ILE A 621 30.07 22.00 -19.42
C ILE A 621 30.10 21.66 -20.90
N LEU A 622 31.14 20.95 -21.32
CA LEU A 622 31.29 20.47 -22.69
C LEU A 622 31.09 18.96 -22.73
N VAL A 623 30.07 18.52 -23.46
CA VAL A 623 29.73 17.11 -23.58
C VAL A 623 30.19 16.58 -24.93
N GLY A 624 30.88 15.45 -24.92
CA GLY A 624 31.28 14.82 -26.16
C GLY A 624 30.51 13.53 -26.41
N ASP A 625 29.67 13.51 -27.45
CA ASP A 625 28.79 12.39 -27.74
C ASP A 625 29.49 11.45 -28.71
N LEU A 626 29.02 10.21 -28.75
CA LEU A 626 29.64 9.22 -29.61
C LEU A 626 29.56 9.62 -31.08
N MET A 627 28.44 10.20 -31.50
CA MET A 627 28.24 10.50 -32.91
C MET A 627 27.82 11.95 -33.14
N ARG A 628 27.10 12.54 -32.17
CA ARG A 628 26.48 13.84 -32.35
C ARG A 628 27.39 15.01 -31.95
N SER A 629 28.69 14.76 -31.75
CA SER A 629 29.72 15.78 -31.53
C SER A 629 29.55 16.55 -30.24
N VAL A 630 29.99 17.84 -30.22
CA VAL A 630 30.11 18.55 -28.95
C VAL A 630 28.83 19.33 -28.67
N LEU A 631 28.50 19.43 -27.38
CA LEU A 631 27.40 20.21 -26.86
C LEU A 631 27.92 21.05 -25.70
N LEU A 632 27.52 22.32 -25.66
CA LEU A 632 27.91 23.22 -24.58
C LEU A 632 26.69 23.37 -23.66
N LEU A 633 26.66 22.59 -22.60
CA LEU A 633 25.65 22.74 -21.57
C LEU A 633 26.07 23.84 -20.61
N ALA A 634 25.12 24.36 -19.86
CA ALA A 634 25.41 25.36 -18.84
C ALA A 634 24.58 25.04 -17.60
N TYR A 635 25.22 25.16 -16.44
CA TYR A 635 24.52 25.02 -15.16
C TYR A 635 23.95 26.37 -14.77
N LYS A 636 22.65 26.41 -14.52
CA LYS A 636 22.00 27.66 -14.15
C LYS A 636 21.66 27.66 -12.67
N PRO A 637 22.50 28.27 -11.84
CA PRO A 637 22.34 28.11 -10.37
C PRO A 637 21.05 28.69 -9.84
N MET A 638 20.51 29.75 -10.45
CA MET A 638 19.26 30.30 -9.97
C MET A 638 18.15 29.27 -10.02
N GLU A 639 18.19 28.34 -10.98
CA GLU A 639 17.12 27.37 -11.17
C GLU A 639 17.45 25.96 -10.67
N GLY A 640 18.72 25.60 -10.54
CA GLY A 640 19.12 24.25 -10.15
C GLY A 640 18.98 23.19 -11.24
N ASN A 641 19.37 23.52 -12.47
CA ASN A 641 19.21 22.59 -13.59
C ASN A 641 20.16 23.01 -14.71
N PHE A 642 20.23 22.18 -15.76
CA PHE A 642 21.04 22.48 -16.93
C PHE A 642 20.25 23.25 -17.98
N GLU A 643 20.97 23.83 -18.94
CA GLU A 643 20.39 24.48 -20.11
C GLU A 643 21.32 24.35 -21.32
N GLU A 644 20.76 23.91 -22.45
CA GLU A 644 21.54 23.74 -23.68
C GLU A 644 21.93 25.09 -24.28
N ILE A 645 23.23 25.40 -24.22
CA ILE A 645 23.71 26.64 -24.82
C ILE A 645 23.82 26.50 -26.33
N ALA A 646 24.40 25.39 -26.80
CA ALA A 646 24.63 25.22 -28.22
C ALA A 646 25.15 23.82 -28.49
N ARG A 647 24.81 23.31 -29.69
CA ARG A 647 25.20 21.99 -30.15
C ARG A 647 25.92 22.15 -31.48
N ASP A 648 26.91 21.27 -31.71
CA ASP A 648 27.53 21.20 -33.04
C ASP A 648 26.64 20.30 -33.89
N PHE A 649 25.89 20.87 -34.83
CA PHE A 649 24.92 20.03 -35.53
C PHE A 649 25.58 19.09 -36.52
N ASN A 650 26.75 19.43 -37.06
CA ASN A 650 27.44 18.52 -37.96
C ASN A 650 27.78 17.22 -37.24
N PRO A 651 27.86 16.08 -37.98
CA PRO A 651 28.08 14.79 -37.30
C PRO A 651 29.54 14.38 -37.22
N ASN A 652 30.12 14.31 -36.03
CA ASN A 652 31.47 13.79 -35.88
C ASN A 652 31.56 12.86 -34.68
N TRP A 653 32.15 11.69 -34.90
CA TRP A 653 32.49 10.73 -33.86
C TRP A 653 33.71 11.24 -33.10
N MET A 654 33.62 11.22 -31.76
CA MET A 654 34.62 11.80 -30.88
C MET A 654 35.54 10.75 -30.25
N SER A 655 36.80 11.15 -30.04
CA SER A 655 37.75 10.37 -29.25
C SER A 655 38.26 11.12 -28.03
N ALA A 656 38.20 12.44 -28.02
CA ALA A 656 38.59 13.28 -26.89
C ALA A 656 38.16 14.72 -27.21
N VAL A 657 37.84 15.47 -26.16
CA VAL A 657 37.45 16.86 -26.30
C VAL A 657 38.23 17.72 -25.31
N GLU A 658 38.18 19.03 -25.52
CA GLU A 658 38.79 19.97 -24.59
C GLU A 658 38.22 21.36 -24.81
N ILE A 659 38.16 22.13 -23.73
CA ILE A 659 37.71 23.52 -23.76
C ILE A 659 38.95 24.40 -23.89
N LEU A 660 38.99 25.22 -24.93
CA LEU A 660 40.11 26.13 -25.14
C LEU A 660 39.92 27.46 -24.40
N ASP A 661 38.76 28.06 -24.54
CA ASP A 661 38.38 29.27 -23.83
C ASP A 661 36.86 29.32 -23.78
N ASP A 662 36.30 30.40 -23.27
CA ASP A 662 34.85 30.44 -23.06
C ASP A 662 34.06 30.31 -24.35
N ASP A 663 34.69 30.52 -25.50
CA ASP A 663 33.98 30.43 -26.78
C ASP A 663 34.47 29.32 -27.71
N ASN A 664 35.72 28.86 -27.59
CA ASN A 664 36.28 27.89 -28.51
C ASN A 664 36.41 26.52 -27.85
N PHE A 665 36.08 25.47 -28.61
CA PHE A 665 36.08 24.10 -28.10
C PHE A 665 36.79 23.19 -29.09
N LEU A 666 37.64 22.32 -28.57
CA LEU A 666 38.47 21.44 -29.38
C LEU A 666 38.02 19.99 -29.27
N GLY A 667 37.98 19.32 -30.41
CA GLY A 667 37.53 17.94 -30.48
C GLY A 667 38.43 17.12 -31.38
N ALA A 668 38.38 15.80 -31.18
CA ALA A 668 39.14 14.84 -31.97
C ALA A 668 38.23 13.78 -32.56
N GLU A 669 38.45 13.45 -33.84
CA GLU A 669 37.59 12.51 -34.54
C GLU A 669 38.29 11.17 -34.62
N ASN A 670 37.50 10.09 -34.66
CA ASN A 670 38.09 8.77 -34.77
C ASN A 670 38.77 8.54 -36.12
N ALA A 671 38.66 9.49 -37.03
CA ALA A 671 39.30 9.45 -38.34
C ALA A 671 40.65 10.15 -38.36
N PHE A 672 41.26 10.36 -37.18
CA PHE A 672 42.54 11.05 -37.07
C PHE A 672 42.42 12.52 -37.47
N ASN A 673 41.30 13.15 -37.11
CA ASN A 673 40.98 14.53 -37.45
C ASN A 673 40.67 15.36 -36.21
N LEU A 674 41.08 16.63 -36.25
CA LEU A 674 40.79 17.61 -35.21
C LEU A 674 39.92 18.74 -35.73
N PHE A 675 39.03 19.24 -34.86
CA PHE A 675 38.17 20.37 -35.22
C PHE A 675 37.94 21.26 -34.00
N VAL A 676 37.66 22.54 -34.28
CA VAL A 676 37.40 23.56 -33.26
C VAL A 676 36.03 24.16 -33.53
N CYS A 677 35.17 24.12 -32.54
CA CYS A 677 33.83 24.69 -32.61
C CYS A 677 33.77 25.96 -31.77
N GLN A 678 32.97 26.92 -32.21
CA GLN A 678 32.84 28.18 -31.51
C GLN A 678 31.37 28.56 -31.46
N LYS A 679 31.00 29.29 -30.41
CA LYS A 679 29.68 29.92 -30.36
C LYS A 679 29.57 30.92 -31.50
N ASP A 680 28.45 30.90 -32.21
CA ASP A 680 28.35 31.76 -33.38
C ASP A 680 28.35 33.24 -33.04
N SER A 681 28.23 33.56 -31.74
CA SER A 681 28.36 34.91 -31.19
C SER A 681 27.49 35.95 -31.89
N ALA A 682 26.41 35.56 -32.55
CA ALA A 682 25.49 36.48 -33.21
C ALA A 682 24.16 36.27 -32.50
N ALA A 683 23.71 37.27 -31.76
CA ALA A 683 22.51 37.16 -30.93
C ALA A 683 21.22 37.54 -31.64
N THR A 684 21.27 37.91 -32.91
CA THR A 684 20.07 38.15 -33.72
C THR A 684 18.95 37.16 -33.42
N THR A 685 19.11 35.93 -33.85
CA THR A 685 18.14 34.86 -33.64
C THR A 685 18.65 33.85 -32.61
N ASP A 686 17.74 33.38 -31.75
CA ASP A 686 18.15 32.37 -30.77
C ASP A 686 18.81 31.17 -31.45
N GLU A 687 18.40 30.87 -32.69
CA GLU A 687 18.97 29.74 -33.41
C GLU A 687 20.47 29.89 -33.63
N GLU A 688 20.93 31.11 -33.92
CA GLU A 688 22.35 31.31 -34.21
C GLU A 688 23.20 30.98 -32.98
N ARG A 689 22.78 31.42 -31.79
CA ARG A 689 23.55 31.11 -30.58
C ARG A 689 23.58 29.62 -30.32
N GLN A 690 22.45 28.93 -30.56
CA GLN A 690 22.38 27.49 -30.32
C GLN A 690 23.11 26.70 -31.39
N HIS A 691 23.71 27.38 -32.36
CA HIS A 691 24.45 26.74 -33.43
C HIS A 691 25.94 26.97 -33.17
N LEU A 692 26.67 25.89 -33.00
CA LEU A 692 28.13 25.91 -32.99
C LEU A 692 28.67 25.70 -34.40
N GLN A 693 29.53 26.60 -34.85
CA GLN A 693 30.08 26.51 -36.19
C GLN A 693 31.52 25.99 -36.10
N GLU A 694 31.79 24.88 -36.80
CA GLU A 694 33.13 24.30 -36.83
C GLU A 694 34.03 25.27 -37.61
N VAL A 695 34.82 26.06 -36.91
CA VAL A 695 35.68 27.06 -37.55
C VAL A 695 37.10 26.56 -37.77
N GLY A 696 37.49 25.48 -37.11
CA GLY A 696 38.79 24.88 -37.32
C GLY A 696 38.71 23.43 -37.75
N LEU A 697 39.49 23.06 -38.77
CA LEU A 697 39.55 21.69 -39.28
C LEU A 697 41.00 21.33 -39.56
N PHE A 698 41.42 20.13 -39.15
CA PHE A 698 42.82 19.74 -39.28
C PHE A 698 42.92 18.23 -39.19
N HIS A 699 43.62 17.61 -40.14
CA HIS A 699 43.91 16.19 -40.09
C HIS A 699 45.21 16.02 -39.29
N LEU A 700 45.08 15.53 -38.06
CA LEU A 700 46.27 15.35 -37.22
C LEU A 700 47.10 14.17 -37.71
N GLY A 701 46.44 13.09 -38.12
CA GLY A 701 47.13 11.87 -38.48
C GLY A 701 47.36 10.92 -37.32
N GLU A 702 46.93 11.29 -36.12
CA GLU A 702 47.04 10.47 -34.92
C GLU A 702 45.69 10.45 -34.21
N PHE A 703 45.52 9.44 -33.37
CA PHE A 703 44.28 9.20 -32.63
C PHE A 703 44.48 9.83 -31.25
N VAL A 704 43.72 10.87 -30.95
CA VAL A 704 43.87 11.57 -29.67
C VAL A 704 43.01 10.84 -28.64
N ASN A 705 43.63 10.38 -27.55
CA ASN A 705 42.89 9.78 -26.46
C ASN A 705 42.66 10.72 -25.28
N VAL A 706 43.57 11.64 -25.01
CA VAL A 706 43.49 12.50 -23.83
C VAL A 706 43.96 13.90 -24.19
N PHE A 707 43.13 14.89 -23.87
CA PHE A 707 43.48 16.30 -23.90
C PHE A 707 43.70 16.77 -22.46
N CYS A 708 44.78 17.53 -22.23
CA CYS A 708 45.14 17.91 -20.87
C CYS A 708 45.81 19.28 -20.88
N HIS A 709 45.25 20.23 -20.12
CA HIS A 709 45.85 21.55 -20.00
C HIS A 709 47.18 21.47 -19.24
N GLY A 710 48.20 22.15 -19.74
CA GLY A 710 49.49 22.20 -19.09
C GLY A 710 50.61 22.32 -20.09
N SER A 711 51.82 22.55 -19.56
CA SER A 711 53.02 22.61 -20.37
C SER A 711 54.20 22.00 -19.64
N LEU A 712 55.09 21.40 -20.43
CA LEU A 712 56.34 20.80 -19.96
C LEU A 712 57.50 21.78 -19.93
N VAL A 713 57.35 22.97 -20.50
CA VAL A 713 58.46 23.91 -20.56
C VAL A 713 58.76 24.44 -19.16
N MET A 714 60.04 24.62 -18.87
CA MET A 714 60.45 25.22 -17.60
C MET A 714 60.02 26.69 -17.60
N GLN A 715 59.36 27.11 -16.54
CA GLN A 715 58.98 28.50 -16.37
C GLN A 715 59.81 29.05 -15.21
N ASN A 716 60.73 29.96 -15.51
CA ASN A 716 61.50 30.64 -14.47
C ASN A 716 60.90 32.02 -14.20
N LEU A 717 59.81 32.37 -14.89
CA LEU A 717 59.10 33.65 -14.89
C LEU A 717 59.81 34.65 -15.82
N GLY A 718 61.06 34.38 -16.22
CA GLY A 718 61.82 35.12 -17.21
C GLY A 718 61.52 34.82 -18.67
N GLU A 719 60.68 33.83 -18.95
CA GLU A 719 60.42 33.41 -20.33
C GLU A 719 59.65 34.49 -21.08
N THR A 720 60.21 34.93 -22.20
CA THR A 720 59.55 35.91 -23.05
C THR A 720 58.15 35.43 -23.41
N SER A 721 57.19 36.34 -23.36
CA SER A 721 55.81 35.97 -23.69
C SER A 721 55.76 35.64 -25.18
N THR A 722 55.42 34.39 -25.49
CA THR A 722 55.37 33.93 -26.86
C THR A 722 54.14 34.48 -27.57
N PRO A 723 54.15 34.52 -28.89
CA PRO A 723 52.93 34.89 -29.63
C PRO A 723 51.76 33.98 -29.31
N THR A 724 52.05 32.71 -29.06
CA THR A 724 51.04 31.71 -28.78
C THR A 724 50.45 31.91 -27.39
N GLN A 725 49.13 31.73 -27.25
CA GLN A 725 48.48 31.84 -25.96
C GLN A 725 47.66 30.58 -25.66
N GLY A 726 47.85 30.05 -24.45
CA GLY A 726 47.22 28.82 -24.01
C GLY A 726 48.10 27.61 -24.24
N SER A 727 47.73 26.50 -23.59
CA SER A 727 48.53 25.28 -23.73
C SER A 727 47.67 24.06 -23.43
N VAL A 728 47.41 23.27 -24.47
CA VAL A 728 46.75 21.98 -24.36
C VAL A 728 47.71 20.95 -24.93
N LEU A 729 48.10 19.98 -24.11
CA LEU A 729 48.86 18.81 -24.55
C LEU A 729 47.88 17.70 -24.88
N PHE A 730 48.25 16.86 -25.85
CA PHE A 730 47.41 15.71 -26.16
C PHE A 730 48.24 14.46 -26.40
N GLY A 731 47.69 13.33 -25.96
CA GLY A 731 48.31 12.04 -26.14
C GLY A 731 47.57 11.19 -27.16
N THR A 732 48.30 10.30 -27.82
CA THR A 732 47.76 9.54 -28.94
C THR A 732 48.09 8.06 -28.78
N VAL A 733 47.52 7.25 -29.67
CA VAL A 733 47.71 5.81 -29.60
C VAL A 733 49.12 5.39 -29.99
N ASN A 734 49.76 6.13 -30.87
CA ASN A 734 51.09 5.78 -31.34
C ASN A 734 52.21 6.42 -30.53
N GLY A 735 51.88 6.96 -29.37
CA GLY A 735 52.87 7.59 -28.50
C GLY A 735 53.15 9.04 -28.81
N MET A 736 52.69 9.53 -29.95
CA MET A 736 52.89 10.92 -30.30
C MET A 736 52.25 11.82 -29.26
N ILE A 737 53.01 12.79 -28.77
CA ILE A 737 52.50 13.82 -27.88
C ILE A 737 52.55 15.15 -28.63
N GLY A 738 51.42 15.85 -28.67
CA GLY A 738 51.31 17.12 -29.36
C GLY A 738 50.81 18.23 -28.44
N LEU A 739 50.77 19.43 -29.00
CA LEU A 739 50.38 20.62 -28.25
C LEU A 739 49.59 21.54 -29.15
N VAL A 740 48.45 22.03 -28.65
CA VAL A 740 47.59 22.97 -29.36
C VAL A 740 47.62 24.29 -28.61
N THR A 741 47.72 25.39 -29.35
CA THR A 741 47.70 26.72 -28.77
C THR A 741 47.06 27.70 -29.74
N SER A 742 46.60 28.83 -29.21
CA SER A 742 45.89 29.84 -29.99
C SER A 742 46.84 30.95 -30.43
N LEU A 743 46.43 31.64 -31.51
CA LEU A 743 47.19 32.70 -32.12
C LEU A 743 46.31 33.92 -32.34
N SER A 744 46.95 35.08 -32.49
CA SER A 744 46.24 36.28 -32.88
C SER A 744 45.94 36.25 -34.38
N GLU A 745 44.94 37.02 -34.80
CA GLU A 745 44.58 37.00 -36.21
C GLU A 745 45.77 37.35 -37.09
N SER A 746 46.53 38.38 -36.69
CA SER A 746 47.69 38.78 -37.46
C SER A 746 48.73 37.66 -37.54
N TRP A 747 49.04 37.04 -36.41
CA TRP A 747 50.11 36.04 -36.40
C TRP A 747 49.72 34.84 -37.25
N TYR A 748 48.45 34.45 -37.18
CA TYR A 748 47.94 33.38 -38.04
C TYR A 748 48.15 33.73 -39.51
N ASN A 749 47.69 34.91 -39.93
CA ASN A 749 47.79 35.27 -41.35
C ASN A 749 49.25 35.23 -41.78
N LEU A 750 50.15 35.75 -40.94
CA LEU A 750 51.57 35.71 -41.24
C LEU A 750 52.05 34.27 -41.38
N LEU A 751 51.74 33.44 -40.40
CA LEU A 751 52.23 32.07 -40.42
C LEU A 751 51.58 31.26 -41.54
N LEU A 752 50.28 31.47 -41.76
CA LEU A 752 49.60 30.79 -42.86
C LEU A 752 50.20 31.19 -44.20
N ASP A 753 50.38 32.50 -44.43
CA ASP A 753 50.99 32.95 -45.67
C ASP A 753 52.38 32.34 -45.82
N MET A 754 53.09 32.16 -44.72
CA MET A 754 54.39 31.55 -44.75
C MET A 754 54.31 30.07 -45.10
N GLN A 755 53.30 29.36 -44.59
CA GLN A 755 53.16 27.95 -44.95
C GLN A 755 53.07 27.81 -46.47
N ASN A 756 52.17 28.58 -47.09
CA ASN A 756 51.98 28.49 -48.52
C ASN A 756 53.28 28.75 -49.27
N ARG A 757 54.12 29.63 -48.71
CA ARG A 757 55.42 29.89 -49.30
C ARG A 757 56.35 28.72 -49.04
N LEU A 758 56.31 28.16 -47.82
CA LEU A 758 57.16 27.02 -47.52
C LEU A 758 56.80 25.79 -48.34
N ASN A 759 55.52 25.57 -48.60
CA ASN A 759 55.13 24.37 -49.33
C ASN A 759 55.65 24.40 -50.76
N LYS A 760 55.72 25.59 -51.38
CA LYS A 760 56.26 25.67 -52.72
C LYS A 760 57.77 25.40 -52.73
N VAL A 761 58.44 25.67 -51.61
CA VAL A 761 59.90 25.55 -51.53
C VAL A 761 60.33 24.16 -51.11
N ILE A 762 59.66 23.57 -50.13
CA ILE A 762 60.13 22.33 -49.52
C ILE A 762 59.70 21.16 -50.38
N LYS A 763 60.64 20.23 -50.60
CA LYS A 763 60.41 19.04 -51.41
C LYS A 763 59.86 17.93 -50.54
N SER A 764 58.72 17.38 -50.92
CA SER A 764 58.06 16.34 -50.14
C SER A 764 58.50 14.96 -50.60
N VAL A 765 58.68 14.05 -49.66
CA VAL A 765 58.96 12.66 -50.00
C VAL A 765 57.72 12.06 -50.64
N GLY A 766 57.89 11.43 -51.79
CA GLY A 766 56.76 10.93 -52.53
C GLY A 766 56.00 12.00 -53.27
N LYS A 767 56.45 13.25 -53.21
CA LYS A 767 55.79 14.37 -53.87
C LYS A 767 54.32 14.44 -53.45
N ILE A 768 54.11 14.37 -52.13
CA ILE A 768 52.76 14.46 -51.56
C ILE A 768 52.49 15.92 -51.23
N GLU A 769 51.42 16.46 -51.79
CA GLU A 769 51.02 17.84 -51.48
C GLU A 769 50.66 17.98 -50.01
N HIS A 770 51.28 18.95 -49.34
CA HIS A 770 51.00 19.20 -47.93
C HIS A 770 49.54 19.55 -47.72
N SER A 771 48.98 20.38 -48.60
CA SER A 771 47.59 20.80 -48.45
C SER A 771 46.63 19.60 -48.45
N PHE A 772 46.93 18.58 -49.26
CA PHE A 772 46.10 17.37 -49.28
C PHE A 772 46.22 16.59 -47.97
N TRP A 773 47.44 16.42 -47.48
CA TRP A 773 47.68 15.62 -46.27
C TRP A 773 46.87 16.16 -45.10
N ARG A 774 46.93 17.48 -44.87
CA ARG A 774 46.22 18.06 -43.75
C ARG A 774 44.74 18.32 -44.04
N SER A 775 44.26 18.04 -45.25
CA SER A 775 42.84 18.20 -45.52
C SER A 775 42.04 17.28 -44.63
N PHE A 776 41.04 17.84 -43.95
CA PHE A 776 40.10 17.05 -43.17
C PHE A 776 39.58 15.92 -44.05
N HIS A 777 39.72 14.68 -43.59
CA HIS A 777 39.36 13.54 -44.45
C HIS A 777 38.61 12.52 -43.63
N THR A 778 37.35 12.31 -44.00
CA THR A 778 36.53 11.20 -43.56
C THR A 778 36.25 10.41 -44.83
N GLU A 779 35.80 9.16 -44.69
CA GLU A 779 35.57 8.38 -45.91
C GLU A 779 34.57 9.06 -46.83
N ARG A 780 33.65 9.83 -46.27
CA ARG A 780 32.53 10.42 -46.98
C ARG A 780 32.63 11.93 -47.20
N LYS A 781 33.51 12.61 -46.47
CA LYS A 781 33.71 14.04 -46.58
C LYS A 781 35.20 14.33 -46.64
N THR A 782 35.62 15.23 -47.53
CA THR A 782 36.99 15.73 -47.52
C THR A 782 36.94 17.24 -47.76
N GLU A 783 37.47 18.00 -46.81
CA GLU A 783 37.49 19.44 -46.86
C GLU A 783 38.89 19.98 -46.59
N PRO A 784 39.20 21.14 -47.14
CA PRO A 784 40.50 21.77 -46.85
C PRO A 784 40.62 22.15 -45.38
N ALA A 785 41.85 22.08 -44.88
CA ALA A 785 42.12 22.48 -43.51
C ALA A 785 41.82 23.97 -43.33
N THR A 786 41.45 24.33 -42.11
CA THR A 786 41.15 25.72 -41.80
C THR A 786 41.39 26.01 -40.33
N GLY A 787 41.91 27.20 -40.04
CA GLY A 787 42.07 27.65 -38.68
C GLY A 787 43.24 27.06 -37.92
N PHE A 788 44.07 26.26 -38.57
CA PHE A 788 45.16 25.55 -37.92
C PHE A 788 46.46 25.80 -38.67
N ILE A 789 47.53 26.09 -37.92
CA ILE A 789 48.86 26.25 -38.49
C ILE A 789 49.65 24.98 -38.19
N ASP A 790 50.15 24.33 -39.24
CA ASP A 790 50.97 23.14 -39.01
C ASP A 790 52.34 23.58 -38.48
N GLY A 791 52.46 23.66 -37.16
CA GLY A 791 53.69 24.16 -36.57
C GLY A 791 54.91 23.35 -36.96
N ASP A 792 54.71 22.05 -37.24
CA ASP A 792 55.83 21.22 -37.67
C ASP A 792 56.33 21.64 -39.04
N LEU A 793 55.47 22.25 -39.85
CA LEU A 793 55.91 22.85 -41.11
C LEU A 793 56.63 24.17 -40.84
N ILE A 794 56.05 24.99 -39.97
CA ILE A 794 56.68 26.27 -39.62
C ILE A 794 58.06 26.04 -39.01
N GLU A 795 58.17 25.05 -38.12
CA GLU A 795 59.44 24.79 -37.47
C GLU A 795 60.47 24.18 -38.42
N SER A 796 60.07 23.77 -39.62
CA SER A 796 61.04 23.26 -40.60
C SER A 796 61.73 24.39 -41.35
N PHE A 797 61.23 25.63 -41.25
CA PHE A 797 61.90 26.75 -41.87
C PHE A 797 63.35 26.85 -41.42
N LEU A 798 63.62 26.51 -40.16
CA LEU A 798 64.96 26.63 -39.61
C LEU A 798 65.94 25.59 -40.16
N ASP A 799 65.44 24.55 -40.83
CA ASP A 799 66.30 23.50 -41.34
C ASP A 799 66.53 23.55 -42.84
N ILE A 800 65.87 24.47 -43.55
CA ILE A 800 66.05 24.60 -44.99
C ILE A 800 67.26 25.48 -45.26
N SER A 801 67.90 25.25 -46.40
CA SER A 801 69.14 25.96 -46.73
C SER A 801 68.90 27.46 -46.93
N ARG A 802 69.98 28.22 -46.81
CA ARG A 802 69.86 29.68 -46.91
C ARG A 802 69.22 30.15 -48.21
N PRO A 803 69.60 29.63 -49.39
CA PRO A 803 68.91 30.08 -50.62
C PRO A 803 67.41 29.94 -50.51
N LYS A 804 66.96 28.85 -49.90
CA LYS A 804 65.54 28.56 -49.78
C LYS A 804 64.87 29.51 -48.79
N MET A 805 65.57 29.83 -47.69
CA MET A 805 65.02 30.75 -46.71
C MET A 805 64.72 32.11 -47.31
N GLN A 806 65.67 32.63 -48.10
CA GLN A 806 65.47 33.93 -48.71
C GLN A 806 64.38 33.87 -49.77
N GLU A 807 64.31 32.76 -50.50
CA GLU A 807 63.24 32.57 -51.48
C GLU A 807 61.87 32.62 -50.81
N VAL A 808 61.76 32.10 -49.59
CA VAL A 808 60.48 32.07 -48.90
C VAL A 808 60.05 33.47 -48.49
N VAL A 809 60.99 34.29 -48.02
CA VAL A 809 60.63 35.60 -47.49
C VAL A 809 60.41 36.66 -48.54
N ALA A 810 60.64 36.34 -49.81
CA ALA A 810 60.43 37.31 -50.87
C ALA A 810 58.99 37.77 -50.90
N ASN A 811 58.79 39.09 -50.95
CA ASN A 811 57.47 39.70 -51.09
C ASN A 811 56.52 39.30 -49.94
N LEU A 812 57.03 39.27 -48.71
CA LEU A 812 56.22 38.96 -47.55
C LEU A 812 56.02 40.22 -46.73
N GLN A 813 54.75 40.54 -46.45
CA GLN A 813 54.36 41.74 -45.74
C GLN A 813 53.61 41.47 -44.44
N TYR A 814 53.84 42.32 -43.43
CA TYR A 814 53.23 42.21 -42.12
C TYR A 814 52.02 43.16 -42.07
N ASP A 815 51.11 42.92 -41.13
CA ASP A 815 49.92 43.78 -41.01
C ASP A 815 49.35 43.69 -39.60
N ASP A 816 48.36 44.54 -39.32
CA ASP A 816 47.57 44.50 -38.07
C ASP A 816 48.41 44.86 -36.84
N GLY A 817 49.48 45.63 -37.01
CA GLY A 817 50.37 45.98 -35.93
C GLY A 817 50.94 47.37 -36.10
N SER A 818 52.01 47.71 -35.39
CA SER A 818 52.65 49.01 -35.63
C SER A 818 53.06 49.12 -37.10
N GLY A 819 53.52 48.02 -37.67
CA GLY A 819 53.88 47.97 -39.08
C GLY A 819 52.71 47.49 -39.92
N MET A 820 51.96 48.41 -40.53
CA MET A 820 50.81 47.98 -41.34
C MET A 820 51.27 47.20 -42.56
N LYS A 821 52.32 47.66 -43.23
CA LYS A 821 53.02 46.89 -44.27
C LYS A 821 54.49 46.84 -43.91
N ARG A 822 55.00 45.64 -43.62
CA ARG A 822 56.37 45.49 -43.15
C ARG A 822 56.98 44.26 -43.80
N GLU A 823 58.04 44.46 -44.59
CA GLU A 823 58.69 43.36 -45.27
C GLU A 823 59.46 42.46 -44.30
N ALA A 824 59.55 41.18 -44.65
CA ALA A 824 60.27 40.19 -43.88
C ALA A 824 61.60 39.84 -44.53
N THR A 825 62.63 39.61 -43.71
CA THR A 825 63.92 39.12 -44.16
C THR A 825 64.12 37.71 -43.61
N ALA A 826 65.09 36.98 -44.17
CA ALA A 826 65.34 35.62 -43.69
C ALA A 826 65.82 35.59 -42.25
N ASP A 827 66.50 36.64 -41.78
CA ASP A 827 66.92 36.68 -40.38
C ASP A 827 65.76 37.01 -39.45
N ASP A 828 64.78 37.81 -39.91
CA ASP A 828 63.64 38.13 -39.07
C ASP A 828 62.84 36.87 -38.76
N LEU A 829 62.53 36.09 -39.79
CA LEU A 829 61.70 34.90 -39.59
C LEU A 829 62.44 33.83 -38.79
N ILE A 830 63.77 33.73 -38.93
CA ILE A 830 64.52 32.78 -38.13
C ILE A 830 64.30 33.03 -36.64
N LYS A 831 64.25 34.31 -36.26
CA LYS A 831 63.97 34.66 -34.87
C LYS A 831 62.55 34.30 -34.45
N VAL A 832 61.58 34.53 -35.32
CA VAL A 832 60.19 34.24 -34.96
C VAL A 832 59.99 32.75 -34.73
N VAL A 833 60.47 31.92 -35.67
CA VAL A 833 60.28 30.47 -35.53
C VAL A 833 61.02 29.97 -34.29
N GLU A 834 62.22 30.51 -34.04
CA GLU A 834 62.99 30.10 -32.87
C GLU A 834 62.23 30.37 -31.58
N GLU A 835 61.46 31.46 -31.53
CA GLU A 835 60.61 31.67 -30.36
C GLU A 835 59.48 30.63 -30.34
N LEU A 836 58.96 30.26 -31.51
CA LEU A 836 57.87 29.30 -31.56
C LEU A 836 58.36 27.91 -31.16
N THR A 837 59.65 27.62 -31.31
CA THR A 837 60.18 26.34 -30.84
C THR A 837 60.34 26.28 -29.34
N ARG A 838 60.17 27.41 -28.64
CA ARG A 838 60.34 27.46 -27.19
C ARG A 838 59.07 27.18 -26.42
N ILE A 839 57.98 26.86 -27.10
CA ILE A 839 56.76 26.45 -26.40
C ILE A 839 56.77 24.97 -26.06
N HIS A 840 57.80 24.23 -26.46
CA HIS A 840 57.93 22.82 -26.11
C HIS A 840 59.40 22.40 -26.04
N THR B 7 -11.83 16.61 -29.23
CA THR B 7 -11.50 15.32 -29.84
C THR B 7 -10.04 15.33 -30.30
N GLU B 8 -9.59 14.16 -30.77
CA GLU B 8 -8.23 14.04 -31.26
C GLU B 8 -7.97 14.89 -32.49
N SER B 9 -9.03 15.26 -33.20
CA SER B 9 -8.91 15.92 -34.49
C SER B 9 -8.78 17.44 -34.40
N ASP B 10 -9.16 18.05 -33.29
CA ASP B 10 -9.08 19.50 -33.17
C ASP B 10 -7.62 19.86 -32.90
N TRP B 11 -6.91 20.25 -33.95
CA TRP B 11 -5.48 20.54 -33.90
C TRP B 11 -5.34 22.05 -33.77
N GLY B 12 -4.15 22.49 -33.38
CA GLY B 12 -3.87 23.90 -33.23
C GLY B 12 -4.30 24.54 -31.94
N LYS B 13 -5.02 23.83 -31.07
CA LYS B 13 -5.48 24.39 -29.81
C LYS B 13 -4.69 23.89 -28.60
N ARG B 14 -4.30 22.62 -28.57
CA ARG B 14 -3.55 22.11 -27.43
C ARG B 14 -2.23 22.84 -27.32
N CYS B 15 -1.77 23.08 -26.10
CA CYS B 15 -0.58 23.88 -25.90
C CYS B 15 0.66 23.00 -25.84
N VAL B 16 1.81 23.60 -26.10
CA VAL B 16 3.08 22.90 -26.05
C VAL B 16 3.52 22.69 -24.61
N ASP B 17 2.74 23.22 -23.65
CA ASP B 17 3.02 22.93 -22.25
C ASP B 17 2.99 21.43 -22.01
N LYS B 18 2.18 20.71 -22.78
CA LYS B 18 1.96 19.29 -22.57
C LYS B 18 3.20 18.47 -22.85
N PHE B 19 4.27 19.08 -23.36
CA PHE B 19 5.51 18.40 -23.67
C PHE B 19 6.64 18.97 -22.84
N ASP B 20 7.46 18.09 -22.28
CA ASP B 20 8.70 18.47 -21.61
C ASP B 20 9.81 18.45 -22.65
N ILE B 21 10.37 19.62 -22.97
CA ILE B 21 11.37 19.71 -24.02
C ILE B 21 12.69 19.11 -23.52
N ILE B 22 13.26 18.19 -24.31
CA ILE B 22 14.50 17.53 -23.91
C ILE B 22 15.73 18.24 -24.47
N GLY B 23 15.65 18.74 -25.70
CA GLY B 23 16.78 19.43 -26.28
C GLY B 23 16.47 19.81 -27.70
N ILE B 24 17.54 20.09 -28.45
CA ILE B 24 17.46 20.43 -29.86
C ILE B 24 18.11 19.31 -30.65
N ILE B 25 17.34 18.72 -31.55
CA ILE B 25 17.82 17.63 -32.40
C ILE B 25 18.25 18.15 -33.76
N GLY B 26 17.83 19.33 -34.19
CA GLY B 26 18.21 19.82 -35.49
C GLY B 26 17.72 21.23 -35.70
N GLU B 27 18.26 21.80 -36.76
CA GLU B 27 17.97 23.15 -37.18
C GLU B 27 17.06 23.08 -38.39
N GLY B 28 16.09 23.99 -38.45
CA GLY B 28 15.06 23.92 -39.45
C GLY B 28 15.16 25.02 -40.48
N THR B 29 14.75 24.70 -41.70
CA THR B 29 14.68 25.65 -42.79
C THR B 29 13.71 26.78 -42.47
N TYR B 30 12.69 26.53 -41.64
CA TYR B 30 11.80 27.55 -41.15
C TYR B 30 11.82 27.72 -39.63
N GLY B 31 12.23 26.71 -38.86
CA GLY B 31 12.31 26.80 -37.41
C GLY B 31 12.92 25.55 -36.83
N GLN B 32 13.48 25.70 -35.64
CA GLN B 32 14.29 24.64 -35.06
C GLN B 32 13.46 23.51 -34.46
N VAL B 33 13.98 22.29 -34.60
CA VAL B 33 13.32 21.08 -34.14
C VAL B 33 13.88 20.66 -32.78
N TYR B 34 13.00 20.41 -31.82
CA TYR B 34 13.34 20.02 -30.46
C TYR B 34 12.85 18.59 -30.22
N LYS B 35 13.62 17.82 -29.44
CA LYS B 35 13.12 16.54 -28.94
C LYS B 35 12.31 16.77 -27.67
N ALA B 36 11.36 15.88 -27.40
CA ALA B 36 10.46 16.15 -26.28
C ALA B 36 9.72 14.88 -25.86
N LYS B 37 9.21 14.93 -24.62
CA LYS B 37 8.44 13.85 -24.01
C LYS B 37 7.04 14.36 -23.69
N ASP B 38 6.03 13.60 -24.09
CA ASP B 38 4.65 13.94 -23.75
C ASP B 38 4.42 13.74 -22.26
N LYS B 39 3.94 14.79 -21.59
CA LYS B 39 3.77 14.71 -20.15
C LYS B 39 2.72 13.68 -19.75
N ASP B 40 1.70 13.48 -20.58
CA ASP B 40 0.59 12.63 -20.20
C ASP B 40 0.90 11.15 -20.47
N THR B 41 1.51 10.84 -21.60
CA THR B 41 1.74 9.46 -22.01
C THR B 41 3.18 9.00 -21.90
N GLY B 42 4.15 9.91 -21.78
CA GLY B 42 5.55 9.57 -21.79
C GLY B 42 6.14 9.27 -23.15
N GLU B 43 5.33 9.25 -24.20
CA GLU B 43 5.83 8.98 -25.55
C GLU B 43 6.82 10.07 -25.93
N LEU B 44 7.87 9.68 -26.65
CA LEU B 44 8.83 10.65 -27.14
C LEU B 44 8.40 11.15 -28.51
N VAL B 45 8.43 12.46 -28.69
CA VAL B 45 7.97 13.13 -29.89
C VAL B 45 9.10 14.04 -30.36
N ALA B 46 8.91 14.64 -31.53
CA ALA B 46 9.83 15.64 -32.04
C ALA B 46 9.01 16.82 -32.58
N LEU B 47 9.03 17.92 -31.84
CA LEU B 47 8.25 19.11 -32.14
C LEU B 47 9.06 20.03 -33.06
N LYS B 48 8.54 20.28 -34.27
CA LYS B 48 9.09 21.28 -35.17
C LYS B 48 8.50 22.65 -34.91
N LYS B 49 9.35 23.68 -34.87
CA LYS B 49 8.86 25.01 -34.56
C LYS B 49 8.49 25.68 -35.88
N VAL B 50 7.29 26.25 -35.94
CA VAL B 50 6.83 26.98 -37.11
C VAL B 50 6.58 28.41 -36.67
N ARG B 51 7.42 29.33 -37.13
CA ARG B 51 7.39 30.73 -36.72
C ARG B 51 6.74 31.58 -37.79
N LEU B 52 5.60 32.17 -37.44
CA LEU B 52 4.92 33.15 -38.28
C LEU B 52 5.35 34.59 -37.99
N ASP B 53 6.31 34.78 -37.08
CA ASP B 53 6.68 36.13 -36.67
C ASP B 53 7.33 36.89 -37.82
N ASN B 54 7.93 36.19 -38.79
CA ASN B 54 8.50 36.89 -39.94
C ASN B 54 7.45 37.71 -40.66
N GLU B 55 6.25 37.16 -40.82
CA GLU B 55 5.12 37.86 -41.41
C GLU B 55 5.46 38.37 -42.80
N LYS B 56 6.43 37.74 -43.46
CA LYS B 56 6.71 38.03 -44.87
C LYS B 56 5.66 37.45 -45.83
N GLU B 57 5.42 36.15 -45.74
CA GLU B 57 4.37 35.48 -46.49
C GLU B 57 3.51 34.63 -45.57
N GLY B 58 3.57 34.90 -44.26
CA GLY B 58 2.75 34.16 -43.32
C GLY B 58 3.29 32.77 -43.04
N PHE B 59 2.36 31.86 -42.76
CA PHE B 59 2.72 30.48 -42.50
C PHE B 59 3.53 29.91 -43.65
N PRO B 60 4.68 29.30 -43.39
CA PRO B 60 5.51 28.80 -44.51
C PRO B 60 4.73 27.79 -45.35
N ILE B 61 4.89 27.89 -46.67
CA ILE B 61 4.31 26.89 -47.56
C ILE B 61 4.96 25.53 -47.36
N THR B 62 6.25 25.49 -47.01
CA THR B 62 6.91 24.22 -46.80
C THR B 62 6.23 23.44 -45.69
N ALA B 63 5.88 24.11 -44.58
CA ALA B 63 5.12 23.45 -43.53
C ALA B 63 3.72 23.09 -44.03
N ILE B 64 3.09 23.97 -44.81
CA ILE B 64 1.74 23.71 -45.31
C ILE B 64 1.72 22.45 -46.16
N ARG B 65 2.80 22.15 -46.86
CA ARG B 65 2.89 20.91 -47.62
C ARG B 65 3.06 19.71 -46.70
N GLU B 66 3.77 19.88 -45.58
CA GLU B 66 3.94 18.79 -44.64
C GLU B 66 2.66 18.56 -43.83
N ILE B 67 1.85 19.61 -43.63
CA ILE B 67 0.58 19.44 -42.93
C ILE B 67 -0.48 18.89 -43.86
N LYS B 68 -0.40 19.21 -45.15
CA LYS B 68 -1.37 18.77 -46.14
C LYS B 68 -1.14 17.32 -46.52
N ILE B 69 0.11 16.98 -46.84
CA ILE B 69 0.40 15.64 -47.35
C ILE B 69 0.44 14.60 -46.23
N LEU B 70 1.05 14.91 -45.09
CA LEU B 70 1.26 13.89 -44.09
C LEU B 70 -0.01 13.53 -43.31
N ARG B 71 -1.05 14.36 -43.35
CA ARG B 71 -2.33 13.93 -42.81
C ARG B 71 -3.09 13.03 -43.79
N GLN B 72 -2.65 12.97 -45.05
CA GLN B 72 -3.20 12.05 -46.03
C GLN B 72 -2.48 10.71 -46.08
N LEU B 73 -1.17 10.72 -45.88
CA LEU B 73 -0.34 9.55 -46.11
C LEU B 73 -0.21 8.72 -44.84
N ILE B 74 -0.68 7.48 -44.92
CA ILE B 74 -0.62 6.50 -43.83
C ILE B 74 0.23 5.35 -44.31
N HIS B 75 1.43 5.21 -43.74
CA HIS B 75 2.26 4.06 -44.10
C HIS B 75 3.32 3.86 -43.03
N ARG B 76 3.72 2.60 -42.86
CA ARG B 76 4.71 2.24 -41.86
C ARG B 76 6.06 2.86 -42.17
N SER B 77 6.30 3.17 -43.44
CA SER B 77 7.55 3.74 -43.89
C SER B 77 7.45 5.24 -44.17
N VAL B 78 6.36 5.89 -43.78
CA VAL B 78 6.23 7.34 -43.91
C VAL B 78 5.99 7.93 -42.52
N VAL B 79 6.67 9.04 -42.23
CA VAL B 79 6.64 9.59 -40.88
C VAL B 79 5.24 10.11 -40.55
N ASN B 80 4.92 10.10 -39.26
CA ASN B 80 3.59 10.40 -38.76
C ASN B 80 3.61 11.76 -38.09
N MET B 81 2.64 12.61 -38.46
CA MET B 81 2.41 13.87 -37.76
C MET B 81 1.31 13.61 -36.74
N LYS B 82 1.66 13.57 -35.46
CA LYS B 82 0.65 13.20 -34.46
C LYS B 82 -0.32 14.36 -34.22
N GLU B 83 0.18 15.58 -34.05
CA GLU B 83 -0.72 16.70 -33.84
C GLU B 83 0.03 18.00 -34.11
N ILE B 84 -0.71 19.11 -34.02
CA ILE B 84 -0.13 20.46 -34.09
C ILE B 84 -0.54 21.20 -32.82
N VAL B 85 0.47 21.74 -32.12
CA VAL B 85 0.27 22.42 -30.84
C VAL B 85 0.90 23.81 -30.91
N THR B 86 0.47 24.67 -29.99
CA THR B 86 0.81 26.08 -30.03
C THR B 86 1.41 26.56 -28.72
N ASP B 87 2.15 27.67 -28.84
CA ASP B 87 2.62 28.43 -27.69
C ASP B 87 1.42 29.03 -26.94
N LYS B 88 1.62 29.34 -25.67
CA LYS B 88 0.56 30.02 -24.93
C LYS B 88 0.18 31.27 -25.73
N GLN B 89 -1.03 31.31 -26.23
CA GLN B 89 -1.50 32.39 -27.09
C GLN B 89 -1.84 33.60 -26.25
N ASP B 90 -1.67 34.80 -26.81
CA ASP B 90 -2.04 36.00 -26.08
C ASP B 90 -3.55 36.02 -25.90
N ALA B 91 -4.01 36.37 -24.70
CA ALA B 91 -5.44 36.30 -24.42
C ALA B 91 -6.19 37.40 -25.15
N LEU B 92 -7.18 36.99 -25.95
CA LEU B 92 -8.07 37.90 -26.68
C LEU B 92 -7.35 39.06 -27.37
N ASP B 93 -6.24 38.75 -28.03
CA ASP B 93 -5.53 39.74 -28.85
C ASP B 93 -4.72 39.07 -29.93
N PHE B 94 -5.40 38.54 -30.96
CA PHE B 94 -4.71 37.76 -31.99
C PHE B 94 -3.68 38.62 -32.74
N LYS B 95 -3.95 39.92 -32.93
CA LYS B 95 -3.00 40.76 -33.65
C LYS B 95 -1.68 40.91 -32.91
N LYS B 96 -1.73 41.10 -31.58
CA LYS B 96 -0.47 41.13 -30.84
C LYS B 96 0.19 39.76 -30.83
N ASP B 97 -0.60 38.69 -30.88
CA ASP B 97 -0.05 37.35 -30.75
C ASP B 97 0.94 37.09 -31.88
N LYS B 98 2.18 36.79 -31.50
CA LYS B 98 3.21 36.33 -32.43
C LYS B 98 3.69 34.93 -32.05
N GLY B 99 2.94 34.23 -31.21
CA GLY B 99 3.36 32.91 -30.82
C GLY B 99 3.41 31.97 -32.00
N ALA B 100 4.20 30.92 -31.84
CA ALA B 100 4.51 30.00 -32.92
C ALA B 100 3.71 28.71 -32.77
N PHE B 101 3.75 27.90 -33.83
CA PHE B 101 3.09 26.60 -33.87
C PHE B 101 4.13 25.48 -33.98
N TYR B 102 3.75 24.29 -33.51
CA TYR B 102 4.65 23.14 -33.50
C TYR B 102 4.00 21.94 -34.18
N LEU B 103 4.75 21.29 -35.07
CA LEU B 103 4.31 20.08 -35.75
C LEU B 103 4.88 18.87 -34.99
N VAL B 104 4.03 18.19 -34.22
CA VAL B 104 4.48 17.04 -33.45
C VAL B 104 4.61 15.82 -34.36
N PHE B 105 5.77 15.17 -34.30
CA PHE B 105 6.08 14.01 -35.11
C PHE B 105 6.57 12.90 -34.17
N GLU B 106 6.65 11.69 -34.69
CA GLU B 106 7.28 10.60 -33.93
C GLU B 106 8.78 10.82 -33.89
N TYR B 107 9.40 10.49 -32.76
CA TYR B 107 10.84 10.65 -32.61
C TYR B 107 11.52 9.37 -33.12
N MET B 108 12.23 9.48 -34.23
CA MET B 108 13.01 8.37 -34.76
C MET B 108 14.42 8.45 -34.18
N ASP B 109 14.94 7.31 -33.72
CA ASP B 109 16.13 7.32 -32.89
C ASP B 109 17.35 7.86 -33.62
N HIS B 110 17.58 7.43 -34.87
CA HIS B 110 18.78 7.85 -35.59
C HIS B 110 18.37 8.23 -37.02
N ASP B 111 19.27 8.93 -37.72
CA ASP B 111 19.11 9.23 -39.13
C ASP B 111 20.29 8.66 -39.93
N LEU B 112 20.03 8.30 -41.19
CA LEU B 112 21.02 7.56 -41.95
C LEU B 112 22.34 8.30 -42.08
N MET B 113 22.30 9.62 -42.26
CA MET B 113 23.54 10.36 -42.42
C MET B 113 24.46 10.14 -41.23
N GLY B 114 23.90 10.25 -40.01
CA GLY B 114 24.72 10.14 -38.82
C GLY B 114 25.24 8.73 -38.58
N LEU B 115 24.44 7.71 -38.91
CA LEU B 115 24.85 6.33 -38.69
C LEU B 115 25.98 5.91 -39.64
N LEU B 116 25.95 6.37 -40.89
CA LEU B 116 27.01 6.04 -41.83
C LEU B 116 28.22 6.97 -41.68
N GLU B 117 27.98 8.27 -41.42
CA GLU B 117 29.07 9.22 -41.31
C GLU B 117 29.98 8.93 -40.10
N SER B 118 29.39 8.59 -38.96
CA SER B 118 30.22 8.16 -37.84
C SER B 118 30.95 6.87 -38.23
N GLY B 119 30.47 6.16 -39.26
CA GLY B 119 31.14 4.97 -39.71
C GLY B 119 30.88 3.78 -38.82
N LEU B 120 30.08 3.96 -37.78
CA LEU B 120 29.81 2.95 -36.78
C LEU B 120 28.85 1.90 -37.27
N VAL B 121 28.08 2.17 -38.30
CA VAL B 121 27.07 1.24 -38.77
C VAL B 121 27.72 0.29 -39.78
N HIS B 122 27.42 -0.99 -39.66
CA HIS B 122 27.83 -1.99 -40.63
C HIS B 122 26.57 -2.66 -41.16
N PHE B 123 26.40 -2.63 -42.48
CA PHE B 123 25.22 -3.16 -43.15
C PHE B 123 25.55 -4.48 -43.84
N SER B 124 24.85 -5.55 -43.46
CA SER B 124 24.92 -6.81 -44.18
C SER B 124 23.96 -6.74 -45.37
N GLU B 125 24.00 -7.76 -46.22
CA GLU B 125 23.09 -7.76 -47.37
C GLU B 125 21.64 -7.77 -46.92
N ASP B 126 21.29 -8.70 -46.03
CA ASP B 126 19.89 -8.80 -45.60
C ASP B 126 19.40 -7.51 -44.99
N HIS B 127 20.26 -6.83 -44.22
CA HIS B 127 19.86 -5.55 -43.63
C HIS B 127 19.55 -4.54 -44.72
N ILE B 128 20.38 -4.48 -45.77
CA ILE B 128 20.12 -3.56 -46.86
C ILE B 128 18.79 -3.88 -47.52
N LYS B 129 18.50 -5.17 -47.69
CA LYS B 129 17.23 -5.60 -48.26
C LYS B 129 16.06 -5.03 -47.45
N SER B 130 16.13 -5.12 -46.13
CA SER B 130 15.03 -4.64 -45.30
C SER B 130 14.94 -3.13 -45.31
N PHE B 131 16.08 -2.44 -45.38
CA PHE B 131 16.08 -0.99 -45.50
C PHE B 131 15.45 -0.56 -46.82
N MET B 132 15.88 -1.16 -47.92
CA MET B 132 15.37 -0.78 -49.23
C MET B 132 13.92 -1.17 -49.41
N LYS B 133 13.54 -2.38 -48.96
CA LYS B 133 12.15 -2.81 -49.14
C LYS B 133 11.18 -1.84 -48.46
N GLN B 134 11.52 -1.38 -47.25
CA GLN B 134 10.64 -0.43 -46.58
C GLN B 134 10.61 0.90 -47.34
N LEU B 135 11.79 1.41 -47.71
CA LEU B 135 11.84 2.68 -48.41
C LEU B 135 11.04 2.63 -49.70
N MET B 136 11.20 1.56 -50.48
CA MET B 136 10.46 1.48 -51.73
C MET B 136 8.97 1.33 -51.48
N GLU B 137 8.57 0.54 -50.48
CA GLU B 137 7.16 0.43 -50.15
C GLU B 137 6.58 1.78 -49.76
N GLY B 138 7.31 2.55 -48.97
CA GLY B 138 6.86 3.89 -48.67
C GLY B 138 6.75 4.75 -49.91
N LEU B 139 7.80 4.72 -50.75
CA LEU B 139 7.79 5.54 -51.95
C LEU B 139 6.64 5.13 -52.87
N GLU B 140 6.45 3.82 -53.03
CA GLU B 140 5.35 3.34 -53.87
C GLU B 140 4.01 3.86 -53.35
N TYR B 141 3.78 3.76 -52.05
CA TYR B 141 2.54 4.29 -51.49
C TYR B 141 2.37 5.75 -51.89
N CYS B 142 3.43 6.54 -51.68
CA CYS B 142 3.36 7.96 -52.01
C CYS B 142 3.17 8.17 -53.50
N HIS B 143 3.93 7.45 -54.32
CA HIS B 143 3.79 7.61 -55.76
C HIS B 143 2.42 7.17 -56.24
N LYS B 144 1.86 6.11 -55.66
CA LYS B 144 0.51 5.69 -56.03
C LYS B 144 -0.51 6.77 -55.68
N LYS B 145 -0.30 7.48 -54.57
CA LYS B 145 -1.17 8.59 -54.23
C LYS B 145 -0.84 9.85 -55.04
N ASN B 146 0.11 9.72 -55.99
CA ASN B 146 0.49 10.77 -56.93
C ASN B 146 1.14 11.97 -56.24
N PHE B 147 1.99 11.70 -55.26
CA PHE B 147 2.79 12.71 -54.58
C PHE B 147 4.27 12.42 -54.84
N LEU B 148 5.07 13.47 -54.94
CA LEU B 148 6.49 13.35 -55.24
C LEU B 148 7.28 14.00 -54.10
N HIS B 149 8.18 13.23 -53.50
CA HIS B 149 8.95 13.72 -52.35
C HIS B 149 9.84 14.90 -52.76
N ARG B 150 10.58 14.76 -53.85
CA ARG B 150 11.36 15.82 -54.47
C ARG B 150 12.58 16.26 -53.66
N ASP B 151 12.89 15.58 -52.57
CA ASP B 151 14.09 15.89 -51.81
C ASP B 151 14.62 14.67 -51.06
N ILE B 152 14.79 13.56 -51.77
CA ILE B 152 15.31 12.36 -51.14
C ILE B 152 16.77 12.57 -50.76
N LYS B 153 17.09 12.30 -49.49
CA LYS B 153 18.46 12.48 -49.00
C LYS B 153 18.71 11.49 -47.87
N CYS B 154 19.98 11.25 -47.59
CA CYS B 154 20.33 10.28 -46.53
C CYS B 154 19.95 10.81 -45.15
N SER B 155 19.91 12.12 -45.00
CA SER B 155 19.51 12.75 -43.75
C SER B 155 18.01 12.75 -43.58
N ASN B 156 17.27 12.38 -44.63
CA ASN B 156 15.82 12.34 -44.61
C ASN B 156 15.28 10.92 -44.48
N ILE B 157 16.13 9.93 -44.27
CA ILE B 157 15.69 8.56 -44.08
C ILE B 157 15.94 8.23 -42.61
N LEU B 158 14.91 8.41 -41.78
CA LEU B 158 15.02 8.16 -40.35
C LEU B 158 14.95 6.66 -40.05
N LEU B 159 15.58 6.26 -38.96
CA LEU B 159 15.73 4.85 -38.62
C LEU B 159 15.54 4.66 -37.13
N ASN B 160 14.66 3.73 -36.76
CA ASN B 160 14.55 3.31 -35.37
C ASN B 160 15.48 2.13 -35.15
N ASN B 161 15.85 1.88 -33.90
CA ASN B 161 16.83 0.82 -33.66
C ASN B 161 16.24 -0.52 -34.08
N SER B 162 14.91 -0.65 -34.03
CA SER B 162 14.24 -1.87 -34.45
C SER B 162 14.54 -2.22 -35.89
N GLY B 163 14.95 -1.25 -36.69
CA GLY B 163 15.15 -1.45 -38.11
C GLY B 163 14.05 -0.87 -38.96
N GLN B 164 13.09 -0.19 -38.35
CA GLN B 164 12.03 0.47 -39.09
C GLN B 164 12.57 1.76 -39.70
N ILE B 165 12.27 1.95 -40.97
CA ILE B 165 12.70 3.10 -41.74
C ILE B 165 11.45 3.92 -42.04
N LYS B 166 11.60 5.25 -41.97
CA LYS B 166 10.50 6.15 -42.26
C LYS B 166 11.05 7.31 -43.09
N LEU B 167 10.31 7.67 -44.14
CA LEU B 167 10.65 8.84 -44.95
C LEU B 167 10.20 10.08 -44.18
N ALA B 168 10.86 11.22 -44.43
CA ALA B 168 10.74 12.28 -43.44
C ALA B 168 10.45 13.72 -43.84
N ASP B 169 11.18 14.29 -44.79
CA ASP B 169 11.08 15.71 -45.09
C ASP B 169 10.21 15.92 -46.33
N PHE B 170 8.92 16.15 -46.10
CA PHE B 170 7.95 16.43 -47.17
C PHE B 170 7.78 17.91 -47.46
N GLY B 171 8.79 18.73 -47.15
CA GLY B 171 8.67 20.17 -47.37
C GLY B 171 8.60 20.56 -48.85
N LEU B 172 9.32 19.84 -49.71
CA LEU B 172 9.34 20.15 -51.14
C LEU B 172 8.44 19.25 -51.96
N ALA B 173 7.50 18.57 -51.33
CA ALA B 173 6.67 17.60 -52.04
C ALA B 173 5.47 18.29 -52.71
N ARG B 174 5.07 17.73 -53.86
CA ARG B 174 3.95 18.23 -54.65
C ARG B 174 3.36 17.10 -55.48
N LEU B 175 2.11 17.33 -55.90
CA LEU B 175 1.35 16.34 -56.66
C LEU B 175 1.83 16.26 -58.11
N TYR B 176 1.79 15.04 -58.66
CA TYR B 176 2.23 14.78 -60.03
C TYR B 176 1.00 14.47 -60.88
N ASN B 177 0.86 15.16 -62.02
CA ASN B 177 -0.23 14.88 -62.95
C ASN B 177 0.36 14.35 -64.24
N SER B 178 0.01 13.10 -64.56
CA SER B 178 0.46 12.47 -65.80
C SER B 178 -0.18 13.11 -67.01
N GLU B 179 -1.49 13.39 -66.95
CA GLU B 179 -2.18 13.95 -68.10
C GLU B 179 -1.73 15.39 -68.41
N GLU B 180 -1.64 16.24 -67.39
CA GLU B 180 -1.29 17.64 -67.57
C GLU B 180 0.13 17.86 -67.08
N SER B 181 1.07 18.10 -68.00
CA SER B 181 2.46 18.37 -67.63
C SER B 181 2.63 19.83 -67.20
N ARG B 182 2.08 20.14 -66.03
CA ARG B 182 2.19 21.50 -65.52
C ARG B 182 3.64 21.80 -65.13
N PRO B 183 4.13 23.02 -65.34
CA PRO B 183 5.52 23.32 -64.99
C PRO B 183 5.67 23.47 -63.48
N TYR B 184 6.58 22.70 -62.90
CA TYR B 184 6.83 22.74 -61.45
C TYR B 184 8.09 23.61 -61.24
N ASN B 186 12.30 23.72 -60.03
CA ASN B 186 13.40 23.01 -60.70
C ASN B 186 14.55 22.72 -59.73
N LYS B 187 15.42 21.81 -60.12
CA LYS B 187 16.55 21.37 -59.31
C LYS B 187 16.14 21.23 -57.85
N VAL B 188 15.35 20.22 -57.59
CA VAL B 188 14.76 20.12 -56.25
C VAL B 188 15.64 19.28 -55.34
N ILE B 189 16.23 18.18 -55.80
CA ILE B 189 17.00 17.29 -54.93
C ILE B 189 18.43 17.79 -54.77
N THR B 190 19.04 17.51 -53.61
CA THR B 190 20.40 17.95 -53.36
C THR B 190 21.35 17.36 -54.40
N LEU B 191 22.35 18.14 -54.78
CA LEU B 191 23.16 17.82 -55.94
C LEU B 191 23.64 16.38 -55.91
N TRP B 192 24.06 15.88 -54.75
CA TRP B 192 24.62 14.53 -54.71
C TRP B 192 23.59 13.49 -55.10
N TYR B 193 22.32 13.72 -54.76
CA TYR B 193 21.25 12.77 -55.03
C TYR B 193 20.31 13.25 -56.13
N ARG B 194 20.74 14.25 -56.92
CA ARG B 194 19.86 14.85 -57.92
C ARG B 194 19.84 14.02 -59.21
N PRO B 195 18.67 13.89 -59.84
CA PRO B 195 18.59 13.09 -61.07
C PRO B 195 19.22 13.83 -62.24
N PRO B 196 19.60 13.09 -63.28
CA PRO B 196 20.24 13.74 -64.44
C PRO B 196 19.33 14.70 -65.18
N GLU B 197 18.04 14.39 -65.27
CA GLU B 197 17.10 15.25 -66.00
C GLU B 197 17.02 16.64 -65.38
N LEU B 198 16.89 16.71 -64.04
CA LEU B 198 16.82 17.99 -63.35
C LEU B 198 18.13 18.76 -63.45
N LEU B 199 19.26 18.06 -63.53
CA LEU B 199 20.51 18.73 -63.82
C LEU B 199 20.43 19.43 -65.17
N LEU B 200 19.75 18.81 -66.13
CA LEU B 200 19.50 19.44 -67.41
C LEU B 200 18.18 20.21 -67.44
N GLY B 201 17.46 20.29 -66.30
CA GLY B 201 16.41 21.29 -66.19
C GLY B 201 15.06 20.99 -66.80
N GLU B 202 14.49 19.79 -66.65
CA GLU B 202 13.24 19.52 -67.37
C GLU B 202 12.08 20.40 -66.90
N GLU B 203 11.93 20.59 -65.59
CA GLU B 203 10.82 21.34 -65.00
C GLU B 203 9.48 20.63 -65.18
N ARG B 204 9.41 19.65 -66.07
CA ARG B 204 8.26 18.74 -66.14
C ARG B 204 8.80 17.38 -65.72
N TYR B 205 8.87 17.12 -64.42
CA TYR B 205 9.58 15.94 -63.98
C TYR B 205 8.58 14.83 -63.63
N THR B 206 9.07 13.62 -63.71
CA THR B 206 8.34 12.41 -63.46
C THR B 206 8.60 11.95 -62.04
N PRO B 207 7.78 11.05 -61.50
CA PRO B 207 8.11 10.48 -60.18
C PRO B 207 9.44 9.76 -60.16
N ALA B 208 10.01 9.46 -61.33
CA ALA B 208 11.28 8.76 -61.41
C ALA B 208 12.43 9.57 -60.83
N ILE B 209 12.23 10.87 -60.54
CA ILE B 209 13.30 11.64 -59.91
C ILE B 209 13.63 11.06 -58.53
N ASP B 210 12.60 10.69 -57.77
CA ASP B 210 12.84 10.11 -56.46
C ASP B 210 13.55 8.77 -56.58
N VAL B 211 13.27 8.02 -57.64
CA VAL B 211 13.91 6.71 -57.83
C VAL B 211 15.42 6.86 -57.98
N TRP B 212 15.86 7.82 -58.80
CA TRP B 212 17.30 8.02 -58.98
C TRP B 212 17.99 8.17 -57.63
N SER B 213 17.43 9.02 -56.76
CA SER B 213 18.01 9.24 -55.45
C SER B 213 18.12 7.94 -54.66
N CYS B 214 17.04 7.16 -54.63
CA CYS B 214 17.05 5.92 -53.85
C CYS B 214 18.12 4.96 -54.36
N GLY B 215 18.33 4.94 -55.68
CA GLY B 215 19.42 4.15 -56.22
C GLY B 215 20.77 4.64 -55.74
N CYS B 216 20.96 5.96 -55.73
CA CYS B 216 22.17 6.53 -55.17
C CYS B 216 22.35 6.07 -53.74
N ILE B 217 21.27 5.98 -52.97
CA ILE B 217 21.35 5.47 -51.60
C ILE B 217 21.71 3.99 -51.62
N LEU B 218 21.09 3.22 -52.50
CA LEU B 218 21.42 1.80 -52.59
C LEU B 218 22.91 1.59 -52.74
N GLY B 219 23.52 2.30 -53.70
CA GLY B 219 24.95 2.18 -53.87
C GLY B 219 25.73 2.64 -52.65
N GLU B 220 25.33 3.76 -52.06
CA GLU B 220 26.01 4.29 -50.89
C GLU B 220 25.96 3.34 -49.69
N LEU B 221 24.90 2.54 -49.59
CA LEU B 221 24.84 1.56 -48.52
C LEU B 221 25.90 0.47 -48.68
N PHE B 222 26.23 0.14 -49.93
CA PHE B 222 27.25 -0.86 -50.19
C PHE B 222 28.67 -0.29 -50.11
N THR B 223 28.85 0.96 -50.53
CA THR B 223 30.19 1.54 -50.53
C THR B 223 30.47 2.28 -49.23
N LYS B 224 29.45 2.64 -48.48
CA LYS B 224 29.55 3.43 -47.26
C LYS B 224 30.03 4.85 -47.56
N LYS B 225 30.02 5.25 -48.82
CA LYS B 225 30.49 6.56 -49.30
C LYS B 225 29.53 6.97 -50.40
N PRO B 226 29.01 8.20 -50.39
CA PRO B 226 28.09 8.61 -51.45
C PRO B 226 28.73 8.42 -52.83
N ILE B 227 27.89 8.10 -53.81
CA ILE B 227 28.41 7.70 -55.12
C ILE B 227 28.80 8.90 -55.96
N PHE B 228 27.97 9.93 -56.00
CA PHE B 228 28.20 11.08 -56.86
C PHE B 228 28.29 12.35 -56.03
N GLN B 229 29.49 12.67 -55.57
CA GLN B 229 29.72 13.84 -54.74
C GLN B 229 30.41 14.92 -55.57
N ALA B 230 29.69 16.02 -55.82
CA ALA B 230 30.24 17.14 -56.53
C ALA B 230 29.59 18.41 -56.01
N ASN B 231 30.23 19.54 -56.28
CA ASN B 231 29.75 20.83 -55.78
C ASN B 231 29.07 21.64 -56.88
N LEU B 232 29.26 21.28 -58.14
CA LEU B 232 28.73 22.04 -59.27
C LEU B 232 27.91 21.13 -60.18
N GLU B 233 26.88 21.71 -60.79
CA GLU B 233 25.92 20.89 -61.53
C GLU B 233 26.58 20.17 -62.70
N LEU B 234 27.47 20.86 -63.40
CA LEU B 234 28.16 20.22 -64.51
C LEU B 234 29.08 19.10 -64.00
N ALA B 235 29.76 19.36 -62.89
CA ALA B 235 30.63 18.35 -62.30
C ALA B 235 29.86 17.09 -61.94
N GLN B 236 28.64 17.26 -61.42
CA GLN B 236 27.82 16.10 -61.10
C GLN B 236 27.51 15.31 -62.36
N LEU B 237 27.15 16.02 -63.43
CA LEU B 237 26.84 15.36 -64.69
C LEU B 237 28.02 14.54 -65.19
N GLU B 238 29.25 15.05 -64.98
CA GLU B 238 30.43 14.30 -65.39
C GLU B 238 30.58 13.01 -64.61
N LEU B 239 30.46 13.10 -63.28
CA LEU B 239 30.63 11.91 -62.45
C LEU B 239 29.55 10.88 -62.78
N ILE B 240 28.30 11.33 -62.85
CA ILE B 240 27.22 10.46 -63.28
C ILE B 240 27.52 9.91 -64.67
N SER B 241 28.01 10.77 -65.56
CA SER B 241 28.27 10.33 -66.92
C SER B 241 29.35 9.26 -66.96
N ARG B 242 30.36 9.37 -66.09
CA ARG B 242 31.43 8.38 -66.10
C ARG B 242 30.91 6.99 -65.75
N LEU B 243 30.03 6.89 -64.78
CA LEU B 243 29.55 5.61 -64.30
C LEU B 243 28.36 5.14 -65.12
N CYS B 244 27.37 6.00 -65.30
CA CYS B 244 26.13 5.64 -65.95
C CYS B 244 26.17 5.84 -67.46
N GLY B 245 27.23 6.45 -67.97
CA GLY B 245 27.31 6.76 -69.38
C GLY B 245 26.92 8.19 -69.68
N SER B 246 27.51 8.75 -70.74
CA SER B 246 27.21 10.13 -71.08
C SER B 246 25.80 10.21 -71.65
N PRO B 247 25.04 11.25 -71.30
CA PRO B 247 23.74 11.45 -71.96
C PRO B 247 23.93 11.54 -73.46
N CYS B 248 23.18 10.73 -74.20
CA CYS B 248 23.30 10.69 -75.65
C CYS B 248 21.94 10.30 -76.20
N PRO B 249 21.67 10.64 -77.45
CA PRO B 249 20.32 10.37 -77.99
C PRO B 249 19.94 8.90 -78.02
N ALA B 250 20.89 7.99 -78.21
CA ALA B 250 20.57 6.57 -78.28
C ALA B 250 20.01 6.04 -76.96
N VAL B 251 20.60 6.46 -75.84
CA VAL B 251 20.12 5.98 -74.56
C VAL B 251 18.96 6.83 -74.05
N TRP B 252 18.84 8.07 -74.54
CA TRP B 252 17.87 9.02 -74.01
C TRP B 252 17.29 9.77 -75.20
N PRO B 253 16.35 9.15 -75.93
CA PRO B 253 15.92 9.73 -77.21
C PRO B 253 15.52 11.19 -77.11
N ASP B 254 14.93 11.59 -75.99
CA ASP B 254 14.41 12.93 -75.81
C ASP B 254 15.40 13.86 -75.11
N VAL B 255 16.66 13.44 -74.94
CA VAL B 255 17.65 14.28 -74.28
C VAL B 255 17.83 15.59 -75.03
N ILE B 256 17.61 15.60 -76.35
CA ILE B 256 17.78 16.80 -77.15
C ILE B 256 16.75 17.86 -76.78
N ARG B 257 15.58 17.46 -76.28
CA ARG B 257 14.59 18.45 -75.89
C ARG B 257 14.92 19.13 -74.57
N LEU B 258 15.83 18.57 -73.79
CA LEU B 258 16.11 19.15 -72.48
C LEU B 258 16.91 20.43 -72.67
N PRO B 259 16.60 21.47 -71.88
CA PRO B 259 17.20 22.79 -72.16
C PRO B 259 18.72 22.81 -72.30
N TYR B 260 19.45 22.20 -71.36
CA TYR B 260 20.88 22.41 -71.27
C TYR B 260 21.69 21.27 -71.91
N PHE B 261 21.07 20.42 -72.73
CA PHE B 261 21.79 19.27 -73.28
C PHE B 261 22.98 19.72 -74.13
N ASN B 262 22.79 20.70 -75.00
CA ASN B 262 23.90 21.25 -75.76
C ASN B 262 24.81 22.07 -74.85
N THR B 263 24.21 22.81 -73.91
CA THR B 263 24.97 23.67 -73.01
C THR B 263 25.87 22.85 -72.10
N MET B 264 25.30 21.89 -71.39
CA MET B 264 26.01 21.07 -70.42
C MET B 264 26.44 19.78 -71.12
N LYS B 265 27.75 19.59 -71.27
CA LYS B 265 28.26 18.39 -71.90
C LYS B 265 29.35 17.76 -71.06
N PRO B 266 29.40 16.44 -70.96
CA PRO B 266 30.54 15.80 -70.30
C PRO B 266 31.79 15.90 -71.17
N LYS B 267 32.94 15.75 -70.53
CA LYS B 267 34.20 15.84 -71.25
C LYS B 267 34.22 14.93 -72.48
N LYS B 268 33.73 13.71 -72.33
CA LYS B 268 33.74 12.69 -73.36
C LYS B 268 32.34 12.11 -73.43
N GLN B 269 32.07 11.25 -74.41
CA GLN B 269 30.85 10.46 -74.39
C GLN B 269 31.20 9.15 -73.71
N TYR B 270 31.18 9.17 -72.37
CA TYR B 270 31.64 8.02 -71.60
C TYR B 270 30.69 6.85 -71.82
N ARG B 271 31.26 5.64 -71.81
CA ARG B 271 30.46 4.43 -71.83
C ARG B 271 29.98 4.07 -70.43
N ARG B 272 28.90 3.30 -70.36
CA ARG B 272 28.39 2.88 -69.07
C ARG B 272 29.31 1.82 -68.48
N ARG B 273 29.70 2.01 -67.22
CA ARG B 273 30.61 1.13 -66.49
C ARG B 273 30.03 0.62 -65.19
N LEU B 274 28.72 0.82 -64.96
CA LEU B 274 28.14 0.60 -63.65
C LEU B 274 28.42 -0.82 -63.16
N ARG B 275 28.16 -1.82 -64.01
CA ARG B 275 28.36 -3.20 -63.60
C ARG B 275 29.81 -3.48 -63.25
N GLU B 276 30.74 -2.86 -63.99
CA GLU B 276 32.15 -3.07 -63.70
C GLU B 276 32.55 -2.42 -62.38
N GLU B 277 32.23 -1.13 -62.22
CA GLU B 277 32.68 -0.43 -61.01
C GLU B 277 31.97 -0.97 -59.77
N PHE B 278 30.75 -1.51 -59.91
CA PHE B 278 30.05 -2.14 -58.79
C PHE B 278 30.08 -3.66 -58.87
N SER B 279 31.18 -4.24 -59.36
CA SER B 279 31.26 -5.69 -59.48
C SER B 279 31.16 -6.38 -58.12
N PHE B 280 31.59 -5.70 -57.04
CA PHE B 280 31.52 -6.30 -55.72
C PHE B 280 30.09 -6.40 -55.19
N ILE B 281 29.15 -5.65 -55.77
CA ILE B 281 27.76 -5.71 -55.31
C ILE B 281 27.14 -7.01 -55.78
N PRO B 282 26.34 -7.68 -54.94
CA PRO B 282 25.68 -8.93 -55.37
C PRO B 282 24.89 -8.75 -56.67
N SER B 283 24.79 -9.85 -57.42
CA SER B 283 24.16 -9.78 -58.74
C SER B 283 22.71 -9.31 -58.64
N ALA B 284 21.96 -9.84 -57.68
CA ALA B 284 20.56 -9.42 -57.55
C ALA B 284 20.44 -7.92 -57.36
N ALA B 285 21.34 -7.34 -56.55
CA ALA B 285 21.28 -5.92 -56.27
C ALA B 285 21.83 -5.09 -57.44
N LEU B 286 22.92 -5.55 -58.06
CA LEU B 286 23.53 -4.79 -59.15
C LEU B 286 22.51 -4.52 -60.26
N ASP B 287 21.65 -5.49 -60.57
CA ASP B 287 20.60 -5.25 -61.54
C ASP B 287 19.65 -4.14 -61.09
N LEU B 288 19.31 -4.13 -59.81
CA LEU B 288 18.43 -3.08 -59.31
C LEU B 288 19.08 -1.71 -59.48
N LEU B 289 20.38 -1.61 -59.19
CA LEU B 289 21.10 -0.35 -59.37
C LEU B 289 21.10 0.08 -60.84
N ASP B 290 21.40 -0.85 -61.75
CA ASP B 290 21.42 -0.50 -63.17
C ASP B 290 20.07 0.06 -63.63
N HIS B 291 18.98 -0.50 -63.13
CA HIS B 291 17.66 -0.03 -63.52
C HIS B 291 17.31 1.28 -62.83
N MET B 292 17.68 1.41 -61.55
CA MET B 292 17.36 2.63 -60.81
C MET B 292 18.21 3.80 -61.31
N LEU B 293 19.47 3.54 -61.67
CA LEU B 293 20.34 4.60 -62.20
C LEU B 293 20.39 4.55 -63.72
N THR B 294 19.21 4.66 -64.33
CA THR B 294 19.07 4.74 -65.78
C THR B 294 18.86 6.19 -66.20
N LEU B 295 19.60 6.62 -67.21
CA LEU B 295 19.61 8.04 -67.55
C LEU B 295 18.23 8.51 -68.00
N ASP B 296 17.58 7.75 -68.86
CA ASP B 296 16.29 8.16 -69.41
C ASP B 296 15.18 7.94 -68.39
N PRO B 297 14.49 8.99 -67.93
CA PRO B 297 13.45 8.78 -66.91
C PRO B 297 12.35 7.86 -67.38
N SER B 298 12.14 7.76 -68.70
CA SER B 298 11.10 6.89 -69.22
C SER B 298 11.50 5.42 -69.18
N LYS B 299 12.81 5.15 -69.21
CA LYS B 299 13.34 3.80 -69.15
C LYS B 299 13.75 3.41 -67.74
N ARG B 300 13.75 4.37 -66.82
CA ARG B 300 14.08 4.12 -65.42
C ARG B 300 12.95 3.36 -64.75
N CYS B 301 13.32 2.37 -63.92
CA CYS B 301 12.35 1.51 -63.27
C CYS B 301 11.45 2.30 -62.31
N THR B 302 10.30 1.71 -62.01
CA THR B 302 9.35 2.32 -61.07
C THR B 302 9.58 1.78 -59.66
N ALA B 303 8.89 2.38 -58.69
CA ALA B 303 8.96 1.87 -57.33
C ALA B 303 8.36 0.46 -57.25
N GLU B 304 7.20 0.25 -57.86
CA GLU B 304 6.61 -1.09 -57.86
C GLU B 304 7.55 -2.10 -58.48
N GLN B 305 8.23 -1.72 -59.58
CA GLN B 305 9.14 -2.66 -60.23
C GLN B 305 10.29 -3.01 -59.31
N THR B 306 10.77 -2.05 -58.52
CA THR B 306 11.82 -2.35 -57.55
C THR B 306 11.33 -3.32 -56.46
N LEU B 307 10.06 -3.20 -56.06
CA LEU B 307 9.49 -4.10 -55.06
C LEU B 307 9.18 -5.51 -55.57
N GLN B 308 9.01 -5.68 -56.87
CA GLN B 308 8.83 -7.02 -57.44
C GLN B 308 10.16 -7.59 -57.91
N SER B 309 11.12 -7.51 -57.00
CA SER B 309 12.49 -7.81 -57.32
C SER B 309 13.09 -9.05 -56.65
N ASP B 310 13.95 -9.77 -57.39
CA ASP B 310 14.73 -10.86 -56.84
C ASP B 310 15.46 -10.38 -55.62
N PHE B 311 15.92 -9.14 -55.64
CA PHE B 311 16.60 -8.60 -54.48
C PHE B 311 15.59 -8.32 -53.37
N LEU B 312 14.44 -7.72 -53.71
CA LEU B 312 13.49 -7.28 -52.69
C LEU B 312 12.17 -8.04 -52.64
N LYS B 313 11.77 -8.76 -53.69
CA LYS B 313 10.44 -9.37 -53.69
C LYS B 313 10.27 -10.38 -52.55
N ASP B 314 11.27 -11.22 -52.33
CA ASP B 314 11.16 -12.31 -51.37
C ASP B 314 11.66 -11.91 -50.00
N VAL B 315 12.02 -10.63 -49.81
CA VAL B 315 12.33 -10.12 -48.48
C VAL B 315 11.04 -10.09 -47.67
N GLU B 316 11.09 -10.60 -46.44
CA GLU B 316 9.91 -10.66 -45.59
C GLU B 316 10.00 -9.55 -44.55
N LEU B 317 9.01 -8.65 -44.54
CA LEU B 317 9.07 -7.54 -43.61
C LEU B 317 8.90 -7.99 -42.16
N SER B 318 8.48 -9.23 -41.92
CA SER B 318 8.38 -9.70 -40.55
C SER B 318 9.78 -9.85 -39.93
N LYS B 319 10.71 -10.43 -40.68
CA LYS B 319 12.10 -10.57 -40.24
C LYS B 319 12.86 -9.25 -40.44
N MET B 320 12.55 -8.29 -39.56
CA MET B 320 13.15 -6.97 -39.69
C MET B 320 14.68 -7.05 -39.61
N ALA B 321 15.21 -7.80 -38.66
CA ALA B 321 16.65 -7.94 -38.46
C ALA B 321 17.26 -6.55 -38.32
N PRO B 322 17.48 -6.08 -37.10
CA PRO B 322 18.02 -4.74 -36.91
C PRO B 322 19.45 -4.61 -37.43
N PRO B 323 19.84 -3.44 -37.93
CA PRO B 323 21.23 -3.25 -38.38
C PRO B 323 22.18 -3.25 -37.19
N ASP B 324 23.47 -3.33 -37.49
CA ASP B 324 24.48 -3.50 -36.45
C ASP B 324 24.74 -2.08 -35.91
N LEU B 325 23.87 -1.65 -35.01
CA LEU B 325 24.01 -0.31 -34.46
C LEU B 325 25.06 -0.29 -33.35
N PRO B 326 25.59 0.90 -33.05
CA PRO B 326 26.72 0.98 -32.11
C PRO B 326 26.42 0.36 -30.76
N HIS B 327 27.42 -0.33 -30.21
CA HIS B 327 27.34 -0.85 -28.86
C HIS B 327 28.48 -0.29 -28.01
N TRP B 328 28.54 -0.69 -26.74
CA TRP B 328 29.57 -0.18 -25.85
C TRP B 328 30.93 -0.72 -26.28
N GLN B 329 30.98 -1.99 -26.69
CA GLN B 329 32.20 -2.55 -27.24
C GLN B 329 32.57 -1.85 -28.54
N ASP B 330 31.57 -1.36 -29.27
CA ASP B 330 31.83 -0.68 -30.52
C ASP B 330 32.45 0.68 -30.25
N CYS B 331 32.11 1.29 -29.11
CA CYS B 331 32.75 2.53 -28.72
C CYS B 331 34.19 2.27 -28.29
N HIS B 332 34.46 1.09 -27.73
CA HIS B 332 35.77 0.74 -27.23
C HIS B 332 36.82 0.77 -28.33
N THR C 24 -9.01 11.22 -35.33
CA THR C 24 -8.25 11.24 -36.58
C THR C 24 -8.56 12.48 -37.42
N LYS C 25 -9.77 12.57 -37.98
CA LYS C 25 -10.18 13.68 -38.82
C LYS C 25 -11.49 14.31 -38.38
N PRO C 26 -11.66 15.62 -38.61
CA PRO C 26 -12.83 16.33 -38.07
C PRO C 26 -14.08 16.15 -38.93
N CYS C 27 -15.22 16.47 -38.32
CA CYS C 27 -16.50 16.45 -39.02
C CYS C 27 -16.81 17.85 -39.53
N TRP C 28 -16.92 18.00 -40.85
CA TRP C 28 -17.16 19.31 -41.44
C TRP C 28 -18.55 19.45 -42.03
N TYR C 29 -19.52 18.67 -41.56
CA TYR C 29 -20.87 18.71 -42.11
C TYR C 29 -21.87 18.82 -40.97
N TRP C 30 -22.84 19.71 -41.16
CA TRP C 30 -23.89 20.03 -40.21
C TRP C 30 -25.26 19.73 -40.84
N ASP C 31 -26.30 19.71 -40.00
CA ASP C 31 -27.68 19.62 -40.45
C ASP C 31 -28.25 21.02 -40.67
N LYS C 32 -29.15 21.14 -41.65
CA LYS C 32 -29.79 22.42 -41.94
C LYS C 32 -30.33 23.07 -40.67
N LYS C 33 -30.99 22.27 -39.83
CA LYS C 33 -31.55 22.79 -38.59
C LYS C 33 -30.50 23.41 -37.71
N ASP C 34 -29.25 22.96 -37.82
CA ASP C 34 -28.20 23.49 -36.96
C ASP C 34 -27.81 24.92 -37.32
N LEU C 35 -28.04 25.34 -38.56
CA LEU C 35 -27.65 26.68 -38.97
C LEU C 35 -28.47 27.76 -38.29
N ALA C 36 -29.52 27.38 -37.56
CA ALA C 36 -30.26 28.31 -36.73
C ALA C 36 -29.47 28.72 -35.50
N HIS C 37 -28.30 28.13 -35.27
CA HIS C 37 -27.54 28.32 -34.04
C HIS C 37 -26.07 28.62 -34.32
N THR C 38 -25.77 29.33 -35.41
CA THR C 38 -24.41 29.81 -35.63
C THR C 38 -24.16 30.99 -34.69
N PRO C 39 -22.88 31.27 -34.37
CA PRO C 39 -22.59 32.49 -33.58
C PRO C 39 -23.27 33.74 -34.12
N SER C 40 -23.31 33.88 -35.45
CA SER C 40 -23.92 35.05 -36.05
C SER C 40 -25.41 35.13 -35.71
N GLN C 41 -26.12 34.01 -35.83
CA GLN C 41 -27.54 33.99 -35.51
C GLN C 41 -27.78 34.40 -34.06
N LEU C 42 -26.99 33.85 -33.13
CA LEU C 42 -27.23 34.05 -31.71
C LEU C 42 -26.85 35.45 -31.25
N GLU C 43 -26.08 36.19 -32.05
CA GLU C 43 -25.79 37.58 -31.77
C GLU C 43 -26.82 38.51 -32.39
N GLY C 44 -27.98 37.97 -32.79
CA GLY C 44 -29.10 38.76 -33.25
C GLY C 44 -29.22 38.94 -34.75
N LEU C 45 -28.30 38.39 -35.52
CA LEU C 45 -28.38 38.41 -36.98
C LEU C 45 -29.48 37.46 -37.42
N ASP C 46 -30.36 37.92 -38.33
CA ASP C 46 -31.45 37.05 -38.74
C ASP C 46 -31.02 36.13 -39.88
N PRO C 47 -31.78 35.07 -40.14
CA PRO C 47 -31.31 34.08 -41.14
C PRO C 47 -31.04 34.68 -42.50
N ALA C 48 -31.89 35.59 -42.98
CA ALA C 48 -31.69 36.17 -44.30
C ALA C 48 -30.37 36.93 -44.39
N THR C 49 -30.04 37.69 -43.36
CA THR C 49 -28.81 38.49 -43.39
C THR C 49 -27.57 37.60 -43.42
N GLU C 50 -27.53 36.56 -42.57
CA GLU C 50 -26.35 35.70 -42.59
C GLU C 50 -26.18 35.03 -43.95
N ALA C 51 -27.28 34.68 -44.63
CA ALA C 51 -27.15 34.09 -45.95
C ALA C 51 -26.78 35.13 -47.01
N ARG C 52 -27.28 36.37 -46.86
CA ARG C 52 -26.79 37.43 -47.72
C ARG C 52 -25.31 37.67 -47.49
N TYR C 53 -24.90 37.72 -46.22
CA TYR C 53 -23.48 37.94 -45.93
C TYR C 53 -22.61 36.82 -46.49
N ARG C 54 -23.13 35.58 -46.52
CA ARG C 54 -22.33 34.46 -47.04
C ARG C 54 -22.17 34.57 -48.55
N ARG C 55 -23.25 34.91 -49.26
CA ARG C 55 -23.14 35.05 -50.71
C ARG C 55 -22.15 36.15 -51.06
N GLU C 56 -22.22 37.28 -50.36
CA GLU C 56 -21.31 38.40 -50.64
C GLU C 56 -19.86 37.99 -50.41
N GLY C 57 -19.58 37.37 -49.27
CA GLY C 57 -18.22 36.95 -48.98
C GLY C 57 -17.71 35.92 -49.97
N ALA C 58 -18.54 34.92 -50.30
CA ALA C 58 -18.12 33.92 -51.26
C ALA C 58 -17.92 34.53 -52.65
N ARG C 59 -18.85 35.38 -53.09
CA ARG C 59 -18.70 36.03 -54.39
C ARG C 59 -17.50 36.96 -54.41
N PHE C 60 -17.27 37.68 -53.31
CA PHE C 60 -16.04 38.46 -53.15
C PHE C 60 -14.82 37.58 -53.40
N ILE C 61 -14.73 36.45 -52.68
CA ILE C 61 -13.60 35.53 -52.87
C ILE C 61 -13.52 35.10 -54.33
N PHE C 62 -14.66 34.73 -54.91
CA PHE C 62 -14.70 34.28 -56.29
C PHE C 62 -14.24 35.37 -57.24
N ASP C 63 -14.72 36.59 -57.04
CA ASP C 63 -14.41 37.68 -57.95
C ASP C 63 -12.97 38.12 -57.82
N VAL C 64 -12.47 38.21 -56.59
CA VAL C 64 -11.07 38.60 -56.38
C VAL C 64 -10.13 37.61 -57.06
N GLY C 65 -10.33 36.32 -56.78
CA GLY C 65 -9.44 35.30 -57.32
C GLY C 65 -9.55 35.18 -58.83
N THR C 66 -10.75 35.33 -59.37
CA THR C 66 -10.90 35.28 -60.82
C THR C 66 -10.11 36.42 -61.47
N ARG C 67 -10.14 37.61 -60.86
CA ARG C 67 -9.34 38.71 -61.39
C ARG C 67 -7.86 38.39 -61.33
N LEU C 68 -7.43 37.63 -60.31
CA LEU C 68 -6.03 37.25 -60.18
C LEU C 68 -5.66 36.03 -61.03
N GLY C 69 -6.63 35.43 -61.72
CA GLY C 69 -6.34 34.30 -62.57
C GLY C 69 -6.24 32.97 -61.87
N LEU C 70 -6.96 32.79 -60.76
CA LEU C 70 -6.79 31.61 -59.95
C LEU C 70 -7.66 30.46 -60.44
N HIS C 71 -7.10 29.25 -60.31
CA HIS C 71 -7.78 28.00 -60.62
C HIS C 71 -9.08 27.87 -59.85
N TYR C 72 -10.04 27.15 -60.44
CA TYR C 72 -11.35 27.03 -59.82
C TYR C 72 -11.27 26.32 -58.48
N ASP C 73 -10.35 25.36 -58.34
CA ASP C 73 -10.16 24.70 -57.05
C ASP C 73 -9.70 25.69 -55.99
N THR C 74 -8.79 26.61 -56.36
CA THR C 74 -8.30 27.57 -55.38
C THR C 74 -9.43 28.47 -54.91
N LEU C 75 -10.29 28.92 -55.83
CA LEU C 75 -11.43 29.72 -55.43
C LEU C 75 -12.33 28.95 -54.48
N ALA C 76 -12.62 27.69 -54.82
CA ALA C 76 -13.52 26.89 -54.01
C ALA C 76 -12.92 26.62 -52.63
N THR C 77 -11.62 26.28 -52.57
CA THR C 77 -11.00 26.02 -51.27
C THR C 77 -11.14 27.22 -50.35
N GLY C 78 -10.86 28.42 -50.86
CA GLY C 78 -11.06 29.60 -50.05
C GLY C 78 -12.49 29.74 -49.56
N ILE C 79 -13.46 29.47 -50.44
CA ILE C 79 -14.86 29.61 -50.08
C ILE C 79 -15.25 28.60 -49.01
N ILE C 80 -14.68 27.40 -49.07
CA ILE C 80 -15.01 26.38 -48.08
C ILE C 80 -14.44 26.77 -46.71
N TYR C 81 -13.19 27.22 -46.70
CA TYR C 81 -12.62 27.79 -45.49
C TYR C 81 -13.53 28.87 -44.93
N PHE C 82 -13.94 29.79 -45.79
CA PHE C 82 -14.81 30.88 -45.38
C PHE C 82 -16.08 30.37 -44.72
N HIS C 83 -16.80 29.47 -45.41
CA HIS C 83 -18.05 28.97 -44.85
C HIS C 83 -17.82 28.27 -43.52
N ARG C 84 -16.80 27.42 -43.43
CA ARG C 84 -16.51 26.73 -42.18
C ARG C 84 -16.20 27.73 -41.07
N PHE C 85 -15.40 28.76 -41.37
CA PHE C 85 -15.03 29.76 -40.37
C PHE C 85 -16.24 30.30 -39.63
N TYR C 86 -17.26 30.75 -40.36
CA TYR C 86 -18.40 31.40 -39.75
C TYR C 86 -19.42 30.42 -39.17
N MET C 87 -19.07 29.15 -39.09
CA MET C 87 -19.76 28.18 -38.25
C MET C 87 -19.13 28.05 -36.86
N PHE C 88 -17.93 28.58 -36.68
CA PHE C 88 -17.22 28.57 -35.42
C PHE C 88 -17.05 29.97 -34.85
N HIS C 89 -17.48 31.00 -35.59
CA HIS C 89 -17.23 32.39 -35.24
C HIS C 89 -18.44 33.21 -35.69
N SER C 90 -18.46 34.46 -35.26
CA SER C 90 -19.59 35.35 -35.51
C SER C 90 -19.31 36.22 -36.73
N PHE C 91 -20.40 36.66 -37.40
CA PHE C 91 -20.22 37.64 -38.46
C PHE C 91 -20.07 39.07 -37.95
N LYS C 92 -20.74 39.42 -36.85
CA LYS C 92 -20.73 40.80 -36.38
C LYS C 92 -19.39 41.18 -35.77
N GLN C 93 -18.68 40.22 -35.16
CA GLN C 93 -17.38 40.50 -34.58
C GLN C 93 -16.21 40.27 -35.54
N PHE C 94 -16.40 39.47 -36.59
CA PHE C 94 -15.36 39.23 -37.58
C PHE C 94 -15.82 39.68 -38.97
N PRO C 95 -15.15 40.66 -39.59
CA PRO C 95 -15.61 41.18 -40.89
C PRO C 95 -15.61 40.13 -42.00
N ARG C 96 -16.59 40.26 -42.89
CA ARG C 96 -16.76 39.24 -43.93
C ARG C 96 -15.75 39.35 -45.05
N TYR C 97 -15.30 40.55 -45.39
CA TYR C 97 -14.42 40.71 -46.53
C TYR C 97 -12.95 40.52 -46.19
N VAL C 98 -12.55 40.88 -44.97
CA VAL C 98 -11.20 40.55 -44.52
C VAL C 98 -11.04 39.05 -44.45
N THR C 99 -11.99 38.37 -43.80
CA THR C 99 -11.95 36.92 -43.71
C THR C 99 -11.85 36.30 -45.10
N GLY C 100 -12.70 36.75 -46.02
CA GLY C 100 -12.63 36.23 -47.37
C GLY C 100 -11.25 36.36 -47.97
N ALA C 101 -10.67 37.56 -47.90
CA ALA C 101 -9.33 37.76 -48.42
C ALA C 101 -8.33 36.84 -47.75
N CYS C 102 -8.44 36.68 -46.43
CA CYS C 102 -7.52 35.79 -45.73
C CYS C 102 -7.68 34.35 -46.21
N CYS C 103 -8.93 33.90 -46.39
CA CYS C 103 -9.17 32.55 -46.87
C CYS C 103 -8.52 32.34 -48.24
N LEU C 104 -8.73 33.27 -49.16
CA LEU C 104 -8.15 33.14 -50.49
C LEU C 104 -6.64 33.12 -50.42
N PHE C 105 -6.06 33.96 -49.56
CA PHE C 105 -4.61 33.96 -49.41
C PHE C 105 -4.09 32.59 -48.98
N LEU C 106 -4.71 32.00 -47.96
CA LEU C 106 -4.27 30.68 -47.53
C LEU C 106 -4.57 29.62 -48.59
N ALA C 107 -5.75 29.68 -49.19
CA ALA C 107 -6.11 28.71 -50.23
C ALA C 107 -5.05 28.67 -51.31
N GLY C 108 -4.53 29.82 -51.71
CA GLY C 108 -3.50 29.85 -52.72
C GLY C 108 -2.28 29.03 -52.34
N LYS C 109 -1.87 29.13 -51.07
CA LYS C 109 -0.73 28.34 -50.62
C LYS C 109 -1.07 26.86 -50.52
N VAL C 110 -2.29 26.53 -50.07
CA VAL C 110 -2.66 25.12 -49.94
C VAL C 110 -2.71 24.45 -51.30
N GLU C 111 -3.35 25.10 -52.28
CA GLU C 111 -3.55 24.52 -53.60
C GLU C 111 -2.40 24.78 -54.56
N GLU C 112 -1.29 25.36 -54.08
CA GLU C 112 -0.09 25.61 -54.88
C GLU C 112 -0.36 26.58 -56.03
N THR C 113 -1.23 27.56 -55.81
CA THR C 113 -1.45 28.67 -56.73
C THR C 113 -1.23 29.97 -55.97
N PRO C 114 -0.03 30.15 -55.40
CA PRO C 114 0.15 31.20 -54.40
C PRO C 114 0.07 32.61 -54.97
N LYS C 115 -0.38 33.53 -54.11
CA LYS C 115 -0.40 34.95 -54.41
C LYS C 115 0.16 35.71 -53.21
N LYS C 116 0.74 36.88 -53.50
CA LYS C 116 1.24 37.75 -52.44
C LYS C 116 0.08 38.49 -51.79
N CYS C 117 0.14 38.66 -50.48
CA CYS C 117 -0.97 39.31 -49.79
C CYS C 117 -1.24 40.70 -50.33
N LYS C 118 -0.19 41.44 -50.68
CA LYS C 118 -0.39 42.79 -51.21
C LYS C 118 -1.23 42.76 -52.48
N ASP C 119 -1.05 41.73 -53.32
CA ASP C 119 -1.80 41.68 -54.57
C ASP C 119 -3.28 41.40 -54.32
N ILE C 120 -3.60 40.56 -53.33
CA ILE C 120 -5.00 40.31 -53.00
C ILE C 120 -5.65 41.59 -52.49
N ILE C 121 -4.92 42.36 -51.68
CA ILE C 121 -5.46 43.62 -51.18
C ILE C 121 -5.72 44.57 -52.34
N LYS C 122 -4.74 44.70 -53.25
CA LYS C 122 -4.89 45.56 -54.42
C LYS C 122 -6.18 45.24 -55.16
N THR C 123 -6.40 43.97 -55.47
CA THR C 123 -7.60 43.57 -56.18
C THR C 123 -8.84 43.78 -55.34
N ALA C 124 -8.78 43.48 -54.04
CA ALA C 124 -9.93 43.70 -53.18
C ALA C 124 -10.33 45.17 -53.17
N ARG C 125 -9.34 46.06 -53.18
CA ARG C 125 -9.63 47.49 -53.23
C ARG C 125 -10.28 47.86 -54.56
N SER C 126 -9.78 47.29 -55.66
CA SER C 126 -10.35 47.59 -56.97
C SER C 126 -11.84 47.24 -57.00
N LEU C 127 -12.22 46.14 -56.36
CA LEU C 127 -13.58 45.64 -56.49
C LEU C 127 -14.51 46.19 -55.40
N LEU C 128 -13.98 46.58 -54.26
CA LEU C 128 -14.80 47.07 -53.16
C LEU C 128 -14.91 48.59 -53.21
N ASN C 129 -16.06 49.11 -52.79
CA ASN C 129 -16.24 50.56 -52.69
C ASN C 129 -15.50 51.04 -51.45
N ASP C 130 -15.68 52.30 -51.08
CA ASP C 130 -14.94 52.85 -49.95
C ASP C 130 -15.49 52.36 -48.62
N VAL C 131 -16.81 52.26 -48.48
CA VAL C 131 -17.39 51.75 -47.25
C VAL C 131 -16.93 50.34 -46.99
N GLN C 132 -17.04 49.48 -48.00
CA GLN C 132 -16.69 48.08 -47.84
C GLN C 132 -15.22 47.92 -47.49
N PHE C 133 -14.35 48.63 -48.20
CA PHE C 133 -12.93 48.52 -47.90
C PHE C 133 -12.57 49.08 -46.53
N GLY C 134 -13.50 49.78 -45.86
CA GLY C 134 -13.24 50.23 -44.52
C GLY C 134 -13.04 49.11 -43.52
N GLN C 135 -13.56 47.91 -43.84
CA GLN C 135 -13.40 46.78 -42.94
C GLN C 135 -11.92 46.45 -42.73
N PHE C 136 -11.12 46.59 -43.79
CA PHE C 136 -9.70 46.26 -43.73
C PHE C 136 -8.94 47.21 -42.82
N GLY C 137 -9.57 48.30 -42.39
CA GLY C 137 -8.98 49.17 -41.42
C GLY C 137 -7.85 49.99 -42.01
N ASP C 138 -7.01 50.50 -41.11
CA ASP C 138 -5.95 51.40 -41.51
C ASP C 138 -4.85 50.67 -42.26
N ASP C 139 -4.59 49.41 -41.90
CA ASP C 139 -3.55 48.59 -42.51
C ASP C 139 -4.19 47.31 -43.04
N PRO C 140 -4.62 47.29 -44.31
CA PRO C 140 -5.30 46.09 -44.82
C PRO C 140 -4.46 44.82 -44.75
N LYS C 141 -3.22 44.85 -45.26
CA LYS C 141 -2.39 43.66 -45.25
C LYS C 141 -2.25 43.09 -43.84
N GLU C 142 -2.04 43.96 -42.85
CA GLU C 142 -1.88 43.48 -41.48
C GLU C 142 -3.14 42.79 -40.98
N GLU C 143 -4.31 43.39 -41.21
CA GLU C 143 -5.53 42.77 -40.71
C GLU C 143 -5.69 41.36 -41.29
N VAL C 144 -5.31 41.17 -42.56
CA VAL C 144 -5.43 39.87 -43.19
C VAL C 144 -4.38 38.90 -42.66
N MET C 145 -3.11 39.28 -42.70
CA MET C 145 -2.04 38.36 -42.32
C MET C 145 -2.21 37.92 -40.86
N VAL C 146 -2.72 38.81 -40.02
CA VAL C 146 -2.96 38.50 -38.62
C VAL C 146 -4.01 37.41 -38.50
N LEU C 147 -5.05 37.48 -39.33
CA LEU C 147 -6.15 36.53 -39.26
C LEU C 147 -5.72 35.11 -39.61
N GLU C 148 -4.63 34.95 -40.38
CA GLU C 148 -4.22 33.62 -40.80
C GLU C 148 -4.10 32.68 -39.60
N ARG C 149 -3.63 33.20 -38.46
CA ARG C 149 -3.53 32.35 -37.27
C ARG C 149 -4.90 31.78 -36.88
N ILE C 150 -5.90 32.65 -36.75
CA ILE C 150 -7.22 32.19 -36.34
C ILE C 150 -7.79 31.23 -37.36
N LEU C 151 -7.60 31.52 -38.65
CA LEU C 151 -8.13 30.65 -39.68
C LEU C 151 -7.59 29.23 -39.54
N LEU C 152 -6.26 29.10 -39.43
CA LEU C 152 -5.65 27.78 -39.33
C LEU C 152 -6.18 27.02 -38.10
N GLN C 153 -6.24 27.69 -36.95
CA GLN C 153 -6.79 27.03 -35.77
C GLN C 153 -8.27 26.72 -35.94
N THR C 154 -9.01 27.60 -36.61
CA THR C 154 -10.44 27.39 -36.77
C THR C 154 -10.72 26.17 -37.65
N ILE C 155 -10.05 26.08 -38.80
CA ILE C 155 -10.26 24.96 -39.71
C ILE C 155 -9.46 23.76 -39.24
N LYS C 156 -8.95 23.82 -38.01
CA LYS C 156 -8.33 22.67 -37.35
C LYS C 156 -7.20 22.08 -38.17
N PHE C 157 -6.51 22.92 -38.94
CA PHE C 157 -5.38 22.53 -39.79
C PHE C 157 -5.76 21.39 -40.76
N ASP C 158 -7.06 21.23 -41.03
CA ASP C 158 -7.52 20.28 -42.04
C ASP C 158 -7.60 21.03 -43.37
N LEU C 159 -6.47 21.09 -44.08
CA LEU C 159 -6.34 21.90 -45.26
C LEU C 159 -6.80 21.22 -46.54
N GLN C 160 -6.70 19.90 -46.64
CA GLN C 160 -7.07 19.22 -47.87
C GLN C 160 -8.58 19.25 -48.03
N VAL C 161 -9.04 19.67 -49.20
CA VAL C 161 -10.47 19.77 -49.48
C VAL C 161 -10.73 19.20 -50.88
N GLU C 162 -11.81 18.45 -51.00
CA GLU C 162 -12.27 17.90 -52.26
C GLU C 162 -13.50 18.71 -52.67
N HIS C 163 -13.68 18.86 -53.99
CA HIS C 163 -14.75 19.73 -54.48
C HIS C 163 -15.60 19.00 -55.51
N PRO C 164 -16.87 19.40 -55.67
CA PRO C 164 -17.76 18.70 -56.61
C PRO C 164 -17.19 18.60 -58.02
N TYR C 165 -16.28 19.50 -58.40
CA TYR C 165 -15.81 19.52 -59.78
C TYR C 165 -15.18 18.19 -60.16
N GLN C 166 -14.27 17.67 -59.33
CA GLN C 166 -13.55 16.47 -59.73
C GLN C 166 -14.51 15.30 -59.92
N PHE C 167 -15.56 15.24 -59.10
CA PHE C 167 -16.52 14.14 -59.21
C PHE C 167 -17.45 14.32 -60.41
N LEU C 168 -17.82 15.57 -60.72
CA LEU C 168 -18.59 15.83 -61.92
C LEU C 168 -17.87 15.28 -63.14
N LEU C 169 -16.54 15.43 -63.19
CA LEU C 169 -15.78 14.92 -64.32
C LEU C 169 -15.52 13.42 -64.20
N LYS C 170 -15.17 12.92 -63.01
CA LYS C 170 -14.95 11.48 -62.85
C LYS C 170 -16.21 10.71 -63.25
N TYR C 171 -17.39 11.19 -62.85
CA TYR C 171 -18.63 10.49 -63.17
C TYR C 171 -19.02 10.71 -64.63
N ALA C 172 -18.86 11.94 -65.13
CA ALA C 172 -19.20 12.21 -66.53
C ALA C 172 -18.36 11.37 -67.48
N LYS C 173 -17.11 11.09 -67.11
CA LYS C 173 -16.25 10.29 -67.98
C LYS C 173 -16.82 8.88 -68.19
N GLN C 174 -17.62 8.39 -67.25
CA GLN C 174 -18.19 7.05 -67.35
C GLN C 174 -19.52 7.04 -68.10
N LEU C 175 -19.99 8.19 -68.58
CA LEU C 175 -21.18 8.26 -69.41
C LEU C 175 -20.80 8.17 -70.88
N LYS C 176 -21.49 7.31 -71.63
CA LYS C 176 -21.26 7.15 -73.06
C LYS C 176 -22.56 7.32 -73.84
N GLY C 177 -22.53 8.16 -74.87
CA GLY C 177 -23.71 8.50 -75.64
C GLY C 177 -23.43 9.71 -76.51
N ASP C 178 -24.49 10.46 -76.78
CA ASP C 178 -24.39 11.69 -77.57
C ASP C 178 -23.39 12.65 -76.95
N LYS C 179 -22.31 12.93 -77.69
CA LYS C 179 -21.26 13.80 -77.17
C LYS C 179 -21.82 15.15 -76.76
N ASN C 180 -22.78 15.68 -77.52
CA ASN C 180 -23.25 17.03 -77.30
C ASN C 180 -24.32 17.13 -76.22
N LYS C 181 -25.03 16.04 -75.93
CA LYS C 181 -25.98 16.04 -74.83
C LYS C 181 -25.28 15.89 -73.49
N ILE C 182 -24.17 15.15 -73.45
CA ILE C 182 -23.40 15.02 -72.20
C ILE C 182 -22.62 16.30 -71.92
N GLN C 183 -22.08 16.95 -72.95
CA GLN C 183 -21.34 18.18 -72.70
C GLN C 183 -22.27 19.32 -72.28
N LYS C 184 -23.52 19.30 -72.73
CA LYS C 184 -24.49 20.24 -72.20
C LYS C 184 -24.83 19.93 -70.74
N LEU C 185 -24.97 18.65 -70.41
CA LEU C 185 -25.22 18.27 -69.03
C LEU C 185 -24.09 18.76 -68.12
N VAL C 186 -22.85 18.52 -68.52
CA VAL C 186 -21.71 18.85 -67.68
C VAL C 186 -21.64 20.36 -67.43
N GLN C 187 -21.67 21.17 -68.51
CA GLN C 187 -21.53 22.60 -68.31
C GLN C 187 -22.65 23.16 -67.43
N MET C 188 -23.88 22.72 -67.68
CA MET C 188 -24.98 23.20 -66.85
C MET C 188 -24.76 22.79 -65.39
N ALA C 189 -24.35 21.54 -65.16
CA ALA C 189 -24.03 21.09 -63.81
C ALA C 189 -22.86 21.90 -63.24
N TRP C 190 -21.83 22.13 -64.06
CA TRP C 190 -20.70 22.93 -63.60
C TRP C 190 -21.15 24.30 -63.13
N THR C 191 -22.03 24.96 -63.89
CA THR C 191 -22.57 26.24 -63.45
C THR C 191 -23.30 26.09 -62.12
N PHE C 192 -24.05 25.00 -61.94
CA PHE C 192 -24.74 24.78 -60.67
C PHE C 192 -23.73 24.60 -59.53
N VAL C 193 -22.58 23.99 -59.80
CA VAL C 193 -21.55 23.89 -58.76
C VAL C 193 -21.06 25.28 -58.36
N ASN C 194 -20.68 26.11 -59.35
CA ASN C 194 -20.23 27.46 -59.03
C ASN C 194 -21.27 28.22 -58.20
N ASP C 195 -22.55 28.03 -58.52
CA ASP C 195 -23.61 28.72 -57.82
C ASP C 195 -23.78 28.21 -56.39
N SER C 196 -23.63 26.90 -56.20
CA SER C 196 -23.80 26.33 -54.87
C SER C 196 -22.75 26.79 -53.87
N LEU C 197 -21.62 27.33 -54.34
CA LEU C 197 -20.59 27.83 -53.42
C LEU C 197 -21.11 29.01 -52.60
N CYS C 198 -22.11 29.73 -53.11
CA CYS C 198 -22.71 30.84 -52.37
C CYS C 198 -23.58 30.36 -51.21
N THR C 199 -23.88 29.07 -51.14
CA THR C 199 -24.77 28.49 -50.15
C THR C 199 -24.04 27.64 -49.12
N THR C 200 -24.79 27.23 -48.10
CA THR C 200 -24.30 26.35 -47.05
C THR C 200 -24.36 24.87 -47.42
N LEU C 201 -24.61 24.54 -48.69
CA LEU C 201 -24.57 23.15 -49.11
C LEU C 201 -23.19 22.54 -48.87
N SER C 202 -22.13 23.33 -49.08
CA SER C 202 -20.79 22.87 -48.80
C SER C 202 -20.66 22.36 -47.37
N LEU C 203 -21.51 22.85 -46.47
CA LEU C 203 -21.48 22.48 -45.08
C LEU C 203 -22.48 21.37 -44.74
N GLN C 204 -23.34 20.99 -45.68
CA GLN C 204 -24.36 19.99 -45.41
C GLN C 204 -24.09 18.64 -46.06
N TRP C 205 -23.46 18.61 -47.24
CA TRP C 205 -23.34 17.39 -48.02
C TRP C 205 -21.93 17.27 -48.57
N GLU C 206 -21.39 16.05 -48.55
CA GLU C 206 -20.08 15.82 -49.13
C GLU C 206 -20.06 16.24 -50.60
N PRO C 207 -18.89 16.57 -51.13
CA PRO C 207 -18.83 17.00 -52.54
C PRO C 207 -19.34 15.95 -53.51
N GLU C 208 -19.10 14.66 -53.23
CA GLU C 208 -19.58 13.62 -54.13
C GLU C 208 -21.08 13.72 -54.36
N ILE C 209 -21.85 13.99 -53.29
CA ILE C 209 -23.30 14.10 -53.41
C ILE C 209 -23.67 15.33 -54.23
N ILE C 210 -22.97 16.43 -54.01
CA ILE C 210 -23.24 17.66 -54.74
C ILE C 210 -23.10 17.41 -56.24
N ALA C 211 -22.02 16.73 -56.64
CA ALA C 211 -21.80 16.46 -58.06
C ALA C 211 -22.94 15.66 -58.65
N VAL C 212 -23.43 14.66 -57.92
CA VAL C 212 -24.58 13.90 -58.39
C VAL C 212 -25.81 14.79 -58.46
N ALA C 213 -26.04 15.58 -57.39
CA ALA C 213 -27.23 16.43 -57.36
C ALA C 213 -27.27 17.35 -58.57
N VAL C 214 -26.12 17.93 -58.95
CA VAL C 214 -26.12 18.84 -60.09
C VAL C 214 -26.27 18.08 -61.40
N MET C 215 -25.78 16.84 -61.48
CA MET C 215 -26.06 16.02 -62.66
C MET C 215 -27.55 15.69 -62.75
N TYR C 216 -28.14 15.38 -61.60
CA TYR C 216 -29.57 15.12 -61.50
C TYR C 216 -30.37 16.36 -61.90
N LEU C 217 -30.00 17.51 -61.37
CA LEU C 217 -30.73 18.73 -61.69
C LEU C 217 -30.64 19.07 -63.18
N ALA C 218 -29.44 19.03 -63.75
CA ALA C 218 -29.28 19.30 -65.17
C ALA C 218 -30.03 18.28 -66.01
N GLY C 219 -30.06 17.03 -65.56
CA GLY C 219 -30.79 16.01 -66.30
C GLY C 219 -32.28 16.27 -66.35
N ARG C 220 -32.87 16.60 -65.21
CA ARG C 220 -34.30 16.88 -65.20
C ARG C 220 -34.63 18.07 -66.11
N LEU C 221 -33.79 19.11 -66.07
CA LEU C 221 -34.06 20.31 -66.87
C LEU C 221 -33.83 20.05 -68.36
N CYS C 222 -32.75 19.34 -68.70
CA CYS C 222 -32.48 19.04 -70.10
C CYS C 222 -33.32 17.89 -70.64
N LYS C 223 -34.25 17.36 -69.83
CA LYS C 223 -35.09 16.23 -70.21
C LYS C 223 -34.24 15.10 -70.80
N PHE C 224 -33.11 14.84 -70.16
CA PHE C 224 -32.24 13.72 -70.49
C PHE C 224 -32.46 12.60 -69.47
N GLU C 225 -32.32 11.35 -69.91
CA GLU C 225 -32.42 10.20 -69.02
C GLU C 225 -31.04 9.56 -68.89
N ILE C 226 -30.34 9.94 -67.82
CA ILE C 226 -28.95 9.59 -67.67
C ILE C 226 -28.76 8.09 -67.51
N GLN C 227 -29.80 7.38 -67.07
CA GLN C 227 -29.66 5.94 -66.86
C GLN C 227 -29.12 5.24 -68.11
N GLU C 228 -29.51 5.69 -69.30
CA GLU C 228 -29.09 5.01 -70.52
C GLU C 228 -27.60 5.18 -70.80
N TRP C 229 -27.05 6.34 -70.46
CA TRP C 229 -25.63 6.57 -70.73
C TRP C 229 -24.72 5.76 -69.82
N THR C 230 -25.27 5.12 -68.78
CA THR C 230 -24.43 4.39 -67.84
C THR C 230 -24.15 2.99 -68.38
N SER C 231 -23.29 2.25 -67.67
CA SER C 231 -23.02 0.86 -68.02
C SER C 231 -24.15 -0.08 -67.60
N LYS C 232 -25.15 0.45 -66.92
CA LYS C 232 -26.30 -0.33 -66.44
C LYS C 232 -27.55 0.41 -66.91
N PRO C 233 -27.82 0.37 -68.22
CA PRO C 233 -28.84 1.29 -68.80
C PRO C 233 -30.18 1.18 -68.11
N MET C 234 -30.32 0.13 -67.35
CA MET C 234 -31.54 -0.26 -66.69
C MET C 234 -31.52 0.03 -65.23
N TYR C 235 -30.42 0.56 -64.71
CA TYR C 235 -30.30 0.92 -63.30
C TYR C 235 -30.88 2.33 -63.26
N ARG C 236 -32.17 2.44 -62.92
CA ARG C 236 -32.82 3.74 -63.02
C ARG C 236 -32.22 4.70 -62.00
N ARG C 237 -31.67 4.14 -60.92
CA ARG C 237 -30.97 4.90 -59.90
C ARG C 237 -29.48 4.89 -60.26
N TRP C 238 -29.12 5.79 -61.20
CA TRP C 238 -27.73 5.82 -61.67
C TRP C 238 -26.80 6.43 -60.61
N TRP C 239 -27.29 7.37 -59.81
CA TRP C 239 -26.43 7.96 -58.80
C TRP C 239 -25.78 6.88 -57.95
N GLU C 240 -26.48 5.75 -57.74
CA GLU C 240 -25.98 4.71 -56.86
C GLU C 240 -24.67 4.09 -57.34
N GLN C 241 -24.49 3.94 -58.65
CA GLN C 241 -23.24 3.37 -59.13
C GLN C 241 -22.07 4.31 -58.96
N PHE C 242 -22.34 5.58 -58.63
CA PHE C 242 -21.32 6.56 -58.27
C PHE C 242 -21.22 6.83 -56.78
N VAL C 243 -22.36 7.02 -56.12
CA VAL C 243 -22.42 7.43 -54.71
C VAL C 243 -23.39 6.51 -54.00
N GLN C 244 -22.88 5.65 -53.13
CA GLN C 244 -23.74 4.71 -52.43
C GLN C 244 -24.50 5.41 -51.31
N ASP C 245 -25.71 4.93 -51.08
CA ASP C 245 -26.55 5.39 -49.97
C ASP C 245 -26.97 6.85 -50.14
N VAL C 246 -27.31 7.25 -51.36
CA VAL C 246 -27.79 8.62 -51.53
C VAL C 246 -29.26 8.54 -51.93
N PRO C 247 -30.17 8.92 -51.04
CA PRO C 247 -31.58 8.94 -51.39
C PRO C 247 -31.88 10.10 -52.32
N VAL C 248 -32.94 9.92 -53.12
CA VAL C 248 -33.38 11.00 -53.98
C VAL C 248 -33.79 12.18 -53.11
N ASP C 249 -34.33 11.91 -51.91
CA ASP C 249 -34.71 12.97 -50.99
C ASP C 249 -33.55 13.93 -50.77
N VAL C 250 -32.34 13.39 -50.64
CA VAL C 250 -31.16 14.25 -50.53
C VAL C 250 -31.00 15.10 -51.79
N LEU C 251 -31.03 14.44 -52.95
CA LEU C 251 -30.81 15.15 -54.21
C LEU C 251 -31.85 16.22 -54.46
N GLU C 252 -33.11 15.97 -54.06
CA GLU C 252 -34.14 16.98 -54.24
C GLU C 252 -33.92 18.17 -53.31
N ASP C 253 -33.58 17.92 -52.05
CA ASP C 253 -33.29 19.02 -51.14
C ASP C 253 -32.20 19.92 -51.73
N ILE C 254 -31.16 19.32 -52.29
CA ILE C 254 -30.08 20.10 -52.89
C ILE C 254 -30.59 20.88 -54.09
N CYS C 255 -31.33 20.22 -54.98
CA CYS C 255 -31.86 20.92 -56.15
C CYS C 255 -32.74 22.09 -55.74
N HIS C 256 -33.62 21.88 -54.76
CA HIS C 256 -34.49 22.94 -54.29
C HIS C 256 -33.66 24.14 -53.84
N GLN C 257 -32.61 23.89 -53.06
CA GLN C 257 -31.77 24.98 -52.57
C GLN C 257 -31.05 25.70 -53.72
N ILE C 258 -30.61 24.96 -54.73
CA ILE C 258 -29.96 25.60 -55.88
C ILE C 258 -30.98 26.37 -56.71
N LEU C 259 -32.11 25.74 -57.02
CA LEU C 259 -33.12 26.41 -57.85
C LEU C 259 -33.66 27.66 -57.18
N ASP C 260 -33.74 27.67 -55.85
CA ASP C 260 -34.27 28.85 -55.15
C ASP C 260 -33.43 30.08 -55.46
N LEU C 261 -32.11 29.91 -55.55
CA LEU C 261 -31.24 31.04 -55.89
C LEU C 261 -31.63 31.66 -57.22
N TYR C 262 -31.90 30.83 -58.23
CA TYR C 262 -32.35 31.34 -59.52
C TYR C 262 -33.71 32.01 -59.41
N SER C 263 -34.60 31.47 -58.57
CA SER C 263 -35.94 32.07 -58.45
C SER C 263 -35.87 33.49 -57.89
N GLN C 264 -35.14 33.67 -56.80
CA GLN C 264 -35.00 34.99 -56.19
C GLN C 264 -34.23 35.96 -57.09
N GLY C 265 -33.13 35.50 -57.67
CA GLY C 265 -32.36 36.38 -58.53
C GLY C 265 -33.04 36.58 -59.87
N LYS C 266 -32.57 37.58 -60.61
CA LYS C 266 -33.07 37.78 -61.96
C LYS C 266 -32.58 36.71 -62.92
N GLN C 267 -31.47 36.05 -62.62
CA GLN C 267 -30.97 34.98 -63.46
C GLN C 267 -32.00 33.86 -63.54
N GLN C 268 -32.10 33.24 -64.71
CA GLN C 268 -33.05 32.16 -64.96
C GLN C 268 -32.27 30.94 -65.45
N MET C 269 -32.90 29.76 -65.35
CA MET C 269 -32.23 28.51 -65.67
C MET C 269 -31.53 28.60 -67.02
N PRO C 270 -30.28 28.15 -67.14
CA PRO C 270 -29.54 28.36 -68.41
C PRO C 270 -30.17 27.67 -69.61
N HIS C 271 -30.45 26.38 -69.51
CA HIS C 271 -30.95 25.55 -70.61
C HIS C 271 -30.47 26.04 -71.97
N MET D 5 -44.07 39.25 24.76
CA MET D 5 -44.50 39.58 23.37
C MET D 5 -43.63 40.70 22.81
N SER D 6 -43.62 40.83 21.49
CA SER D 6 -42.83 41.83 20.80
C SER D 6 -43.77 42.76 20.04
N TYR D 7 -43.34 44.02 19.90
CA TYR D 7 -44.17 45.08 19.34
C TYR D 7 -43.40 45.78 18.24
N ASN D 8 -44.00 45.83 17.05
CA ASN D 8 -43.32 46.38 15.88
C ASN D 8 -44.31 47.14 15.01
N TYR D 9 -43.73 47.92 14.10
CA TYR D 9 -44.41 48.89 13.23
C TYR D 9 -43.88 48.68 11.83
N VAL D 10 -44.77 48.57 10.85
CA VAL D 10 -44.36 48.29 9.47
C VAL D 10 -44.97 49.35 8.55
N VAL D 11 -44.12 50.00 7.75
CA VAL D 11 -44.55 51.05 6.83
C VAL D 11 -43.97 50.82 5.45
N THR D 12 -44.67 51.34 4.44
CA THR D 12 -44.17 51.39 3.09
C THR D 12 -43.33 52.65 2.86
N ALA D 13 -42.09 52.46 2.40
CA ALA D 13 -41.24 53.58 2.00
C ALA D 13 -41.36 53.88 0.51
N GLN D 14 -41.50 52.86 -0.33
CA GLN D 14 -41.76 53.02 -1.76
C GLN D 14 -42.84 52.03 -2.13
N LYS D 15 -43.90 52.51 -2.78
CA LYS D 15 -45.01 51.65 -3.12
C LYS D 15 -44.61 50.65 -4.20
N PRO D 16 -45.39 49.58 -4.35
CA PRO D 16 -45.11 48.62 -5.44
C PRO D 16 -45.04 49.32 -6.78
N THR D 17 -43.98 49.02 -7.53
CA THR D 17 -43.74 49.63 -8.83
C THR D 17 -44.02 48.70 -10.00
N ALA D 18 -44.01 47.39 -9.75
CA ALA D 18 -44.16 46.42 -10.83
C ALA D 18 -45.60 46.35 -11.30
N VAL D 19 -45.78 46.20 -12.61
CA VAL D 19 -47.09 46.14 -13.24
C VAL D 19 -47.57 44.70 -13.25
N ASN D 20 -48.65 44.43 -12.53
CA ASN D 20 -49.23 43.09 -12.47
C ASN D 20 -50.35 42.89 -13.47
N GLY D 21 -50.99 43.96 -13.92
CA GLY D 21 -51.98 43.89 -14.98
C GLY D 21 -52.47 45.25 -15.41
N CYS D 22 -52.86 45.40 -16.68
CA CYS D 22 -53.24 46.69 -17.22
C CYS D 22 -54.46 46.49 -18.11
N VAL D 23 -55.45 47.37 -17.98
CA VAL D 23 -56.67 47.28 -18.77
C VAL D 23 -57.05 48.64 -19.31
N THR D 24 -57.84 48.63 -20.38
CA THR D 24 -58.36 49.83 -21.03
C THR D 24 -59.88 49.78 -21.09
N GLY D 25 -60.50 50.95 -21.18
CA GLY D 25 -61.94 51.02 -21.25
C GLY D 25 -62.45 52.42 -20.97
N HIS D 26 -63.71 52.48 -20.51
CA HIS D 26 -64.44 53.72 -20.29
C HIS D 26 -65.04 53.70 -18.87
N PHE D 27 -64.17 53.85 -17.87
CA PHE D 27 -64.51 53.66 -16.47
C PHE D 27 -64.92 54.97 -15.79
N THR D 28 -64.18 56.06 -16.05
CA THR D 28 -64.50 57.33 -15.39
C THR D 28 -65.65 58.06 -16.08
N SER D 29 -65.73 57.97 -17.40
CA SER D 29 -66.81 58.57 -18.16
C SER D 29 -66.99 57.77 -19.44
N ALA D 30 -68.21 57.76 -19.98
CA ALA D 30 -68.43 57.08 -21.25
C ALA D 30 -67.65 57.72 -22.38
N GLU D 31 -67.09 58.91 -22.16
CA GLU D 31 -66.33 59.63 -23.18
C GLU D 31 -64.84 59.38 -23.03
N ASP D 32 -64.35 59.37 -21.80
CA ASP D 32 -62.92 59.23 -21.57
C ASP D 32 -62.46 57.83 -21.98
N LEU D 33 -61.22 57.75 -22.44
CA LEU D 33 -60.53 56.47 -22.64
C LEU D 33 -59.58 56.30 -21.47
N ASN D 34 -59.81 55.26 -20.68
CA ASN D 34 -59.07 55.04 -19.45
C ASN D 34 -58.02 53.94 -19.63
N LEU D 35 -56.97 54.03 -18.83
CA LEU D 35 -56.01 52.95 -18.65
C LEU D 35 -55.90 52.72 -17.16
N LEU D 36 -56.33 51.55 -16.69
CA LEU D 36 -56.20 51.19 -15.30
C LEU D 36 -55.00 50.25 -15.19
N ILE D 37 -54.03 50.63 -14.37
CA ILE D 37 -52.82 49.85 -14.14
C ILE D 37 -52.90 49.33 -12.72
N ALA D 38 -52.67 48.04 -12.54
CA ALA D 38 -52.73 47.40 -11.24
C ALA D 38 -51.32 47.07 -10.74
N LYS D 39 -50.97 47.58 -9.58
CA LYS D 39 -49.85 47.14 -8.77
C LYS D 39 -50.39 46.28 -7.63
N ASN D 40 -49.48 45.54 -6.99
CA ASN D 40 -49.90 44.47 -6.10
C ASN D 40 -51.11 44.86 -5.23
N THR D 41 -51.00 45.98 -4.54
CA THR D 41 -52.09 46.50 -3.72
C THR D 41 -52.62 47.83 -4.19
N ARG D 42 -52.06 48.40 -5.26
CA ARG D 42 -52.42 49.74 -5.72
C ARG D 42 -53.12 49.66 -7.07
N LEU D 43 -54.20 50.42 -7.21
CA LEU D 43 -54.91 50.60 -8.46
C LEU D 43 -54.74 52.03 -8.92
N GLU D 44 -54.19 52.22 -10.12
CA GLU D 44 -53.94 53.53 -10.70
C GLU D 44 -54.86 53.74 -11.90
N ILE D 45 -55.52 54.89 -11.94
CA ILE D 45 -56.47 55.22 -13.01
C ILE D 45 -55.91 56.40 -13.80
N TYR D 46 -55.84 56.25 -15.12
CA TYR D 46 -55.32 57.27 -16.02
C TYR D 46 -56.33 57.59 -17.10
N VAL D 47 -56.13 58.72 -17.79
CA VAL D 47 -56.91 59.06 -18.98
C VAL D 47 -55.97 59.30 -20.16
N VAL D 48 -56.33 58.73 -21.31
CA VAL D 48 -55.47 58.75 -22.49
C VAL D 48 -55.60 60.07 -23.22
N THR D 49 -54.46 60.69 -23.51
CA THR D 49 -54.35 61.90 -24.31
C THR D 49 -53.50 61.59 -25.55
N ALA D 50 -53.27 62.59 -26.38
CA ALA D 50 -52.33 62.45 -27.49
C ALA D 50 -50.89 62.61 -27.01
N GLU D 51 -50.70 62.99 -25.74
CA GLU D 51 -49.40 63.31 -25.16
C GLU D 51 -48.81 62.18 -24.32
N GLY D 52 -49.67 61.47 -23.60
CA GLY D 52 -49.26 60.46 -22.66
C GLY D 52 -50.45 60.09 -21.81
N LEU D 53 -50.24 59.90 -20.51
CA LEU D 53 -51.30 59.50 -19.60
C LEU D 53 -51.56 60.64 -18.63
N ARG D 54 -52.83 60.94 -18.41
CA ARG D 54 -53.20 61.93 -17.41
C ARG D 54 -53.75 61.24 -16.18
N PRO D 55 -53.06 61.30 -15.04
CA PRO D 55 -53.56 60.64 -13.83
C PRO D 55 -54.84 61.30 -13.34
N VAL D 56 -55.71 60.51 -12.72
CA VAL D 56 -56.96 61.05 -12.19
C VAL D 56 -57.15 60.63 -10.74
N LYS D 57 -56.85 59.37 -10.41
CA LYS D 57 -57.11 58.88 -9.07
C LYS D 57 -56.29 57.62 -8.83
N GLU D 58 -55.79 57.46 -7.62
CA GLU D 58 -55.12 56.25 -7.19
C GLU D 58 -55.70 55.83 -5.85
N VAL D 59 -56.03 54.54 -5.73
CA VAL D 59 -56.53 53.97 -4.48
C VAL D 59 -55.71 52.76 -4.12
N GLY D 60 -55.62 52.52 -2.82
CA GLY D 60 -55.10 51.27 -2.30
C GLY D 60 -56.25 50.37 -1.91
N MET D 61 -56.00 49.06 -1.97
CA MET D 61 -56.96 48.06 -1.55
C MET D 61 -56.34 47.18 -0.47
N TYR D 62 -57.20 46.64 0.39
CA TYR D 62 -56.77 45.72 1.44
C TYR D 62 -56.72 44.29 0.87
N GLY D 63 -55.85 44.12 -0.12
CA GLY D 63 -55.76 42.86 -0.84
C GLY D 63 -54.90 42.89 -2.07
N LYS D 64 -54.37 41.73 -2.44
CA LYS D 64 -53.60 41.57 -3.67
C LYS D 64 -54.55 41.43 -4.85
N ILE D 65 -54.40 42.28 -5.86
CA ILE D 65 -55.32 42.30 -7.00
C ILE D 65 -55.00 41.10 -7.89
N ALA D 66 -55.90 40.12 -7.92
CA ALA D 66 -55.71 38.93 -8.76
C ALA D 66 -56.40 39.05 -10.10
N VAL D 67 -57.65 39.52 -10.12
CA VAL D 67 -58.41 39.72 -11.35
C VAL D 67 -58.81 41.18 -11.42
N MET D 68 -58.67 41.76 -12.61
CA MET D 68 -59.10 43.13 -12.87
C MET D 68 -59.63 43.22 -14.29
N GLU D 69 -60.92 43.54 -14.43
CA GLU D 69 -61.55 43.59 -15.74
C GLU D 69 -62.62 44.68 -15.76
N LEU D 70 -62.76 45.32 -16.91
CA LEU D 70 -63.79 46.33 -17.11
C LEU D 70 -64.92 45.71 -17.93
N PHE D 71 -66.15 46.00 -17.52
CA PHE D 71 -67.33 45.47 -18.21
C PHE D 71 -68.43 46.50 -18.10
N ARG D 72 -69.42 46.40 -18.98
CA ARG D 72 -70.50 47.37 -19.05
C ARG D 72 -71.83 46.64 -19.24
N PRO D 73 -72.55 46.37 -18.15
CA PRO D 73 -73.79 45.61 -18.27
C PRO D 73 -74.91 46.41 -18.91
N LYS D 74 -75.84 45.68 -19.53
CA LYS D 74 -76.99 46.29 -20.19
C LYS D 74 -77.67 47.27 -19.23
N GLY D 75 -77.83 48.51 -19.68
CA GLY D 75 -78.45 49.54 -18.90
C GLY D 75 -77.53 50.55 -18.26
N GLU D 76 -76.23 50.30 -18.22
CA GLU D 76 -75.30 51.23 -17.58
C GLU D 76 -74.79 52.31 -18.53
N SER D 77 -74.43 53.46 -17.92
CA SER D 77 -73.91 54.59 -18.67
C SER D 77 -72.46 54.42 -19.08
N LYS D 78 -71.66 53.72 -18.27
CA LYS D 78 -70.23 53.62 -18.48
C LYS D 78 -69.75 52.31 -17.85
N ASP D 79 -68.50 51.97 -18.11
CA ASP D 79 -67.98 50.68 -17.67
C ASP D 79 -67.88 50.60 -16.16
N LEU D 80 -68.10 49.40 -15.63
CA LEU D 80 -67.83 49.06 -14.24
C LEU D 80 -66.59 48.17 -14.16
N LEU D 81 -65.97 48.16 -12.98
CA LEU D 81 -64.71 47.46 -12.77
C LEU D 81 -64.93 46.29 -11.82
N PHE D 82 -64.50 45.11 -12.25
CA PHE D 82 -64.49 43.93 -11.37
C PHE D 82 -63.07 43.66 -10.89
N ILE D 83 -62.92 43.39 -9.59
CA ILE D 83 -61.63 43.02 -9.01
C ILE D 83 -61.83 41.87 -8.04
N LEU D 84 -60.91 40.90 -8.11
CA LEU D 84 -60.83 39.78 -7.18
C LEU D 84 -59.42 39.71 -6.61
N THR D 85 -59.31 39.59 -5.28
CA THR D 85 -58.01 39.53 -4.65
C THR D 85 -57.55 38.08 -4.42
N ALA D 86 -56.28 37.94 -4.05
CA ALA D 86 -55.69 36.63 -3.81
C ALA D 86 -56.28 35.94 -2.58
N LYS D 87 -56.84 36.70 -1.64
CA LYS D 87 -57.58 36.10 -0.54
C LYS D 87 -59.05 35.88 -0.89
N TYR D 88 -59.41 36.03 -2.17
CA TYR D 88 -60.72 35.73 -2.71
C TYR D 88 -61.75 36.78 -2.33
N ASN D 89 -61.33 38.03 -2.15
CA ASN D 89 -62.25 39.14 -1.99
C ASN D 89 -62.68 39.65 -3.36
N ALA D 90 -63.98 39.56 -3.64
CA ALA D 90 -64.54 40.01 -4.91
C ALA D 90 -65.33 41.29 -4.71
N CYS D 91 -65.32 42.15 -5.72
CA CYS D 91 -66.08 43.38 -5.66
C CYS D 91 -66.29 43.95 -7.06
N ILE D 92 -67.34 44.74 -7.21
CA ILE D 92 -67.59 45.53 -8.40
C ILE D 92 -67.56 47.01 -8.01
N LEU D 93 -66.78 47.79 -8.74
CA LEU D 93 -66.50 49.17 -8.36
C LEU D 93 -67.03 50.13 -9.42
N GLU D 94 -67.39 51.33 -8.96
CA GLU D 94 -67.87 52.41 -9.82
C GLU D 94 -67.10 53.69 -9.50
N TYR D 95 -66.69 54.39 -10.56
CA TYR D 95 -66.09 55.72 -10.43
C TYR D 95 -67.22 56.75 -10.34
N LYS D 96 -67.17 57.60 -9.31
CA LYS D 96 -68.17 58.65 -9.16
C LYS D 96 -67.49 59.93 -8.73
N GLN D 97 -67.75 61.02 -9.47
CA GLN D 97 -67.09 62.29 -9.20
C GLN D 97 -68.10 63.41 -9.27
N SER D 98 -68.09 64.27 -8.25
CA SER D 98 -68.97 65.43 -8.15
C SER D 98 -68.08 66.66 -7.92
N GLY D 99 -67.76 67.38 -8.99
CA GLY D 99 -66.80 68.45 -8.89
C GLY D 99 -65.42 67.91 -8.60
N GLU D 100 -64.80 68.34 -7.51
CA GLU D 100 -63.48 67.85 -7.14
C GLU D 100 -63.51 66.62 -6.24
N SER D 101 -64.67 66.19 -5.75
CA SER D 101 -64.75 65.08 -4.81
C SER D 101 -64.78 63.78 -5.60
N ILE D 102 -63.72 62.98 -5.47
CA ILE D 102 -63.62 61.70 -6.16
C ILE D 102 -63.75 60.58 -5.14
N ASP D 103 -64.63 59.64 -5.44
CA ASP D 103 -64.83 58.46 -4.59
C ASP D 103 -64.94 57.25 -5.51
N ILE D 104 -64.59 56.09 -4.97
CA ILE D 104 -64.74 54.82 -5.67
C ILE D 104 -65.79 54.03 -4.90
N ILE D 105 -66.90 53.74 -5.54
CA ILE D 105 -68.07 53.18 -4.87
C ILE D 105 -68.07 51.66 -5.00
N THR D 106 -68.39 50.99 -3.89
CA THR D 106 -68.51 49.53 -3.86
C THR D 106 -69.94 49.15 -4.20
N ARG D 107 -70.17 48.68 -5.43
CA ARG D 107 -71.51 48.31 -5.85
C ARG D 107 -71.88 46.91 -5.40
N ALA D 108 -70.92 45.99 -5.35
CA ALA D 108 -71.14 44.61 -4.92
C ALA D 108 -69.87 44.09 -4.28
N HIS D 109 -70.02 43.24 -3.26
CA HIS D 109 -68.83 42.70 -2.60
C HIS D 109 -69.14 41.44 -1.80
N GLY D 110 -68.11 40.60 -1.66
CA GLY D 110 -68.19 39.37 -0.90
C GLY D 110 -66.93 38.55 -1.11
N ASN D 111 -66.81 37.49 -0.32
CA ASN D 111 -65.66 36.58 -0.39
C ASN D 111 -66.09 35.28 -1.06
N VAL D 112 -65.39 34.91 -2.13
CA VAL D 112 -65.84 33.84 -3.01
C VAL D 112 -65.09 32.52 -2.76
N GLN D 113 -64.43 32.40 -1.61
CA GLN D 113 -63.66 31.21 -1.29
C GLN D 113 -64.57 30.01 -1.01
N ASP D 114 -64.16 28.85 -1.49
CA ASP D 114 -64.88 27.60 -1.26
C ASP D 114 -64.30 26.89 -0.04
N ARG D 115 -65.16 26.23 0.75
CA ARG D 115 -64.64 25.49 1.89
C ARG D 115 -63.66 24.42 1.43
N ILE D 116 -63.97 23.74 0.32
CA ILE D 116 -63.17 22.63 -0.15
C ILE D 116 -62.85 22.84 -1.62
N GLY D 117 -61.57 22.82 -1.95
CA GLY D 117 -61.12 22.93 -3.32
C GLY D 117 -59.61 22.88 -3.35
N ARG D 118 -59.07 22.52 -4.51
CA ARG D 118 -57.62 22.54 -4.68
C ARG D 118 -57.25 23.74 -5.53
N PRO D 119 -56.52 24.73 -4.99
CA PRO D 119 -56.12 25.86 -5.83
C PRO D 119 -55.39 25.38 -7.07
N SER D 120 -55.74 25.98 -8.21
CA SER D 120 -55.24 25.47 -9.49
C SER D 120 -53.76 25.85 -9.68
N GLU D 121 -53.10 25.06 -10.52
CA GLU D 121 -51.67 25.27 -10.74
C GLU D 121 -51.40 26.60 -11.43
N THR D 122 -52.16 26.93 -12.47
CA THR D 122 -51.92 28.15 -13.23
C THR D 122 -52.63 29.37 -12.62
N GLY D 123 -53.06 29.29 -11.38
CA GLY D 123 -53.53 30.45 -10.65
C GLY D 123 -54.95 30.88 -10.99
N ILE D 124 -55.41 31.90 -10.28
CA ILE D 124 -56.76 32.40 -10.48
C ILE D 124 -56.91 32.95 -11.89
N ILE D 125 -57.99 32.56 -12.56
CA ILE D 125 -58.38 33.15 -13.84
C ILE D 125 -59.77 33.74 -13.70
N GLY D 126 -59.95 34.97 -14.19
CA GLY D 126 -61.24 35.61 -14.19
C GLY D 126 -61.65 36.10 -15.58
N ILE D 127 -62.88 35.78 -15.99
CA ILE D 127 -63.38 36.16 -17.30
C ILE D 127 -64.84 36.58 -17.17
N ILE D 128 -65.28 37.43 -18.09
CA ILE D 128 -66.65 37.93 -18.09
C ILE D 128 -67.28 37.71 -19.46
N ASP D 129 -68.58 37.42 -19.47
CA ASP D 129 -69.33 37.15 -20.68
C ASP D 129 -69.33 38.40 -21.57
N PRO D 130 -69.29 38.23 -22.90
CA PRO D 130 -69.33 39.43 -23.76
C PRO D 130 -70.60 40.23 -23.59
N GLU D 131 -71.71 39.56 -23.30
CA GLU D 131 -72.99 40.20 -23.03
C GLU D 131 -73.13 40.55 -21.55
N CYS D 132 -72.03 40.46 -20.79
CA CYS D 132 -71.99 40.84 -19.39
C CYS D 132 -73.13 40.19 -18.61
N ARG D 133 -73.31 38.89 -18.85
CA ARG D 133 -74.30 38.12 -18.11
C ARG D 133 -73.76 37.49 -16.84
N MET D 134 -72.47 37.18 -16.80
CA MET D 134 -71.93 36.47 -15.65
C MET D 134 -70.43 36.71 -15.60
N ILE D 135 -69.86 36.45 -14.42
CA ILE D 135 -68.42 36.45 -14.21
C ILE D 135 -67.98 35.00 -14.05
N GLY D 136 -67.04 34.58 -14.88
CA GLY D 136 -66.48 33.25 -14.75
C GLY D 136 -65.20 33.29 -13.93
N LEU D 137 -65.10 32.38 -12.96
CA LEU D 137 -63.93 32.28 -12.11
C LEU D 137 -63.42 30.85 -12.11
N ARG D 138 -62.12 30.69 -12.33
CA ARG D 138 -61.44 29.40 -12.17
C ARG D 138 -60.56 29.52 -10.94
N LEU D 139 -61.09 29.09 -9.80
CA LEU D 139 -60.35 29.16 -8.55
C LEU D 139 -59.71 27.84 -8.17
N TYR D 140 -60.39 26.72 -8.41
CA TYR D 140 -59.94 25.41 -7.96
C TYR D 140 -59.94 24.44 -9.13
N ASP D 141 -59.01 23.48 -9.09
CA ASP D 141 -59.01 22.41 -10.06
C ASP D 141 -60.37 21.72 -10.03
N GLY D 142 -60.95 21.49 -11.20
CA GLY D 142 -62.17 20.72 -11.30
C GLY D 142 -63.45 21.44 -10.91
N LEU D 143 -63.40 22.73 -10.59
CA LEU D 143 -64.59 23.49 -10.26
C LEU D 143 -64.53 24.81 -11.02
N PHE D 144 -65.69 25.19 -11.58
CA PHE D 144 -65.86 26.45 -12.29
C PHE D 144 -66.95 27.23 -11.56
N LYS D 145 -66.60 28.41 -11.06
CA LYS D 145 -67.51 29.23 -10.27
C LYS D 145 -68.13 30.31 -11.16
N VAL D 146 -69.44 30.51 -11.01
CA VAL D 146 -70.17 31.48 -11.80
C VAL D 146 -70.83 32.49 -10.88
N ILE D 147 -70.48 33.76 -11.05
CA ILE D 147 -71.19 34.87 -10.44
C ILE D 147 -72.12 35.46 -11.49
N PRO D 148 -73.44 35.32 -11.36
CA PRO D 148 -74.35 35.95 -12.34
C PRO D 148 -74.41 37.46 -12.18
N LEU D 149 -74.38 38.17 -13.31
CA LEU D 149 -74.41 39.63 -13.30
C LEU D 149 -75.87 40.10 -13.28
N ASP D 150 -76.51 39.82 -12.15
CA ASP D 150 -77.85 40.28 -11.85
C ASP D 150 -77.82 41.66 -11.20
N ARG D 151 -78.89 42.42 -11.39
CA ARG D 151 -78.94 43.75 -10.79
C ARG D 151 -78.92 43.67 -9.27
N ASP D 152 -79.54 42.62 -8.71
CA ASP D 152 -79.70 42.46 -7.26
C ASP D 152 -78.59 41.64 -6.61
N ASN D 153 -77.67 41.05 -7.38
CA ASN D 153 -76.66 40.17 -6.80
C ASN D 153 -75.57 41.03 -6.12
N LYS D 154 -76.02 41.76 -5.09
CA LYS D 154 -75.15 42.69 -4.39
C LYS D 154 -74.15 41.99 -3.48
N GLU D 155 -74.38 40.72 -3.16
CA GLU D 155 -73.43 39.93 -2.39
C GLU D 155 -72.53 39.07 -3.26
N LEU D 156 -72.63 39.18 -4.59
CA LEU D 156 -71.82 38.38 -5.50
C LEU D 156 -71.94 36.89 -5.17
N LYS D 157 -73.17 36.44 -4.99
CA LYS D 157 -73.43 35.04 -4.76
C LYS D 157 -73.10 34.22 -6.00
N ALA D 158 -72.63 32.99 -5.78
CA ALA D 158 -72.14 32.19 -6.90
C ALA D 158 -72.41 30.71 -6.66
N PHE D 159 -72.32 29.95 -7.76
CA PHE D 159 -72.47 28.50 -7.77
C PHE D 159 -71.32 27.92 -8.59
N ASN D 160 -70.95 26.68 -8.28
CA ASN D 160 -69.90 25.99 -9.00
C ASN D 160 -70.49 24.98 -9.98
N ILE D 161 -69.84 24.82 -11.13
CA ILE D 161 -70.21 23.81 -12.12
C ILE D 161 -69.08 22.79 -12.16
N ARG D 162 -69.41 21.52 -11.91
CA ARG D 162 -68.36 20.50 -11.90
C ARG D 162 -67.68 20.44 -13.27
N LEU D 163 -66.36 20.38 -13.27
CA LEU D 163 -65.55 20.36 -14.48
C LEU D 163 -64.70 19.10 -14.54
N GLU D 164 -64.88 18.31 -15.60
CA GLU D 164 -64.13 17.06 -15.71
C GLU D 164 -62.63 17.32 -15.89
N GLU D 165 -62.27 18.33 -16.68
CA GLU D 165 -60.88 18.60 -16.99
C GLU D 165 -60.26 19.27 -15.77
N LEU D 166 -59.47 18.50 -15.00
CA LEU D 166 -59.01 18.98 -13.71
C LEU D 166 -57.90 20.01 -13.87
N HIS D 167 -57.05 19.83 -14.87
CA HIS D 167 -55.87 20.67 -15.08
C HIS D 167 -56.13 21.55 -16.31
N VAL D 168 -56.59 22.77 -16.07
CA VAL D 168 -56.87 23.73 -17.14
C VAL D 168 -55.71 24.71 -17.24
N ILE D 169 -55.28 24.98 -18.46
CA ILE D 169 -54.21 25.94 -18.69
C ILE D 169 -54.73 27.36 -18.79
N ASP D 170 -55.72 27.60 -19.65
CA ASP D 170 -56.29 28.93 -19.83
C ASP D 170 -57.72 28.80 -20.33
N VAL D 171 -58.55 29.79 -19.99
CA VAL D 171 -59.96 29.80 -20.40
C VAL D 171 -60.40 31.22 -20.72
N LYS D 172 -61.28 31.36 -21.71
CA LYS D 172 -61.85 32.64 -22.10
C LYS D 172 -63.30 32.41 -22.53
N PHE D 173 -64.15 33.42 -22.32
CA PHE D 173 -65.49 33.42 -22.88
C PHE D 173 -65.39 33.78 -24.37
N LEU D 174 -66.17 33.10 -25.21
CA LEU D 174 -66.07 33.30 -26.64
C LEU D 174 -67.10 34.31 -27.16
N TYR D 175 -66.74 34.92 -28.30
CA TYR D 175 -67.60 35.86 -29.01
C TYR D 175 -68.38 35.13 -30.11
N GLY D 176 -69.54 35.68 -30.44
CA GLY D 176 -70.31 35.21 -31.58
C GLY D 176 -71.08 33.93 -31.35
N CYS D 177 -71.42 33.63 -30.11
CA CYS D 177 -72.16 32.43 -29.75
C CYS D 177 -73.50 32.85 -29.19
N GLN D 178 -74.54 32.06 -29.48
CA GLN D 178 -75.86 32.42 -28.97
C GLN D 178 -75.98 32.16 -27.47
N ALA D 179 -75.28 31.16 -26.97
CA ALA D 179 -75.28 30.87 -25.57
C ALA D 179 -73.88 31.17 -25.03
N PRO D 180 -73.76 31.50 -23.75
CA PRO D 180 -72.43 31.70 -23.17
C PRO D 180 -71.56 30.48 -23.41
N THR D 181 -70.40 30.71 -24.02
CA THR D 181 -69.49 29.63 -24.37
C THR D 181 -68.12 29.92 -23.79
N ILE D 182 -67.54 28.91 -23.14
CA ILE D 182 -66.16 29.00 -22.65
C ILE D 182 -65.33 28.11 -23.57
N CYS D 183 -64.16 28.62 -23.94
CA CYS D 183 -63.18 27.87 -24.72
C CYS D 183 -61.89 27.83 -23.92
N PHE D 184 -61.32 26.65 -23.76
CA PHE D 184 -60.16 26.54 -22.90
C PHE D 184 -59.22 25.45 -23.37
N VAL D 185 -57.96 25.61 -22.99
CA VAL D 185 -56.93 24.60 -23.17
C VAL D 185 -56.73 23.90 -21.85
N TYR D 186 -56.67 22.57 -21.88
CA TYR D 186 -56.50 21.77 -20.68
C TYR D 186 -55.44 20.71 -20.98
N GLN D 187 -54.91 20.13 -19.92
CA GLN D 187 -53.87 19.12 -20.04
C GLN D 187 -54.33 17.84 -19.37
N ASP D 188 -54.16 16.74 -20.06
CA ASP D 188 -54.42 15.41 -19.51
C ASP D 188 -53.24 14.55 -19.94
N PRO D 189 -53.21 13.27 -19.55
CA PRO D 189 -52.05 12.43 -19.93
C PRO D 189 -51.86 12.28 -21.44
N GLN D 190 -52.87 12.61 -22.24
CA GLN D 190 -52.80 12.44 -23.69
C GLN D 190 -52.25 13.68 -24.41
N GLY D 191 -51.78 14.68 -23.67
CA GLY D 191 -51.30 15.91 -24.26
C GLY D 191 -52.14 17.11 -23.88
N ARG D 192 -52.07 18.19 -24.64
CA ARG D 192 -52.91 19.35 -24.41
C ARG D 192 -53.98 19.42 -25.49
N HIS D 193 -55.16 19.87 -25.10
CA HIS D 193 -56.32 19.90 -25.97
C HIS D 193 -57.07 21.20 -25.75
N VAL D 194 -57.85 21.59 -26.75
CA VAL D 194 -58.77 22.73 -26.67
C VAL D 194 -60.18 22.19 -26.75
N LYS D 195 -61.07 22.75 -25.95
CA LYS D 195 -62.43 22.25 -25.81
C LYS D 195 -63.34 23.43 -25.53
N THR D 196 -64.62 23.25 -25.83
CA THR D 196 -65.62 24.26 -25.58
C THR D 196 -66.74 23.68 -24.72
N TYR D 197 -67.33 24.53 -23.90
CA TYR D 197 -68.55 24.21 -23.17
C TYR D 197 -69.48 25.40 -23.30
N GLU D 198 -70.77 25.16 -23.10
CA GLU D 198 -71.75 26.23 -22.95
C GLU D 198 -72.24 26.27 -21.50
N VAL D 199 -72.44 27.49 -21.01
CA VAL D 199 -72.81 27.74 -19.62
C VAL D 199 -74.27 28.17 -19.60
N SER D 200 -75.11 27.41 -18.89
CA SER D 200 -76.52 27.74 -18.74
C SER D 200 -76.75 28.24 -17.31
N LEU D 201 -77.00 29.54 -17.17
CA LEU D 201 -77.27 30.10 -15.85
C LEU D 201 -78.58 29.56 -15.28
N ARG D 202 -79.54 29.21 -16.14
CA ARG D 202 -80.82 28.71 -15.66
C ARG D 202 -80.67 27.32 -15.04
N GLU D 203 -79.97 26.43 -15.75
CA GLU D 203 -79.78 25.09 -15.24
C GLU D 203 -78.64 24.99 -14.23
N LYS D 204 -77.75 25.98 -14.20
CA LYS D 204 -76.57 25.93 -13.35
C LYS D 204 -75.70 24.73 -13.71
N GLU D 205 -75.42 24.56 -15.00
CA GLU D 205 -74.53 23.49 -15.43
C GLU D 205 -74.05 23.74 -16.86
N PHE D 206 -73.07 22.93 -17.27
CA PHE D 206 -72.56 22.97 -18.63
C PHE D 206 -73.47 22.18 -19.57
N ASN D 207 -73.57 22.67 -20.81
CA ASN D 207 -74.17 21.94 -21.92
C ASN D 207 -73.12 21.77 -23.01
N LYS D 208 -73.41 20.87 -23.95
CA LYS D 208 -72.49 20.57 -25.04
C LYS D 208 -71.99 21.82 -25.73
N GLY D 209 -70.70 21.86 -26.04
CA GLY D 209 -70.09 23.04 -26.60
C GLY D 209 -70.25 23.14 -28.11
N PRO D 210 -70.09 24.35 -28.65
CA PRO D 210 -70.33 24.54 -30.10
C PRO D 210 -69.37 23.79 -31.00
N TRP D 211 -68.11 23.56 -30.61
CA TRP D 211 -67.24 22.80 -31.49
C TRP D 211 -66.37 21.81 -30.70
N LYS D 212 -65.87 20.84 -31.45
CA LYS D 212 -65.24 19.64 -30.94
C LYS D 212 -63.87 19.91 -30.33
N GLN D 213 -63.43 18.96 -29.51
CA GLN D 213 -62.09 19.04 -28.95
C GLN D 213 -61.10 18.89 -30.09
N GLU D 214 -59.97 19.58 -29.97
CA GLU D 214 -58.88 19.40 -30.92
C GLU D 214 -57.62 19.18 -30.11
N ASN D 215 -56.77 18.25 -30.55
CA ASN D 215 -55.46 18.11 -29.92
C ASN D 215 -54.57 19.26 -30.39
N VAL D 216 -53.90 19.94 -29.45
CA VAL D 216 -53.15 21.15 -29.75
C VAL D 216 -51.72 21.04 -29.23
N GLU D 217 -50.92 22.05 -29.58
CA GLU D 217 -49.51 22.07 -29.23
C GLU D 217 -49.30 21.73 -27.76
N ALA D 218 -48.21 20.99 -27.49
CA ALA D 218 -47.89 20.58 -26.13
C ALA D 218 -47.66 21.78 -25.23
N GLU D 219 -47.17 22.89 -25.79
CA GLU D 219 -46.89 24.09 -25.01
C GLU D 219 -47.93 25.18 -25.24
N ALA D 220 -49.16 24.79 -25.59
CA ALA D 220 -50.24 25.75 -25.71
C ALA D 220 -50.37 26.55 -24.42
N SER D 221 -50.17 27.86 -24.52
CA SER D 221 -50.10 28.72 -23.34
C SER D 221 -51.31 29.61 -23.15
N MET D 222 -51.85 30.21 -24.21
CA MET D 222 -52.86 31.24 -24.05
C MET D 222 -54.02 31.08 -25.03
N VAL D 223 -55.20 31.52 -24.59
CA VAL D 223 -56.42 31.46 -25.36
C VAL D 223 -56.89 32.89 -25.63
N ILE D 224 -57.01 33.23 -26.91
CA ILE D 224 -57.55 34.52 -27.35
C ILE D 224 -58.96 34.30 -27.90
N ALA D 225 -59.93 35.01 -27.34
CA ALA D 225 -61.30 35.00 -27.85
C ALA D 225 -61.40 36.12 -28.90
N VAL D 226 -61.61 35.75 -30.16
CA VAL D 226 -61.61 36.69 -31.29
C VAL D 226 -62.99 37.28 -31.45
N PRO D 227 -63.12 38.54 -31.88
CA PRO D 227 -64.44 39.18 -31.91
C PRO D 227 -65.35 38.60 -33.00
N GLU D 228 -66.60 39.06 -32.97
CA GLU D 228 -67.63 38.45 -33.80
C GLU D 228 -67.34 38.47 -35.29
N PRO D 229 -66.75 39.52 -35.87
CA PRO D 229 -66.50 39.48 -37.33
C PRO D 229 -65.71 38.24 -37.75
N PHE D 230 -64.70 37.84 -36.95
CA PHE D 230 -63.99 36.59 -37.20
C PHE D 230 -64.55 35.43 -36.37
N GLY D 231 -64.73 35.63 -35.06
CA GLY D 231 -65.22 34.57 -34.20
C GLY D 231 -64.15 33.56 -33.84
N GLY D 232 -64.56 32.57 -33.04
CA GLY D 232 -63.63 31.50 -32.72
C GLY D 232 -62.59 31.95 -31.71
N ALA D 233 -61.44 31.27 -31.73
CA ALA D 233 -60.36 31.52 -30.78
C ALA D 233 -59.01 31.31 -31.47
N ILE D 234 -57.98 31.92 -30.90
CA ILE D 234 -56.60 31.71 -31.29
C ILE D 234 -55.86 31.12 -30.11
N ILE D 235 -54.96 30.18 -30.38
CA ILE D 235 -54.20 29.50 -29.34
C ILE D 235 -52.73 29.79 -29.56
N ILE D 236 -52.08 30.38 -28.57
CA ILE D 236 -50.66 30.74 -28.63
C ILE D 236 -49.86 29.63 -27.96
N GLY D 237 -48.83 29.14 -28.65
CA GLY D 237 -47.95 28.14 -28.09
C GLY D 237 -46.49 28.54 -28.02
N GLN D 238 -45.60 27.55 -27.97
CA GLN D 238 -44.16 27.80 -28.01
C GLN D 238 -43.65 27.88 -29.44
N GLU D 239 -44.16 27.02 -30.33
CA GLU D 239 -43.73 26.98 -31.73
C GLU D 239 -44.78 27.44 -32.73
N SER D 240 -46.07 27.36 -32.39
CA SER D 240 -47.12 27.59 -33.37
C SER D 240 -48.27 28.42 -32.78
N ILE D 241 -48.99 29.08 -33.67
CA ILE D 241 -50.22 29.80 -33.36
C ILE D 241 -51.34 29.20 -34.21
N THR D 242 -52.46 28.87 -33.57
CA THR D 242 -53.55 28.20 -34.26
C THR D 242 -54.86 28.96 -34.07
N TYR D 243 -55.73 28.84 -35.05
CA TYR D 243 -57.07 29.41 -34.99
C TYR D 243 -58.10 28.28 -35.12
N HIS D 244 -59.09 28.29 -34.22
CA HIS D 244 -60.12 27.26 -34.20
C HIS D 244 -61.49 27.94 -34.20
N ASN D 245 -62.43 27.42 -34.99
CA ASN D 245 -63.81 27.88 -34.95
C ASN D 245 -64.68 26.87 -35.68
N GLY D 246 -65.20 25.88 -34.97
CA GLY D 246 -66.02 24.86 -35.60
C GLY D 246 -65.28 24.09 -36.67
N ASP D 247 -65.67 24.33 -37.93
CA ASP D 247 -65.09 23.61 -39.05
C ASP D 247 -63.78 24.24 -39.52
N LYS D 248 -63.52 25.49 -39.17
CA LYS D 248 -62.33 26.17 -39.64
C LYS D 248 -61.13 25.86 -38.76
N TYR D 249 -59.98 25.61 -39.38
CA TYR D 249 -58.73 25.37 -38.67
C TYR D 249 -57.59 25.98 -39.46
N LEU D 250 -56.79 26.82 -38.80
CA LEU D 250 -55.57 27.36 -39.35
C LEU D 250 -54.44 27.15 -38.37
N ALA D 251 -53.22 27.04 -38.90
CA ALA D 251 -52.03 26.92 -38.05
C ALA D 251 -50.85 27.54 -38.77
N ILE D 252 -50.21 28.52 -38.13
CA ILE D 252 -48.98 29.12 -38.61
C ILE D 252 -47.90 28.86 -37.57
N ALA D 253 -46.73 28.42 -38.04
CA ALA D 253 -45.62 28.05 -37.17
C ALA D 253 -44.35 28.71 -37.68
N PRO D 254 -44.25 30.03 -37.56
CA PRO D 254 -43.08 30.75 -38.06
C PRO D 254 -41.86 30.48 -37.20
N PRO D 255 -40.68 30.31 -37.79
CA PRO D 255 -39.51 29.96 -36.99
C PRO D 255 -39.13 31.02 -35.97
N ILE D 256 -39.67 32.23 -36.11
CA ILE D 256 -39.20 33.36 -35.32
C ILE D 256 -39.64 33.25 -33.86
N ILE D 257 -40.85 32.77 -33.61
CA ILE D 257 -41.37 32.76 -32.25
C ILE D 257 -40.78 31.64 -31.40
N LYS D 258 -40.30 30.57 -32.01
CA LYS D 258 -39.71 29.48 -31.25
C LYS D 258 -38.49 29.95 -30.46
N GLN D 259 -37.86 31.04 -30.91
CA GLN D 259 -36.64 31.48 -30.23
C GLN D 259 -36.91 31.90 -28.79
N SER D 260 -38.05 32.52 -28.52
CA SER D 260 -38.36 32.96 -27.17
C SER D 260 -39.84 32.82 -26.91
N THR D 261 -40.17 32.37 -25.70
CA THR D 261 -41.56 32.13 -25.35
C THR D 261 -42.38 33.42 -25.37
N ILE D 262 -43.56 33.35 -25.98
CA ILE D 262 -44.52 34.45 -26.01
C ILE D 262 -45.36 34.36 -24.75
N VAL D 263 -45.47 35.47 -24.02
CA VAL D 263 -46.12 35.45 -22.72
C VAL D 263 -47.33 36.35 -22.61
N CYS D 264 -47.53 37.31 -23.51
CA CYS D 264 -48.61 38.27 -23.38
C CYS D 264 -49.20 38.61 -24.74
N HIS D 265 -50.44 39.09 -24.70
CA HIS D 265 -51.15 39.48 -25.92
C HIS D 265 -52.12 40.62 -25.65
N ASN D 266 -52.47 41.33 -26.72
CA ASN D 266 -53.53 42.32 -26.67
C ASN D 266 -54.17 42.43 -28.04
N ARG D 267 -55.36 43.03 -28.07
CA ARG D 267 -56.11 43.25 -29.30
C ARG D 267 -55.97 44.71 -29.69
N VAL D 268 -55.58 44.95 -30.94
CA VAL D 268 -55.38 46.30 -31.45
C VAL D 268 -56.63 46.84 -32.13
N ASP D 269 -57.25 46.02 -32.99
CA ASP D 269 -58.38 46.44 -33.80
C ASP D 269 -59.64 45.82 -33.22
N PRO D 270 -60.64 46.61 -32.80
CA PRO D 270 -61.83 46.00 -32.18
C PRO D 270 -62.41 44.83 -32.96
N ASN D 271 -62.25 44.78 -34.29
CA ASN D 271 -62.78 43.65 -35.05
C ASN D 271 -61.86 42.41 -35.03
N GLY D 272 -60.69 42.49 -34.43
CA GLY D 272 -59.80 41.35 -34.36
C GLY D 272 -58.81 41.20 -35.49
N SER D 273 -58.71 42.19 -36.37
CA SER D 273 -57.81 42.06 -37.52
C SER D 273 -56.36 41.97 -37.08
N ARG D 274 -55.98 42.70 -36.03
CA ARG D 274 -54.59 42.78 -35.59
C ARG D 274 -54.47 42.64 -34.07
N TYR D 275 -53.51 41.81 -33.63
CA TYR D 275 -53.19 41.62 -32.23
C TYR D 275 -51.72 41.91 -31.97
N LEU D 276 -51.38 42.22 -30.71
CA LEU D 276 -50.00 42.44 -30.30
C LEU D 276 -49.53 41.27 -29.45
N LEU D 277 -48.30 40.80 -29.69
CA LEU D 277 -47.72 39.70 -28.93
C LEU D 277 -46.36 40.08 -28.38
N GLY D 278 -46.06 39.63 -27.16
CA GLY D 278 -44.75 39.87 -26.56
C GLY D 278 -44.14 38.60 -26.03
N ASP D 279 -42.80 38.59 -25.98
CA ASP D 279 -42.00 37.45 -25.52
C ASP D 279 -40.95 37.94 -24.52
N MET D 280 -40.25 36.97 -23.92
CA MET D 280 -39.33 37.24 -22.82
C MET D 280 -38.03 37.91 -23.25
N GLU D 281 -37.76 38.02 -24.54
CA GLU D 281 -36.63 38.81 -25.02
C GLU D 281 -37.07 40.21 -25.39
N GLY D 282 -38.30 40.57 -25.05
CA GLY D 282 -38.82 41.90 -25.27
C GLY D 282 -39.36 42.09 -26.66
N ARG D 283 -39.24 41.09 -27.52
CA ARG D 283 -39.59 41.28 -28.91
C ARG D 283 -41.10 41.47 -28.98
N LEU D 284 -41.50 42.45 -29.76
CA LEU D 284 -42.90 42.83 -29.90
C LEU D 284 -43.33 42.44 -31.31
N PHE D 285 -44.39 41.65 -31.41
CA PHE D 285 -44.89 41.18 -32.68
C PHE D 285 -46.30 41.73 -32.93
N MET D 286 -46.66 41.73 -34.21
CA MET D 286 -48.03 42.00 -34.65
C MET D 286 -48.59 40.71 -35.25
N LEU D 287 -49.72 40.24 -34.73
CA LEU D 287 -50.42 39.09 -35.28
C LEU D 287 -51.56 39.60 -36.15
N LEU D 288 -51.57 39.18 -37.41
CA LEU D 288 -52.48 39.68 -38.43
C LEU D 288 -53.45 38.59 -38.82
N LEU D 289 -54.74 38.91 -38.81
CA LEU D 289 -55.78 37.99 -39.29
C LEU D 289 -56.24 38.48 -40.66
N GLU D 290 -55.85 37.75 -41.71
CA GLU D 290 -56.17 38.14 -43.08
C GLU D 290 -57.57 37.66 -43.43
N LYS D 291 -58.46 38.60 -43.73
CA LYS D 291 -59.88 38.30 -43.95
C LYS D 291 -60.15 37.93 -45.41
N GLU D 292 -61.20 37.15 -45.59
CA GLU D 292 -61.71 36.81 -46.92
C GLU D 292 -63.22 36.94 -46.91
N GLU D 293 -63.75 37.81 -47.76
CA GLU D 293 -65.20 37.98 -47.85
C GLU D 293 -65.72 36.92 -48.81
N GLN D 294 -66.75 36.21 -48.40
CA GLN D 294 -67.37 35.20 -49.25
C GLN D 294 -68.42 35.85 -50.15
N MET D 295 -68.81 35.12 -51.19
CA MET D 295 -69.88 35.62 -52.04
C MET D 295 -71.17 35.79 -51.26
N ASP D 296 -71.29 35.15 -50.10
CA ASP D 296 -72.43 35.35 -49.22
C ASP D 296 -72.53 36.78 -48.67
N GLY D 297 -71.43 37.50 -48.63
CA GLY D 297 -71.32 38.72 -47.84
C GLY D 297 -70.82 38.49 -46.44
N THR D 298 -70.61 37.23 -46.05
CA THR D 298 -70.06 36.88 -44.75
C THR D 298 -68.54 36.87 -44.85
N VAL D 299 -67.87 36.90 -43.70
CA VAL D 299 -66.42 36.99 -43.64
C VAL D 299 -65.85 35.80 -42.88
N THR D 300 -64.84 35.18 -43.48
CA THR D 300 -64.08 34.08 -42.90
C THR D 300 -62.60 34.48 -42.81
N LEU D 301 -61.84 33.70 -42.06
CA LEU D 301 -60.41 33.93 -41.87
C LEU D 301 -59.62 33.13 -42.90
N LYS D 302 -58.82 33.81 -43.71
CA LYS D 302 -58.06 33.17 -44.78
C LYS D 302 -56.68 32.70 -44.29
N ASP D 303 -55.96 33.55 -43.57
CA ASP D 303 -54.60 33.22 -43.16
C ASP D 303 -54.17 34.04 -41.96
N LEU D 304 -53.08 33.60 -41.33
CA LEU D 304 -52.45 34.28 -40.21
C LEU D 304 -51.06 34.74 -40.62
N ARG D 305 -50.63 35.89 -40.09
CA ARG D 305 -49.30 36.43 -40.35
C ARG D 305 -48.75 37.05 -39.09
N VAL D 306 -47.44 36.93 -38.91
CA VAL D 306 -46.73 37.53 -37.79
C VAL D 306 -45.64 38.43 -38.33
N GLU D 307 -45.54 39.65 -37.78
CA GLU D 307 -44.52 40.61 -38.19
C GLU D 307 -43.81 41.14 -36.95
N LEU D 308 -42.48 41.16 -37.00
CA LEU D 308 -41.69 41.68 -35.89
C LEU D 308 -41.70 43.21 -35.94
N LEU D 309 -42.14 43.84 -34.86
CA LEU D 309 -42.21 45.29 -34.79
C LEU D 309 -40.93 45.91 -34.25
N GLY D 310 -40.36 45.30 -33.22
CA GLY D 310 -39.17 45.83 -32.62
C GLY D 310 -38.93 45.18 -31.27
N GLU D 311 -38.39 45.95 -30.34
CA GLU D 311 -38.07 45.49 -29.00
C GLU D 311 -38.71 46.43 -27.98
N THR D 312 -39.34 45.83 -26.97
CA THR D 312 -39.87 46.58 -25.85
C THR D 312 -39.27 45.98 -24.57
N SER D 313 -39.73 46.47 -23.41
CA SER D 313 -39.39 45.85 -22.14
C SER D 313 -40.10 44.50 -22.01
N ILE D 314 -39.45 43.58 -21.29
CA ILE D 314 -40.08 42.30 -20.98
C ILE D 314 -41.44 42.64 -20.39
N ALA D 315 -42.52 42.21 -21.05
CA ALA D 315 -43.84 42.75 -20.78
C ALA D 315 -44.71 41.69 -20.12
N GLU D 316 -45.17 41.99 -18.90
CA GLU D 316 -46.17 41.13 -18.26
C GLU D 316 -47.49 41.22 -19.00
N CYS D 317 -47.93 42.44 -19.31
CA CYS D 317 -49.16 42.72 -20.05
C CYS D 317 -48.91 43.94 -20.95
N LEU D 318 -49.42 43.83 -22.17
CA LEU D 318 -49.44 44.93 -23.13
C LEU D 318 -50.87 45.44 -23.26
N THR D 319 -51.03 46.75 -23.46
CA THR D 319 -52.33 47.30 -23.78
C THR D 319 -52.17 48.39 -24.84
N TYR D 320 -52.93 48.25 -25.93
CA TYR D 320 -52.94 49.27 -26.97
C TYR D 320 -53.87 50.39 -26.51
N LEU D 321 -53.42 51.63 -26.64
CA LEU D 321 -54.23 52.78 -26.24
C LEU D 321 -54.87 53.38 -27.50
N ASP D 322 -54.12 54.15 -28.27
CA ASP D 322 -54.71 54.72 -29.48
C ASP D 322 -53.63 55.46 -30.25
N ASN D 323 -53.86 55.60 -31.56
CA ASN D 323 -52.99 56.39 -32.42
C ASN D 323 -51.57 55.87 -32.43
N GLY D 324 -51.43 54.55 -32.31
CA GLY D 324 -50.14 53.90 -32.38
C GLY D 324 -49.39 53.82 -31.08
N VAL D 325 -49.99 54.23 -29.97
CA VAL D 325 -49.32 54.29 -28.66
C VAL D 325 -49.69 53.03 -27.89
N VAL D 326 -48.70 52.36 -27.31
CA VAL D 326 -48.89 51.14 -26.57
C VAL D 326 -48.26 51.28 -25.19
N PHE D 327 -48.98 50.82 -24.16
CA PHE D 327 -48.43 50.75 -22.81
C PHE D 327 -47.83 49.37 -22.59
N VAL D 328 -46.56 49.34 -22.19
CA VAL D 328 -45.83 48.11 -21.94
C VAL D 328 -45.74 47.98 -20.41
N GLY D 329 -46.50 47.06 -19.83
CA GLY D 329 -46.51 46.84 -18.40
C GLY D 329 -45.55 45.70 -18.03
N SER D 330 -44.52 46.05 -17.29
CA SER D 330 -43.43 45.12 -16.99
C SER D 330 -43.33 44.85 -15.50
N ARG D 331 -43.07 43.59 -15.15
CA ARG D 331 -42.76 43.21 -13.78
C ARG D 331 -41.27 43.02 -13.55
N LEU D 332 -40.50 42.71 -14.58
CA LEU D 332 -39.05 42.55 -14.47
C LEU D 332 -38.27 43.84 -14.71
N GLY D 333 -38.78 44.76 -15.53
CA GLY D 333 -38.07 45.99 -15.82
C GLY D 333 -38.95 47.22 -15.89
N ASP D 334 -38.40 48.35 -16.33
CA ASP D 334 -39.16 49.58 -16.40
C ASP D 334 -40.30 49.46 -17.40
N SER D 335 -41.47 49.97 -17.05
CA SER D 335 -42.63 49.98 -17.92
C SER D 335 -42.49 51.11 -18.93
N GLN D 336 -43.38 51.12 -19.93
CA GLN D 336 -43.16 52.05 -21.03
C GLN D 336 -44.46 52.52 -21.68
N LEU D 337 -44.37 53.70 -22.31
CA LEU D 337 -45.22 54.10 -23.43
C LEU D 337 -44.36 54.04 -24.69
N VAL D 338 -44.83 53.38 -25.73
CA VAL D 338 -44.08 53.29 -26.98
C VAL D 338 -44.96 53.66 -28.16
N LYS D 339 -44.34 54.21 -29.19
CA LYS D 339 -45.01 54.58 -30.42
C LYS D 339 -44.73 53.55 -31.50
N LEU D 340 -45.80 53.04 -32.11
CA LEU D 340 -45.72 52.14 -33.25
C LEU D 340 -45.85 52.97 -34.51
N ASN D 341 -44.86 52.87 -35.40
CA ASN D 341 -44.84 53.64 -36.64
C ASN D 341 -45.15 52.74 -37.83
N VAL D 342 -45.70 53.36 -38.88
CA VAL D 342 -45.99 52.62 -40.10
C VAL D 342 -44.71 52.33 -40.87
N ASP D 343 -43.78 53.29 -40.91
CA ASP D 343 -42.48 53.10 -41.56
C ASP D 343 -41.45 52.75 -40.50
N SER D 344 -40.58 51.79 -40.82
CA SER D 344 -39.50 51.43 -39.93
C SER D 344 -38.46 52.53 -39.91
N ASN D 345 -37.68 52.57 -38.83
CA ASN D 345 -36.58 53.52 -38.73
C ASN D 345 -35.35 52.90 -39.39
N GLU D 346 -34.20 53.55 -39.25
CA GLU D 346 -33.00 53.11 -39.96
C GLU D 346 -32.50 51.75 -39.47
N GLN D 347 -32.94 51.31 -38.30
CA GLN D 347 -32.51 50.04 -37.73
C GLN D 347 -33.44 48.89 -38.08
N GLY D 348 -34.53 49.17 -38.77
CA GLY D 348 -35.53 48.16 -39.05
C GLY D 348 -36.63 48.11 -38.02
N SER D 349 -36.61 49.00 -37.04
CA SER D 349 -37.57 48.97 -35.95
C SER D 349 -38.74 49.88 -36.25
N TYR D 350 -39.94 49.40 -35.92
CA TYR D 350 -41.16 50.19 -36.00
C TYR D 350 -41.56 50.73 -34.63
N VAL D 351 -40.73 50.53 -33.60
CA VAL D 351 -41.06 50.86 -32.22
C VAL D 351 -40.12 51.94 -31.72
N VAL D 352 -40.69 53.00 -31.16
CA VAL D 352 -39.93 54.09 -30.57
C VAL D 352 -40.50 54.39 -29.19
N ALA D 353 -39.63 54.40 -28.19
CA ALA D 353 -40.06 54.67 -26.83
C ALA D 353 -40.49 56.14 -26.72
N MET D 354 -41.60 56.37 -26.04
CA MET D 354 -42.04 57.73 -25.72
C MET D 354 -41.62 58.12 -24.30
N GLU D 355 -42.15 57.41 -23.31
CA GLU D 355 -41.89 57.64 -21.90
C GLU D 355 -41.49 56.30 -21.30
N THR D 356 -40.67 56.34 -20.26
CA THR D 356 -40.21 55.11 -19.62
C THR D 356 -40.51 55.28 -18.13
N PHE D 357 -41.41 54.44 -17.62
CA PHE D 357 -41.87 54.43 -16.23
C PHE D 357 -41.00 53.49 -15.41
N THR D 358 -40.77 53.86 -14.15
CA THR D 358 -39.87 53.12 -13.28
C THR D 358 -40.47 51.89 -12.61
N ASN D 359 -39.73 50.79 -12.70
CA ASN D 359 -40.04 49.58 -11.95
C ASN D 359 -38.75 49.17 -11.23
N LEU D 360 -38.74 49.30 -9.90
CA LEU D 360 -37.63 48.76 -9.14
C LEU D 360 -37.54 47.25 -9.33
N GLY D 361 -38.57 46.66 -9.95
CA GLY D 361 -38.52 45.28 -10.37
C GLY D 361 -38.26 44.37 -9.21
N PRO D 362 -37.92 43.12 -9.52
CA PRO D 362 -37.45 42.21 -8.48
C PRO D 362 -36.21 42.80 -7.81
N ILE D 363 -36.26 42.94 -6.50
CA ILE D 363 -35.11 43.41 -5.72
C ILE D 363 -34.45 42.15 -5.17
N VAL D 364 -33.46 41.64 -5.87
CA VAL D 364 -32.83 40.39 -5.45
C VAL D 364 -32.01 40.63 -4.17
N ASP D 365 -31.27 41.73 -4.12
CA ASP D 365 -30.44 42.09 -2.98
C ASP D 365 -30.33 43.61 -2.90
N MET D 366 -29.83 44.09 -1.77
CA MET D 366 -29.60 45.53 -1.63
C MET D 366 -28.66 45.78 -0.46
N CYS D 367 -28.02 46.96 -0.50
CA CYS D 367 -27.13 47.41 0.55
C CYS D 367 -27.37 48.89 0.81
N VAL D 368 -27.13 49.31 2.05
CA VAL D 368 -27.24 50.70 2.46
C VAL D 368 -25.84 51.26 2.66
N VAL D 369 -25.55 52.38 2.01
CA VAL D 369 -24.24 52.99 2.04
C VAL D 369 -24.42 54.51 2.04
N ASP D 370 -23.65 55.20 2.89
CA ASP D 370 -23.66 56.66 2.93
C ASP D 370 -22.56 57.09 1.97
N LEU D 371 -22.93 57.24 0.69
CA LEU D 371 -21.94 57.59 -0.33
C LEU D 371 -21.34 58.97 -0.08
N GLU D 372 -22.15 59.91 0.39
CA GLU D 372 -21.65 61.25 0.66
C GLU D 372 -21.01 61.37 2.05
N ARG D 373 -20.94 60.27 2.80
CA ARG D 373 -20.41 60.21 4.16
C ARG D 373 -21.15 61.14 5.14
N GLN D 374 -22.34 61.58 4.77
CA GLN D 374 -23.23 62.35 5.61
C GLN D 374 -24.17 61.35 6.27
N GLY D 375 -24.99 61.81 7.21
CA GLY D 375 -25.87 60.83 7.81
C GLY D 375 -26.87 60.25 6.84
N GLN D 376 -26.99 60.86 5.66
CA GLN D 376 -27.94 60.42 4.67
C GLN D 376 -27.55 59.04 4.17
N GLY D 377 -28.51 58.14 4.18
CA GLY D 377 -28.29 56.77 3.74
C GLY D 377 -28.85 56.59 2.34
N GLN D 378 -28.06 55.96 1.47
CA GLN D 378 -28.50 55.65 0.12
C GLN D 378 -28.61 54.13 -0.02
N LEU D 379 -29.60 53.68 -0.78
CA LEU D 379 -29.89 52.27 -0.98
C LEU D 379 -29.55 51.92 -2.43
N VAL D 380 -28.57 51.03 -2.60
CA VAL D 380 -28.21 50.53 -3.92
C VAL D 380 -28.71 49.09 -4.03
N THR D 381 -29.58 48.85 -5.01
CA THR D 381 -30.29 47.58 -5.12
C THR D 381 -29.91 46.83 -6.38
N CYS D 382 -29.89 45.50 -6.28
CA CYS D 382 -29.86 44.63 -7.45
C CYS D 382 -31.29 44.43 -7.91
N SER D 383 -31.65 45.04 -9.03
CA SER D 383 -33.04 45.10 -9.48
C SER D 383 -33.14 44.55 -10.89
N GLY D 384 -34.25 43.87 -11.16
CA GLY D 384 -34.52 43.35 -12.48
C GLY D 384 -33.91 41.98 -12.69
N ALA D 385 -34.22 41.41 -13.85
CA ALA D 385 -33.67 40.14 -14.29
C ALA D 385 -33.60 40.20 -15.81
N PHE D 386 -32.74 39.35 -16.39
CA PHE D 386 -32.59 39.30 -17.84
C PHE D 386 -32.05 40.61 -18.39
N LYS D 387 -32.51 41.02 -19.58
CA LYS D 387 -31.95 42.22 -20.21
C LYS D 387 -32.21 43.47 -19.40
N GLU D 388 -33.22 43.46 -18.54
CA GLU D 388 -33.65 44.59 -17.74
C GLU D 388 -32.86 44.72 -16.44
N GLY D 389 -31.77 43.98 -16.30
CA GLY D 389 -30.99 44.02 -15.07
C GLY D 389 -30.36 45.40 -14.84
N SER D 390 -30.40 45.83 -13.58
CA SER D 390 -30.00 47.18 -13.24
C SER D 390 -29.51 47.21 -11.79
N LEU D 391 -28.69 48.22 -11.51
CA LEU D 391 -28.39 48.65 -10.16
C LEU D 391 -29.14 49.96 -9.97
N ARG D 392 -29.92 50.09 -8.90
CA ARG D 392 -30.72 51.28 -8.67
C ARG D 392 -30.29 51.90 -7.36
N ILE D 393 -29.79 53.12 -7.41
CA ILE D 393 -29.36 53.88 -6.23
C ILE D 393 -30.50 54.80 -5.84
N ILE D 394 -30.99 54.63 -4.62
CA ILE D 394 -32.19 55.30 -4.13
C ILE D 394 -31.77 56.10 -2.92
N ARG D 395 -32.11 57.38 -2.91
CA ARG D 395 -31.78 58.28 -1.82
C ARG D 395 -33.05 59.04 -1.47
N ASN D 396 -33.17 59.40 -0.20
CA ASN D 396 -34.32 60.21 0.22
C ASN D 396 -33.95 61.65 -0.13
N GLY D 397 -34.83 62.31 -0.86
CA GLY D 397 -34.55 63.65 -1.34
C GLY D 397 -34.85 64.72 -0.32
N ILE D 398 -34.54 65.96 -0.72
CA ILE D 398 -34.82 67.12 0.12
C ILE D 398 -35.33 68.27 -0.77
N GLN D 408 -43.29 64.71 -1.12
CA GLN D 408 -41.98 64.17 -0.74
C GLN D 408 -41.85 62.76 -1.30
N LYS D 409 -40.82 62.53 -2.10
CA LYS D 409 -40.61 61.28 -2.83
C LYS D 409 -39.11 61.06 -3.01
N LEU D 410 -38.77 59.88 -3.53
CA LEU D 410 -37.39 59.42 -3.62
C LEU D 410 -36.76 59.68 -4.99
N HIS D 411 -35.47 60.04 -4.97
CA HIS D 411 -34.69 60.21 -6.19
C HIS D 411 -33.95 58.92 -6.49
N ILE D 412 -34.13 58.41 -7.71
CA ILE D 412 -33.64 57.10 -8.11
C ILE D 412 -32.73 57.27 -9.32
N ARG D 413 -31.50 56.77 -9.21
CA ARG D 413 -30.57 56.68 -10.31
C ARG D 413 -30.52 55.24 -10.78
N THR D 414 -30.51 55.03 -12.09
CA THR D 414 -30.52 53.69 -12.66
C THR D 414 -29.21 53.45 -13.39
N VAL D 415 -28.55 52.34 -13.04
CA VAL D 415 -27.32 51.89 -13.68
C VAL D 415 -27.67 50.62 -14.47
N PRO D 416 -27.78 50.69 -15.79
CA PRO D 416 -28.15 49.49 -16.55
C PRO D 416 -26.99 48.52 -16.60
N LEU D 417 -27.30 47.24 -16.38
CA LEU D 417 -26.32 46.18 -16.52
C LEU D 417 -26.61 45.29 -17.71
N TYR D 418 -27.85 45.28 -18.22
CA TYR D 418 -28.26 44.50 -19.39
C TYR D 418 -27.95 43.01 -19.22
N GLU D 419 -27.78 42.58 -17.98
CA GLU D 419 -27.67 41.17 -17.61
C GLU D 419 -28.29 41.07 -16.22
N SER D 420 -28.41 39.84 -15.71
CA SER D 420 -29.17 39.62 -14.49
C SER D 420 -28.31 39.88 -13.25
N PRO D 421 -28.68 40.81 -12.37
CA PRO D 421 -27.95 40.99 -11.10
C PRO D 421 -28.49 40.05 -10.03
N ARG D 422 -27.60 39.57 -9.17
CA ARG D 422 -28.05 38.65 -8.12
C ARG D 422 -27.73 39.11 -6.71
N LYS D 423 -26.47 39.43 -6.39
CA LYS D 423 -26.12 39.89 -5.05
C LYS D 423 -25.15 41.06 -5.16
N ILE D 424 -25.19 41.95 -4.17
CA ILE D 424 -24.38 43.15 -4.14
C ILE D 424 -23.72 43.28 -2.78
N CYS D 425 -22.50 43.82 -2.78
CA CYS D 425 -21.75 44.04 -1.56
C CYS D 425 -20.88 45.28 -1.74
N TYR D 426 -20.80 46.09 -0.70
CA TYR D 426 -20.05 47.34 -0.73
C TYR D 426 -18.71 47.13 -0.03
N GLN D 427 -17.64 47.59 -0.68
CA GLN D 427 -16.27 47.49 -0.17
C GLN D 427 -15.76 48.93 -0.12
N GLU D 428 -15.77 49.53 1.08
CA GLU D 428 -15.36 50.93 1.17
C GLU D 428 -13.90 51.12 0.79
N VAL D 429 -13.03 50.21 1.24
CA VAL D 429 -11.59 50.40 1.05
C VAL D 429 -11.28 50.70 -0.41
N SER D 430 -12.00 50.08 -1.34
CA SER D 430 -11.76 50.25 -2.76
C SER D 430 -12.74 51.22 -3.42
N GLN D 431 -13.59 51.87 -2.62
CA GLN D 431 -14.60 52.79 -3.14
C GLN D 431 -15.39 52.16 -4.29
N CYS D 432 -15.83 50.92 -4.07
CA CYS D 432 -16.54 50.19 -5.11
C CYS D 432 -17.48 49.17 -4.51
N PHE D 433 -18.37 48.64 -5.36
CA PHE D 433 -19.27 47.56 -5.02
C PHE D 433 -18.84 46.28 -5.71
N GLY D 434 -19.08 45.15 -5.05
CA GLY D 434 -19.01 43.85 -5.69
C GLY D 434 -20.41 43.38 -5.99
N VAL D 435 -20.65 42.96 -7.23
CA VAL D 435 -21.96 42.51 -7.68
C VAL D 435 -21.84 41.17 -8.39
N LEU D 436 -22.61 40.19 -7.93
CA LEU D 436 -22.72 38.90 -8.60
C LEU D 436 -23.83 38.99 -9.64
N SER D 437 -23.55 38.50 -10.84
CA SER D 437 -24.48 38.62 -11.95
C SER D 437 -24.39 37.37 -12.80
N SER D 438 -25.42 37.15 -13.61
CA SER D 438 -25.51 35.99 -14.48
C SER D 438 -26.13 36.40 -15.80
N ARG D 439 -25.53 35.91 -16.89
CA ARG D 439 -26.05 36.16 -18.22
C ARG D 439 -26.31 34.83 -18.92
N ILE D 440 -27.30 34.83 -19.80
CA ILE D 440 -27.75 33.63 -20.48
C ILE D 440 -27.11 33.59 -21.86
N GLU D 441 -26.28 32.58 -22.09
CA GLU D 441 -25.73 32.23 -23.40
C GLU D 441 -26.36 30.93 -23.87
N VAL D 442 -26.29 30.72 -25.19
CA VAL D 442 -26.99 29.62 -25.84
C VAL D 442 -26.02 28.76 -26.62
N GLN D 443 -26.24 27.45 -26.60
CA GLN D 443 -25.40 26.51 -27.32
C GLN D 443 -25.39 26.80 -28.81
N ASP D 444 -24.17 26.96 -29.35
CA ASP D 444 -23.96 27.34 -30.74
C ASP D 444 -23.26 26.24 -31.51
N THR D 445 -23.10 26.46 -32.82
CA THR D 445 -22.52 25.45 -33.68
C THR D 445 -21.02 25.26 -33.44
N SER D 446 -20.37 26.21 -32.78
CA SER D 446 -18.94 26.05 -32.52
C SER D 446 -18.67 24.99 -31.46
N GLY D 447 -19.70 24.54 -30.76
CA GLY D 447 -19.55 23.69 -29.60
C GLY D 447 -19.57 24.43 -28.29
N GLY D 448 -19.32 25.74 -28.31
CA GLY D 448 -19.41 26.59 -27.15
C GLY D 448 -20.77 27.24 -27.00
N THR D 449 -20.77 28.46 -26.47
CA THR D 449 -21.98 29.24 -26.29
C THR D 449 -21.77 30.68 -26.77
N THR D 450 -22.90 31.36 -26.99
CA THR D 450 -22.93 32.73 -27.52
C THR D 450 -23.94 33.56 -26.75
N ALA D 451 -23.61 34.83 -26.57
CA ALA D 451 -24.47 35.76 -25.86
C ALA D 451 -25.55 36.35 -26.76
N LEU D 452 -26.77 36.43 -26.23
CA LEU D 452 -27.87 36.96 -27.02
C LEU D 452 -27.75 38.46 -27.23
N ARG D 453 -26.94 39.13 -26.42
CA ARG D 453 -26.81 40.58 -26.46
C ARG D 453 -25.54 40.98 -25.73
N PRO D 454 -25.03 42.17 -26.01
CA PRO D 454 -23.94 42.70 -25.17
C PRO D 454 -24.48 43.04 -23.79
N SER D 455 -23.62 42.88 -22.78
CA SER D 455 -24.06 43.06 -21.40
C SER D 455 -22.88 43.56 -20.58
N ALA D 456 -23.14 43.83 -19.29
CA ALA D 456 -22.15 44.48 -18.44
C ALA D 456 -20.84 43.67 -18.39
N SER D 457 -20.94 42.36 -18.18
CA SER D 457 -19.73 41.55 -18.07
C SER D 457 -19.09 41.31 -19.43
N THR D 458 -19.88 41.27 -20.50
CA THR D 458 -19.27 41.05 -21.81
C THR D 458 -18.53 42.31 -22.26
N GLN D 459 -19.08 43.46 -21.93
CA GLN D 459 -18.56 44.78 -22.28
C GLN D 459 -18.08 45.39 -20.96
N ALA D 460 -16.90 44.96 -20.52
CA ALA D 460 -16.25 45.46 -19.31
C ALA D 460 -14.81 45.82 -19.65
N LEU D 461 -14.22 46.67 -18.80
CA LEU D 461 -12.88 47.18 -19.07
C LEU D 461 -11.79 46.13 -18.87
N SER D 462 -11.69 45.56 -17.68
CA SER D 462 -10.77 44.46 -17.42
C SER D 462 -11.58 43.20 -17.17
N SER D 463 -11.05 42.06 -17.58
CA SER D 463 -11.79 40.82 -17.48
C SER D 463 -10.86 39.65 -17.16
N SER D 464 -11.44 38.63 -16.53
CA SER D 464 -10.71 37.42 -16.19
C SER D 464 -11.64 36.23 -16.28
N VAL D 465 -11.06 35.04 -16.35
CA VAL D 465 -11.82 33.79 -16.38
C VAL D 465 -11.14 32.85 -15.39
N SER D 466 -11.92 32.12 -14.62
CA SER D 466 -11.35 31.24 -13.61
C SER D 466 -10.77 30.00 -14.26
N SER D 467 -9.55 29.65 -13.88
CA SER D 467 -8.88 28.47 -14.39
C SER D 467 -8.77 27.37 -13.34
N SER D 468 -9.47 27.50 -12.22
CA SER D 468 -9.33 26.56 -11.12
C SER D 468 -9.63 25.15 -11.62
N LYS D 469 -8.81 24.19 -11.18
CA LYS D 469 -8.94 22.80 -11.60
C LYS D 469 -9.41 21.90 -10.47
N LEU D 470 -10.04 22.46 -9.44
CA LEU D 470 -10.52 21.65 -8.32
C LEU D 470 -11.47 20.57 -8.80
N PHE D 471 -12.43 20.92 -9.64
CA PHE D 471 -13.34 19.92 -10.17
C PHE D 471 -12.80 19.25 -11.42
N SER D 472 -11.69 19.76 -11.96
CA SER D 472 -10.93 19.11 -13.03
C SER D 472 -11.89 18.55 -14.08
N SER D 473 -11.73 17.30 -14.49
CA SER D 473 -12.65 16.60 -15.37
C SER D 473 -13.22 15.40 -14.64
N SER D 474 -13.03 15.36 -13.31
CA SER D 474 -13.59 14.31 -12.48
C SER D 474 -15.07 14.13 -12.76
N THR D 475 -15.81 15.23 -12.83
CA THR D 475 -17.23 15.17 -13.16
C THR D 475 -17.37 14.84 -14.65
N ALA D 476 -18.18 13.84 -14.96
CA ALA D 476 -18.41 13.48 -16.35
C ALA D 476 -19.15 14.60 -17.08
N PRO D 477 -18.81 14.88 -18.34
CA PRO D 477 -19.48 15.96 -19.07
C PRO D 477 -20.87 15.52 -19.50
N HIS D 478 -21.81 16.45 -19.45
CA HIS D 478 -23.20 16.18 -19.76
C HIS D 478 -23.52 16.62 -21.19
N GLU D 479 -24.53 15.98 -21.75
CA GLU D 479 -24.81 16.16 -23.17
C GLU D 479 -25.36 17.56 -23.39
N THR D 480 -24.90 18.22 -24.45
CA THR D 480 -25.32 19.57 -24.79
C THR D 480 -25.96 19.56 -26.17
N SER D 481 -27.15 20.14 -26.27
CA SER D 481 -27.90 20.23 -27.51
C SER D 481 -27.94 21.68 -27.97
N PHE D 482 -27.81 21.89 -29.27
CA PHE D 482 -27.84 23.24 -29.80
C PHE D 482 -29.16 23.93 -29.45
N GLY D 483 -29.07 25.18 -29.02
CA GLY D 483 -30.23 25.98 -28.70
C GLY D 483 -30.58 26.03 -27.22
N GLU D 484 -30.00 25.15 -26.40
CA GLU D 484 -30.29 25.18 -24.98
C GLU D 484 -29.62 26.38 -24.31
N GLU D 485 -30.30 26.93 -23.32
CA GLU D 485 -29.82 28.07 -22.55
C GLU D 485 -28.94 27.58 -21.41
N VAL D 486 -27.93 28.39 -21.07
CA VAL D 486 -27.09 28.14 -19.90
C VAL D 486 -26.77 29.48 -19.24
N GLU D 487 -26.56 29.46 -17.93
CA GLU D 487 -26.22 30.67 -17.19
C GLU D 487 -24.72 30.77 -17.02
N VAL D 488 -24.19 31.98 -17.21
CA VAL D 488 -22.78 32.29 -17.02
C VAL D 488 -22.69 33.34 -15.92
N HIS D 489 -22.05 32.99 -14.82
CA HIS D 489 -21.98 33.84 -13.65
C HIS D 489 -20.66 34.60 -13.59
N ASN D 490 -20.74 35.82 -13.08
CA ASN D 490 -19.59 36.72 -13.03
C ASN D 490 -19.59 37.51 -11.72
N LEU D 491 -18.40 37.93 -11.31
CA LEU D 491 -18.24 38.91 -10.25
C LEU D 491 -17.90 40.24 -10.93
N LEU D 492 -18.73 41.24 -10.71
CA LEU D 492 -18.51 42.57 -11.27
C LEU D 492 -17.97 43.50 -10.19
N ILE D 493 -16.94 44.26 -10.54
CA ILE D 493 -16.39 45.31 -9.69
C ILE D 493 -16.85 46.64 -10.28
N ILE D 494 -17.58 47.43 -9.47
CA ILE D 494 -18.26 48.63 -9.95
C ILE D 494 -17.90 49.83 -9.07
N ASP D 495 -17.52 50.93 -9.73
CA ASP D 495 -17.12 52.13 -9.02
C ASP D 495 -18.30 52.78 -8.31
N GLN D 496 -18.07 53.26 -7.08
CA GLN D 496 -19.17 53.73 -6.24
C GLN D 496 -19.73 55.07 -6.67
N HIS D 497 -18.99 55.85 -7.46
CA HIS D 497 -19.48 57.13 -7.95
C HIS D 497 -19.88 57.10 -9.41
N THR D 498 -19.01 56.58 -10.28
CA THR D 498 -19.31 56.50 -11.70
C THR D 498 -20.19 55.30 -12.02
N PHE D 499 -20.11 54.25 -11.21
CA PHE D 499 -20.83 53.01 -11.49
C PHE D 499 -20.41 52.46 -12.84
N GLU D 500 -19.11 52.51 -13.10
CA GLU D 500 -18.51 51.97 -14.31
C GLU D 500 -17.96 50.58 -13.97
N VAL D 501 -18.18 49.62 -14.85
CA VAL D 501 -17.71 48.27 -14.60
C VAL D 501 -16.20 48.26 -14.80
N LEU D 502 -15.47 48.10 -13.70
CA LEU D 502 -14.02 48.15 -13.70
C LEU D 502 -13.42 46.80 -14.07
N HIS D 503 -14.01 45.72 -13.58
CA HIS D 503 -13.50 44.39 -13.83
C HIS D 503 -14.67 43.40 -13.82
N ALA D 504 -14.52 42.33 -14.58
CA ALA D 504 -15.54 41.29 -14.64
C ALA D 504 -14.82 39.95 -14.67
N HIS D 505 -15.15 39.09 -13.70
CA HIS D 505 -14.55 37.77 -13.53
C HIS D 505 -15.60 36.71 -13.85
N GLN D 506 -15.29 35.85 -14.82
CA GLN D 506 -16.20 34.80 -15.23
C GLN D 506 -15.84 33.50 -14.53
N PHE D 507 -16.77 32.96 -13.78
CA PHE D 507 -16.58 31.73 -13.03
C PHE D 507 -16.61 30.52 -13.97
N LEU D 508 -16.42 29.35 -13.37
CA LEU D 508 -16.30 28.12 -14.13
C LEU D 508 -17.60 27.81 -14.86
N GLN D 509 -17.46 27.00 -15.91
CA GLN D 509 -18.63 26.52 -16.64
C GLN D 509 -19.55 25.75 -15.69
N ASN D 510 -20.84 26.11 -15.71
CA ASN D 510 -21.85 25.51 -14.85
C ASN D 510 -21.67 25.83 -13.38
N GLU D 511 -20.95 26.90 -13.06
CA GLU D 511 -20.76 27.34 -11.69
C GLU D 511 -21.66 28.54 -11.42
N TYR D 512 -22.47 28.45 -10.37
CA TYR D 512 -23.36 29.52 -9.97
C TYR D 512 -22.80 30.25 -8.76
N ALA D 513 -22.69 31.58 -8.87
CA ALA D 513 -22.28 32.39 -7.73
C ALA D 513 -23.54 32.66 -6.90
N LEU D 514 -23.50 32.26 -5.63
CA LEU D 514 -24.68 32.34 -4.79
C LEU D 514 -24.55 33.33 -3.64
N SER D 515 -23.34 33.56 -3.13
CA SER D 515 -23.14 34.40 -1.96
C SER D 515 -21.89 35.25 -2.14
N LEU D 516 -21.90 36.43 -1.50
CA LEU D 516 -20.83 37.40 -1.66
C LEU D 516 -20.66 38.20 -0.38
N VAL D 517 -19.41 38.35 0.08
CA VAL D 517 -19.11 39.20 1.23
C VAL D 517 -17.86 40.02 0.95
N SER D 518 -17.76 41.16 1.66
CA SER D 518 -16.58 42.01 1.68
C SER D 518 -16.16 42.22 3.12
N CYS D 519 -14.95 41.80 3.47
CA CYS D 519 -14.54 41.88 4.87
C CYS D 519 -13.03 41.69 4.99
N LYS D 520 -12.53 41.97 6.20
CA LYS D 520 -11.21 41.59 6.64
C LYS D 520 -11.33 40.34 7.50
N LEU D 521 -10.37 39.44 7.40
CA LEU D 521 -10.40 38.20 8.17
C LEU D 521 -9.11 38.00 8.96
N GLY D 522 -9.26 37.36 10.12
CA GLY D 522 -8.10 36.98 10.91
C GLY D 522 -7.20 38.15 11.23
N LYS D 523 -5.90 37.93 11.04
CA LYS D 523 -4.90 38.96 11.22
C LYS D 523 -4.45 39.57 9.89
N ASP D 524 -5.21 39.34 8.82
CA ASP D 524 -4.90 39.91 7.52
C ASP D 524 -5.55 41.28 7.40
N PRO D 525 -4.77 42.36 7.21
CA PRO D 525 -5.40 43.68 7.07
C PRO D 525 -6.05 43.91 5.73
N ASN D 526 -5.77 43.06 4.74
CA ASN D 526 -6.31 43.24 3.40
C ASN D 526 -7.81 42.97 3.41
N THR D 527 -8.55 43.78 2.65
CA THR D 527 -9.99 43.60 2.50
C THR D 527 -10.30 42.88 1.19
N TYR D 528 -11.08 41.81 1.30
CA TYR D 528 -11.33 40.91 0.18
C TYR D 528 -12.80 40.90 -0.22
N PHE D 529 -13.04 40.54 -1.48
CA PHE D 529 -14.34 40.04 -1.93
C PHE D 529 -14.30 38.51 -1.89
N ILE D 530 -15.26 37.91 -1.20
CA ILE D 530 -15.35 36.46 -1.08
C ILE D 530 -16.68 36.01 -1.67
N VAL D 531 -16.63 34.99 -2.52
CA VAL D 531 -17.80 34.51 -3.23
C VAL D 531 -18.02 33.03 -2.92
N GLY D 532 -19.28 32.68 -2.64
CA GLY D 532 -19.69 31.30 -2.46
C GLY D 532 -20.45 30.82 -3.68
N THR D 533 -20.06 29.63 -4.16
CA THR D 533 -20.58 29.12 -5.43
C THR D 533 -21.15 27.71 -5.26
N ALA D 534 -21.81 27.26 -6.32
CA ALA D 534 -22.37 25.92 -6.40
C ALA D 534 -22.19 25.41 -7.83
N MET D 535 -21.75 24.16 -7.97
CA MET D 535 -21.73 23.54 -9.29
C MET D 535 -23.13 23.01 -9.59
N VAL D 536 -23.72 23.50 -10.66
CA VAL D 536 -25.08 23.18 -11.04
C VAL D 536 -25.00 22.32 -12.28
N TYR D 537 -25.49 21.08 -12.15
CA TYR D 537 -25.64 20.17 -13.27
C TYR D 537 -27.09 19.73 -13.33
N PRO D 538 -27.71 19.79 -14.50
CA PRO D 538 -29.17 19.54 -14.57
C PRO D 538 -29.63 18.24 -13.94
N GLU D 539 -28.78 17.22 -13.91
CA GLU D 539 -29.22 15.91 -13.41
C GLU D 539 -29.38 15.91 -11.89
N GLU D 540 -28.53 16.64 -11.18
CA GLU D 540 -28.48 16.54 -9.73
C GLU D 540 -29.60 17.37 -9.10
N ALA D 541 -30.24 16.81 -8.08
CA ALA D 541 -31.27 17.56 -7.37
C ALA D 541 -30.69 18.66 -6.49
N GLU D 542 -29.67 18.33 -5.70
CA GLU D 542 -29.01 19.32 -4.87
C GLU D 542 -27.54 19.32 -5.25
N PRO D 543 -26.91 20.48 -5.42
CA PRO D 543 -25.51 20.48 -5.85
C PRO D 543 -24.65 19.71 -4.87
N LYS D 544 -23.70 18.94 -5.40
CA LYS D 544 -22.80 18.15 -4.59
C LYS D 544 -21.38 18.70 -4.64
N GLN D 545 -21.17 19.83 -5.33
CA GLN D 545 -19.86 20.46 -5.44
C GLN D 545 -19.99 21.98 -5.33
N GLY D 546 -18.92 22.61 -4.87
CA GLY D 546 -18.91 24.05 -4.67
C GLY D 546 -17.53 24.57 -4.33
N ARG D 547 -17.42 25.90 -4.38
CA ARG D 547 -16.18 26.61 -4.08
C ARG D 547 -16.44 27.91 -3.32
N ILE D 548 -15.54 28.21 -2.38
CA ILE D 548 -15.45 29.51 -1.72
C ILE D 548 -14.16 30.17 -2.16
N VAL D 549 -14.26 31.34 -2.79
CA VAL D 549 -13.11 32.00 -3.41
C VAL D 549 -12.87 33.34 -2.74
N VAL D 550 -11.60 33.64 -2.44
CA VAL D 550 -11.20 34.91 -1.82
C VAL D 550 -10.49 35.74 -2.87
N PHE D 551 -11.08 36.89 -3.21
CA PHE D 551 -10.54 37.82 -4.21
C PHE D 551 -10.03 39.06 -3.51
N GLN D 552 -9.01 39.69 -4.09
CA GLN D 552 -8.59 41.02 -3.65
C GLN D 552 -8.59 41.96 -4.85
N TYR D 553 -9.33 43.06 -4.76
CA TYR D 553 -9.28 44.11 -5.77
C TYR D 553 -8.32 45.20 -5.30
N SER D 554 -7.19 45.35 -6.00
CA SER D 554 -6.18 46.32 -5.63
C SER D 554 -5.47 46.80 -6.89
N ASP D 555 -5.28 48.12 -6.99
CA ASP D 555 -4.58 48.73 -8.12
C ASP D 555 -5.20 48.33 -9.45
N GLY D 556 -6.52 48.40 -9.53
CA GLY D 556 -7.19 48.19 -10.79
C GLY D 556 -7.28 46.76 -11.27
N LYS D 557 -6.77 45.80 -10.51
CA LYS D 557 -6.74 44.41 -10.91
C LYS D 557 -7.32 43.54 -9.81
N LEU D 558 -7.97 42.46 -10.22
CA LEU D 558 -8.59 41.52 -9.29
C LEU D 558 -7.71 40.28 -9.18
N GLN D 559 -7.26 39.96 -7.97
CA GLN D 559 -6.38 38.84 -7.72
C GLN D 559 -7.04 37.83 -6.80
N THR D 560 -6.86 36.55 -7.13
CA THR D 560 -7.45 35.44 -6.40
C THR D 560 -6.50 35.03 -5.28
N VAL D 561 -6.88 35.28 -4.03
CA VAL D 561 -5.99 34.93 -2.93
C VAL D 561 -6.07 33.45 -2.61
N ALA D 562 -7.26 32.85 -2.61
CA ALA D 562 -7.35 31.43 -2.30
C ALA D 562 -8.68 30.87 -2.78
N GLU D 563 -8.74 29.54 -2.88
CA GLU D 563 -9.96 28.83 -3.24
C GLU D 563 -10.10 27.65 -2.29
N LYS D 564 -11.31 27.43 -1.82
CA LYS D 564 -11.64 26.36 -0.89
C LYS D 564 -12.75 25.50 -1.48
N GLU D 565 -12.54 24.19 -1.51
CA GLU D 565 -13.53 23.29 -2.05
C GLU D 565 -14.51 22.86 -0.95
N VAL D 566 -15.80 22.81 -1.31
CA VAL D 566 -16.85 22.31 -0.43
C VAL D 566 -17.73 21.38 -1.26
N LYS D 567 -18.47 20.53 -0.56
CA LYS D 567 -19.27 19.49 -1.19
C LYS D 567 -20.75 19.88 -1.23
N GLY D 568 -21.05 21.06 -1.76
CA GLY D 568 -22.43 21.53 -1.83
C GLY D 568 -22.47 22.98 -2.27
N ALA D 569 -23.65 23.58 -2.09
CA ALA D 569 -23.89 24.94 -2.54
C ALA D 569 -23.73 25.91 -1.39
N VAL D 570 -22.92 26.94 -1.59
CA VAL D 570 -22.65 27.94 -0.54
C VAL D 570 -23.74 28.99 -0.66
N TYR D 571 -24.88 28.70 -0.03
CA TYR D 571 -26.04 29.58 -0.16
C TYR D 571 -25.78 30.92 0.51
N SER D 572 -25.07 30.95 1.63
CA SER D 572 -24.93 32.17 2.43
C SER D 572 -23.61 32.25 3.17
N MET D 573 -23.03 33.47 3.19
CA MET D 573 -21.82 33.75 3.95
C MET D 573 -21.98 35.05 4.74
N VAL D 574 -21.31 35.15 5.87
CA VAL D 574 -21.37 36.33 6.72
C VAL D 574 -20.12 36.33 7.61
N GLU D 575 -19.49 37.50 7.75
CA GLU D 575 -18.32 37.60 8.61
C GLU D 575 -18.73 37.48 10.07
N PHE D 576 -17.95 36.71 10.83
CA PHE D 576 -18.23 36.37 12.23
C PHE D 576 -16.96 36.58 13.05
N ASN D 577 -16.80 37.79 13.60
CA ASN D 577 -15.74 38.05 14.57
C ASN D 577 -14.39 37.60 14.01
N GLY D 578 -14.07 38.11 12.83
CA GLY D 578 -12.83 37.81 12.16
C GLY D 578 -12.78 36.49 11.44
N LYS D 579 -13.83 35.69 11.49
CA LYS D 579 -13.92 34.40 10.83
C LYS D 579 -15.05 34.45 9.82
N LEU D 580 -15.09 33.47 8.93
CA LEU D 580 -16.09 33.41 7.86
C LEU D 580 -17.11 32.33 8.18
N LEU D 581 -18.37 32.73 8.33
CA LEU D 581 -19.47 31.81 8.55
C LEU D 581 -20.16 31.55 7.21
N ALA D 582 -20.15 30.28 6.78
CA ALA D 582 -20.71 29.89 5.48
C ALA D 582 -21.63 28.70 5.67
N SER D 583 -22.69 28.66 4.87
CA SER D 583 -23.64 27.55 4.85
C SER D 583 -23.45 26.75 3.55
N ILE D 584 -23.10 25.48 3.70
CA ILE D 584 -22.97 24.54 2.58
C ILE D 584 -24.07 23.50 2.74
N ASN D 585 -25.17 23.67 1.96
CA ASN D 585 -26.32 22.78 2.04
C ASN D 585 -26.83 22.69 3.48
N SER D 586 -26.86 21.48 4.06
CA SER D 586 -27.33 21.34 5.44
C SER D 586 -26.32 21.86 6.46
N THR D 587 -25.04 21.80 6.14
CA THR D 587 -23.98 22.12 7.10
C THR D 587 -23.78 23.62 7.21
N VAL D 588 -23.57 24.10 8.44
CA VAL D 588 -23.17 25.47 8.70
C VAL D 588 -21.78 25.45 9.35
N ARG D 589 -20.80 26.05 8.68
CA ARG D 589 -19.41 25.95 9.09
C ARG D 589 -18.83 27.33 9.40
N LEU D 590 -17.86 27.36 10.31
CA LEU D 590 -17.08 28.56 10.61
C LEU D 590 -15.66 28.31 10.12
N TYR D 591 -15.18 29.18 9.24
CA TYR D 591 -13.84 29.07 8.67
C TYR D 591 -12.94 30.12 9.31
N GLU D 592 -11.70 29.71 9.60
CA GLU D 592 -10.67 30.61 10.08
C GLU D 592 -9.69 30.91 8.95
N TRP D 593 -9.11 32.10 9.00
CA TRP D 593 -8.19 32.58 7.98
C TRP D 593 -6.78 32.44 8.53
N THR D 594 -6.01 31.51 7.96
CA THR D 594 -4.70 31.20 8.51
C THR D 594 -3.72 32.29 8.12
N THR D 595 -2.53 32.23 8.70
CA THR D 595 -1.44 33.11 8.29
C THR D 595 -0.87 32.75 6.93
N GLU D 596 -1.22 31.58 6.37
CA GLU D 596 -0.84 31.24 5.01
C GLU D 596 -1.91 31.64 3.99
N LYS D 597 -2.90 32.43 4.41
CA LYS D 597 -3.95 32.95 3.53
C LYS D 597 -4.76 31.84 2.87
N GLU D 598 -5.22 30.87 3.67
CA GLU D 598 -6.18 29.87 3.24
C GLU D 598 -7.15 29.63 4.39
N LEU D 599 -8.40 29.35 4.03
CA LEU D 599 -9.43 29.13 5.05
C LEU D 599 -9.30 27.73 5.64
N ARG D 600 -9.53 27.64 6.94
CA ARG D 600 -9.41 26.40 7.70
C ARG D 600 -10.69 26.25 8.52
N THR D 601 -11.28 25.05 8.50
CA THR D 601 -12.50 24.81 9.26
C THR D 601 -12.19 24.80 10.74
N GLU D 602 -13.09 25.35 11.54
CA GLU D 602 -12.98 25.28 13.00
C GLU D 602 -14.06 24.37 13.59
N CYS D 603 -15.32 24.67 13.33
CA CYS D 603 -16.47 23.96 13.89
C CYS D 603 -17.57 23.93 12.85
N ASN D 604 -18.45 22.92 12.96
CA ASN D 604 -19.53 22.68 12.02
C ASN D 604 -20.84 22.41 12.76
N HIS D 605 -21.96 22.66 12.07
CA HIS D 605 -23.31 22.36 12.54
C HIS D 605 -24.13 21.68 11.45
N TYR D 606 -24.95 20.67 11.86
CA TYR D 606 -25.60 19.84 10.85
C TYR D 606 -27.10 19.59 10.98
N ASN D 607 -27.80 20.14 11.99
CA ASN D 607 -29.23 19.87 12.09
C ASN D 607 -30.01 20.84 11.21
N ASN D 608 -29.83 20.71 9.90
CA ASN D 608 -30.47 21.60 8.94
C ASN D 608 -30.79 20.85 7.66
N ILE D 609 -31.94 21.23 7.08
CA ILE D 609 -32.37 20.68 5.80
C ILE D 609 -31.65 21.43 4.68
N MET D 610 -31.87 22.75 4.63
CA MET D 610 -31.14 23.63 3.73
C MET D 610 -30.96 24.97 4.42
N ALA D 611 -29.71 25.31 4.74
CA ALA D 611 -29.39 26.54 5.45
C ALA D 611 -29.27 27.68 4.44
N LEU D 612 -30.40 28.31 4.12
CA LEU D 612 -30.43 29.29 3.06
C LEU D 612 -29.95 30.66 3.51
N TYR D 613 -30.24 31.05 4.76
CA TYR D 613 -29.98 32.41 5.20
C TYR D 613 -29.22 32.46 6.51
N LEU D 614 -28.34 33.46 6.62
CA LEU D 614 -27.50 33.65 7.79
C LEU D 614 -27.48 35.12 8.17
N LYS D 615 -27.56 35.39 9.48
CA LYS D 615 -27.46 36.73 10.04
C LYS D 615 -26.80 36.57 11.41
N THR D 616 -25.95 37.52 11.79
CA THR D 616 -25.19 37.41 13.03
C THR D 616 -25.28 38.68 13.89
N LYS D 617 -25.30 38.49 15.20
CA LYS D 617 -25.14 39.57 16.17
C LYS D 617 -24.27 39.06 17.30
N GLY D 618 -23.05 39.57 17.39
CA GLY D 618 -22.13 39.09 18.43
C GLY D 618 -21.69 37.66 18.14
N ASP D 619 -21.77 36.81 19.14
CA ASP D 619 -21.49 35.39 18.97
C ASP D 619 -22.75 34.57 18.70
N PHE D 620 -23.86 35.22 18.38
CA PHE D 620 -25.11 34.58 18.05
C PHE D 620 -25.32 34.55 16.53
N ILE D 621 -25.94 33.47 16.05
CA ILE D 621 -26.22 33.27 14.64
C ILE D 621 -27.69 32.89 14.47
N LEU D 622 -28.35 33.50 13.49
CA LEU D 622 -29.72 33.16 13.12
C LEU D 622 -29.68 32.45 11.78
N VAL D 623 -30.02 31.16 11.77
CA VAL D 623 -29.97 30.35 10.56
C VAL D 623 -31.39 30.17 10.05
N GLY D 624 -31.59 30.44 8.76
CA GLY D 624 -32.88 30.30 8.13
C GLY D 624 -32.97 29.09 7.22
N ASP D 625 -33.83 28.15 7.58
CA ASP D 625 -33.98 26.89 6.88
C ASP D 625 -35.10 26.98 5.85
N LEU D 626 -35.05 26.06 4.89
CA LEU D 626 -36.08 26.05 3.86
C LEU D 626 -37.45 25.75 4.47
N MET D 627 -37.52 24.85 5.46
CA MET D 627 -38.82 24.49 5.99
C MET D 627 -38.96 24.55 7.51
N ARG D 628 -37.89 24.29 8.26
CA ARG D 628 -38.01 24.26 9.71
C ARG D 628 -37.84 25.65 10.32
N SER D 629 -37.92 26.70 9.51
CA SER D 629 -37.91 28.09 9.97
C SER D 629 -36.55 28.44 10.56
N VAL D 630 -36.49 29.32 11.56
CA VAL D 630 -35.23 29.91 12.02
C VAL D 630 -34.71 29.20 13.27
N LEU D 631 -33.38 29.20 13.39
CA LEU D 631 -32.66 28.64 14.52
C LEU D 631 -31.69 29.68 15.06
N LEU D 632 -31.58 29.75 16.39
CA LEU D 632 -30.65 30.67 17.06
C LEU D 632 -29.45 29.84 17.51
N LEU D 633 -28.41 29.82 16.68
CA LEU D 633 -27.16 29.20 17.09
C LEU D 633 -26.34 30.19 17.91
N ALA D 634 -25.39 29.67 18.68
CA ALA D 634 -24.44 30.50 19.39
C ALA D 634 -23.08 29.85 19.29
N TYR D 635 -22.06 30.66 19.07
CA TYR D 635 -20.67 30.21 19.07
C TYR D 635 -20.16 30.24 20.50
N LYS D 636 -19.66 29.10 20.97
CA LYS D 636 -19.14 29.05 22.33
C LYS D 636 -17.63 29.08 22.23
N PRO D 637 -16.98 30.24 22.37
CA PRO D 637 -15.54 30.33 22.10
C PRO D 637 -14.70 29.47 23.02
N MET D 638 -15.15 29.23 24.26
CA MET D 638 -14.33 28.41 25.15
C MET D 638 -14.11 27.01 24.60
N GLU D 639 -15.10 26.46 23.89
CA GLU D 639 -14.96 25.11 23.36
C GLU D 639 -14.63 25.07 21.88
N GLY D 640 -14.89 26.16 21.16
CA GLY D 640 -14.64 26.17 19.73
C GLY D 640 -15.66 25.39 18.91
N ASN D 641 -16.94 25.52 19.24
CA ASN D 641 -18.01 24.84 18.52
C ASN D 641 -19.30 25.63 18.72
N PHE D 642 -20.33 25.23 17.98
CA PHE D 642 -21.64 25.86 18.04
C PHE D 642 -22.48 25.18 19.12
N GLU D 643 -23.58 25.84 19.50
CA GLU D 643 -24.53 25.24 20.43
C GLU D 643 -25.92 25.75 20.08
N GLU D 644 -26.88 24.83 19.94
CA GLU D 644 -28.25 25.20 19.58
C GLU D 644 -28.94 25.88 20.76
N ILE D 645 -29.21 27.19 20.62
CA ILE D 645 -29.87 27.91 21.69
C ILE D 645 -31.38 27.70 21.66
N ALA D 646 -32.00 27.79 20.48
CA ALA D 646 -33.44 27.72 20.38
C ALA D 646 -33.83 27.63 18.91
N ARG D 647 -34.92 26.92 18.63
CA ARG D 647 -35.43 26.78 17.28
C ARG D 647 -36.93 27.06 17.30
N ASP D 648 -37.41 27.69 16.23
CA ASP D 648 -38.84 27.86 16.03
C ASP D 648 -39.34 26.55 15.42
N PHE D 649 -39.99 25.72 16.23
CA PHE D 649 -40.35 24.40 15.77
C PHE D 649 -41.47 24.45 14.74
N ASN D 650 -42.32 25.49 14.80
CA ASN D 650 -43.35 25.65 13.78
C ASN D 650 -42.68 25.73 12.41
N PRO D 651 -43.30 25.14 11.36
CA PRO D 651 -42.62 25.06 10.06
C PRO D 651 -43.04 26.14 9.07
N ASN D 652 -42.10 27.00 8.66
CA ASN D 652 -42.39 28.06 7.71
C ASN D 652 -41.35 28.05 6.60
N TRP D 653 -41.81 28.16 5.35
CA TRP D 653 -40.88 28.30 4.23
C TRP D 653 -40.32 29.72 4.27
N MET D 654 -39.01 29.84 4.49
CA MET D 654 -38.44 31.15 4.75
C MET D 654 -37.94 31.74 3.44
N SER D 655 -38.07 33.06 3.32
CA SER D 655 -37.53 33.81 2.20
C SER D 655 -36.47 34.82 2.61
N ALA D 656 -36.44 35.24 3.86
CA ALA D 656 -35.42 36.14 4.39
C ALA D 656 -35.61 36.23 5.90
N VAL D 657 -34.50 36.42 6.60
CA VAL D 657 -34.50 36.54 8.05
C VAL D 657 -33.70 37.78 8.43
N GLU D 658 -33.86 38.21 9.68
CA GLU D 658 -33.08 39.31 10.21
C GLU D 658 -33.13 39.26 11.72
N ILE D 659 -32.05 39.73 12.35
CA ILE D 659 -31.98 39.86 13.79
C ILE D 659 -32.36 41.29 14.15
N LEU D 660 -33.38 41.44 15.00
CA LEU D 660 -33.80 42.76 15.44
C LEU D 660 -33.00 43.22 16.65
N ASP D 661 -32.85 42.36 17.64
CA ASP D 661 -32.04 42.62 18.83
C ASP D 661 -31.68 41.28 19.45
N ASP D 662 -31.08 41.31 20.64
CA ASP D 662 -30.57 40.07 21.22
C ASP D 662 -31.68 39.06 21.49
N ASP D 663 -32.94 39.48 21.53
CA ASP D 663 -34.03 38.58 21.85
C ASP D 663 -35.04 38.40 20.72
N ASN D 664 -35.14 39.33 19.78
CA ASN D 664 -36.15 39.27 18.73
C ASN D 664 -35.53 38.91 17.38
N PHE D 665 -36.24 38.11 16.59
CA PHE D 665 -35.80 37.63 15.30
C PHE D 665 -36.95 37.78 14.31
N LEU D 666 -36.65 38.33 13.14
CA LEU D 666 -37.65 38.65 12.13
C LEU D 666 -37.54 37.70 10.94
N GLY D 667 -38.67 37.24 10.44
CA GLY D 667 -38.70 36.32 9.32
C GLY D 667 -39.75 36.68 8.30
N ALA D 668 -39.51 36.23 7.05
CA ALA D 668 -40.43 36.43 5.95
C ALA D 668 -40.69 35.08 5.28
N GLU D 669 -41.96 34.79 5.03
CA GLU D 669 -42.43 33.51 4.50
C GLU D 669 -42.87 33.63 3.06
N ASN D 670 -42.81 32.48 2.35
CA ASN D 670 -43.28 32.46 0.96
C ASN D 670 -44.78 32.71 0.86
N ALA D 671 -45.48 32.82 1.98
CA ALA D 671 -46.90 33.13 1.99
C ALA D 671 -47.15 34.63 2.07
N PHE D 672 -46.13 35.44 1.81
CA PHE D 672 -46.21 36.89 1.92
C PHE D 672 -46.49 37.31 3.36
N ASN D 673 -45.90 36.60 4.31
CA ASN D 673 -46.16 36.89 5.71
C ASN D 673 -44.86 37.22 6.43
N LEU D 674 -44.96 38.10 7.42
CA LEU D 674 -43.85 38.40 8.32
C LEU D 674 -44.19 37.82 9.69
N PHE D 675 -43.19 37.31 10.39
CA PHE D 675 -43.41 36.84 11.75
C PHE D 675 -42.17 37.13 12.57
N VAL D 676 -42.35 37.33 13.87
CA VAL D 676 -41.26 37.58 14.78
C VAL D 676 -41.34 36.57 15.91
N CYS D 677 -40.30 35.77 16.07
CA CYS D 677 -40.18 34.82 17.17
C CYS D 677 -39.06 35.27 18.10
N GLN D 678 -39.23 34.99 19.39
CA GLN D 678 -38.26 35.43 20.39
C GLN D 678 -38.01 34.34 21.44
N LYS D 679 -36.86 34.48 22.10
CA LYS D 679 -36.53 33.61 23.23
C LYS D 679 -37.60 33.75 24.30
N ASP D 680 -38.08 32.62 24.81
CA ASP D 680 -39.22 32.62 25.72
C ASP D 680 -38.86 33.24 27.08
N SER D 681 -37.71 32.87 27.63
CA SER D 681 -37.25 33.44 28.90
C SER D 681 -38.29 33.25 30.01
N ALA D 682 -39.09 32.19 29.91
CA ALA D 682 -40.07 31.86 30.93
C ALA D 682 -40.01 30.40 31.36
N ALA D 683 -40.47 30.15 32.59
CA ALA D 683 -40.53 28.85 33.24
C ALA D 683 -39.17 28.22 33.52
N THR D 684 -38.07 28.87 33.15
CA THR D 684 -36.72 28.39 33.44
C THR D 684 -36.54 26.90 33.21
N THR D 685 -37.19 26.38 32.18
CA THR D 685 -37.11 24.97 31.77
C THR D 685 -36.25 24.89 30.52
N ASP D 686 -35.28 23.96 30.51
CA ASP D 686 -34.42 23.85 29.33
C ASP D 686 -35.25 23.65 28.06
N GLU D 687 -36.32 22.86 28.17
CA GLU D 687 -37.22 22.64 27.03
C GLU D 687 -37.90 23.93 26.62
N GLU D 688 -38.35 24.73 27.59
CA GLU D 688 -38.97 26.01 27.27
C GLU D 688 -37.94 26.97 26.66
N ARG D 689 -36.70 26.94 27.16
CA ARG D 689 -35.65 27.83 26.65
C ARG D 689 -35.39 27.59 25.17
N GLN D 690 -35.36 26.33 24.75
CA GLN D 690 -35.13 25.97 23.36
C GLN D 690 -36.39 26.03 22.51
N HIS D 691 -37.33 26.92 22.84
CA HIS D 691 -38.58 27.03 22.08
C HIS D 691 -38.79 28.48 21.67
N LEU D 692 -38.21 28.88 20.54
CA LEU D 692 -38.49 30.21 20.06
C LEU D 692 -39.96 30.27 19.69
N GLN D 693 -40.67 31.24 20.25
CA GLN D 693 -42.12 31.34 20.09
C GLN D 693 -42.49 32.45 19.12
N GLU D 694 -43.31 32.11 18.12
CA GLU D 694 -43.83 33.09 17.16
C GLU D 694 -44.80 34.02 17.88
N VAL D 695 -44.31 35.23 18.21
CA VAL D 695 -45.10 36.20 18.95
C VAL D 695 -45.71 37.28 18.07
N GLY D 696 -45.16 37.49 16.87
CA GLY D 696 -45.72 38.45 15.94
C GLY D 696 -46.07 37.81 14.62
N LEU D 697 -47.24 38.14 14.09
CA LEU D 697 -47.72 37.61 12.82
C LEU D 697 -48.36 38.74 12.04
N PHE D 698 -48.04 38.85 10.76
CA PHE D 698 -48.51 39.97 9.96
C PHE D 698 -48.45 39.57 8.49
N HIS D 699 -49.56 39.76 7.77
CA HIS D 699 -49.60 39.51 6.33
C HIS D 699 -49.09 40.75 5.61
N LEU D 700 -47.88 40.66 5.07
CA LEU D 700 -47.29 41.82 4.40
C LEU D 700 -47.95 42.05 3.05
N GLY D 701 -48.24 40.99 2.32
CA GLY D 701 -48.76 41.11 0.98
C GLY D 701 -47.70 41.28 -0.08
N GLU D 702 -46.42 41.26 0.31
CA GLU D 702 -45.31 41.39 -0.60
C GLU D 702 -44.35 40.25 -0.31
N PHE D 703 -43.52 39.93 -1.29
CA PHE D 703 -42.55 38.84 -1.16
C PHE D 703 -41.20 39.47 -0.81
N VAL D 704 -40.71 39.21 0.40
CA VAL D 704 -39.47 39.80 0.86
C VAL D 704 -38.30 38.92 0.43
N ASN D 705 -37.34 39.53 -0.25
CA ASN D 705 -36.11 38.86 -0.65
C ASN D 705 -34.94 39.20 0.25
N VAL D 706 -34.87 40.41 0.79
CA VAL D 706 -33.69 40.87 1.53
C VAL D 706 -34.11 41.75 2.70
N PHE D 707 -33.56 41.47 3.89
CA PHE D 707 -33.64 42.38 5.03
C PHE D 707 -32.30 43.09 5.20
N CYS D 708 -32.35 44.40 5.49
CA CYS D 708 -31.14 45.24 5.54
C CYS D 708 -31.32 46.31 6.60
N HIS D 709 -30.42 46.31 7.58
CA HIS D 709 -30.41 47.34 8.63
C HIS D 709 -29.98 48.68 8.04
N GLY D 710 -30.68 49.74 8.41
CA GLY D 710 -30.32 51.08 7.95
C GLY D 710 -31.56 51.95 7.82
N SER D 711 -31.31 53.21 7.50
CA SER D 711 -32.39 54.15 7.22
C SER D 711 -31.96 55.11 6.12
N LEU D 712 -32.93 55.51 5.30
CA LEU D 712 -32.68 56.46 4.24
C LEU D 712 -32.82 57.90 4.70
N VAL D 713 -33.53 58.14 5.78
CA VAL D 713 -33.68 59.49 6.30
C VAL D 713 -32.37 59.85 6.99
N MET D 714 -32.09 61.14 7.02
CA MET D 714 -30.88 61.64 7.65
C MET D 714 -30.88 61.34 9.14
N GLN D 715 -29.72 60.91 9.64
CA GLN D 715 -29.50 60.61 11.05
C GLN D 715 -28.59 61.70 11.59
N ASN D 716 -29.06 62.47 12.56
CA ASN D 716 -28.25 63.51 13.20
C ASN D 716 -27.68 62.96 14.50
N LEU D 717 -26.35 63.06 14.65
CA LEU D 717 -25.68 62.49 15.81
C LEU D 717 -26.27 62.98 17.12
N GLY D 718 -27.01 64.08 17.09
CA GLY D 718 -27.63 64.57 18.31
C GLY D 718 -28.79 63.68 18.70
N GLU D 719 -28.89 63.40 19.99
CA GLU D 719 -29.85 62.42 20.48
C GLU D 719 -31.26 62.98 20.38
N THR D 720 -32.12 62.28 19.65
CA THR D 720 -33.54 62.59 19.52
C THR D 720 -34.35 61.41 20.06
N SER D 721 -35.31 61.69 20.94
CA SER D 721 -36.14 60.62 21.49
C SER D 721 -37.25 60.26 20.50
N THR D 722 -36.90 59.39 19.55
CA THR D 722 -37.92 58.94 18.62
C THR D 722 -38.78 57.88 19.29
N PRO D 723 -40.07 57.79 18.93
CA PRO D 723 -40.86 56.67 19.46
C PRO D 723 -40.40 55.32 18.92
N THR D 724 -40.01 55.29 17.66
CA THR D 724 -39.53 54.06 17.03
C THR D 724 -38.10 53.77 17.45
N GLN D 725 -37.82 52.48 17.67
CA GLN D 725 -36.50 51.99 17.98
C GLN D 725 -36.09 50.99 16.91
N GLY D 726 -34.93 51.22 16.28
CA GLY D 726 -34.45 50.33 15.25
C GLY D 726 -34.95 50.73 13.86
N SER D 727 -34.30 50.15 12.85
CA SER D 727 -34.70 50.42 11.47
C SER D 727 -34.19 49.31 10.56
N VAL D 728 -35.12 48.53 9.99
CA VAL D 728 -34.79 47.50 9.00
C VAL D 728 -35.53 47.80 7.71
N LEU D 729 -34.79 47.92 6.62
CA LEU D 729 -35.37 48.04 5.29
C LEU D 729 -35.50 46.66 4.65
N PHE D 730 -36.52 46.49 3.81
CA PHE D 730 -36.64 45.25 3.05
C PHE D 730 -37.08 45.53 1.62
N GLY D 731 -36.53 44.75 0.70
CA GLY D 731 -36.87 44.83 -0.72
C GLY D 731 -37.70 43.62 -1.11
N THR D 732 -38.55 43.80 -2.11
CA THR D 732 -39.52 42.79 -2.48
C THR D 732 -39.53 42.58 -4.00
N VAL D 733 -40.30 41.57 -4.40
CA VAL D 733 -40.36 41.17 -5.80
C VAL D 733 -41.04 42.23 -6.64
N ASN D 734 -41.99 42.97 -6.08
CA ASN D 734 -42.73 43.97 -6.85
C ASN D 734 -42.13 45.37 -6.76
N GLY D 735 -40.89 45.50 -6.27
CA GLY D 735 -40.25 46.79 -6.17
C GLY D 735 -40.58 47.54 -4.90
N MET D 736 -41.58 47.10 -4.16
CA MET D 736 -41.93 47.71 -2.88
C MET D 736 -40.74 47.65 -1.93
N ILE D 737 -40.42 48.80 -1.34
CA ILE D 737 -39.43 48.89 -0.27
C ILE D 737 -40.16 49.28 1.00
N GLY D 738 -39.94 48.50 2.06
CA GLY D 738 -40.59 48.72 3.33
C GLY D 738 -39.59 48.87 4.46
N LEU D 739 -40.12 49.15 5.65
CA LEU D 739 -39.29 49.41 6.82
C LEU D 739 -39.96 48.81 8.04
N VAL D 740 -39.17 48.09 8.83
CA VAL D 740 -39.61 47.49 10.08
C VAL D 740 -38.91 48.20 11.23
N THR D 741 -39.66 48.49 12.28
CA THR D 741 -39.10 49.10 13.49
C THR D 741 -39.91 48.58 14.67
N SER D 742 -39.29 48.59 15.84
CA SER D 742 -39.91 48.07 17.05
C SER D 742 -40.49 49.20 17.90
N LEU D 743 -41.39 48.84 18.80
CA LEU D 743 -42.10 49.81 19.62
C LEU D 743 -42.00 49.45 21.09
N SER D 744 -42.19 50.44 21.94
CA SER D 744 -42.37 50.19 23.37
C SER D 744 -43.81 49.74 23.61
N GLU D 745 -44.01 49.04 24.73
CA GLU D 745 -45.35 48.56 25.03
C GLU D 745 -46.33 49.74 25.10
N SER D 746 -45.89 50.87 25.64
CA SER D 746 -46.75 52.05 25.70
C SER D 746 -47.24 52.43 24.30
N TRP D 747 -46.32 52.45 23.33
CA TRP D 747 -46.65 52.91 21.99
C TRP D 747 -47.52 51.92 21.22
N TYR D 748 -47.24 50.62 21.32
CA TYR D 748 -48.03 49.63 20.59
C TYR D 748 -49.51 49.77 20.95
N ASN D 749 -49.83 49.80 22.24
CA ASN D 749 -51.22 49.90 22.66
C ASN D 749 -51.91 51.15 22.13
N LEU D 750 -51.23 52.30 22.13
CA LEU D 750 -51.87 53.48 21.54
C LEU D 750 -52.16 53.26 20.06
N LEU D 751 -51.14 52.83 19.31
CA LEU D 751 -51.28 52.71 17.86
C LEU D 751 -52.26 51.62 17.49
N LEU D 752 -52.26 50.51 18.24
CA LEU D 752 -53.24 49.46 18.02
C LEU D 752 -54.66 49.99 18.24
N ASP D 753 -54.87 50.73 19.33
CA ASP D 753 -56.18 51.30 19.60
C ASP D 753 -56.65 52.21 18.48
N MET D 754 -55.72 52.97 17.88
CA MET D 754 -56.09 53.85 16.78
C MET D 754 -56.47 53.06 15.54
N GLN D 755 -55.77 51.95 15.28
CA GLN D 755 -56.14 51.10 14.14
C GLN D 755 -57.60 50.66 14.25
N ASN D 756 -57.99 50.13 15.41
CA ASN D 756 -59.38 49.73 15.61
C ASN D 756 -60.34 50.90 15.45
N ARG D 757 -59.91 52.11 15.81
CA ARG D 757 -60.74 53.29 15.62
C ARG D 757 -60.78 53.73 14.16
N LEU D 758 -59.61 53.72 13.51
CA LEU D 758 -59.53 54.14 12.12
C LEU D 758 -60.33 53.23 11.21
N ASN D 759 -60.37 51.94 11.54
CA ASN D 759 -61.07 50.97 10.69
C ASN D 759 -62.57 51.22 10.68
N LYS D 760 -63.14 51.73 11.77
CA LYS D 760 -64.56 52.06 11.77
C LYS D 760 -64.85 53.28 10.90
N VAL D 761 -63.87 54.17 10.74
CA VAL D 761 -64.06 55.46 10.08
C VAL D 761 -63.81 55.38 8.58
N ILE D 762 -62.75 54.68 8.18
CA ILE D 762 -62.28 54.71 6.81
C ILE D 762 -63.05 53.69 5.98
N LYS D 763 -63.50 54.11 4.80
CA LYS D 763 -64.20 53.24 3.86
C LYS D 763 -63.17 52.62 2.94
N SER D 764 -63.11 51.29 2.89
CA SER D 764 -62.12 50.62 2.05
C SER D 764 -62.71 50.28 0.69
N VAL D 765 -61.85 50.29 -0.34
CA VAL D 765 -62.31 49.90 -1.68
C VAL D 765 -62.74 48.45 -1.65
N GLY D 766 -63.94 48.19 -2.16
CA GLY D 766 -64.52 46.86 -2.10
C GLY D 766 -65.04 46.47 -0.74
N LYS D 767 -64.96 47.36 0.25
CA LYS D 767 -65.42 47.09 1.61
C LYS D 767 -64.80 45.82 2.16
N ILE D 768 -63.48 45.75 2.07
CA ILE D 768 -62.69 44.65 2.62
C ILE D 768 -62.29 45.00 4.05
N GLU D 769 -62.62 44.14 5.00
CA GLU D 769 -62.25 44.32 6.40
C GLU D 769 -60.73 44.31 6.56
N HIS D 770 -60.19 45.36 7.18
CA HIS D 770 -58.73 45.45 7.35
C HIS D 770 -58.19 44.30 8.18
N SER D 771 -58.89 43.94 9.26
CA SER D 771 -58.41 42.88 10.13
C SER D 771 -58.19 41.59 9.35
N PHE D 772 -59.04 41.31 8.37
CA PHE D 772 -58.90 40.13 7.53
C PHE D 772 -57.68 40.22 6.64
N TRP D 773 -57.49 41.37 5.99
CA TRP D 773 -56.39 41.55 5.04
C TRP D 773 -55.03 41.30 5.68
N ARG D 774 -54.77 41.91 6.83
CA ARG D 774 -53.48 41.75 7.48
C ARG D 774 -53.37 40.48 8.32
N SER D 775 -54.41 39.64 8.37
CA SER D 775 -54.34 38.35 9.06
C SER D 775 -53.35 37.40 8.39
N PHE D 776 -52.50 36.76 9.20
CA PHE D 776 -51.59 35.72 8.74
C PHE D 776 -52.30 34.66 7.91
N HIS D 777 -51.78 34.38 6.71
CA HIS D 777 -52.47 33.47 5.81
C HIS D 777 -51.51 32.60 5.00
N THR D 778 -51.60 31.29 5.20
CA THR D 778 -51.06 30.25 4.36
C THR D 778 -52.25 29.46 3.81
N GLU D 779 -52.02 28.64 2.79
CA GLU D 779 -53.15 27.87 2.26
C GLU D 779 -53.81 27.04 3.35
N ARG D 780 -53.07 26.71 4.41
CA ARG D 780 -53.56 25.80 5.42
C ARG D 780 -54.03 26.51 6.67
N LYS D 781 -53.54 27.72 6.92
CA LYS D 781 -53.92 28.41 8.14
C LYS D 781 -54.20 29.90 7.90
N THR D 782 -55.12 30.42 8.71
CA THR D 782 -55.38 31.85 8.81
C THR D 782 -55.47 32.18 10.30
N GLU D 783 -54.62 33.11 10.75
CA GLU D 783 -54.55 33.56 12.12
C GLU D 783 -54.66 35.08 12.15
N PRO D 784 -55.24 35.63 13.22
CA PRO D 784 -55.27 37.10 13.34
C PRO D 784 -53.85 37.64 13.52
N ALA D 785 -53.59 38.80 12.93
CA ALA D 785 -52.29 39.43 13.11
C ALA D 785 -52.09 39.79 14.58
N THR D 786 -50.83 39.80 15.01
CA THR D 786 -50.49 40.13 16.38
C THR D 786 -49.09 40.70 16.41
N GLY D 787 -48.88 41.71 17.25
CA GLY D 787 -47.58 42.31 17.43
C GLY D 787 -47.13 43.27 16.36
N PHE D 788 -47.99 43.61 15.39
CA PHE D 788 -47.60 44.46 14.28
C PHE D 788 -48.61 45.60 14.12
N ILE D 789 -48.09 46.81 13.93
CA ILE D 789 -48.91 47.98 13.65
C ILE D 789 -48.81 48.28 12.17
N ASP D 790 -49.96 48.32 11.49
CA ASP D 790 -49.95 48.67 10.07
C ASP D 790 -49.64 50.16 9.94
N GLY D 791 -48.36 50.49 9.78
CA GLY D 791 -47.96 51.88 9.72
C GLY D 791 -48.60 52.65 8.59
N ASP D 792 -48.92 51.96 7.49
CA ASP D 792 -49.60 52.64 6.38
C ASP D 792 -51.02 53.04 6.77
N LEU D 793 -51.64 52.32 7.71
CA LEU D 793 -52.94 52.72 8.24
C LEU D 793 -52.83 53.89 9.20
N ILE D 794 -51.84 53.85 10.10
CA ILE D 794 -51.65 54.95 11.03
C ILE D 794 -51.42 56.25 10.26
N GLU D 795 -50.61 56.20 9.20
CA GLU D 795 -50.26 57.38 8.44
C GLU D 795 -51.41 57.91 7.59
N SER D 796 -52.52 57.17 7.46
CA SER D 796 -53.66 57.71 6.75
C SER D 796 -54.52 58.62 7.63
N PHE D 797 -54.32 58.55 8.95
CA PHE D 797 -55.01 59.47 9.87
C PHE D 797 -54.82 60.91 9.45
N LEU D 798 -53.62 61.24 8.97
CA LEU D 798 -53.34 62.61 8.55
C LEU D 798 -54.11 63.01 7.29
N ASP D 799 -54.68 62.05 6.57
CA ASP D 799 -55.36 62.33 5.31
C ASP D 799 -56.87 62.30 5.38
N ILE D 800 -57.47 61.93 6.53
CA ILE D 800 -58.92 61.96 6.68
C ILE D 800 -59.35 63.35 7.13
N SER D 801 -60.58 63.72 6.79
CA SER D 801 -61.06 65.07 7.04
C SER D 801 -61.14 65.35 8.54
N ARG D 802 -61.12 66.64 8.90
CA ARG D 802 -61.14 67.02 10.30
C ARG D 802 -62.30 66.40 11.04
N PRO D 803 -63.52 66.35 10.48
CA PRO D 803 -64.62 65.68 11.19
C PRO D 803 -64.32 64.24 11.59
N LYS D 804 -63.69 63.47 10.69
CA LYS D 804 -63.41 62.07 11.00
C LYS D 804 -62.30 61.95 12.04
N MET D 805 -61.31 62.84 12.00
CA MET D 805 -60.28 62.83 13.02
C MET D 805 -60.88 63.01 14.41
N GLN D 806 -61.84 63.92 14.54
CA GLN D 806 -62.50 64.15 15.82
C GLN D 806 -63.29 62.92 16.22
N GLU D 807 -63.89 62.23 15.25
CA GLU D 807 -64.57 60.97 15.55
C GLU D 807 -63.61 59.91 16.06
N VAL D 808 -62.37 59.89 15.54
CA VAL D 808 -61.44 58.83 15.90
C VAL D 808 -61.04 58.96 17.35
N VAL D 809 -60.80 60.19 17.82
CA VAL D 809 -60.32 60.42 19.19
C VAL D 809 -61.41 60.41 20.24
N ALA D 810 -62.67 60.23 19.88
CA ALA D 810 -63.73 60.23 20.88
C ALA D 810 -63.45 59.17 21.94
N ASN D 811 -63.53 59.57 23.20
CA ASN D 811 -63.29 58.68 24.35
C ASN D 811 -61.91 58.05 24.31
N LEU D 812 -60.92 58.75 23.77
CA LEU D 812 -59.55 58.27 23.72
C LEU D 812 -58.76 59.08 24.75
N GLN D 813 -58.00 58.39 25.59
CA GLN D 813 -57.21 59.06 26.62
C GLN D 813 -55.77 59.04 26.13
N TYR D 814 -55.07 60.13 26.34
CA TYR D 814 -53.74 60.32 25.79
C TYR D 814 -52.70 60.20 26.88
N ASP D 815 -51.51 59.79 26.48
CA ASP D 815 -50.38 59.59 27.37
C ASP D 815 -49.43 60.74 27.04
N ASP D 816 -49.30 61.69 27.97
CA ASP D 816 -48.39 62.82 27.81
C ASP D 816 -46.92 62.45 28.00
N GLY D 817 -46.61 61.23 28.42
CA GLY D 817 -45.27 60.88 28.79
C GLY D 817 -44.85 61.41 30.14
N SER D 818 -45.57 62.40 30.66
CA SER D 818 -45.37 62.92 32.00
C SER D 818 -46.12 62.11 33.06
N GLY D 819 -46.64 60.95 32.69
CA GLY D 819 -47.48 60.20 33.60
C GLY D 819 -48.91 60.67 33.62
N MET D 820 -49.22 61.76 32.92
CA MET D 820 -50.55 62.33 32.88
C MET D 820 -51.34 61.71 31.75
N LYS D 821 -52.59 61.37 32.03
CA LYS D 821 -53.50 60.78 31.07
C LYS D 821 -54.71 61.70 30.92
N ARG D 822 -54.93 62.19 29.70
CA ARG D 822 -55.99 63.16 29.47
C ARG D 822 -56.76 62.79 28.21
N GLU D 823 -57.94 63.37 28.02
CA GLU D 823 -58.69 63.14 26.79
C GLU D 823 -57.86 63.64 25.62
N ALA D 824 -57.95 62.93 24.51
CA ALA D 824 -57.08 63.21 23.37
C ALA D 824 -57.78 64.16 22.42
N THR D 825 -57.00 65.04 21.80
CA THR D 825 -57.48 65.94 20.77
C THR D 825 -56.86 65.52 19.44
N ALA D 826 -57.51 65.95 18.36
CA ALA D 826 -56.99 65.62 17.03
C ALA D 826 -55.60 66.19 16.82
N ASP D 827 -55.27 67.26 17.53
CA ASP D 827 -53.94 67.86 17.43
C ASP D 827 -52.88 67.01 18.11
N ASP D 828 -53.23 66.32 19.20
CA ASP D 828 -52.27 65.45 19.88
C ASP D 828 -51.85 64.29 18.97
N LEU D 829 -52.82 63.61 18.37
CA LEU D 829 -52.49 62.48 17.51
C LEU D 829 -51.81 62.94 16.21
N ILE D 830 -52.19 64.12 15.69
CA ILE D 830 -51.55 64.62 14.49
C ILE D 830 -50.07 64.85 14.73
N LYS D 831 -49.71 65.32 15.93
CA LYS D 831 -48.30 65.45 16.26
C LYS D 831 -47.63 64.09 16.30
N VAL D 832 -48.34 63.09 16.86
CA VAL D 832 -47.77 61.75 16.98
C VAL D 832 -47.57 61.13 15.60
N VAL D 833 -48.61 61.14 14.76
CA VAL D 833 -48.50 60.49 13.47
C VAL D 833 -47.45 61.19 12.60
N GLU D 834 -47.40 62.52 12.68
CA GLU D 834 -46.41 63.24 11.88
C GLU D 834 -44.99 62.83 12.28
N GLU D 835 -44.78 62.52 13.57
CA GLU D 835 -43.50 62.00 14.01
C GLU D 835 -43.21 60.65 13.37
N LEU D 836 -44.23 59.80 13.21
CA LEU D 836 -44.01 58.49 12.62
C LEU D 836 -43.72 58.60 11.13
N THR D 837 -44.16 59.67 10.46
CA THR D 837 -43.85 59.82 9.05
C THR D 837 -42.39 60.20 8.81
N ARG D 838 -41.64 60.54 9.84
CA ARG D 838 -40.26 60.99 9.67
C ARG D 838 -39.25 59.86 9.79
N ILE D 839 -39.71 58.61 9.99
CA ILE D 839 -38.78 57.49 10.08
C ILE D 839 -38.40 56.92 8.73
N HIS D 840 -38.98 57.44 7.65
CA HIS D 840 -38.72 56.93 6.32
C HIS D 840 -38.85 58.03 5.26
N THR E 7 -25.02 -8.84 23.47
CA THR E 7 -25.75 -9.20 22.26
C THR E 7 -26.66 -8.03 21.86
N GLU E 8 -27.26 -8.10 20.67
CA GLU E 8 -28.15 -7.04 20.21
C GLU E 8 -29.46 -7.01 21.01
N SER E 9 -29.78 -8.08 21.74
CA SER E 9 -31.03 -8.14 22.47
C SER E 9 -30.91 -7.43 23.82
N ASP E 10 -29.68 -7.22 24.29
CA ASP E 10 -29.42 -6.60 25.59
C ASP E 10 -29.64 -5.10 25.50
N TRP E 11 -30.73 -4.63 26.08
CA TRP E 11 -31.11 -3.22 26.09
C TRP E 11 -30.92 -2.53 27.44
N GLY E 12 -30.90 -1.19 27.37
CA GLY E 12 -30.80 -0.36 28.55
C GLY E 12 -29.43 -0.35 29.18
N LYS E 13 -28.54 -1.26 28.77
CA LYS E 13 -27.21 -1.37 29.33
C LYS E 13 -26.17 -0.90 28.33
N ARG E 14 -26.35 0.29 27.77
CA ARG E 14 -25.39 0.86 26.83
C ARG E 14 -25.58 2.37 26.92
N CYS E 15 -24.48 3.12 26.83
CA CYS E 15 -24.55 4.54 27.11
C CYS E 15 -24.83 5.36 25.85
N VAL E 16 -25.41 6.54 26.03
CA VAL E 16 -25.69 7.44 24.91
C VAL E 16 -24.42 8.14 24.44
N ASP E 17 -23.28 7.88 25.09
CA ASP E 17 -22.01 8.34 24.54
C ASP E 17 -21.80 7.77 23.15
N LYS E 18 -22.27 6.55 22.91
CA LYS E 18 -22.06 5.86 21.65
C LYS E 18 -22.75 6.57 20.50
N PHE E 19 -23.56 7.58 20.79
CA PHE E 19 -24.25 8.37 19.78
C PHE E 19 -23.74 9.81 19.87
N ASP E 20 -23.43 10.39 18.72
CA ASP E 20 -23.07 11.79 18.59
C ASP E 20 -24.34 12.59 18.31
N ILE E 21 -24.70 13.46 19.25
CA ILE E 21 -25.91 14.25 19.10
C ILE E 21 -25.73 15.32 18.03
N ILE E 22 -26.69 15.39 17.10
CA ILE E 22 -26.65 16.39 16.04
C ILE E 22 -27.43 17.64 16.45
N GLY E 23 -28.56 17.48 17.13
CA GLY E 23 -29.32 18.61 17.57
C GLY E 23 -30.62 18.17 18.22
N ILE E 24 -31.55 19.11 18.31
CA ILE E 24 -32.89 18.85 18.85
C ILE E 24 -33.88 19.01 17.70
N ILE E 25 -34.65 17.95 17.46
CA ILE E 25 -35.60 17.99 16.34
C ILE E 25 -37.03 18.24 16.80
N GLY E 26 -37.32 18.02 18.08
CA GLY E 26 -38.67 18.22 18.59
C GLY E 26 -38.70 18.07 20.09
N GLU E 27 -39.84 18.45 20.67
CA GLU E 27 -40.09 18.41 22.10
C GLU E 27 -41.10 17.31 22.40
N GLY E 28 -40.82 16.55 23.45
CA GLY E 28 -41.56 15.34 23.75
C GLY E 28 -42.37 15.40 25.02
N THR E 29 -43.39 14.55 25.13
CA THR E 29 -44.27 14.56 26.29
C THR E 29 -43.48 14.37 27.58
N TYR E 30 -42.45 13.53 27.52
CA TYR E 30 -41.61 13.19 28.65
C TYR E 30 -40.17 13.63 28.50
N GLY E 31 -39.73 13.87 27.27
CA GLY E 31 -38.37 14.29 27.02
C GLY E 31 -38.23 14.63 25.55
N GLN E 32 -37.23 15.44 25.26
CA GLN E 32 -37.07 16.04 23.95
C GLN E 32 -36.48 15.00 22.98
N VAL E 33 -36.86 15.10 21.72
CA VAL E 33 -36.32 14.20 20.69
C VAL E 33 -35.09 14.86 20.07
N TYR E 34 -33.98 14.11 20.06
CA TYR E 34 -32.72 14.57 19.52
C TYR E 34 -32.38 13.70 18.31
N LYS E 35 -31.75 14.31 17.32
CA LYS E 35 -31.12 13.58 16.22
C LYS E 35 -29.70 13.22 16.60
N ALA E 36 -29.19 12.14 16.01
CA ALA E 36 -27.87 11.67 16.43
C ALA E 36 -27.32 10.71 15.38
N LYS E 37 -26.00 10.51 15.44
CA LYS E 37 -25.32 9.57 14.56
C LYS E 37 -24.61 8.56 15.45
N ASP E 38 -24.81 7.28 15.16
CA ASP E 38 -24.12 6.24 15.90
C ASP E 38 -22.63 6.31 15.57
N LYS E 39 -21.80 6.41 16.61
CA LYS E 39 -20.38 6.55 16.35
C LYS E 39 -19.82 5.33 15.62
N ASP E 40 -20.37 4.15 15.90
CA ASP E 40 -19.84 2.93 15.34
C ASP E 40 -20.40 2.59 13.96
N THR E 41 -21.68 2.85 13.71
CA THR E 41 -22.29 2.41 12.46
C THR E 41 -22.45 3.51 11.42
N GLY E 42 -22.35 4.77 11.82
CA GLY E 42 -22.62 5.85 10.90
C GLY E 42 -24.09 6.09 10.65
N GLU E 43 -24.94 5.23 11.20
CA GLU E 43 -26.37 5.38 11.03
C GLU E 43 -26.85 6.67 11.69
N LEU E 44 -27.85 7.29 11.09
CA LEU E 44 -28.54 8.42 11.67
C LEU E 44 -29.74 7.90 12.46
N VAL E 45 -29.84 8.34 13.71
CA VAL E 45 -30.86 7.89 14.64
C VAL E 45 -31.55 9.14 15.19
N ALA E 46 -32.62 8.91 15.95
CA ALA E 46 -33.31 9.98 16.67
C ALA E 46 -33.59 9.49 18.07
N LEU E 47 -32.86 10.02 19.05
CA LEU E 47 -32.98 9.55 20.42
C LEU E 47 -34.11 10.34 21.08
N LYS E 48 -35.17 9.63 21.48
CA LYS E 48 -36.23 10.23 22.27
C LYS E 48 -35.80 10.14 23.73
N LYS E 49 -35.91 11.26 24.45
CA LYS E 49 -35.43 11.32 25.82
C LYS E 49 -36.57 10.98 26.77
N VAL E 50 -36.27 10.11 27.73
CA VAL E 50 -37.19 9.72 28.78
C VAL E 50 -36.56 10.10 30.11
N ARG E 51 -37.20 11.02 30.81
CA ARG E 51 -36.69 11.54 32.07
C ARG E 51 -37.38 10.84 33.23
N LEU E 52 -36.58 10.12 34.03
CA LEU E 52 -37.04 9.52 35.27
C LEU E 52 -36.90 10.47 36.44
N ASP E 53 -36.45 11.71 36.20
CA ASP E 53 -36.18 12.64 37.29
C ASP E 53 -37.44 13.16 37.96
N ASN E 54 -38.56 13.25 37.26
CA ASN E 54 -39.80 13.70 37.90
C ASN E 54 -40.19 12.78 39.06
N GLU E 55 -40.07 11.46 38.86
CA GLU E 55 -40.32 10.51 39.93
C GLU E 55 -41.69 10.74 40.56
N LYS E 56 -42.60 11.37 39.81
CA LYS E 56 -43.97 11.44 40.29
C LYS E 56 -44.59 10.05 40.31
N GLU E 57 -44.46 9.31 39.21
CA GLU E 57 -44.87 7.92 39.12
C GLU E 57 -43.78 7.06 38.46
N GLY E 58 -42.55 7.57 38.43
CA GLY E 58 -41.44 6.82 37.84
C GLY E 58 -41.42 6.89 36.31
N PHE E 59 -40.91 5.83 35.70
CA PHE E 59 -40.85 5.75 34.25
C PHE E 59 -42.24 6.01 33.66
N PRO E 60 -42.39 6.95 32.71
CA PRO E 60 -43.75 7.30 32.27
C PRO E 60 -44.48 6.07 31.75
N ILE E 61 -45.76 5.99 32.09
CA ILE E 61 -46.58 4.93 31.54
C ILE E 61 -46.68 5.07 30.03
N THR E 62 -46.67 6.31 29.53
CA THR E 62 -46.72 6.54 28.10
C THR E 62 -45.54 5.89 27.41
N ALA E 63 -44.35 6.07 27.98
CA ALA E 63 -43.16 5.42 27.43
C ALA E 63 -43.25 3.91 27.52
N ILE E 64 -43.76 3.39 28.65
CA ILE E 64 -43.86 1.95 28.82
C ILE E 64 -44.73 1.33 27.74
N ARG E 65 -45.72 2.08 27.24
CA ARG E 65 -46.54 1.53 26.17
C ARG E 65 -45.81 1.52 24.83
N GLU E 66 -44.92 2.49 24.58
CA GLU E 66 -44.22 2.48 23.30
C GLU E 66 -43.17 1.36 23.26
N ILE E 67 -42.61 1.01 24.42
CA ILE E 67 -41.58 -0.02 24.47
C ILE E 67 -42.20 -1.40 24.31
N LYS E 68 -43.47 -1.54 24.69
CA LYS E 68 -44.24 -2.77 24.54
C LYS E 68 -44.86 -2.87 23.15
N ILE E 69 -45.54 -1.81 22.71
CA ILE E 69 -46.29 -1.88 21.46
C ILE E 69 -45.32 -1.84 20.28
N LEU E 70 -44.37 -0.91 20.33
CA LEU E 70 -43.45 -0.80 19.21
C LEU E 70 -42.37 -1.87 19.22
N ARG E 71 -42.08 -2.48 20.38
CA ARG E 71 -41.17 -3.60 20.38
C ARG E 71 -41.87 -4.90 20.03
N GLN E 72 -43.20 -4.92 19.99
CA GLN E 72 -43.93 -6.09 19.50
C GLN E 72 -44.18 -6.00 17.99
N LEU E 73 -44.45 -4.81 17.48
CA LEU E 73 -44.92 -4.61 16.11
C LEU E 73 -43.74 -4.37 15.17
N ILE E 74 -43.57 -5.27 14.19
CA ILE E 74 -42.51 -5.19 13.20
C ILE E 74 -43.19 -5.13 11.83
N HIS E 75 -43.06 -3.99 11.15
CA HIS E 75 -43.66 -3.79 9.83
C HIS E 75 -42.94 -2.65 9.12
N ARG E 76 -42.91 -2.71 7.78
CA ARG E 76 -42.18 -1.69 7.04
C ARG E 76 -42.82 -0.32 7.21
N SER E 77 -44.11 -0.27 7.52
CA SER E 77 -44.86 0.97 7.68
C SER E 77 -45.09 1.31 9.15
N VAL E 78 -44.44 0.62 10.07
CA VAL E 78 -44.52 0.92 11.49
C VAL E 78 -43.14 1.30 11.97
N VAL E 79 -43.06 2.38 12.74
CA VAL E 79 -41.77 2.91 13.12
C VAL E 79 -41.06 1.91 14.01
N ASN E 80 -39.74 1.89 13.91
CA ASN E 80 -38.91 0.87 14.55
C ASN E 80 -38.16 1.46 15.72
N MET E 81 -38.20 0.77 16.86
CA MET E 81 -37.37 1.10 18.00
C MET E 81 -36.12 0.24 17.94
N LYS E 82 -34.97 0.87 17.68
CA LYS E 82 -33.77 0.07 17.52
C LYS E 82 -33.21 -0.40 18.86
N GLU E 83 -33.12 0.52 19.83
CA GLU E 83 -32.53 0.19 21.12
C GLU E 83 -32.90 1.24 22.16
N ILE E 84 -32.54 0.94 23.41
CA ILE E 84 -32.68 1.87 24.53
C ILE E 84 -31.33 2.02 25.22
N VAL E 85 -30.87 3.26 25.34
CA VAL E 85 -29.56 3.58 25.91
C VAL E 85 -29.75 4.62 27.00
N THR E 86 -28.76 4.72 27.90
CA THR E 86 -28.87 5.50 29.12
C THR E 86 -27.72 6.50 29.24
N ASP E 87 -27.95 7.56 30.02
CA ASP E 87 -26.85 8.45 30.39
C ASP E 87 -25.81 7.70 31.18
N LYS E 88 -24.56 8.17 31.13
CA LYS E 88 -23.50 7.47 31.85
C LYS E 88 -23.88 7.39 33.33
N GLN E 89 -24.15 6.19 33.81
CA GLN E 89 -24.49 5.97 35.22
C GLN E 89 -23.21 5.83 36.03
N ASP E 90 -22.47 6.95 36.13
CA ASP E 90 -21.23 6.95 36.90
C ASP E 90 -21.46 6.85 38.40
N ALA E 91 -22.72 6.80 38.84
CA ALA E 91 -23.02 6.70 40.27
C ALA E 91 -22.67 5.30 40.76
N LEU E 92 -21.90 5.23 41.85
CA LEU E 92 -21.59 3.91 42.39
C LEU E 92 -22.80 3.25 43.05
N ASP E 93 -23.79 4.02 43.45
CA ASP E 93 -24.99 3.48 44.06
C ASP E 93 -26.18 3.85 43.19
N PHE E 94 -27.00 2.86 42.85
CA PHE E 94 -28.16 3.09 42.00
C PHE E 94 -29.06 4.16 42.60
N LYS E 95 -29.08 4.28 43.93
CA LYS E 95 -29.94 5.26 44.59
C LYS E 95 -29.55 6.67 44.14
N LYS E 96 -28.25 6.91 43.94
CA LYS E 96 -27.76 8.20 43.49
C LYS E 96 -28.17 8.51 42.04
N ASP E 97 -28.34 7.48 41.21
CA ASP E 97 -28.57 7.69 39.79
C ASP E 97 -29.86 8.46 39.52
N LYS E 98 -29.72 9.57 38.80
CA LYS E 98 -30.87 10.30 38.25
C LYS E 98 -30.81 10.47 36.74
N GLY E 99 -29.90 9.76 36.07
CA GLY E 99 -29.76 9.89 34.64
C GLY E 99 -30.98 9.37 33.89
N ALA E 100 -31.10 9.81 32.64
CA ALA E 100 -32.27 9.52 31.84
C ALA E 100 -31.98 8.35 30.91
N PHE E 101 -33.04 7.85 30.29
CA PHE E 101 -32.97 6.83 29.27
C PHE E 101 -33.35 7.45 27.94
N TYR E 102 -32.79 6.91 26.87
CA TYR E 102 -33.05 7.41 25.52
C TYR E 102 -33.56 6.25 24.70
N LEU E 103 -34.67 6.47 24.01
CA LEU E 103 -35.29 5.47 23.15
C LEU E 103 -34.75 5.72 21.75
N VAL E 104 -33.80 4.92 21.30
CA VAL E 104 -33.22 5.13 19.98
C VAL E 104 -34.23 4.67 18.95
N PHE E 105 -34.52 5.53 17.99
CA PHE E 105 -35.49 5.29 16.95
C PHE E 105 -34.79 5.51 15.61
N GLU E 106 -35.40 5.00 14.54
CA GLU E 106 -34.90 5.24 13.19
C GLU E 106 -35.13 6.70 12.80
N TYR E 107 -34.19 7.29 12.05
CA TYR E 107 -34.35 8.67 11.62
C TYR E 107 -35.07 8.69 10.28
N MET E 108 -36.33 9.15 10.29
CA MET E 108 -37.10 9.38 9.08
C MET E 108 -36.94 10.86 8.70
N ASP E 109 -36.66 11.10 7.42
CA ASP E 109 -36.15 12.41 7.03
C ASP E 109 -37.15 13.53 7.27
N HIS E 110 -38.43 13.32 6.94
CA HIS E 110 -39.41 14.39 7.04
C HIS E 110 -40.70 13.85 7.66
N ASP E 111 -41.57 14.78 8.09
CA ASP E 111 -42.91 14.42 8.54
C ASP E 111 -43.93 15.15 7.67
N LEU E 112 -45.07 14.49 7.42
CA LEU E 112 -46.04 15.04 6.48
C LEU E 112 -46.52 16.41 6.91
N MET E 113 -46.72 16.63 8.21
CA MET E 113 -47.27 17.90 8.65
C MET E 113 -46.38 19.05 8.18
N GLY E 114 -45.07 18.90 8.37
CA GLY E 114 -44.15 19.97 7.99
C GLY E 114 -44.02 20.14 6.48
N LEU E 115 -44.05 19.02 5.74
CA LEU E 115 -43.93 19.13 4.29
C LEU E 115 -45.13 19.88 3.72
N LEU E 116 -46.31 19.71 4.33
CA LEU E 116 -47.47 20.46 3.88
C LEU E 116 -47.52 21.87 4.46
N GLU E 117 -47.14 22.03 5.74
CA GLU E 117 -47.22 23.38 6.33
C GLU E 117 -46.25 24.31 5.62
N SER E 118 -45.04 23.83 5.32
CA SER E 118 -44.10 24.59 4.53
C SER E 118 -44.58 24.80 3.10
N GLY E 119 -45.55 24.01 2.64
CA GLY E 119 -46.00 24.17 1.28
C GLY E 119 -45.10 23.54 0.23
N LEU E 120 -44.10 22.79 0.68
CA LEU E 120 -43.07 22.20 -0.16
C LEU E 120 -43.44 20.88 -0.84
N VAL E 121 -44.57 20.24 -0.55
CA VAL E 121 -44.89 18.96 -1.19
C VAL E 121 -46.02 19.10 -2.21
N HIS E 122 -45.85 18.45 -3.36
CA HIS E 122 -46.89 18.27 -4.38
C HIS E 122 -47.11 16.78 -4.59
N PHE E 123 -48.35 16.32 -4.36
CA PHE E 123 -48.71 14.91 -4.45
C PHE E 123 -49.62 14.66 -5.66
N SER E 124 -49.19 13.77 -6.55
CA SER E 124 -50.01 13.28 -7.65
C SER E 124 -50.91 12.12 -7.20
N GLU E 125 -51.73 11.61 -8.12
CA GLU E 125 -52.59 10.49 -7.77
C GLU E 125 -51.75 9.27 -7.37
N ASP E 126 -50.79 8.89 -8.22
CA ASP E 126 -50.01 7.68 -7.97
C ASP E 126 -49.25 7.77 -6.66
N HIS E 127 -48.74 8.95 -6.31
CA HIS E 127 -48.08 9.11 -5.02
C HIS E 127 -49.08 8.92 -3.89
N ILE E 128 -50.26 9.52 -4.01
CA ILE E 128 -51.28 9.33 -2.98
C ILE E 128 -51.66 7.85 -2.89
N LYS E 129 -51.73 7.16 -4.04
CA LYS E 129 -52.04 5.74 -4.00
C LYS E 129 -51.02 4.98 -3.15
N SER E 130 -49.72 5.25 -3.39
CA SER E 130 -48.69 4.53 -2.63
C SER E 130 -48.52 5.04 -1.20
N PHE E 131 -48.72 6.34 -0.96
CA PHE E 131 -48.68 6.83 0.42
C PHE E 131 -49.77 6.16 1.25
N MET E 132 -50.98 6.09 0.70
CA MET E 132 -52.09 5.49 1.43
C MET E 132 -51.91 3.99 1.59
N LYS E 133 -51.47 3.29 0.54
CA LYS E 133 -51.37 1.84 0.65
C LYS E 133 -50.41 1.46 1.77
N GLN E 134 -49.29 2.17 1.88
CA GLN E 134 -48.35 1.91 2.97
C GLN E 134 -49.01 2.20 4.30
N LEU E 135 -49.65 3.37 4.42
CA LEU E 135 -50.29 3.76 5.67
C LEU E 135 -51.35 2.74 6.08
N MET E 136 -52.22 2.38 5.15
CA MET E 136 -53.29 1.42 5.46
C MET E 136 -52.72 0.04 5.76
N GLU E 137 -51.70 -0.37 5.00
CA GLU E 137 -51.07 -1.67 5.28
C GLU E 137 -50.49 -1.67 6.69
N GLY E 138 -49.80 -0.58 7.07
CA GLY E 138 -49.32 -0.47 8.43
C GLY E 138 -50.44 -0.49 9.43
N LEU E 139 -51.51 0.25 9.16
CA LEU E 139 -52.64 0.29 10.09
C LEU E 139 -53.31 -1.07 10.23
N GLU E 140 -53.57 -1.76 9.11
CA GLU E 140 -54.19 -3.08 9.24
C GLU E 140 -53.33 -4.00 10.10
N TYR E 141 -52.02 -4.01 9.85
CA TYR E 141 -51.11 -4.83 10.65
C TYR E 141 -51.32 -4.61 12.13
N CYS E 142 -51.39 -3.34 12.55
CA CYS E 142 -51.63 -3.05 13.96
C CYS E 142 -52.99 -3.57 14.40
N HIS E 143 -54.02 -3.34 13.57
CA HIS E 143 -55.37 -3.78 13.94
C HIS E 143 -55.48 -5.30 14.02
N LYS E 144 -54.84 -6.04 13.11
CA LYS E 144 -54.85 -7.50 13.22
C LYS E 144 -54.18 -7.95 14.53
N LYS E 145 -53.16 -7.22 14.98
CA LYS E 145 -52.53 -7.46 16.28
C LYS E 145 -53.33 -6.88 17.45
N ASN E 146 -54.52 -6.34 17.19
CA ASN E 146 -55.44 -5.85 18.22
C ASN E 146 -54.84 -4.68 19.00
N PHE E 147 -54.09 -3.82 18.32
CA PHE E 147 -53.58 -2.58 18.91
C PHE E 147 -54.20 -1.39 18.17
N LEU E 148 -54.44 -0.30 18.92
CA LEU E 148 -55.03 0.91 18.35
C LEU E 148 -54.12 2.11 18.60
N HIS E 149 -53.74 2.79 17.52
CA HIS E 149 -52.89 3.98 17.67
C HIS E 149 -53.61 5.10 18.41
N ARG E 150 -54.80 5.46 17.95
CA ARG E 150 -55.70 6.38 18.61
C ARG E 150 -55.24 7.84 18.54
N ASP E 151 -54.19 8.14 17.78
CA ASP E 151 -53.73 9.51 17.62
C ASP E 151 -53.09 9.73 16.26
N ILE E 152 -53.75 9.27 15.20
CA ILE E 152 -53.19 9.45 13.86
C ILE E 152 -53.35 10.91 13.44
N LYS E 153 -52.24 11.52 13.01
CA LYS E 153 -52.23 12.93 12.61
C LYS E 153 -51.04 13.13 11.69
N CYS E 154 -51.09 14.25 10.95
CA CYS E 154 -50.06 14.49 9.95
C CYS E 154 -48.67 14.63 10.56
N SER E 155 -48.59 14.94 11.85
CA SER E 155 -47.30 15.05 12.52
C SER E 155 -46.72 13.68 12.87
N ASN E 156 -47.51 12.63 12.79
CA ASN E 156 -47.11 11.29 13.15
C ASN E 156 -46.93 10.37 11.94
N ILE E 157 -47.04 10.91 10.72
CA ILE E 157 -46.85 10.10 9.53
C ILE E 157 -45.49 10.54 8.98
N LEU E 158 -44.42 9.88 9.38
CA LEU E 158 -43.10 10.25 8.92
C LEU E 158 -42.91 9.72 7.50
N LEU E 159 -42.07 10.40 6.73
CA LEU E 159 -41.85 10.10 5.32
C LEU E 159 -40.36 10.25 5.06
N ASN E 160 -39.72 9.18 4.59
CA ASN E 160 -38.33 9.36 4.17
C ASN E 160 -38.30 9.63 2.66
N ASN E 161 -37.16 10.15 2.20
CA ASN E 161 -37.11 10.69 0.85
C ASN E 161 -37.40 9.64 -0.21
N SER E 162 -37.06 8.37 0.05
CA SER E 162 -37.30 7.30 -0.92
C SER E 162 -38.77 7.09 -1.23
N GLY E 163 -39.68 7.53 -0.37
CA GLY E 163 -41.08 7.22 -0.51
C GLY E 163 -41.62 6.22 0.48
N GLN E 164 -40.80 5.80 1.45
CA GLN E 164 -41.26 4.93 2.51
C GLN E 164 -42.04 5.77 3.51
N ILE E 165 -43.19 5.28 3.94
CA ILE E 165 -44.03 5.96 4.92
C ILE E 165 -44.02 5.10 6.17
N LYS E 166 -43.92 5.75 7.34
CA LYS E 166 -43.94 5.01 8.60
C LYS E 166 -44.75 5.75 9.65
N LEU E 167 -45.61 5.01 10.37
CA LEU E 167 -46.40 5.54 11.47
C LEU E 167 -45.64 5.59 12.79
N ALA E 168 -46.02 6.56 13.63
CA ALA E 168 -45.24 6.86 14.84
C ALA E 168 -46.15 7.22 16.01
N ASP E 169 -45.51 7.67 17.09
CA ASP E 169 -46.15 8.03 18.37
C ASP E 169 -47.21 7.02 18.79
N PHE E 170 -46.72 5.86 19.20
CA PHE E 170 -47.58 4.83 19.75
C PHE E 170 -47.65 4.89 21.27
N GLY E 171 -47.33 6.05 21.84
CA GLY E 171 -47.31 6.17 23.29
C GLY E 171 -48.68 6.00 23.91
N LEU E 172 -49.72 6.45 23.21
CA LEU E 172 -51.08 6.41 23.71
C LEU E 172 -51.87 5.23 23.14
N ALA E 173 -51.18 4.24 22.58
CA ALA E 173 -51.82 3.09 21.95
C ALA E 173 -52.15 2.03 23.01
N ARG E 174 -53.18 1.22 22.72
CA ARG E 174 -53.64 0.23 23.68
C ARG E 174 -54.27 -0.96 22.95
N LEU E 175 -54.30 -2.10 23.64
CA LEU E 175 -54.87 -3.34 23.08
C LEU E 175 -56.39 -3.27 23.10
N TYR E 176 -57.01 -3.78 22.04
CA TYR E 176 -58.45 -3.74 21.88
C TYR E 176 -59.03 -5.15 21.98
N ASN E 177 -60.00 -5.33 22.87
CA ASN E 177 -60.76 -6.57 23.02
C ASN E 177 -62.21 -6.27 22.74
N SER E 178 -62.79 -6.92 21.73
CA SER E 178 -64.21 -6.72 21.46
C SER E 178 -65.05 -7.25 22.61
N GLU E 179 -64.75 -8.47 23.07
CA GLU E 179 -65.43 -9.03 24.22
C GLU E 179 -64.96 -8.30 25.48
N GLU E 180 -65.75 -8.40 26.53
CA GLU E 180 -65.46 -7.76 27.82
C GLU E 180 -64.96 -6.33 27.58
N SER E 181 -65.83 -5.55 26.95
CA SER E 181 -65.49 -4.18 26.61
C SER E 181 -65.58 -3.33 27.87
N ARG E 182 -64.47 -2.66 28.19
CA ARG E 182 -64.29 -1.80 29.35
C ARG E 182 -63.89 -0.39 28.92
N PRO E 183 -64.14 0.61 29.75
CA PRO E 183 -63.94 2.00 29.32
C PRO E 183 -62.47 2.35 29.12
N TYR E 184 -62.15 2.88 27.93
CA TYR E 184 -60.82 3.38 27.60
C TYR E 184 -60.91 4.93 27.73
N ASN E 186 -61.54 8.50 26.72
CA ASN E 186 -62.29 9.13 25.64
C ASN E 186 -61.59 10.38 25.12
N LYS E 187 -62.00 10.80 23.92
CA LYS E 187 -61.38 11.92 23.23
C LYS E 187 -59.86 11.81 23.27
N VAL E 188 -59.36 10.86 22.50
CA VAL E 188 -57.94 10.57 22.48
C VAL E 188 -57.29 11.26 21.28
N ILE E 189 -57.97 11.27 20.13
CA ILE E 189 -57.36 11.77 18.91
C ILE E 189 -57.41 13.29 18.90
N THR E 190 -56.41 13.89 18.23
CA THR E 190 -56.37 15.35 18.13
C THR E 190 -57.60 15.85 17.39
N LEU E 191 -58.11 17.01 17.82
CA LEU E 191 -59.44 17.43 17.38
C LEU E 191 -59.61 17.37 15.87
N TRP E 192 -58.59 17.81 15.11
CA TRP E 192 -58.78 17.90 13.67
C TRP E 192 -59.03 16.55 13.01
N TYR E 193 -58.47 15.48 13.57
CA TYR E 193 -58.62 14.14 13.00
C TYR E 193 -59.51 13.23 13.84
N ARG E 194 -60.30 13.80 14.75
CA ARG E 194 -61.11 12.96 15.65
C ARG E 194 -62.45 12.58 15.02
N PRO E 195 -62.87 11.33 15.23
CA PRO E 195 -64.15 10.85 14.65
C PRO E 195 -65.34 11.37 15.44
N PRO E 196 -66.54 11.33 14.84
CA PRO E 196 -67.73 11.81 15.57
C PRO E 196 -68.05 11.03 16.83
N GLU E 197 -67.81 9.72 16.86
CA GLU E 197 -68.17 8.96 18.06
C GLU E 197 -67.44 9.47 19.29
N LEU E 198 -66.15 9.78 19.15
CA LEU E 198 -65.39 10.29 20.28
C LEU E 198 -65.86 11.69 20.68
N LEU E 199 -66.26 12.51 19.71
CA LEU E 199 -66.81 13.83 20.02
C LEU E 199 -68.11 13.71 20.81
N LEU E 200 -68.93 12.71 20.50
CA LEU E 200 -70.20 12.46 21.15
C LEU E 200 -70.07 11.59 22.39
N GLY E 201 -68.84 11.34 22.84
CA GLY E 201 -68.59 10.73 24.13
C GLY E 201 -68.61 9.21 24.18
N GLU E 202 -68.18 8.56 23.11
CA GLU E 202 -68.11 7.09 23.10
C GLU E 202 -66.93 6.65 23.94
N GLU E 203 -67.21 6.10 25.13
CA GLU E 203 -66.13 5.71 26.02
C GLU E 203 -65.50 4.37 25.62
N ARG E 204 -66.29 3.51 24.96
CA ARG E 204 -65.85 2.20 24.48
C ARG E 204 -65.87 2.26 22.95
N TYR E 205 -64.74 2.52 22.34
CA TYR E 205 -64.66 2.74 20.89
C TYR E 205 -64.00 1.59 20.13
N THR E 206 -64.21 1.58 18.82
CA THR E 206 -63.73 0.58 17.89
C THR E 206 -62.44 1.04 17.22
N PRO E 207 -61.73 0.12 16.55
CA PRO E 207 -60.56 0.53 15.76
C PRO E 207 -60.90 1.52 14.65
N ALA E 208 -62.18 1.68 14.33
CA ALA E 208 -62.58 2.60 13.27
C ALA E 208 -62.21 4.04 13.57
N ILE E 209 -61.80 4.35 14.80
CA ILE E 209 -61.32 5.70 15.09
C ILE E 209 -60.09 6.01 14.25
N ASP E 210 -59.15 5.06 14.15
CA ASP E 210 -57.96 5.27 13.35
C ASP E 210 -58.31 5.40 11.87
N VAL E 211 -59.32 4.65 11.41
CA VAL E 211 -59.72 4.75 10.01
C VAL E 211 -60.23 6.16 9.70
N TRP E 212 -61.09 6.69 10.57
CA TRP E 212 -61.60 8.03 10.37
C TRP E 212 -60.44 9.01 10.18
N SER E 213 -59.42 8.90 11.06
CA SER E 213 -58.27 9.78 10.95
C SER E 213 -57.63 9.66 9.58
N CYS E 214 -57.36 8.43 9.14
CA CYS E 214 -56.71 8.24 7.84
C CYS E 214 -57.57 8.78 6.72
N GLY E 215 -58.89 8.73 6.87
CA GLY E 215 -59.74 9.35 5.87
C GLY E 215 -59.53 10.85 5.77
N CYS E 216 -59.46 11.52 6.93
CA CYS E 216 -59.18 12.95 6.94
C CYS E 216 -57.86 13.26 6.24
N ILE E 217 -56.85 12.41 6.45
CA ILE E 217 -55.56 12.61 5.79
C ILE E 217 -55.70 12.41 4.28
N LEU E 218 -56.47 11.39 3.87
CA LEU E 218 -56.67 11.17 2.45
C LEU E 218 -57.20 12.42 1.77
N GLY E 219 -58.25 13.01 2.32
CA GLY E 219 -58.81 14.21 1.73
C GLY E 219 -57.84 15.38 1.74
N GLU E 220 -57.12 15.56 2.84
CA GLU E 220 -56.20 16.68 2.95
C GLU E 220 -55.09 16.57 1.90
N LEU E 221 -54.74 15.35 1.49
CA LEU E 221 -53.73 15.19 0.44
C LEU E 221 -54.23 15.68 -0.92
N PHE E 222 -55.52 15.55 -1.20
CA PHE E 222 -56.07 16.08 -2.45
C PHE E 222 -56.33 17.57 -2.39
N THR E 223 -56.67 18.10 -1.21
CA THR E 223 -56.94 19.53 -1.11
C THR E 223 -55.71 20.34 -0.72
N LYS E 224 -54.69 19.69 -0.16
CA LYS E 224 -53.51 20.35 0.40
C LYS E 224 -53.84 21.18 1.63
N LYS E 225 -55.04 21.00 2.20
CA LYS E 225 -55.53 21.77 3.34
C LYS E 225 -56.40 20.83 4.18
N PRO E 226 -56.23 20.85 5.51
CA PRO E 226 -57.05 19.97 6.37
C PRO E 226 -58.54 20.18 6.16
N ILE E 227 -59.31 19.10 6.36
CA ILE E 227 -60.73 19.14 6.04
C ILE E 227 -61.53 19.78 7.17
N PHE E 228 -61.27 19.40 8.41
CA PHE E 228 -62.07 19.82 9.56
C PHE E 228 -61.20 20.61 10.53
N GLN E 229 -61.17 21.93 10.37
CA GLN E 229 -60.36 22.81 11.20
C GLN E 229 -61.29 23.51 12.18
N ALA E 230 -61.16 23.16 13.46
CA ALA E 230 -62.01 23.72 14.51
C ALA E 230 -61.22 23.83 15.80
N ASN E 231 -61.78 24.60 16.74
CA ASN E 231 -61.14 24.85 18.03
C ASN E 231 -61.81 24.18 19.21
N LEU E 232 -63.11 23.88 19.13
CA LEU E 232 -63.85 23.26 20.22
C LEU E 232 -64.67 22.11 19.68
N GLU E 233 -64.96 21.13 20.53
CA GLU E 233 -65.61 19.91 20.04
C GLU E 233 -66.91 20.22 19.31
N LEU E 234 -67.67 21.21 19.77
CA LEU E 234 -68.92 21.51 19.09
C LEU E 234 -68.68 22.07 17.69
N ALA E 235 -67.70 22.96 17.53
CA ALA E 235 -67.40 23.50 16.21
C ALA E 235 -66.93 22.38 15.26
N GLN E 236 -66.15 21.43 15.79
CA GLN E 236 -65.68 20.31 14.97
C GLN E 236 -66.85 19.43 14.52
N LEU E 237 -67.74 19.07 15.45
CA LEU E 237 -68.91 18.27 15.07
C LEU E 237 -69.76 18.98 14.02
N GLU E 238 -69.82 20.32 14.09
CA GLU E 238 -70.59 21.07 13.09
C GLU E 238 -69.97 20.94 11.70
N LEU E 239 -68.65 21.08 11.60
CA LEU E 239 -68.00 20.94 10.30
C LEU E 239 -68.20 19.54 9.74
N ILE E 240 -68.02 18.51 10.56
CA ILE E 240 -68.28 17.14 10.11
C ILE E 240 -69.70 17.03 9.57
N SER E 241 -70.66 17.62 10.28
CA SER E 241 -72.07 17.49 9.88
C SER E 241 -72.34 18.14 8.52
N ARG E 242 -71.72 19.28 8.25
CA ARG E 242 -71.95 19.96 6.98
C ARG E 242 -71.56 19.07 5.80
N LEU E 243 -70.50 18.30 5.97
CA LEU E 243 -69.96 17.47 4.90
C LEU E 243 -70.53 16.05 4.89
N CYS E 244 -70.51 15.38 6.04
CA CYS E 244 -70.88 13.98 6.12
C CYS E 244 -72.35 13.75 6.46
N GLY E 245 -73.09 14.79 6.78
CA GLY E 245 -74.45 14.64 7.26
C GLY E 245 -74.51 14.63 8.77
N SER E 246 -75.60 15.14 9.32
CA SER E 246 -75.68 15.23 10.77
C SER E 246 -75.85 13.83 11.35
N PRO E 247 -75.16 13.53 12.46
CA PRO E 247 -75.42 12.26 13.16
C PRO E 247 -76.88 12.17 13.55
N CYS E 248 -77.52 11.08 13.11
CA CYS E 248 -78.92 10.85 13.42
C CYS E 248 -79.18 9.36 13.31
N PRO E 249 -80.19 8.83 14.02
CA PRO E 249 -80.45 7.38 13.97
C PRO E 249 -80.71 6.88 12.56
N ALA E 250 -81.12 7.76 11.64
CA ALA E 250 -81.43 7.32 10.28
C ALA E 250 -80.25 6.60 9.65
N VAL E 251 -79.06 7.16 9.80
CA VAL E 251 -77.84 6.55 9.28
C VAL E 251 -76.98 5.87 10.34
N TRP E 252 -77.20 6.15 11.62
CA TRP E 252 -76.33 5.71 12.72
C TRP E 252 -77.23 5.23 13.84
N PRO E 253 -77.78 4.01 13.72
CA PRO E 253 -78.86 3.61 14.64
C PRO E 253 -78.54 3.78 16.11
N ASP E 254 -77.29 3.58 16.51
CA ASP E 254 -76.92 3.59 17.92
C ASP E 254 -76.41 4.95 18.39
N VAL E 255 -76.54 6.00 17.58
CA VAL E 255 -76.04 7.31 18.00
C VAL E 255 -76.76 7.77 19.26
N ILE E 256 -78.00 7.34 19.42
CA ILE E 256 -78.82 7.73 20.56
C ILE E 256 -78.25 7.24 21.87
N ARG E 257 -77.41 6.22 21.84
CA ARG E 257 -76.79 5.74 23.07
C ARG E 257 -75.66 6.63 23.57
N LEU E 258 -75.16 7.53 22.76
CA LEU E 258 -73.97 8.28 23.13
C LEU E 258 -74.30 9.40 24.12
N PRO E 259 -73.45 9.62 25.12
CA PRO E 259 -73.76 10.66 26.12
C PRO E 259 -74.12 12.02 25.55
N TYR E 260 -73.34 12.53 24.59
CA TYR E 260 -73.50 13.90 24.11
C TYR E 260 -74.34 14.00 22.84
N PHE E 261 -75.11 12.97 22.50
CA PHE E 261 -75.89 13.03 21.27
C PHE E 261 -76.88 14.18 21.31
N ASN E 262 -77.64 14.29 22.40
CA ASN E 262 -78.56 15.42 22.57
C ASN E 262 -77.81 16.70 22.90
N THR E 263 -76.74 16.59 23.70
CA THR E 263 -76.03 17.79 24.14
C THR E 263 -75.42 18.51 22.94
N MET E 264 -74.65 17.80 22.13
CA MET E 264 -73.95 18.40 21.01
C MET E 264 -74.78 18.21 19.74
N LYS E 265 -75.91 18.89 19.69
CA LYS E 265 -76.67 18.81 18.46
C LYS E 265 -76.10 19.80 17.46
N PRO E 266 -75.95 19.40 16.20
CA PRO E 266 -75.49 20.36 15.18
C PRO E 266 -76.57 21.39 14.87
N LYS E 267 -76.12 22.51 14.29
CA LYS E 267 -77.03 23.62 14.01
C LYS E 267 -78.23 23.15 13.19
N LYS E 268 -78.00 22.28 12.21
CA LYS E 268 -79.06 21.73 11.40
C LYS E 268 -78.91 20.21 11.31
N GLN E 269 -79.93 19.56 10.75
CA GLN E 269 -79.85 18.15 10.37
C GLN E 269 -79.42 18.12 8.89
N TYR E 270 -78.11 18.26 8.69
CA TYR E 270 -77.56 18.36 7.36
C TYR E 270 -77.63 17.02 6.63
N ARG E 271 -77.79 17.09 5.30
CA ARG E 271 -77.63 15.92 4.47
C ARG E 271 -76.14 15.76 4.12
N ARG E 272 -75.76 14.56 3.70
CA ARG E 272 -74.39 14.32 3.31
C ARG E 272 -74.09 15.00 1.98
N ARG E 273 -72.97 15.71 1.91
CA ARG E 273 -72.60 16.40 0.68
C ARG E 273 -71.21 15.98 0.21
N LEU E 274 -70.63 14.95 0.84
CA LEU E 274 -69.22 14.64 0.63
C LEU E 274 -68.90 14.45 -0.84
N ARG E 275 -69.69 13.63 -1.54
CA ARG E 275 -69.38 13.35 -2.94
C ARG E 275 -69.45 14.60 -3.79
N GLU E 276 -70.38 15.50 -3.49
CA GLU E 276 -70.48 16.75 -4.23
C GLU E 276 -69.26 17.62 -3.98
N GLU E 277 -68.89 17.79 -2.71
CA GLU E 277 -67.83 18.72 -2.34
C GLU E 277 -66.46 18.27 -2.84
N PHE E 278 -66.23 16.96 -2.95
CA PHE E 278 -64.96 16.41 -3.43
C PHE E 278 -65.06 15.89 -4.87
N SER E 279 -65.83 16.57 -5.72
CA SER E 279 -66.03 16.10 -7.09
C SER E 279 -64.71 16.01 -7.86
N PHE E 280 -63.73 16.84 -7.52
CA PHE E 280 -62.45 16.81 -8.23
C PHE E 280 -61.64 15.56 -7.94
N ILE E 281 -61.96 14.84 -6.88
CA ILE E 281 -61.14 13.67 -6.54
C ILE E 281 -61.47 12.54 -7.51
N PRO E 282 -60.47 11.78 -7.97
CA PRO E 282 -60.78 10.62 -8.83
C PRO E 282 -61.82 9.70 -8.21
N SER E 283 -62.62 9.06 -9.07
CA SER E 283 -63.74 8.28 -8.57
C SER E 283 -63.28 7.14 -7.68
N ALA E 284 -62.23 6.43 -8.10
CA ALA E 284 -61.73 5.33 -7.27
C ALA E 284 -61.36 5.82 -5.88
N ALA E 285 -60.75 7.01 -5.80
CA ALA E 285 -60.35 7.55 -4.51
C ALA E 285 -61.54 8.13 -3.77
N LEU E 286 -62.41 8.86 -4.47
CA LEU E 286 -63.59 9.42 -3.83
C LEU E 286 -64.39 8.35 -3.12
N ASP E 287 -64.54 7.19 -3.76
CA ASP E 287 -65.25 6.07 -3.15
C ASP E 287 -64.56 5.64 -1.87
N LEU E 288 -63.22 5.61 -1.86
CA LEU E 288 -62.49 5.29 -0.65
C LEU E 288 -62.74 6.32 0.43
N LEU E 289 -62.71 7.61 0.07
CA LEU E 289 -62.96 8.66 1.05
C LEU E 289 -64.35 8.53 1.63
N ASP E 290 -65.35 8.28 0.78
CA ASP E 290 -66.72 8.18 1.26
C ASP E 290 -66.85 7.11 2.34
N HIS E 291 -66.17 5.98 2.16
CA HIS E 291 -66.28 4.87 3.11
C HIS E 291 -65.49 5.12 4.37
N MET E 292 -64.33 5.75 4.26
CA MET E 292 -63.53 6.03 5.46
C MET E 292 -64.20 7.09 6.33
N LEU E 293 -64.85 8.06 5.71
CA LEU E 293 -65.57 9.11 6.42
C LEU E 293 -67.06 8.80 6.48
N THR E 294 -67.37 7.60 6.96
CA THR E 294 -68.73 7.16 7.20
C THR E 294 -69.01 7.38 8.68
N LEU E 295 -70.14 8.01 9.00
CA LEU E 295 -70.34 8.48 10.36
C LEU E 295 -70.38 7.34 11.37
N ASP E 296 -71.15 6.29 11.07
CA ASP E 296 -71.33 5.20 12.03
C ASP E 296 -70.11 4.29 12.05
N PRO E 297 -69.38 4.19 13.17
CA PRO E 297 -68.17 3.36 13.17
C PRO E 297 -68.41 1.91 12.79
N SER E 298 -69.64 1.40 12.99
CA SER E 298 -69.98 0.04 12.57
C SER E 298 -70.21 -0.06 11.07
N LYS E 299 -70.51 1.04 10.40
CA LYS E 299 -70.63 1.05 8.94
C LYS E 299 -69.38 1.56 8.23
N ARG E 300 -68.45 2.17 8.96
CA ARG E 300 -67.21 2.65 8.36
C ARG E 300 -66.32 1.47 7.98
N CYS E 301 -65.70 1.56 6.81
CA CYS E 301 -64.84 0.50 6.34
C CYS E 301 -63.65 0.32 7.28
N THR E 302 -63.05 -0.87 7.20
CA THR E 302 -61.89 -1.23 7.99
C THR E 302 -60.62 -0.93 7.20
N ALA E 303 -59.46 -1.13 7.84
CA ALA E 303 -58.20 -1.00 7.12
C ALA E 303 -58.09 -2.05 6.03
N GLU E 304 -58.43 -3.30 6.35
CA GLU E 304 -58.36 -4.35 5.34
C GLU E 304 -59.21 -4.00 4.12
N GLN E 305 -60.40 -3.46 4.35
CA GLN E 305 -61.31 -3.18 3.25
C GLN E 305 -60.76 -2.09 2.32
N THR E 306 -60.11 -1.08 2.88
CA THR E 306 -59.53 -0.04 2.03
C THR E 306 -58.48 -0.62 1.10
N LEU E 307 -57.74 -1.62 1.57
CA LEU E 307 -56.76 -2.29 0.73
C LEU E 307 -57.45 -3.10 -0.36
N GLN E 308 -58.72 -3.44 -0.16
CA GLN E 308 -59.53 -4.10 -1.18
C GLN E 308 -60.44 -3.11 -1.91
N SER E 309 -59.90 -1.94 -2.27
CA SER E 309 -60.65 -0.89 -2.94
C SER E 309 -60.06 -0.73 -4.34
N ASP E 310 -60.89 -0.35 -5.30
CA ASP E 310 -60.34 -0.08 -6.64
C ASP E 310 -59.16 0.88 -6.59
N PHE E 311 -59.14 1.80 -5.62
CA PHE E 311 -58.06 2.78 -5.55
C PHE E 311 -56.72 2.15 -5.16
N LEU E 312 -56.71 1.27 -4.16
CA LEU E 312 -55.47 0.75 -3.63
C LEU E 312 -55.20 -0.70 -4.00
N LYS E 313 -56.23 -1.42 -4.47
CA LYS E 313 -56.14 -2.87 -4.64
C LYS E 313 -54.96 -3.28 -5.51
N ASP E 314 -54.76 -2.60 -6.64
CA ASP E 314 -53.73 -2.97 -7.59
C ASP E 314 -52.46 -2.15 -7.48
N VAL E 315 -52.35 -1.27 -6.48
CA VAL E 315 -51.13 -0.50 -6.26
C VAL E 315 -50.01 -1.44 -5.86
N GLU E 316 -48.84 -1.28 -6.48
CA GLU E 316 -47.68 -2.11 -6.20
C GLU E 316 -46.63 -1.33 -5.42
N LEU E 317 -46.30 -1.83 -4.23
CA LEU E 317 -45.29 -1.19 -3.42
C LEU E 317 -43.89 -1.33 -4.02
N SER E 318 -43.74 -2.17 -5.03
CA SER E 318 -42.44 -2.36 -5.66
C SER E 318 -41.98 -1.08 -6.36
N LYS E 319 -42.85 -0.48 -7.17
CA LYS E 319 -42.57 0.82 -7.80
C LYS E 319 -42.87 1.86 -6.73
N MET E 320 -41.84 2.21 -5.94
CA MET E 320 -42.06 3.05 -4.76
C MET E 320 -42.78 4.37 -5.06
N ALA E 321 -42.64 4.91 -6.26
CA ALA E 321 -43.27 6.18 -6.61
C ALA E 321 -42.92 7.25 -5.60
N PRO E 322 -41.83 7.99 -5.84
CA PRO E 322 -41.35 8.97 -4.86
C PRO E 322 -42.23 10.22 -4.79
N PRO E 323 -42.26 10.88 -3.63
CA PRO E 323 -42.94 12.19 -3.57
C PRO E 323 -42.13 13.29 -4.27
N ASP E 324 -42.83 14.37 -4.63
CA ASP E 324 -42.28 15.49 -5.42
C ASP E 324 -41.83 16.68 -4.59
N LEU E 325 -40.59 16.64 -4.13
CA LEU E 325 -40.01 17.75 -3.38
C LEU E 325 -39.37 18.79 -4.30
N PRO E 326 -39.76 20.07 -4.21
CA PRO E 326 -39.12 21.08 -5.07
C PRO E 326 -37.64 21.27 -4.78
N HIS E 327 -37.29 21.57 -3.55
CA HIS E 327 -35.90 21.61 -3.04
C HIS E 327 -35.08 22.67 -3.79
N TRP E 328 -33.88 22.35 -4.26
CA TRP E 328 -32.91 23.40 -4.59
C TRP E 328 -33.32 24.27 -5.76
N GLN E 329 -33.94 23.71 -6.80
CA GLN E 329 -34.19 24.50 -7.99
C GLN E 329 -35.11 25.69 -7.71
N ASP E 330 -36.13 25.51 -6.88
CA ASP E 330 -37.05 26.60 -6.53
C ASP E 330 -36.81 27.09 -5.10
N CYS E 331 -35.63 26.81 -4.54
CA CYS E 331 -35.20 27.43 -3.29
C CYS E 331 -34.93 28.92 -3.46
N HIS E 332 -34.92 29.41 -4.69
CA HIS E 332 -34.94 30.81 -5.07
C HIS E 332 -36.31 31.12 -5.67
N GLU E 333 -36.67 32.41 -5.69
CA GLU E 333 -37.90 32.79 -6.37
C GLU E 333 -37.71 32.66 -7.89
N LEU E 334 -38.80 32.31 -8.57
CA LEU E 334 -38.79 32.10 -10.02
C LEU E 334 -38.98 33.44 -10.72
N TRP E 335 -37.94 33.92 -11.37
CA TRP E 335 -38.01 35.25 -11.98
C TRP E 335 -38.76 35.24 -13.30
N SER E 336 -38.70 34.15 -14.05
CA SER E 336 -39.55 34.00 -15.23
C SER E 336 -41.01 34.25 -14.84
N THR F 24 -33.17 -10.75 17.73
CA THR F 24 -34.20 -9.73 17.89
C THR F 24 -34.50 -9.55 19.38
N LYS F 25 -34.97 -10.62 20.04
CA LYS F 25 -35.35 -10.57 21.45
C LYS F 25 -34.50 -11.51 22.30
N PRO F 26 -34.27 -11.21 23.56
CA PRO F 26 -33.38 -12.05 24.37
C PRO F 26 -34.04 -13.35 24.79
N CYS F 27 -33.19 -14.33 25.11
CA CYS F 27 -33.64 -15.63 25.57
C CYS F 27 -33.68 -15.61 27.09
N TRP F 28 -34.87 -15.83 27.65
CA TRP F 28 -35.10 -15.77 29.08
C TRP F 28 -35.26 -17.15 29.71
N TYR F 29 -34.65 -18.17 29.10
CA TYR F 29 -34.77 -19.54 29.57
C TYR F 29 -33.39 -20.15 29.77
N TRP F 30 -33.24 -20.84 30.91
CA TRP F 30 -32.02 -21.48 31.36
C TRP F 30 -32.30 -22.97 31.54
N ASP F 31 -31.25 -23.77 31.69
CA ASP F 31 -31.39 -25.18 32.04
C ASP F 31 -31.35 -25.30 33.57
N LYS F 32 -32.11 -26.25 34.12
CA LYS F 32 -32.09 -26.40 35.58
C LYS F 32 -30.65 -26.48 36.10
N LYS F 33 -29.79 -27.25 35.42
CA LYS F 33 -28.41 -27.39 35.87
C LYS F 33 -27.72 -26.04 35.99
N ASP F 34 -28.18 -25.03 35.23
CA ASP F 34 -27.58 -23.72 35.35
C ASP F 34 -27.96 -23.02 36.65
N LEU F 35 -29.06 -23.41 37.29
CA LEU F 35 -29.49 -22.74 38.51
C LEU F 35 -28.58 -23.00 39.70
N ALA F 36 -27.64 -23.94 39.58
CA ALA F 36 -26.62 -24.11 40.59
C ALA F 36 -25.57 -23.02 40.56
N HIS F 37 -25.67 -22.10 39.59
CA HIS F 37 -24.65 -21.08 39.34
C HIS F 37 -25.27 -19.69 39.27
N THR F 38 -26.34 -19.45 40.02
CA THR F 38 -26.87 -18.11 40.13
C THR F 38 -25.95 -17.26 40.99
N PRO F 39 -26.00 -15.94 40.82
CA PRO F 39 -25.26 -15.06 41.76
C PRO F 39 -25.52 -15.42 43.21
N SER F 40 -26.76 -15.78 43.56
CA SER F 40 -27.07 -16.13 44.94
C SER F 40 -26.30 -17.38 45.38
N GLN F 41 -26.29 -18.41 44.54
CA GLN F 41 -25.55 -19.62 44.87
C GLN F 41 -24.06 -19.32 45.06
N LEU F 42 -23.48 -18.53 44.16
CA LEU F 42 -22.05 -18.28 44.18
C LEU F 42 -21.64 -17.34 45.31
N GLU F 43 -22.58 -16.64 45.92
CA GLU F 43 -22.30 -15.91 47.14
C GLU F 43 -22.55 -16.75 48.38
N GLY F 44 -22.67 -18.06 48.23
CA GLY F 44 -22.76 -18.96 49.35
C GLY F 44 -24.14 -19.33 49.80
N LEU F 45 -25.18 -18.83 49.13
CA LEU F 45 -26.54 -19.24 49.45
C LEU F 45 -26.74 -20.66 48.94
N ASP F 46 -27.31 -21.51 49.79
CA ASP F 46 -27.47 -22.91 49.39
C ASP F 46 -28.74 -23.11 48.59
N PRO F 47 -28.86 -24.23 47.87
CA PRO F 47 -30.01 -24.39 46.95
C PRO F 47 -31.36 -24.27 47.65
N ALA F 48 -31.52 -24.87 48.83
CA ALA F 48 -32.80 -24.81 49.52
C ALA F 48 -33.18 -23.37 49.85
N THR F 49 -32.21 -22.59 50.33
CA THR F 49 -32.52 -21.22 50.73
C THR F 49 -32.97 -20.38 49.54
N GLU F 50 -32.25 -20.48 48.41
CA GLU F 50 -32.65 -19.67 47.28
C GLU F 50 -34.06 -20.03 46.83
N ALA F 51 -34.46 -21.29 46.94
CA ALA F 51 -35.81 -21.65 46.54
C ALA F 51 -36.81 -21.12 47.54
N ARG F 52 -36.45 -21.09 48.83
CA ARG F 52 -37.32 -20.47 49.81
C ARG F 52 -37.45 -18.97 49.53
N TYR F 53 -36.31 -18.30 49.28
CA TYR F 53 -36.36 -16.87 49.00
C TYR F 53 -37.24 -16.58 47.78
N ARG F 54 -37.25 -17.50 46.80
CA ARG F 54 -38.09 -17.31 45.62
C ARG F 54 -39.56 -17.54 45.95
N ARG F 55 -39.86 -18.61 46.68
CA ARG F 55 -41.25 -18.87 47.05
C ARG F 55 -41.81 -17.74 47.89
N GLU F 56 -41.04 -17.26 48.87
CA GLU F 56 -41.50 -16.17 49.72
C GLU F 56 -41.78 -14.93 48.89
N GLY F 57 -40.86 -14.58 48.00
CA GLY F 57 -41.07 -13.41 47.16
C GLY F 57 -42.27 -13.55 46.24
N ALA F 58 -42.45 -14.74 45.67
CA ALA F 58 -43.59 -14.95 44.78
C ALA F 58 -44.91 -14.80 45.54
N ARG F 59 -45.00 -15.42 46.72
CA ARG F 59 -46.24 -15.34 47.50
C ARG F 59 -46.51 -13.89 47.92
N PHE F 60 -45.47 -13.17 48.30
CA PHE F 60 -45.58 -11.75 48.62
C PHE F 60 -46.23 -10.95 47.49
N ILE F 61 -45.65 -11.02 46.30
CA ILE F 61 -46.23 -10.31 45.15
C ILE F 61 -47.65 -10.77 44.91
N PHE F 62 -47.87 -12.08 44.96
CA PHE F 62 -49.20 -12.63 44.74
C PHE F 62 -50.18 -12.13 45.80
N ASP F 63 -49.76 -12.17 47.07
CA ASP F 63 -50.64 -11.77 48.16
C ASP F 63 -50.81 -10.26 48.20
N VAL F 64 -49.72 -9.51 48.00
CA VAL F 64 -49.84 -8.05 47.96
C VAL F 64 -50.78 -7.64 46.83
N GLY F 65 -50.52 -8.16 45.62
CA GLY F 65 -51.33 -7.78 44.48
C GLY F 65 -52.76 -8.26 44.62
N THR F 66 -52.95 -9.44 45.21
CA THR F 66 -54.31 -9.91 45.46
C THR F 66 -55.04 -8.97 46.40
N ARG F 67 -54.36 -8.53 47.47
CA ARG F 67 -54.96 -7.57 48.40
C ARG F 67 -55.27 -6.24 47.73
N LEU F 68 -54.50 -5.85 46.72
CA LEU F 68 -54.76 -4.63 45.98
C LEU F 68 -55.81 -4.80 44.88
N GLY F 69 -56.31 -6.01 44.67
CA GLY F 69 -57.33 -6.23 43.67
C GLY F 69 -56.82 -6.40 42.26
N LEU F 70 -55.61 -6.91 42.09
CA LEU F 70 -54.97 -6.94 40.78
C LEU F 70 -55.35 -8.17 39.96
N HIS F 71 -55.45 -7.96 38.64
CA HIS F 71 -55.67 -9.00 37.67
C HIS F 71 -54.58 -10.08 37.73
N TYR F 72 -54.95 -11.30 37.34
CA TYR F 72 -54.03 -12.43 37.50
C TYR F 72 -52.79 -12.26 36.63
N ASP F 73 -52.94 -11.70 35.43
CA ASP F 73 -51.77 -11.47 34.59
C ASP F 73 -50.79 -10.52 35.27
N THR F 74 -51.31 -9.49 35.95
CA THR F 74 -50.44 -8.53 36.59
C THR F 74 -49.58 -9.19 37.66
N LEU F 75 -50.18 -10.08 38.47
CA LEU F 75 -49.40 -10.78 39.48
C LEU F 75 -48.30 -11.61 38.85
N ALA F 76 -48.63 -12.36 37.79
CA ALA F 76 -47.64 -13.22 37.15
C ALA F 76 -46.52 -12.42 36.52
N THR F 77 -46.86 -11.31 35.84
CA THR F 77 -45.83 -10.50 35.22
C THR F 77 -44.81 -10.04 36.26
N GLY F 78 -45.30 -9.53 37.40
CA GLY F 78 -44.39 -9.16 38.47
C GLY F 78 -43.55 -10.33 38.94
N ILE F 79 -44.17 -11.50 39.09
CA ILE F 79 -43.44 -12.65 39.60
C ILE F 79 -42.35 -13.06 38.62
N ILE F 80 -42.65 -12.99 37.33
CA ILE F 80 -41.67 -13.37 36.32
C ILE F 80 -40.56 -12.32 36.23
N TYR F 81 -40.90 -11.03 36.30
CA TYR F 81 -39.84 -10.04 36.47
C TYR F 81 -38.97 -10.42 37.67
N PHE F 82 -39.61 -10.75 38.79
CA PHE F 82 -38.90 -11.10 40.02
C PHE F 82 -37.92 -12.24 39.78
N HIS F 83 -38.40 -13.36 39.24
CA HIS F 83 -37.52 -14.50 39.04
C HIS F 83 -36.34 -14.16 38.13
N ARG F 84 -36.60 -13.46 37.03
CA ARG F 84 -35.52 -13.08 36.12
C ARG F 84 -34.48 -12.22 36.83
N PHE F 85 -34.94 -11.26 37.63
CA PHE F 85 -34.02 -10.38 38.35
C PHE F 85 -32.92 -11.17 39.07
N TYR F 86 -33.30 -12.19 39.82
CA TYR F 86 -32.34 -12.94 40.63
C TYR F 86 -31.57 -13.98 39.85
N MET F 87 -31.70 -14.00 38.54
CA MET F 87 -30.76 -14.69 37.67
C MET F 87 -29.64 -13.77 37.21
N PHE F 88 -29.79 -12.47 37.43
CA PHE F 88 -28.80 -11.47 37.12
C PHE F 88 -28.26 -10.78 38.36
N HIS F 89 -28.83 -11.08 39.53
CA HIS F 89 -28.47 -10.41 40.78
C HIS F 89 -28.58 -11.41 41.91
N SER F 90 -28.03 -11.00 43.06
CA SER F 90 -28.00 -11.87 44.24
C SER F 90 -29.09 -11.49 45.25
N PHE F 91 -29.47 -12.48 46.05
CA PHE F 91 -30.42 -12.25 47.13
C PHE F 91 -29.78 -11.53 48.31
N LYS F 92 -28.49 -11.72 48.53
CA LYS F 92 -27.82 -11.15 49.69
C LYS F 92 -27.59 -9.65 49.52
N GLN F 93 -27.36 -9.20 48.27
CA GLN F 93 -27.13 -7.80 47.95
C GLN F 93 -28.41 -7.04 47.64
N PHE F 94 -29.44 -7.74 47.15
CA PHE F 94 -30.73 -7.13 46.84
C PHE F 94 -31.80 -7.83 47.65
N PRO F 95 -32.45 -7.16 48.61
CA PRO F 95 -33.47 -7.84 49.42
C PRO F 95 -34.62 -8.35 48.59
N ARG F 96 -35.19 -9.47 49.03
CA ARG F 96 -36.19 -10.13 48.21
C ARG F 96 -37.54 -9.41 48.27
N TYR F 97 -37.87 -8.74 49.37
CA TYR F 97 -39.22 -8.16 49.45
C TYR F 97 -39.30 -6.79 48.83
N VAL F 98 -38.22 -6.01 48.89
CA VAL F 98 -38.17 -4.74 48.17
C VAL F 98 -38.28 -4.97 46.68
N THR F 99 -37.46 -5.88 46.16
CA THR F 99 -37.52 -6.22 44.75
C THR F 99 -38.93 -6.62 44.33
N GLY F 100 -39.57 -7.47 45.13
CA GLY F 100 -40.94 -7.87 44.82
C GLY F 100 -41.87 -6.70 44.63
N ALA F 101 -41.90 -5.78 45.60
CA ALA F 101 -42.78 -4.62 45.48
C ALA F 101 -42.49 -3.85 44.20
N CYS F 102 -41.21 -3.70 43.86
CA CYS F 102 -40.84 -3.00 42.64
C CYS F 102 -41.35 -3.74 41.41
N CYS F 103 -41.22 -5.06 41.39
CA CYS F 103 -41.72 -5.82 40.25
C CYS F 103 -43.23 -5.63 40.09
N LEU F 104 -43.98 -5.73 41.19
CA LEU F 104 -45.42 -5.54 41.11
C LEU F 104 -45.75 -4.13 40.64
N PHE F 105 -45.03 -3.14 41.17
CA PHE F 105 -45.26 -1.75 40.77
C PHE F 105 -45.09 -1.58 39.28
N LEU F 106 -43.97 -2.07 38.73
CA LEU F 106 -43.75 -1.95 37.29
C LEU F 106 -44.75 -2.80 36.51
N ALA F 107 -45.02 -4.02 36.98
CA ALA F 107 -45.98 -4.88 36.31
C ALA F 107 -47.30 -4.16 36.14
N GLY F 108 -47.75 -3.44 37.17
CA GLY F 108 -48.99 -2.70 37.05
C GLY F 108 -48.98 -1.70 35.91
N LYS F 109 -47.86 -1.01 35.72
CA LYS F 109 -47.76 -0.07 34.62
C LYS F 109 -47.71 -0.78 33.28
N VAL F 110 -47.01 -1.92 33.21
CA VAL F 110 -46.90 -2.64 31.95
C VAL F 110 -48.26 -3.18 31.52
N GLU F 111 -48.98 -3.79 32.46
CA GLU F 111 -50.23 -4.48 32.15
C GLU F 111 -51.45 -3.55 32.21
N GLU F 112 -51.23 -2.25 32.39
CA GLU F 112 -52.31 -1.26 32.42
C GLU F 112 -53.28 -1.53 33.57
N THR F 113 -52.74 -2.00 34.69
CA THR F 113 -53.49 -2.11 35.94
C THR F 113 -52.73 -1.36 37.03
N PRO F 114 -52.44 -0.07 36.81
CA PRO F 114 -51.46 0.60 37.66
C PRO F 114 -51.97 0.87 39.07
N LYS F 115 -51.03 0.88 40.02
CA LYS F 115 -51.28 1.25 41.40
C LYS F 115 -50.18 2.19 41.86
N LYS F 116 -50.50 3.03 42.83
CA LYS F 116 -49.53 3.97 43.37
C LYS F 116 -48.55 3.28 44.30
N CYS F 117 -47.29 3.70 44.23
CA CYS F 117 -46.26 3.06 45.01
C CYS F 117 -46.59 3.07 46.50
N LYS F 118 -47.20 4.14 46.99
CA LYS F 118 -47.54 4.21 48.40
C LYS F 118 -48.52 3.10 48.80
N ASP F 119 -49.43 2.75 47.90
CA ASP F 119 -50.42 1.72 48.23
C ASP F 119 -49.76 0.35 48.34
N ILE F 120 -48.77 0.08 47.50
CA ILE F 120 -48.05 -1.18 47.56
C ILE F 120 -47.28 -1.28 48.88
N ILE F 121 -46.67 -0.18 49.32
CA ILE F 121 -45.95 -0.19 50.59
C ILE F 121 -46.91 -0.45 51.75
N LYS F 122 -48.04 0.26 51.75
CA LYS F 122 -49.04 0.04 52.82
C LYS F 122 -49.39 -1.44 52.91
N THR F 123 -49.70 -2.04 51.75
CA THR F 123 -50.09 -3.45 51.74
C THR F 123 -48.95 -4.34 52.20
N ALA F 124 -47.72 -4.03 51.77
CA ALA F 124 -46.57 -4.80 52.21
C ALA F 124 -46.41 -4.71 53.72
N ARG F 125 -46.66 -3.54 54.30
CA ARG F 125 -46.57 -3.43 55.75
C ARG F 125 -47.61 -4.30 56.42
N SER F 126 -48.82 -4.37 55.84
CA SER F 126 -49.85 -5.23 56.38
C SER F 126 -49.39 -6.69 56.41
N LEU F 127 -48.67 -7.12 55.37
CA LEU F 127 -48.33 -8.53 55.21
C LEU F 127 -46.99 -8.92 55.83
N LEU F 128 -46.05 -8.00 55.98
CA LEU F 128 -44.73 -8.33 56.52
C LEU F 128 -44.63 -8.02 58.01
N ASN F 129 -43.85 -8.83 58.71
CA ASN F 129 -43.59 -8.57 60.12
C ASN F 129 -42.55 -7.45 60.22
N ASP F 130 -42.08 -7.16 61.44
CA ASP F 130 -41.14 -6.05 61.63
C ASP F 130 -39.75 -6.38 61.11
N VAL F 131 -39.30 -7.62 61.31
CA VAL F 131 -38.00 -8.01 60.76
C VAL F 131 -38.01 -7.87 59.25
N GLN F 132 -39.04 -8.43 58.61
CA GLN F 132 -39.12 -8.43 57.16
C GLN F 132 -39.20 -7.01 56.61
N PHE F 133 -40.09 -6.19 57.17
CA PHE F 133 -40.23 -4.83 56.67
C PHE F 133 -39.00 -3.99 56.93
N GLY F 134 -38.06 -4.47 57.73
CA GLY F 134 -36.81 -3.76 57.90
C GLY F 134 -36.02 -3.66 56.62
N GLN F 135 -36.30 -4.56 55.66
CA GLN F 135 -35.60 -4.50 54.38
C GLN F 135 -35.84 -3.15 53.71
N PHE F 136 -37.05 -2.60 53.85
CA PHE F 136 -37.40 -1.35 53.19
C PHE F 136 -36.71 -0.13 53.78
N GLY F 137 -36.16 -0.24 54.99
CA GLY F 137 -35.39 0.87 55.53
C GLY F 137 -36.26 2.03 55.99
N ASP F 138 -35.60 3.19 56.09
CA ASP F 138 -36.25 4.38 56.65
C ASP F 138 -37.26 5.00 55.68
N ASP F 139 -37.01 4.91 54.37
CA ASP F 139 -37.93 5.44 53.36
C ASP F 139 -38.30 4.31 52.41
N PRO F 140 -39.35 3.54 52.72
CA PRO F 140 -39.70 2.41 51.83
C PRO F 140 -40.00 2.82 50.41
N LYS F 141 -40.86 3.82 50.19
CA LYS F 141 -41.17 4.22 48.83
C LYS F 141 -39.89 4.51 48.04
N GLU F 142 -38.93 5.20 48.67
CA GLU F 142 -37.69 5.54 47.98
C GLU F 142 -36.93 4.28 47.58
N GLU F 143 -36.79 3.32 48.50
CA GLU F 143 -36.05 2.10 48.15
C GLU F 143 -36.67 1.40 46.95
N VAL F 144 -38.00 1.40 46.86
CA VAL F 144 -38.65 0.76 45.73
C VAL F 144 -38.45 1.57 44.46
N MET F 145 -38.77 2.86 44.50
CA MET F 145 -38.69 3.68 43.28
C MET F 145 -37.28 3.69 42.73
N VAL F 146 -36.28 3.63 43.62
CA VAL F 146 -34.89 3.61 43.19
C VAL F 146 -34.59 2.36 42.39
N LEU F 147 -35.10 1.21 42.84
CA LEU F 147 -34.79 -0.06 42.20
C LEU F 147 -35.37 -0.17 40.79
N GLU F 148 -36.40 0.61 40.48
CA GLU F 148 -37.04 0.51 39.17
C GLU F 148 -36.03 0.62 38.03
N ARG F 149 -35.06 1.52 38.16
CA ARG F 149 -34.07 1.67 37.10
C ARG F 149 -33.31 0.36 36.89
N ILE F 150 -32.80 -0.22 37.97
CA ILE F 150 -32.10 -1.49 37.85
C ILE F 150 -33.02 -2.57 37.32
N LEU F 151 -34.27 -2.59 37.77
CA LEU F 151 -35.20 -3.60 37.27
C LEU F 151 -35.30 -3.51 35.74
N LEU F 152 -35.56 -2.30 35.23
CA LEU F 152 -35.70 -2.13 33.79
C LEU F 152 -34.45 -2.56 33.03
N GLN F 153 -33.26 -2.18 33.52
CA GLN F 153 -32.05 -2.59 32.84
C GLN F 153 -31.86 -4.09 32.88
N THR F 154 -32.18 -4.71 34.02
CA THR F 154 -31.98 -6.15 34.16
C THR F 154 -32.92 -6.93 33.26
N ILE F 155 -34.18 -6.52 33.17
CA ILE F 155 -35.14 -7.24 32.34
C ILE F 155 -34.94 -6.87 30.87
N LYS F 156 -33.86 -6.16 30.57
CA LYS F 156 -33.49 -5.86 29.19
C LYS F 156 -34.65 -5.20 28.44
N PHE F 157 -35.48 -4.48 29.17
CA PHE F 157 -36.62 -3.75 28.63
C PHE F 157 -37.55 -4.63 27.79
N ASP F 158 -37.52 -5.94 28.02
CA ASP F 158 -38.48 -6.84 27.39
C ASP F 158 -39.67 -6.91 28.33
N LEU F 159 -40.57 -5.92 28.17
CA LEU F 159 -41.65 -5.75 29.12
C LEU F 159 -42.81 -6.69 28.82
N GLN F 160 -42.96 -7.08 27.57
CA GLN F 160 -44.06 -7.97 27.20
C GLN F 160 -43.75 -9.36 27.72
N VAL F 161 -44.70 -9.93 28.47
CA VAL F 161 -44.58 -11.28 29.00
C VAL F 161 -45.92 -11.97 28.84
N GLU F 162 -45.90 -13.21 28.38
CA GLU F 162 -47.11 -14.04 28.29
C GLU F 162 -47.06 -15.14 29.34
N HIS F 163 -48.25 -15.59 29.72
CA HIS F 163 -48.40 -16.50 30.84
C HIS F 163 -49.19 -17.73 30.46
N PRO F 164 -48.94 -18.85 31.14
CA PRO F 164 -49.62 -20.10 30.78
C PRO F 164 -51.13 -19.97 30.73
N TYR F 165 -51.70 -19.00 31.47
CA TYR F 165 -53.14 -18.93 31.59
C TYR F 165 -53.81 -18.81 30.22
N GLN F 166 -53.35 -17.86 29.40
CA GLN F 166 -54.04 -17.62 28.13
C GLN F 166 -53.99 -18.86 27.25
N PHE F 167 -52.91 -19.63 27.33
CA PHE F 167 -52.81 -20.85 26.54
C PHE F 167 -53.66 -21.97 27.13
N LEU F 168 -53.73 -22.04 28.46
CA LEU F 168 -54.64 -22.99 29.10
C LEU F 168 -56.06 -22.81 28.59
N LEU F 169 -56.47 -21.56 28.39
CA LEU F 169 -57.82 -21.28 27.90
C LEU F 169 -57.92 -21.49 26.39
N LYS F 170 -56.93 -21.00 25.64
CA LYS F 170 -56.93 -21.20 24.20
C LYS F 170 -57.06 -22.68 23.85
N TYR F 171 -56.35 -23.52 24.59
CA TYR F 171 -56.38 -24.95 24.31
C TYR F 171 -57.70 -25.57 24.77
N ALA F 172 -58.17 -25.16 25.95
CA ALA F 172 -59.40 -25.74 26.48
C ALA F 172 -60.61 -25.46 25.59
N LYS F 173 -60.67 -24.28 24.97
CA LYS F 173 -61.84 -24.00 24.14
C LYS F 173 -61.92 -24.96 22.95
N GLN F 174 -60.80 -25.50 22.52
CA GLN F 174 -60.75 -26.38 21.36
C GLN F 174 -61.00 -27.83 21.74
N LEU F 175 -61.23 -28.10 23.02
CA LEU F 175 -61.66 -29.41 23.50
C LEU F 175 -63.18 -29.43 23.53
N LYS F 176 -63.75 -30.49 23.00
CA LYS F 176 -65.20 -30.65 22.94
C LYS F 176 -65.56 -31.90 23.70
N GLY F 177 -66.50 -31.78 24.63
CA GLY F 177 -66.90 -32.91 25.45
C GLY F 177 -67.78 -32.45 26.59
N ASP F 178 -67.88 -33.29 27.62
CA ASP F 178 -68.72 -32.94 28.75
C ASP F 178 -68.18 -31.68 29.43
N LYS F 179 -69.02 -30.63 29.47
CA LYS F 179 -68.57 -29.35 30.00
C LYS F 179 -68.03 -29.47 31.43
N ASN F 180 -68.57 -30.36 32.26
CA ASN F 180 -68.13 -30.37 33.65
C ASN F 180 -66.82 -31.12 33.86
N LYS F 181 -66.42 -32.01 32.96
CA LYS F 181 -65.10 -32.62 33.06
C LYS F 181 -64.03 -31.68 32.52
N ILE F 182 -64.37 -30.95 31.47
CA ILE F 182 -63.41 -29.99 30.92
C ILE F 182 -63.26 -28.83 31.90
N GLN F 183 -64.35 -28.43 32.55
CA GLN F 183 -64.29 -27.35 33.52
C GLN F 183 -63.64 -27.79 34.84
N LYS F 184 -63.73 -29.08 35.23
CA LYS F 184 -62.90 -29.54 36.33
C LYS F 184 -61.44 -29.59 35.92
N LEU F 185 -61.17 -30.01 34.68
CA LEU F 185 -59.81 -30.02 34.18
C LEU F 185 -59.20 -28.63 34.23
N VAL F 186 -59.91 -27.63 33.72
CA VAL F 186 -59.33 -26.30 33.64
C VAL F 186 -59.01 -25.76 35.02
N GLN F 187 -59.98 -25.81 35.95
CA GLN F 187 -59.72 -25.21 37.25
C GLN F 187 -58.53 -25.87 37.93
N MET F 188 -58.46 -27.21 37.91
CA MET F 188 -57.30 -27.86 38.51
C MET F 188 -56.01 -27.42 37.85
N ALA F 189 -56.00 -27.36 36.52
CA ALA F 189 -54.81 -26.89 35.81
C ALA F 189 -54.51 -25.45 36.19
N TRP F 190 -55.54 -24.60 36.25
CA TRP F 190 -55.35 -23.21 36.63
C TRP F 190 -54.68 -23.12 38.00
N THR F 191 -55.15 -23.93 38.96
CA THR F 191 -54.49 -23.95 40.26
C THR F 191 -53.03 -24.35 40.12
N PHE F 192 -52.73 -25.30 39.23
CA PHE F 192 -51.33 -25.71 39.05
C PHE F 192 -50.50 -24.56 38.48
N VAL F 193 -51.10 -23.74 37.61
CA VAL F 193 -50.35 -22.58 37.11
C VAL F 193 -50.01 -21.67 38.29
N ASN F 194 -51.00 -21.36 39.13
CA ASN F 194 -50.76 -20.51 40.29
C ASN F 194 -49.62 -21.04 41.14
N ASP F 195 -49.55 -22.36 41.33
CA ASP F 195 -48.45 -22.94 42.09
C ASP F 195 -47.16 -22.92 41.30
N SER F 196 -47.24 -23.08 39.98
CA SER F 196 -46.02 -23.09 39.18
C SER F 196 -45.29 -21.76 39.27
N LEU F 197 -45.96 -20.70 39.72
CA LEU F 197 -45.30 -19.41 39.83
C LEU F 197 -44.23 -19.41 40.91
N CYS F 198 -44.38 -20.24 41.94
CA CYS F 198 -43.36 -20.36 42.97
C CYS F 198 -42.12 -21.09 42.50
N THR F 199 -42.18 -21.78 41.37
CA THR F 199 -41.07 -22.59 40.91
C THR F 199 -40.30 -21.77 39.86
N THR F 200 -39.14 -22.29 39.52
CA THR F 200 -38.32 -21.72 38.47
C THR F 200 -38.78 -22.20 37.10
N LEU F 201 -39.94 -22.85 37.03
CA LEU F 201 -40.49 -23.29 35.75
C LEU F 201 -40.72 -22.12 34.81
N SER F 202 -41.10 -20.95 35.34
CA SER F 202 -41.23 -19.76 34.49
C SER F 202 -39.95 -19.48 33.72
N LEU F 203 -38.81 -19.91 34.26
CA LEU F 203 -37.51 -19.66 33.65
C LEU F 203 -36.99 -20.84 32.82
N GLN F 204 -37.66 -21.98 32.85
CA GLN F 204 -37.18 -23.18 32.16
C GLN F 204 -37.94 -23.47 30.89
N TRP F 205 -39.24 -23.13 30.85
CA TRP F 205 -40.11 -23.56 29.77
C TRP F 205 -41.02 -22.42 29.35
N GLU F 206 -41.25 -22.36 28.04
CA GLU F 206 -42.18 -21.40 27.45
C GLU F 206 -43.53 -21.55 28.14
N PRO F 207 -44.35 -20.49 28.16
CA PRO F 207 -45.67 -20.63 28.81
C PRO F 207 -46.55 -21.68 28.17
N GLU F 208 -46.49 -21.81 26.84
CA GLU F 208 -47.31 -22.79 26.15
C GLU F 208 -47.06 -24.20 26.70
N ILE F 209 -45.78 -24.52 26.94
CA ILE F 209 -45.43 -25.85 27.43
C ILE F 209 -45.97 -26.07 28.84
N ILE F 210 -45.85 -25.06 29.69
CA ILE F 210 -46.40 -25.16 31.04
C ILE F 210 -47.90 -25.43 30.95
N ALA F 211 -48.59 -24.69 30.09
CA ALA F 211 -50.02 -24.86 29.96
C ALA F 211 -50.38 -26.29 29.57
N VAL F 212 -49.61 -26.88 28.66
CA VAL F 212 -49.84 -28.28 28.32
C VAL F 212 -49.56 -29.17 29.53
N ALA F 213 -48.44 -28.91 30.21
CA ALA F 213 -48.07 -29.75 31.34
C ALA F 213 -49.15 -29.76 32.42
N VAL F 214 -49.70 -28.59 32.74
CA VAL F 214 -50.69 -28.57 33.82
C VAL F 214 -51.99 -29.23 33.36
N MET F 215 -52.31 -29.14 32.07
CA MET F 215 -53.43 -29.91 31.55
C MET F 215 -53.12 -31.39 31.59
N TYR F 216 -51.88 -31.74 31.25
CA TYR F 216 -51.40 -33.11 31.32
C TYR F 216 -51.51 -33.63 32.74
N LEU F 217 -51.04 -32.85 33.71
CA LEU F 217 -51.14 -33.24 35.11
C LEU F 217 -52.59 -33.37 35.55
N ALA F 218 -53.41 -32.35 35.26
CA ALA F 218 -54.81 -32.38 35.68
C ALA F 218 -55.53 -33.57 35.07
N GLY F 219 -55.18 -33.92 33.83
CA GLY F 219 -55.80 -35.07 33.20
C GLY F 219 -55.46 -36.37 33.92
N ARG F 220 -54.18 -36.56 34.25
CA ARG F 220 -53.80 -37.78 34.95
C ARG F 220 -54.51 -37.89 36.30
N LEU F 221 -54.58 -36.79 37.04
CA LEU F 221 -55.15 -36.86 38.39
C LEU F 221 -56.66 -37.11 38.33
N CYS F 222 -57.37 -36.44 37.41
CA CYS F 222 -58.80 -36.63 37.25
C CYS F 222 -59.16 -37.89 36.46
N LYS F 223 -58.19 -38.73 36.13
CA LYS F 223 -58.41 -39.92 35.32
C LYS F 223 -59.16 -39.57 34.03
N PHE F 224 -58.76 -38.48 33.38
CA PHE F 224 -59.36 -38.10 32.11
C PHE F 224 -58.49 -38.50 30.93
N GLU F 225 -59.14 -38.77 29.80
CA GLU F 225 -58.49 -39.08 28.53
C GLU F 225 -58.68 -37.83 27.68
N ILE F 226 -57.71 -36.90 27.74
CA ILE F 226 -57.94 -35.60 27.12
C ILE F 226 -58.05 -35.73 25.61
N GLN F 227 -57.43 -36.76 25.04
CA GLN F 227 -57.44 -36.93 23.60
C GLN F 227 -58.86 -37.01 23.06
N GLU F 228 -59.76 -37.68 23.79
CA GLU F 228 -61.08 -37.94 23.24
C GLU F 228 -61.80 -36.63 22.94
N TRP F 229 -61.57 -35.61 23.76
CA TRP F 229 -62.21 -34.32 23.57
C TRP F 229 -61.62 -33.54 22.40
N THR F 230 -60.51 -34.00 21.83
CA THR F 230 -59.85 -33.25 20.78
C THR F 230 -60.50 -33.49 19.42
N SER F 231 -60.00 -32.77 18.41
CA SER F 231 -60.39 -33.01 17.03
C SER F 231 -59.75 -34.27 16.46
N LYS F 232 -58.84 -34.91 17.21
CA LYS F 232 -58.17 -36.14 16.77
C LYS F 232 -58.23 -37.18 17.90
N PRO F 233 -59.43 -37.74 18.14
CA PRO F 233 -59.62 -38.57 19.35
C PRO F 233 -58.75 -39.82 19.42
N MET F 234 -58.14 -40.24 18.30
CA MET F 234 -57.32 -41.43 18.31
C MET F 234 -55.83 -41.12 18.39
N TYR F 235 -55.46 -39.85 18.46
CA TYR F 235 -54.08 -39.41 18.62
C TYR F 235 -53.73 -39.36 20.11
N ARG F 236 -53.01 -40.37 20.59
CA ARG F 236 -52.79 -40.44 22.03
C ARG F 236 -51.92 -39.29 22.54
N ARG F 237 -51.07 -38.72 21.70
CA ARG F 237 -50.31 -37.52 22.05
C ARG F 237 -51.15 -36.31 21.65
N TRP F 238 -52.06 -35.95 22.55
CA TRP F 238 -52.97 -34.85 22.26
C TRP F 238 -52.24 -33.52 22.28
N TRP F 239 -51.21 -33.39 23.12
CA TRP F 239 -50.49 -32.12 23.20
C TRP F 239 -49.99 -31.66 21.85
N GLU F 240 -49.66 -32.60 20.96
CA GLU F 240 -48.97 -32.23 19.73
C GLU F 240 -49.76 -31.21 18.92
N GLN F 241 -51.09 -31.24 19.00
CA GLN F 241 -51.87 -30.27 18.24
C GLN F 241 -51.80 -28.87 18.82
N PHE F 242 -51.44 -28.73 20.09
CA PHE F 242 -51.33 -27.44 20.73
C PHE F 242 -49.89 -26.94 20.76
N VAL F 243 -48.93 -27.79 21.09
CA VAL F 243 -47.53 -27.38 21.17
C VAL F 243 -46.66 -28.45 20.52
N GLN F 244 -46.02 -28.10 19.42
CA GLN F 244 -45.20 -29.03 18.67
C GLN F 244 -43.86 -29.28 19.35
N ASP F 245 -43.36 -30.50 19.16
CA ASP F 245 -42.02 -30.88 19.58
C ASP F 245 -41.87 -30.89 21.10
N VAL F 246 -42.85 -31.43 21.81
CA VAL F 246 -42.71 -31.55 23.25
C VAL F 246 -42.77 -33.03 23.63
N PRO F 247 -41.66 -33.62 24.06
CA PRO F 247 -41.68 -35.02 24.51
C PRO F 247 -42.33 -35.17 25.87
N VAL F 248 -42.75 -36.40 26.16
CA VAL F 248 -43.30 -36.69 27.48
C VAL F 248 -42.30 -36.41 28.57
N ASP F 249 -41.00 -36.54 28.27
CA ASP F 249 -39.99 -36.29 29.29
C ASP F 249 -40.20 -34.91 29.92
N VAL F 250 -40.41 -33.90 29.08
CA VAL F 250 -40.59 -32.54 29.58
C VAL F 250 -41.86 -32.46 30.42
N LEU F 251 -42.98 -32.99 29.91
CA LEU F 251 -44.23 -32.91 30.66
C LEU F 251 -44.10 -33.61 32.01
N GLU F 252 -43.36 -34.71 32.07
CA GLU F 252 -43.17 -35.40 33.34
C GLU F 252 -42.28 -34.58 34.26
N ASP F 253 -41.20 -34.00 33.73
CA ASP F 253 -40.34 -33.15 34.54
C ASP F 253 -41.13 -32.01 35.16
N ILE F 254 -41.95 -31.35 34.34
CA ILE F 254 -42.76 -30.24 34.84
C ILE F 254 -43.77 -30.74 35.87
N CYS F 255 -44.46 -31.84 35.56
CA CYS F 255 -45.41 -32.39 36.51
C CYS F 255 -44.72 -32.72 37.83
N HIS F 256 -43.53 -33.33 37.76
CA HIS F 256 -42.81 -33.68 38.97
C HIS F 256 -42.55 -32.45 39.83
N GLN F 257 -42.04 -31.38 39.21
CA GLN F 257 -41.70 -30.17 39.96
C GLN F 257 -42.93 -29.55 40.59
N ILE F 258 -44.07 -29.61 39.91
CA ILE F 258 -45.29 -29.05 40.48
C ILE F 258 -45.75 -29.86 41.69
N LEU F 259 -45.79 -31.19 41.55
CA LEU F 259 -46.25 -32.03 42.66
C LEU F 259 -45.34 -31.90 43.87
N ASP F 260 -44.06 -31.60 43.67
CA ASP F 260 -43.14 -31.48 44.80
C ASP F 260 -43.63 -30.45 45.81
N LEU F 261 -44.21 -29.35 45.33
CA LEU F 261 -44.74 -28.35 46.24
C LEU F 261 -45.80 -28.95 47.16
N TYR F 262 -46.73 -29.71 46.60
CA TYR F 262 -47.79 -30.31 47.40
C TYR F 262 -47.24 -31.37 48.34
N SER F 263 -46.31 -32.20 47.85
CA SER F 263 -45.77 -33.28 48.66
C SER F 263 -45.00 -32.73 49.86
N GLN F 264 -44.16 -31.72 49.64
CA GLN F 264 -43.31 -31.22 50.72
C GLN F 264 -44.16 -30.62 51.84
N GLY F 265 -45.13 -29.78 51.49
CA GLY F 265 -46.03 -29.21 52.47
C GLY F 265 -47.08 -30.19 52.94
N LYS F 266 -47.79 -29.79 54.00
CA LYS F 266 -48.94 -30.57 54.42
C LYS F 266 -50.04 -30.50 53.37
N GLN F 267 -49.94 -29.55 52.45
CA GLN F 267 -50.88 -29.38 51.35
C GLN F 267 -50.97 -30.67 50.52
N GLN F 268 -52.17 -30.91 50.00
CA GLN F 268 -52.47 -32.08 49.16
C GLN F 268 -53.00 -31.64 47.79
N MET F 269 -52.87 -32.54 46.82
CA MET F 269 -53.26 -32.25 45.45
C MET F 269 -54.68 -31.69 45.44
N PRO F 270 -54.98 -30.68 44.61
CA PRO F 270 -56.30 -30.04 44.72
C PRO F 270 -57.48 -31.00 44.60
N HIS F 271 -57.44 -31.92 43.65
CA HIS F 271 -58.53 -32.84 43.39
C HIS F 271 -59.91 -32.25 43.69
N MET G 5 35.54 -24.75 47.52
CA MET G 5 35.87 -23.44 46.87
C MET G 5 34.99 -22.31 47.40
N SER G 6 33.75 -22.62 47.76
CA SER G 6 32.84 -21.64 48.37
C SER G 6 32.35 -22.18 49.71
N TYR G 7 32.09 -21.26 50.65
CA TYR G 7 31.76 -21.63 52.02
C TYR G 7 30.55 -20.85 52.51
N ASN G 8 29.54 -21.57 52.99
CA ASN G 8 28.29 -20.93 53.41
C ASN G 8 27.71 -21.64 54.63
N TYR G 9 26.79 -20.93 55.29
CA TYR G 9 26.18 -21.32 56.55
C TYR G 9 24.68 -21.09 56.44
N VAL G 10 23.89 -22.10 56.78
CA VAL G 10 22.44 -22.04 56.64
C VAL G 10 21.80 -22.40 57.98
N VAL G 11 20.92 -21.53 58.46
CA VAL G 11 20.24 -21.74 59.73
C VAL G 11 18.75 -21.54 59.55
N THR G 12 17.98 -22.22 60.39
CA THR G 12 16.56 -21.98 60.48
C THR G 12 16.34 -20.80 61.43
N ALA G 13 15.67 -19.75 60.95
CA ALA G 13 15.26 -18.66 61.80
C ALA G 13 13.86 -18.91 62.34
N GLN G 14 13.00 -19.50 61.51
CA GLN G 14 11.63 -19.88 61.87
C GLN G 14 11.37 -21.29 61.36
N LYS G 15 10.88 -22.15 62.24
CA LYS G 15 10.65 -23.54 61.88
C LYS G 15 9.44 -23.66 60.95
N PRO G 16 9.32 -24.78 60.24
CA PRO G 16 8.12 -25.03 59.43
C PRO G 16 6.85 -24.90 60.25
N THR G 17 5.90 -24.13 59.72
CA THR G 17 4.63 -23.88 60.40
C THR G 17 3.46 -24.65 59.81
N ALA G 18 3.57 -25.08 58.56
CA ALA G 18 2.47 -25.78 57.90
C ALA G 18 2.34 -27.21 58.42
N VAL G 19 1.11 -27.64 58.60
CA VAL G 19 0.81 -28.98 59.09
C VAL G 19 0.65 -29.90 57.87
N ASN G 20 1.52 -30.89 57.76
CA ASN G 20 1.46 -31.81 56.63
C ASN G 20 0.68 -33.07 56.93
N GLY G 21 0.56 -33.44 58.20
CA GLY G 21 -0.21 -34.60 58.59
C GLY G 21 -0.34 -34.75 60.10
N CYS G 22 -1.44 -35.31 60.60
CA CYS G 22 -1.71 -35.39 62.03
C CYS G 22 -2.47 -36.65 62.40
N VAL G 23 -2.08 -37.25 63.54
CA VAL G 23 -2.68 -38.48 64.04
C VAL G 23 -3.02 -38.36 65.52
N THR G 24 -3.90 -39.25 65.96
CA THR G 24 -4.27 -39.37 67.38
C THR G 24 -4.02 -40.79 67.85
N GLY G 25 -3.87 -40.96 69.16
CA GLY G 25 -3.63 -42.29 69.70
C GLY G 25 -3.13 -42.22 71.13
N HIS G 26 -2.44 -43.30 71.53
CA HIS G 26 -1.99 -43.49 72.91
C HIS G 26 -0.51 -43.83 72.88
N PHE G 27 0.30 -42.83 72.55
CA PHE G 27 1.73 -42.98 72.27
C PHE G 27 2.61 -42.76 73.49
N THR G 28 2.33 -41.73 74.29
CA THR G 28 3.18 -41.47 75.44
C THR G 28 2.83 -42.40 76.61
N SER G 29 1.56 -42.75 76.77
CA SER G 29 1.12 -43.67 77.81
C SER G 29 -0.17 -44.33 77.34
N ALA G 30 -0.43 -45.54 77.82
CA ALA G 30 -1.66 -46.23 77.43
C ALA G 30 -2.91 -45.50 77.91
N GLU G 31 -2.78 -44.52 78.82
CA GLU G 31 -3.92 -43.80 79.36
C GLU G 31 -4.12 -42.45 78.69
N ASP G 32 -3.06 -41.70 78.43
CA ASP G 32 -3.21 -40.38 77.82
C ASP G 32 -3.73 -40.51 76.39
N LEU G 33 -4.46 -39.48 75.94
CA LEU G 33 -4.86 -39.32 74.56
C LEU G 33 -3.96 -38.29 73.91
N ASN G 34 -3.22 -38.71 72.87
CA ASN G 34 -2.20 -37.87 72.25
C ASN G 34 -2.69 -37.28 70.93
N LEU G 35 -2.04 -36.18 70.56
CA LEU G 35 -2.13 -35.62 69.21
C LEU G 35 -0.71 -35.43 68.71
N LEU G 36 -0.34 -36.18 67.68
CA LEU G 36 0.95 -36.03 67.01
C LEU G 36 0.74 -35.23 65.72
N ILE G 37 1.46 -34.11 65.61
CA ILE G 37 1.41 -33.25 64.44
C ILE G 37 2.76 -33.31 63.75
N ALA G 38 2.74 -33.53 62.44
CA ALA G 38 3.94 -33.52 61.63
C ALA G 38 3.92 -32.23 60.82
N LYS G 39 4.88 -31.35 61.10
CA LYS G 39 5.23 -30.26 60.20
C LYS G 39 6.52 -30.72 59.54
N ASN G 40 6.81 -30.18 58.36
CA ASN G 40 7.91 -30.75 57.58
C ASN G 40 9.16 -30.94 58.43
N THR G 41 9.53 -32.18 58.71
CA THR G 41 10.73 -32.61 59.42
C THR G 41 10.54 -32.49 60.93
N ARG G 42 9.46 -31.90 61.43
CA ARG G 42 9.29 -31.67 62.86
C ARG G 42 8.16 -32.56 63.32
N LEU G 43 8.35 -33.24 64.44
CA LEU G 43 7.29 -34.03 65.05
C LEU G 43 6.95 -33.37 66.38
N GLU G 44 5.69 -32.99 66.53
CA GLU G 44 5.19 -32.34 67.74
C GLU G 44 4.25 -33.31 68.45
N ILE G 45 4.50 -33.53 69.75
CA ILE G 45 3.70 -34.44 70.57
C ILE G 45 2.96 -33.61 71.61
N TYR G 46 1.65 -33.81 71.68
CA TYR G 46 0.80 -33.12 72.64
C TYR G 46 0.03 -34.16 73.44
N VAL G 47 -0.56 -33.72 74.54
CA VAL G 47 -1.50 -34.54 75.29
C VAL G 47 -2.84 -33.81 75.30
N VAL G 48 -3.89 -34.53 74.98
CA VAL G 48 -5.23 -33.93 74.86
C VAL G 48 -5.79 -33.79 76.27
N THR G 49 -6.21 -32.59 76.62
CA THR G 49 -6.82 -32.29 77.90
C THR G 49 -8.24 -31.83 77.67
N ALA G 50 -8.93 -31.48 78.76
CA ALA G 50 -10.26 -30.90 78.65
C ALA G 50 -10.22 -29.44 78.26
N GLU G 51 -9.04 -28.82 78.26
CA GLU G 51 -8.88 -27.40 77.97
C GLU G 51 -8.35 -27.12 76.58
N GLY G 52 -7.50 -28.00 76.07
CA GLY G 52 -6.82 -27.78 74.82
C GLY G 52 -5.71 -28.80 74.68
N LEU G 53 -4.55 -28.39 74.19
CA LEU G 53 -3.43 -29.28 73.97
C LEU G 53 -2.30 -28.92 74.94
N ARG G 54 -1.71 -29.93 75.57
CA ARG G 54 -0.55 -29.77 76.42
C ARG G 54 0.67 -30.30 75.71
N PRO G 55 1.66 -29.47 75.37
CA PRO G 55 2.86 -29.98 74.69
C PRO G 55 3.64 -30.94 75.59
N VAL G 56 4.34 -31.88 74.94
CA VAL G 56 5.11 -32.88 75.69
C VAL G 56 6.57 -32.92 75.25
N LYS G 57 6.79 -32.97 73.94
CA LYS G 57 8.13 -33.12 73.40
C LYS G 57 8.08 -32.77 71.92
N GLU G 58 9.14 -32.14 71.44
CA GLU G 58 9.29 -31.90 70.01
C GLU G 58 10.67 -32.38 69.60
N VAL G 59 10.72 -33.14 68.52
CA VAL G 59 11.96 -33.65 67.97
C VAL G 59 12.00 -33.25 66.50
N GLY G 60 13.21 -33.05 66.01
CA GLY G 60 13.44 -32.91 64.59
C GLY G 60 13.91 -34.24 64.03
N MET G 61 13.63 -34.46 62.76
CA MET G 61 14.10 -35.64 62.06
C MET G 61 14.93 -35.21 60.86
N TYR G 62 15.89 -36.06 60.52
CA TYR G 62 16.75 -35.83 59.35
C TYR G 62 16.08 -36.39 58.09
N GLY G 63 14.93 -35.80 57.76
CA GLY G 63 14.12 -36.23 56.65
C GLY G 63 12.75 -35.57 56.62
N LYS G 64 12.14 -35.45 55.44
CA LYS G 64 10.79 -34.90 55.35
C LYS G 64 9.80 -36.01 55.72
N ILE G 65 8.91 -35.74 56.66
CA ILE G 65 8.01 -36.77 57.16
C ILE G 65 6.92 -37.02 56.11
N ALA G 66 6.98 -38.18 55.45
CA ALA G 66 6.01 -38.56 54.43
C ALA G 66 4.86 -39.40 54.96
N VAL G 67 5.16 -40.39 55.79
CA VAL G 67 4.16 -41.23 56.41
C VAL G 67 4.30 -41.07 57.93
N MET G 68 3.17 -40.93 58.61
CA MET G 68 3.15 -40.87 60.06
C MET G 68 1.91 -41.64 60.50
N GLU G 69 2.11 -42.74 61.22
CA GLU G 69 1.02 -43.62 61.58
C GLU G 69 1.33 -44.25 62.93
N LEU G 70 0.30 -44.40 63.76
CA LEU G 70 0.38 -45.02 65.07
C LEU G 70 -0.24 -46.41 65.02
N PHE G 71 0.42 -47.36 65.69
CA PHE G 71 -0.06 -48.74 65.73
C PHE G 71 0.36 -49.37 67.06
N ARG G 72 -0.34 -50.45 67.42
CA ARG G 72 -0.13 -51.15 68.68
C ARG G 72 -0.09 -52.65 68.47
N PRO G 73 1.09 -53.23 68.31
CA PRO G 73 1.17 -54.69 68.12
C PRO G 73 0.88 -55.42 69.42
N LYS G 74 0.34 -56.63 69.28
CA LYS G 74 -0.02 -57.45 70.43
C LYS G 74 1.17 -57.59 71.37
N GLY G 75 0.94 -57.31 72.65
CA GLY G 75 1.96 -57.39 73.66
C GLY G 75 2.52 -56.06 74.10
N GLU G 76 2.27 -55.00 73.36
CA GLU G 76 2.78 -53.69 73.73
C GLU G 76 1.79 -53.04 74.70
N SER G 77 2.33 -52.28 75.65
CA SER G 77 1.49 -51.59 76.63
C SER G 77 0.84 -50.35 76.02
N LYS G 78 1.49 -49.77 75.01
CA LYS G 78 1.02 -48.51 74.43
C LYS G 78 1.42 -48.47 72.95
N ASP G 79 0.92 -47.44 72.26
CA ASP G 79 1.11 -47.33 70.82
C ASP G 79 2.55 -47.05 70.44
N LEU G 80 2.94 -47.59 69.28
CA LEU G 80 4.20 -47.27 68.63
C LEU G 80 3.97 -46.41 67.40
N LEU G 81 5.00 -45.68 67.00
CA LEU G 81 4.91 -44.73 65.89
C LEU G 81 5.73 -45.22 64.70
N PHE G 82 5.10 -45.27 63.54
CA PHE G 82 5.79 -45.55 62.29
C PHE G 82 5.95 -44.25 61.50
N ILE G 83 7.16 -44.03 60.99
CA ILE G 83 7.44 -42.87 60.14
C ILE G 83 8.29 -43.32 58.96
N LEU G 84 7.95 -42.80 57.78
CA LEU G 84 8.73 -42.99 56.57
C LEU G 84 9.03 -41.61 55.99
N THR G 85 10.29 -41.35 55.69
CA THR G 85 10.66 -40.04 55.17
C THR G 85 10.57 -40.04 53.63
N ALA G 86 10.67 -38.84 53.06
CA ALA G 86 10.56 -38.69 51.62
C ALA G 86 11.72 -39.34 50.88
N LYS G 87 12.87 -39.51 51.54
CA LYS G 87 13.99 -40.26 51.00
C LYS G 87 13.91 -41.75 51.33
N TYR G 88 12.78 -42.20 51.88
CA TYR G 88 12.50 -43.61 52.15
C TYR G 88 13.21 -44.14 53.39
N ASN G 89 13.48 -43.27 54.35
CA ASN G 89 13.98 -43.71 55.65
C ASN G 89 12.82 -44.17 56.51
N ALA G 90 12.82 -45.44 56.88
CA ALA G 90 11.74 -46.01 57.69
C ALA G 90 12.23 -46.23 59.12
N CYS G 91 11.31 -46.07 60.07
CA CYS G 91 11.63 -46.32 61.46
C CYS G 91 10.35 -46.54 62.24
N ILE G 92 10.47 -47.31 63.33
CA ILE G 92 9.41 -47.47 64.32
C ILE G 92 9.92 -46.89 65.62
N LEU G 93 9.14 -45.99 66.20
CA LEU G 93 9.60 -45.20 67.33
C LEU G 93 8.77 -45.53 68.56
N GLU G 94 9.41 -45.40 69.71
CA GLU G 94 8.77 -45.61 71.00
C GLU G 94 9.04 -44.39 71.86
N TYR G 95 8.01 -43.90 72.52
CA TYR G 95 8.17 -42.84 73.51
C TYR G 95 8.59 -43.47 74.82
N LYS G 96 9.67 -42.95 75.42
CA LYS G 96 10.12 -43.47 76.70
C LYS G 96 10.56 -42.30 77.57
N GLN G 97 10.00 -42.25 78.78
CA GLN G 97 10.26 -41.17 79.71
C GLN G 97 10.47 -41.72 81.11
N SER G 98 11.58 -41.32 81.74
CA SER G 98 11.92 -41.70 83.11
C SER G 98 12.22 -40.43 83.91
N GLY G 99 11.25 -39.97 84.69
CA GLY G 99 11.38 -38.69 85.37
C GLY G 99 11.27 -37.53 84.40
N GLU G 100 12.26 -36.62 84.42
CA GLU G 100 12.21 -35.47 83.54
C GLU G 100 12.85 -35.71 82.18
N SER G 101 13.56 -36.83 82.00
CA SER G 101 14.33 -37.11 80.81
C SER G 101 13.43 -37.79 79.78
N ILE G 102 13.22 -37.13 78.64
CA ILE G 102 12.37 -37.66 77.58
C ILE G 102 13.25 -38.12 76.43
N ASP G 103 12.99 -39.34 75.96
CA ASP G 103 13.70 -39.91 74.83
C ASP G 103 12.67 -40.50 73.89
N ILE G 104 13.02 -40.56 72.61
CA ILE G 104 12.24 -41.30 71.61
C ILE G 104 13.17 -42.39 71.10
N ILE G 105 12.79 -43.63 71.35
CA ILE G 105 13.65 -44.77 71.11
C ILE G 105 13.35 -45.32 69.73
N THR G 106 14.39 -45.59 68.96
CA THR G 106 14.25 -46.19 67.63
C THR G 106 14.33 -47.70 67.78
N ARG G 107 13.18 -48.37 67.70
CA ARG G 107 13.13 -49.82 67.87
C ARG G 107 13.51 -50.56 66.60
N ALA G 108 13.21 -49.99 65.43
CA ALA G 108 13.54 -50.59 64.15
C ALA G 108 13.81 -49.47 63.17
N HIS G 109 14.71 -49.71 62.22
CA HIS G 109 15.00 -48.67 61.25
C HIS G 109 15.60 -49.32 60.01
N GLY G 110 15.40 -48.65 58.88
CA GLY G 110 15.97 -49.10 57.62
C GLY G 110 15.44 -48.25 56.50
N ASN G 111 16.06 -48.42 55.34
CA ASN G 111 15.73 -47.67 54.14
C ASN G 111 15.05 -48.63 53.15
N VAL G 112 13.86 -48.27 52.68
CA VAL G 112 13.03 -49.18 51.90
C VAL G 112 13.08 -48.87 50.40
N GLN G 113 14.07 -48.08 49.96
CA GLN G 113 14.14 -47.70 48.55
C GLN G 113 14.46 -48.91 47.69
N ASP G 114 13.79 -49.01 46.56
CA ASP G 114 14.05 -50.05 45.57
C ASP G 114 15.01 -49.53 44.52
N ARG G 115 15.92 -50.39 44.06
CA ARG G 115 16.84 -49.98 43.01
C ARG G 115 16.09 -49.58 41.76
N ILE G 116 15.03 -50.29 41.42
CA ILE G 116 14.27 -50.03 40.20
C ILE G 116 12.80 -49.90 40.55
N GLY G 117 12.21 -48.77 40.16
CA GLY G 117 10.80 -48.53 40.36
C GLY G 117 10.46 -47.16 39.81
N ARG G 118 9.16 -46.98 39.51
CA ARG G 118 8.68 -45.67 39.04
C ARG G 118 7.91 -44.98 40.17
N PRO G 119 8.36 -43.83 40.67
CA PRO G 119 7.60 -43.15 41.72
C PRO G 119 6.17 -42.88 41.28
N SER G 120 5.22 -43.15 42.18
CA SER G 120 3.81 -43.09 41.83
C SER G 120 3.31 -41.66 41.77
N GLU G 121 2.25 -41.48 40.98
CA GLU G 121 1.70 -40.15 40.77
C GLU G 121 1.09 -39.58 42.06
N THR G 122 0.30 -40.39 42.77
CA THR G 122 -0.36 -39.89 43.97
C THR G 122 0.49 -40.02 45.23
N GLY G 123 1.80 -40.26 45.09
CA GLY G 123 2.74 -40.17 46.19
C GLY G 123 2.79 -41.35 47.14
N ILE G 124 3.73 -41.26 48.09
CA ILE G 124 3.93 -42.33 49.06
C ILE G 124 2.66 -42.52 49.86
N ILE G 125 2.23 -43.78 49.96
CA ILE G 125 1.10 -44.15 50.80
C ILE G 125 1.57 -45.19 51.81
N GLY G 126 1.22 -44.98 53.06
CA GLY G 126 1.54 -45.93 54.10
C GLY G 126 0.30 -46.30 54.88
N ILE G 127 0.08 -47.59 55.05
CA ILE G 127 -1.09 -48.11 55.77
C ILE G 127 -0.59 -49.26 56.63
N ILE G 128 -1.30 -49.51 57.72
CA ILE G 128 -0.94 -50.58 58.64
C ILE G 128 -2.16 -51.46 58.85
N ASP G 129 -1.92 -52.77 58.94
CA ASP G 129 -2.98 -53.74 59.11
C ASP G 129 -3.70 -53.52 60.44
N PRO G 130 -5.01 -53.78 60.48
CA PRO G 130 -5.71 -53.65 61.77
C PRO G 130 -5.17 -54.58 62.85
N GLU G 131 -4.61 -55.73 62.46
CA GLU G 131 -4.01 -56.65 63.41
C GLU G 131 -2.53 -56.36 63.66
N CYS G 132 -2.01 -55.25 63.15
CA CYS G 132 -0.58 -54.93 63.28
C CYS G 132 0.27 -56.13 62.88
N ARG G 133 -0.11 -56.76 61.77
CA ARG G 133 0.64 -57.86 61.18
C ARG G 133 1.68 -57.38 60.19
N MET G 134 1.44 -56.25 59.54
CA MET G 134 2.34 -55.77 58.51
C MET G 134 2.11 -54.29 58.27
N ILE G 135 3.11 -53.65 57.66
CA ILE G 135 3.01 -52.29 57.14
C ILE G 135 2.97 -52.38 55.63
N GLY G 136 1.92 -51.80 55.02
CA GLY G 136 1.82 -51.70 53.57
C GLY G 136 2.32 -50.36 53.09
N LEU G 137 3.15 -50.40 52.05
CA LEU G 137 3.66 -49.18 51.42
C LEU G 137 3.38 -49.23 49.93
N ARG G 138 2.84 -48.14 49.39
CA ARG G 138 2.70 -47.96 47.94
C ARG G 138 3.74 -46.89 47.57
N LEU G 139 4.91 -47.34 47.14
CA LEU G 139 5.99 -46.42 46.77
C LEU G 139 6.12 -46.26 45.26
N TYR G 140 5.94 -47.31 44.48
CA TYR G 140 6.18 -47.29 43.05
C TYR G 140 4.96 -47.85 42.32
N ASP G 141 4.75 -47.34 41.11
CA ASP G 141 3.71 -47.88 40.25
C ASP G 141 3.91 -49.38 40.05
N GLY G 142 2.82 -50.13 40.16
CA GLY G 142 2.88 -51.54 39.86
C GLY G 142 3.48 -52.40 40.94
N LEU G 143 3.81 -51.83 42.10
CA LEU G 143 4.39 -52.59 43.19
C LEU G 143 3.73 -52.26 44.52
N PHE G 144 3.57 -53.28 45.34
CA PHE G 144 3.11 -53.17 46.72
C PHE G 144 4.16 -53.78 47.63
N LYS G 145 4.69 -52.98 48.56
CA LYS G 145 5.76 -53.41 49.46
C LYS G 145 5.17 -53.79 50.82
N VAL G 146 5.65 -54.88 51.39
CA VAL G 146 5.17 -55.35 52.69
C VAL G 146 6.35 -55.45 53.64
N ILE G 147 6.28 -54.70 54.75
CA ILE G 147 7.19 -54.90 55.88
C ILE G 147 6.41 -55.76 56.92
N PRO G 148 6.79 -57.02 57.10
CA PRO G 148 6.10 -57.82 58.13
C PRO G 148 6.49 -57.36 59.53
N LEU G 149 5.49 -57.23 60.40
CA LEU G 149 5.71 -56.73 61.75
C LEU G 149 6.05 -57.89 62.69
N ASP G 150 7.23 -58.46 62.47
CA ASP G 150 7.82 -59.43 63.37
C ASP G 150 8.60 -58.70 64.44
N ARG G 151 8.65 -59.27 65.64
CA ARG G 151 9.37 -58.62 66.73
C ARG G 151 10.86 -58.49 66.41
N ASP G 152 11.40 -59.42 65.62
CA ASP G 152 12.82 -59.45 65.30
C ASP G 152 13.18 -58.60 64.09
N ASN G 153 12.19 -58.06 63.37
CA ASN G 153 12.46 -57.33 62.13
C ASN G 153 12.91 -55.90 62.44
N LYS G 154 14.04 -55.81 63.15
CA LYS G 154 14.57 -54.51 63.56
C LYS G 154 15.25 -53.77 62.43
N GLU G 155 15.55 -54.44 61.32
CA GLU G 155 16.07 -53.77 60.12
C GLU G 155 14.98 -53.45 59.10
N LEU G 156 13.71 -53.71 59.43
CA LEU G 156 12.59 -53.42 58.55
C LEU G 156 12.82 -53.98 57.15
N LYS G 157 13.25 -55.25 57.09
CA LYS G 157 13.37 -55.93 55.82
C LYS G 157 11.98 -56.13 55.22
N ALA G 158 11.91 -56.05 53.89
CA ALA G 158 10.61 -56.07 53.24
C ALA G 158 10.72 -56.75 51.89
N PHE G 159 9.56 -57.14 51.36
CA PHE G 159 9.45 -57.78 50.06
C PHE G 159 8.35 -57.08 49.26
N ASN G 160 8.47 -57.16 47.94
CA ASN G 160 7.48 -56.55 47.06
C ASN G 160 6.55 -57.60 46.49
N ILE G 161 5.29 -57.22 46.30
CA ILE G 161 4.29 -58.04 45.62
C ILE G 161 3.92 -57.32 44.33
N ARG G 162 4.04 -58.03 43.21
CA ARG G 162 3.66 -57.43 41.94
C ARG G 162 2.19 -57.03 42.00
N LEU G 163 1.91 -55.82 41.49
CA LEU G 163 0.60 -55.21 41.52
C LEU G 163 0.18 -55.05 40.06
N GLU G 164 -0.91 -55.72 39.68
CA GLU G 164 -1.32 -55.68 38.28
C GLU G 164 -1.73 -54.27 37.87
N GLU G 165 -2.44 -53.56 38.75
CA GLU G 165 -2.97 -52.23 38.46
C GLU G 165 -1.90 -51.18 38.65
N LEU G 166 -1.42 -50.61 37.54
CA LEU G 166 -0.24 -49.76 37.62
C LEU G 166 -0.54 -48.41 38.25
N HIS G 167 -1.71 -47.85 37.97
CA HIS G 167 -2.05 -46.50 38.40
C HIS G 167 -3.06 -46.63 39.54
N VAL G 168 -2.55 -46.63 40.77
CA VAL G 168 -3.35 -46.74 41.98
C VAL G 168 -3.54 -45.36 42.58
N ILE G 169 -4.78 -45.05 42.96
CA ILE G 169 -5.10 -43.73 43.50
C ILE G 169 -4.95 -43.67 45.02
N ASP G 170 -5.65 -44.57 45.71
CA ASP G 170 -5.58 -44.61 47.16
C ASP G 170 -5.84 -46.04 47.60
N VAL G 171 -5.22 -46.43 48.70
CA VAL G 171 -5.32 -47.80 49.22
C VAL G 171 -5.36 -47.74 50.74
N LYS G 172 -6.14 -48.64 51.31
CA LYS G 172 -6.30 -48.78 52.75
C LYS G 172 -6.46 -50.25 53.09
N PHE G 173 -6.04 -50.62 54.30
CA PHE G 173 -6.34 -51.94 54.83
C PHE G 173 -7.77 -51.98 55.35
N LEU G 174 -8.45 -53.10 55.11
CA LEU G 174 -9.85 -53.21 55.49
C LEU G 174 -9.99 -53.85 56.87
N TYR G 175 -11.12 -53.53 57.52
CA TYR G 175 -11.49 -54.11 58.80
C TYR G 175 -12.46 -55.26 58.58
N GLY G 176 -12.46 -56.20 59.53
CA GLY G 176 -13.50 -57.22 59.53
C GLY G 176 -13.29 -58.33 58.55
N CYS G 177 -12.05 -58.65 58.21
CA CYS G 177 -11.75 -59.64 57.20
C CYS G 177 -11.09 -60.87 57.79
N GLN G 178 -11.34 -62.00 57.14
CA GLN G 178 -10.80 -63.29 57.56
C GLN G 178 -9.30 -63.33 57.42
N ALA G 179 -8.75 -62.59 56.48
CA ALA G 179 -7.31 -62.42 56.26
C ALA G 179 -6.99 -60.95 56.08
N PRO G 180 -5.72 -60.56 56.27
CA PRO G 180 -5.34 -59.17 55.96
C PRO G 180 -5.72 -58.80 54.53
N THR G 181 -6.52 -57.74 54.35
CA THR G 181 -7.09 -57.36 53.06
C THR G 181 -6.88 -55.89 52.76
N ILE G 182 -6.50 -55.57 51.52
CA ILE G 182 -6.42 -54.19 51.05
C ILE G 182 -7.56 -53.88 50.08
N CYS G 183 -8.07 -52.65 50.15
CA CYS G 183 -9.05 -52.12 49.21
C CYS G 183 -8.47 -50.86 48.58
N PHE G 184 -8.53 -50.76 47.25
CA PHE G 184 -7.92 -49.61 46.62
C PHE G 184 -8.73 -49.18 45.40
N VAL G 185 -8.62 -47.89 45.06
CA VAL G 185 -9.15 -47.35 43.82
C VAL G 185 -7.99 -47.17 42.86
N TYR G 186 -8.19 -47.60 41.62
CA TYR G 186 -7.16 -47.51 40.60
C TYR G 186 -7.80 -46.99 39.33
N GLN G 187 -6.96 -46.49 38.44
CA GLN G 187 -7.40 -45.93 37.18
C GLN G 187 -6.70 -46.64 36.04
N ASP G 188 -7.47 -47.02 35.04
CA ASP G 188 -6.97 -47.61 33.79
C ASP G 188 -7.74 -46.92 32.67
N PRO G 189 -7.48 -47.26 31.41
CA PRO G 189 -8.17 -46.56 30.31
C PRO G 189 -9.68 -46.69 30.36
N GLN G 190 -10.21 -47.65 31.11
CA GLN G 190 -11.64 -47.93 31.16
C GLN G 190 -12.36 -47.14 32.25
N GLY G 191 -11.67 -46.20 32.90
CA GLY G 191 -12.27 -45.43 33.99
C GLY G 191 -11.55 -45.72 35.29
N ARG G 192 -12.20 -45.47 36.42
CA ARG G 192 -11.66 -45.82 37.72
C ARG G 192 -12.46 -46.97 38.31
N HIS G 193 -11.78 -47.79 39.11
CA HIS G 193 -12.38 -48.98 39.67
C HIS G 193 -11.92 -49.15 41.12
N VAL G 194 -12.70 -49.91 41.87
CA VAL G 194 -12.33 -50.35 43.22
C VAL G 194 -12.17 -51.86 43.20
N LYS G 195 -11.16 -52.36 43.90
CA LYS G 195 -10.79 -53.77 43.84
C LYS G 195 -10.19 -54.18 45.18
N THR G 196 -10.24 -55.49 45.47
CA THR G 196 -9.65 -56.00 46.69
C THR G 196 -8.71 -57.16 46.42
N TYR G 197 -7.72 -57.31 47.30
CA TYR G 197 -6.82 -58.43 47.34
C TYR G 197 -6.64 -58.87 48.78
N GLU G 198 -6.17 -60.09 48.98
CA GLU G 198 -5.73 -60.58 50.28
C GLU G 198 -4.21 -60.72 50.25
N VAL G 199 -3.56 -60.39 51.37
CA VAL G 199 -2.10 -60.38 51.46
C VAL G 199 -1.65 -61.59 52.29
N SER G 200 -0.82 -62.44 51.69
CA SER G 200 -0.29 -63.63 52.35
C SER G 200 1.18 -63.40 52.67
N LEU G 201 1.49 -63.20 53.95
CA LEU G 201 2.87 -63.05 54.37
C LEU G 201 3.67 -64.34 54.14
N ARG G 202 2.99 -65.48 54.19
CA ARG G 202 3.66 -66.76 54.01
C ARG G 202 4.05 -66.97 52.55
N GLU G 203 3.10 -66.75 51.64
CA GLU G 203 3.35 -66.96 50.22
C GLU G 203 4.03 -65.76 49.56
N LYS G 204 3.97 -64.59 50.20
CA LYS G 204 4.52 -63.36 49.65
C LYS G 204 3.89 -63.04 48.28
N GLU G 205 2.56 -63.09 48.23
CA GLU G 205 1.84 -62.70 47.01
C GLU G 205 0.39 -62.40 47.37
N PHE G 206 -0.31 -61.78 46.42
CA PHE G 206 -1.73 -61.50 46.57
C PHE G 206 -2.56 -62.74 46.20
N ASN G 207 -3.68 -62.91 46.89
CA ASN G 207 -4.71 -63.89 46.53
C ASN G 207 -5.99 -63.15 46.20
N LYS G 208 -6.91 -63.84 45.52
CA LYS G 208 -8.17 -63.20 45.17
C LYS G 208 -8.81 -62.58 46.40
N GLY G 209 -9.33 -61.37 46.24
CA GLY G 209 -9.83 -60.59 47.35
C GLY G 209 -11.24 -60.97 47.72
N PRO G 210 -11.67 -60.50 48.91
CA PRO G 210 -12.98 -60.92 49.41
C PRO G 210 -14.14 -60.51 48.52
N TRP G 211 -14.07 -59.38 47.81
CA TRP G 211 -15.19 -59.02 46.94
C TRP G 211 -14.75 -58.45 45.60
N LYS G 212 -15.71 -58.49 44.66
CA LYS G 212 -15.51 -58.16 43.27
C LYS G 212 -15.34 -56.66 43.05
N GLN G 213 -14.84 -56.31 41.87
CA GLN G 213 -14.66 -54.92 41.47
C GLN G 213 -15.99 -54.21 41.21
N GLU G 214 -15.98 -52.90 41.44
CA GLU G 214 -17.07 -52.00 41.08
C GLU G 214 -16.48 -50.81 40.32
N ASN G 215 -17.20 -50.33 39.31
CA ASN G 215 -16.82 -49.08 38.67
C ASN G 215 -17.16 -47.92 39.59
N VAL G 216 -16.25 -46.95 39.66
CA VAL G 216 -16.38 -45.83 40.59
C VAL G 216 -16.32 -44.53 39.79
N GLU G 217 -16.66 -43.43 40.47
CA GLU G 217 -16.63 -42.11 39.87
C GLU G 217 -15.30 -41.86 39.17
N ALA G 218 -15.34 -41.14 38.05
CA ALA G 218 -14.14 -40.88 37.30
C ALA G 218 -13.08 -40.20 38.15
N GLU G 219 -13.50 -39.39 39.12
CA GLU G 219 -12.59 -38.68 40.01
C GLU G 219 -12.60 -39.23 41.43
N ALA G 220 -12.87 -40.52 41.59
CA ALA G 220 -12.79 -41.15 42.90
C ALA G 220 -11.42 -40.86 43.52
N SER G 221 -11.42 -40.21 44.68
CA SER G 221 -10.19 -39.68 45.26
C SER G 221 -9.69 -40.42 46.49
N MET G 222 -10.56 -40.83 47.42
CA MET G 222 -10.10 -41.35 48.69
C MET G 222 -10.85 -42.61 49.10
N VAL G 223 -10.17 -43.46 49.86
CA VAL G 223 -10.72 -44.69 50.42
C VAL G 223 -10.73 -44.59 51.93
N ILE G 224 -11.92 -44.67 52.52
CA ILE G 224 -12.07 -44.69 53.96
C ILE G 224 -12.43 -46.11 54.35
N ALA G 225 -11.66 -46.71 55.26
CA ALA G 225 -11.92 -48.05 55.75
C ALA G 225 -12.88 -48.00 56.93
N VAL G 226 -14.06 -48.60 56.75
CA VAL G 226 -15.11 -48.52 57.76
C VAL G 226 -14.86 -49.57 58.84
N PRO G 227 -15.12 -49.26 60.11
CA PRO G 227 -14.72 -50.18 61.20
C PRO G 227 -15.57 -51.43 61.30
N GLU G 228 -15.24 -52.30 62.26
CA GLU G 228 -15.86 -53.61 62.33
C GLU G 228 -17.38 -53.59 62.36
N PRO G 229 -18.05 -52.67 63.06
CA PRO G 229 -19.53 -52.75 63.09
C PRO G 229 -20.18 -52.73 61.72
N PHE G 230 -19.70 -51.87 60.81
CA PHE G 230 -20.21 -51.83 59.44
C PHE G 230 -19.32 -52.64 58.49
N GLY G 231 -18.02 -52.42 58.55
CA GLY G 231 -17.10 -53.08 57.65
C GLY G 231 -17.08 -52.41 56.28
N GLY G 232 -16.27 -52.95 55.41
CA GLY G 232 -16.21 -52.43 54.06
C GLY G 232 -15.48 -51.10 53.98
N ALA G 233 -15.80 -50.34 52.94
CA ALA G 233 -15.10 -49.08 52.69
C ALA G 233 -16.07 -48.05 52.11
N ILE G 234 -15.70 -46.78 52.24
CA ILE G 234 -16.38 -45.65 51.61
C ILE G 234 -15.39 -44.99 50.66
N ILE G 235 -15.86 -44.63 49.47
CA ILE G 235 -15.03 -44.01 48.44
C ILE G 235 -15.58 -42.63 48.11
N ILE G 236 -14.75 -41.61 48.32
CA ILE G 236 -15.13 -40.21 48.16
C ILE G 236 -14.68 -39.72 46.79
N GLY G 237 -15.58 -39.05 46.08
CA GLY G 237 -15.24 -38.46 44.80
C GLY G 237 -15.50 -36.96 44.78
N GLN G 238 -15.66 -36.40 43.58
CA GLN G 238 -16.03 -35.00 43.43
C GLN G 238 -17.53 -34.79 43.52
N GLU G 239 -18.31 -35.72 42.97
CA GLU G 239 -19.76 -35.60 42.96
C GLU G 239 -20.48 -36.59 43.85
N SER G 240 -19.85 -37.74 44.18
CA SER G 240 -20.58 -38.80 44.84
C SER G 240 -19.76 -39.43 45.96
N ILE G 241 -20.47 -39.99 46.93
CA ILE G 241 -19.90 -40.79 48.00
C ILE G 241 -20.58 -42.16 47.97
N THR G 242 -19.78 -43.22 47.99
CA THR G 242 -20.28 -44.57 47.85
C THR G 242 -19.74 -45.48 48.94
N TYR G 243 -20.53 -46.49 49.29
CA TYR G 243 -20.16 -47.53 50.23
C TYR G 243 -20.15 -48.88 49.51
N HIS G 244 -19.09 -49.65 49.73
CA HIS G 244 -18.93 -50.95 49.10
C HIS G 244 -18.64 -51.99 50.18
N ASN G 245 -19.30 -53.15 50.09
CA ASN G 245 -18.95 -54.28 50.95
C ASN G 245 -19.62 -55.56 50.48
N GLY G 246 -18.91 -56.34 49.67
CA GLY G 246 -19.46 -57.55 49.11
C GLY G 246 -20.67 -57.27 48.25
N ASP G 247 -21.84 -57.70 48.70
CA ASP G 247 -23.07 -57.49 47.93
C ASP G 247 -23.69 -56.13 48.19
N LYS G 248 -23.29 -55.45 49.27
CA LYS G 248 -23.90 -54.18 49.63
C LYS G 248 -23.25 -53.03 48.89
N TYR G 249 -24.07 -52.12 48.37
CA TYR G 249 -23.63 -50.92 47.66
C TYR G 249 -24.60 -49.80 47.98
N LEU G 250 -24.07 -48.66 48.41
CA LEU G 250 -24.82 -47.46 48.64
C LEU G 250 -24.16 -46.34 47.84
N ALA G 251 -24.96 -45.37 47.41
CA ALA G 251 -24.40 -44.22 46.72
C ALA G 251 -25.29 -43.01 46.97
N ILE G 252 -24.70 -41.97 47.56
CA ILE G 252 -25.36 -40.69 47.75
C ILE G 252 -24.54 -39.63 47.00
N ALA G 253 -25.23 -38.75 46.28
CA ALA G 253 -24.59 -37.74 45.43
C ALA G 253 -25.24 -36.39 45.71
N PRO G 254 -24.99 -35.81 46.88
CA PRO G 254 -25.60 -34.51 47.21
C PRO G 254 -24.95 -33.39 46.41
N PRO G 255 -25.76 -32.45 45.92
CA PRO G 255 -25.21 -31.40 45.04
C PRO G 255 -24.19 -30.49 45.72
N ILE G 256 -24.16 -30.47 47.05
CA ILE G 256 -23.34 -29.49 47.78
C ILE G 256 -21.87 -29.82 47.71
N ILE G 257 -21.51 -31.11 47.71
CA ILE G 257 -20.09 -31.44 47.69
C ILE G 257 -19.48 -31.17 46.33
N LYS G 258 -20.29 -31.18 45.26
CA LYS G 258 -19.82 -30.88 43.92
C LYS G 258 -19.21 -29.50 43.82
N GLN G 259 -19.59 -28.57 44.70
CA GLN G 259 -19.11 -27.20 44.60
C GLN G 259 -17.61 -27.11 44.84
N SER G 260 -17.08 -27.91 45.77
CA SER G 260 -15.67 -27.88 46.10
C SER G 260 -15.17 -29.29 46.41
N THR G 261 -13.98 -29.59 45.91
CA THR G 261 -13.38 -30.91 46.08
C THR G 261 -13.13 -31.22 47.55
N ILE G 262 -13.49 -32.45 47.95
CA ILE G 262 -13.23 -32.92 49.32
C ILE G 262 -11.82 -33.48 49.35
N VAL G 263 -11.02 -33.02 50.29
CA VAL G 263 -9.60 -33.37 50.31
C VAL G 263 -9.19 -34.16 51.55
N CYS G 264 -9.97 -34.16 52.63
CA CYS G 264 -9.55 -34.83 53.86
C CYS G 264 -10.75 -35.48 54.53
N HIS G 265 -10.46 -36.47 55.36
CA HIS G 265 -11.48 -37.21 56.08
C HIS G 265 -10.89 -37.67 57.42
N ASN G 266 -11.76 -37.83 58.40
CA ASN G 266 -11.40 -38.38 59.70
C ASN G 266 -12.64 -39.02 60.31
N ARG G 267 -12.41 -39.83 61.33
CA ARG G 267 -13.47 -40.58 62.01
C ARG G 267 -13.77 -39.99 63.38
N VAL G 268 -15.05 -39.73 63.63
CA VAL G 268 -15.47 -39.23 64.93
C VAL G 268 -15.88 -40.36 65.87
N ASP G 269 -16.64 -41.34 65.38
CA ASP G 269 -17.13 -42.42 66.23
C ASP G 269 -16.37 -43.70 65.96
N PRO G 270 -15.66 -44.25 66.95
CA PRO G 270 -14.98 -45.54 66.72
C PRO G 270 -15.88 -46.61 66.12
N ASN G 271 -17.19 -46.53 66.33
CA ASN G 271 -18.08 -47.50 65.74
C ASN G 271 -18.28 -47.25 64.26
N GLY G 272 -17.74 -46.14 63.75
CA GLY G 272 -17.79 -45.81 62.35
C GLY G 272 -19.02 -45.05 61.91
N SER G 273 -19.90 -44.69 62.83
CA SER G 273 -21.15 -44.05 62.46
C SER G 273 -20.93 -42.67 61.85
N ARG G 274 -19.93 -41.94 62.33
CA ARG G 274 -19.77 -40.54 61.94
C ARG G 274 -18.33 -40.24 61.52
N TYR G 275 -18.20 -39.61 60.35
CA TYR G 275 -16.93 -39.18 59.79
C TYR G 275 -17.01 -37.68 59.49
N LEU G 276 -15.83 -37.04 59.47
CA LEU G 276 -15.69 -35.62 59.17
C LEU G 276 -15.03 -35.42 57.81
N LEU G 277 -15.54 -34.48 57.01
CA LEU G 277 -15.02 -34.22 55.67
C LEU G 277 -14.66 -32.75 55.49
N GLY G 278 -13.58 -32.50 54.76
CA GLY G 278 -13.17 -31.14 54.46
C GLY G 278 -12.94 -30.93 52.98
N ASP G 279 -13.08 -29.67 52.54
CA ASP G 279 -12.95 -29.33 51.13
C ASP G 279 -12.04 -28.13 50.92
N MET G 280 -11.77 -27.83 49.64
CA MET G 280 -10.81 -26.79 49.28
C MET G 280 -11.34 -25.37 49.49
N GLU G 281 -12.64 -25.20 49.74
CA GLU G 281 -13.20 -23.89 50.06
C GLU G 281 -13.33 -23.67 51.57
N GLY G 282 -12.79 -24.56 52.38
CA GLY G 282 -12.81 -24.41 53.82
C GLY G 282 -14.00 -24.98 54.55
N ARG G 283 -14.95 -25.59 53.83
CA ARG G 283 -16.17 -26.11 54.44
C ARG G 283 -15.92 -27.42 55.16
N LEU G 284 -16.58 -27.60 56.30
CA LEU G 284 -16.50 -28.82 57.09
C LEU G 284 -17.85 -29.53 57.10
N PHE G 285 -17.84 -30.80 56.70
CA PHE G 285 -19.05 -31.62 56.64
C PHE G 285 -18.96 -32.76 57.64
N MET G 286 -20.12 -33.32 57.98
CA MET G 286 -20.24 -34.55 58.75
C MET G 286 -20.85 -35.63 57.85
N LEU G 287 -20.15 -36.75 57.72
CA LEU G 287 -20.67 -37.91 56.99
C LEU G 287 -21.26 -38.89 57.99
N LEU G 288 -22.54 -39.21 57.82
CA LEU G 288 -23.29 -40.06 58.75
C LEU G 288 -23.67 -41.37 58.07
N LEU G 289 -23.46 -42.47 58.78
CA LEU G 289 -23.85 -43.80 58.35
C LEU G 289 -25.12 -44.19 59.09
N GLU G 290 -26.23 -44.35 58.35
CA GLU G 290 -27.52 -44.55 59.00
C GLU G 290 -27.67 -45.99 59.48
N LYS G 291 -27.85 -46.14 60.79
CA LYS G 291 -27.98 -47.45 61.42
C LYS G 291 -29.45 -47.85 61.45
N GLU G 292 -29.69 -49.15 61.31
CA GLU G 292 -31.01 -49.74 61.45
C GLU G 292 -30.83 -50.92 62.40
N GLU G 293 -31.53 -50.89 63.53
CA GLU G 293 -31.39 -51.91 64.57
C GLU G 293 -32.23 -53.12 64.20
N GLN G 294 -31.58 -54.28 64.13
CA GLN G 294 -32.28 -55.53 63.87
C GLN G 294 -32.66 -56.20 65.19
N MET G 295 -33.64 -57.09 65.11
CA MET G 295 -34.07 -57.85 66.30
C MET G 295 -32.97 -58.73 66.86
N ASP G 296 -31.95 -59.01 66.06
CA ASP G 296 -30.78 -59.72 66.53
C ASP G 296 -30.05 -58.98 67.63
N GLY G 297 -30.23 -57.68 67.71
CA GLY G 297 -29.36 -56.83 68.47
C GLY G 297 -28.23 -56.24 67.66
N THR G 298 -28.13 -56.60 66.39
CA THR G 298 -27.14 -56.07 65.46
C THR G 298 -27.69 -54.89 64.66
N VAL G 299 -26.78 -54.21 63.97
CA VAL G 299 -27.05 -53.01 63.19
C VAL G 299 -26.66 -53.24 61.72
N THR G 300 -27.52 -52.78 60.81
CA THR G 300 -27.25 -52.81 59.37
C THR G 300 -27.18 -51.39 58.84
N LEU G 301 -26.57 -51.23 57.66
CA LEU G 301 -26.39 -49.92 57.05
C LEU G 301 -27.51 -49.65 56.05
N LYS G 302 -28.32 -48.63 56.35
CA LYS G 302 -29.48 -48.26 55.54
C LYS G 302 -29.17 -47.22 54.48
N ASP G 303 -28.52 -46.12 54.88
CA ASP G 303 -28.25 -45.02 53.95
C ASP G 303 -27.14 -44.16 54.51
N LEU G 304 -26.61 -43.27 53.66
CA LEU G 304 -25.57 -42.32 54.02
C LEU G 304 -26.11 -40.90 53.97
N ARG G 305 -25.56 -40.02 54.81
CA ARG G 305 -25.96 -38.63 54.84
C ARG G 305 -24.75 -37.73 55.00
N VAL G 306 -24.83 -36.56 54.36
CA VAL G 306 -23.80 -35.53 54.45
C VAL G 306 -24.45 -34.26 54.99
N GLU G 307 -23.81 -33.64 56.00
CA GLU G 307 -24.32 -32.44 56.63
C GLU G 307 -23.20 -31.42 56.75
N LEU G 308 -23.48 -30.19 56.31
CA LEU G 308 -22.51 -29.11 56.39
C LEU G 308 -22.49 -28.54 57.80
N LEU G 309 -21.31 -28.51 58.42
CA LEU G 309 -21.18 -27.98 59.76
C LEU G 309 -20.81 -26.49 59.76
N GLY G 310 -19.90 -26.10 58.87
CA GLY G 310 -19.45 -24.74 58.81
C GLY G 310 -18.18 -24.58 58.01
N GLU G 311 -17.32 -23.67 58.44
CA GLU G 311 -16.06 -23.38 57.77
C GLU G 311 -14.91 -23.49 58.77
N THR G 312 -13.80 -24.06 58.31
CA THR G 312 -12.55 -24.05 59.07
C THR G 312 -11.51 -23.43 58.15
N SER G 313 -10.25 -23.40 58.55
CA SER G 313 -9.20 -23.07 57.59
C SER G 313 -9.11 -24.21 56.58
N ILE G 314 -8.73 -23.87 55.35
CA ILE G 314 -8.55 -24.91 54.34
C ILE G 314 -7.63 -25.95 54.97
N ALA G 315 -8.11 -27.19 55.11
CA ALA G 315 -7.50 -28.15 56.02
C ALA G 315 -6.85 -29.28 55.23
N GLU G 316 -5.54 -29.45 55.43
CA GLU G 316 -4.88 -30.64 54.90
C GLU G 316 -5.31 -31.89 55.64
N CYS G 317 -5.38 -31.83 56.98
CA CYS G 317 -5.73 -32.98 57.78
C CYS G 317 -6.71 -32.56 58.87
N LEU G 318 -7.74 -33.38 59.07
CA LEU G 318 -8.63 -33.25 60.22
C LEU G 318 -8.37 -34.39 61.19
N THR G 319 -8.45 -34.12 62.49
CA THR G 319 -8.47 -35.19 63.47
C THR G 319 -9.37 -34.80 64.62
N TYR G 320 -10.34 -35.66 64.93
CA TYR G 320 -11.27 -35.41 66.03
C TYR G 320 -10.65 -35.83 67.36
N LEU G 321 -10.74 -34.92 68.34
CA LEU G 321 -10.31 -35.14 69.70
C LEU G 321 -11.56 -35.39 70.54
N ASP G 322 -11.36 -35.79 71.79
CA ASP G 322 -12.53 -36.02 72.65
C ASP G 322 -13.27 -34.73 72.97
N ASN G 323 -14.56 -34.89 73.31
CA ASN G 323 -15.44 -33.83 73.76
C ASN G 323 -15.72 -32.77 72.68
N GLY G 324 -15.94 -33.23 71.45
CA GLY G 324 -16.36 -32.34 70.40
C GLY G 324 -15.31 -31.41 69.83
N VAL G 325 -14.04 -31.58 70.22
CA VAL G 325 -12.96 -30.69 69.79
C VAL G 325 -12.28 -31.32 68.59
N VAL G 326 -12.05 -30.51 67.55
CA VAL G 326 -11.41 -30.97 66.32
C VAL G 326 -10.18 -30.13 66.07
N PHE G 327 -9.07 -30.79 65.74
CA PHE G 327 -7.88 -30.10 65.28
C PHE G 327 -7.85 -30.05 63.76
N VAL G 328 -7.71 -28.84 63.24
CA VAL G 328 -7.67 -28.56 61.81
C VAL G 328 -6.24 -28.20 61.41
N GLY G 329 -5.61 -29.08 60.66
CA GLY G 329 -4.25 -28.86 60.18
C GLY G 329 -4.23 -28.30 58.77
N SER G 330 -3.70 -27.09 58.65
CA SER G 330 -3.73 -26.37 57.38
C SER G 330 -2.31 -26.12 56.88
N ARG G 331 -2.09 -26.38 55.59
CA ARG G 331 -0.85 -26.05 54.92
C ARG G 331 -0.97 -24.72 54.19
N LEU G 332 -2.20 -24.35 53.82
CA LEU G 332 -2.44 -23.08 53.14
C LEU G 332 -2.77 -21.95 54.10
N GLY G 333 -3.35 -22.23 55.26
CA GLY G 333 -3.70 -21.18 56.20
C GLY G 333 -3.40 -21.54 57.63
N ASP G 334 -3.85 -20.70 58.57
CA ASP G 334 -3.57 -20.95 59.97
C ASP G 334 -4.30 -22.21 60.45
N SER G 335 -3.59 -23.05 61.21
CA SER G 335 -4.20 -24.23 61.79
C SER G 335 -4.96 -23.85 63.05
N GLN G 336 -5.84 -24.74 63.50
CA GLN G 336 -6.74 -24.34 64.57
C GLN G 336 -7.31 -25.54 65.32
N LEU G 337 -7.78 -25.27 66.52
CA LEU G 337 -8.75 -26.08 67.23
C LEU G 337 -10.13 -25.43 67.12
N VAL G 338 -11.14 -26.24 66.83
CA VAL G 338 -12.51 -25.74 66.72
C VAL G 338 -13.43 -26.57 67.62
N LYS G 339 -14.51 -25.93 68.04
CA LYS G 339 -15.55 -26.57 68.84
C LYS G 339 -16.68 -26.95 67.89
N LEU G 340 -17.03 -28.23 67.87
CA LEU G 340 -18.19 -28.69 67.13
C LEU G 340 -19.35 -28.70 68.11
N ASN G 341 -20.38 -27.93 67.81
CA ASN G 341 -21.52 -27.80 68.70
C ASN G 341 -22.73 -28.53 68.15
N VAL G 342 -23.58 -28.97 69.07
CA VAL G 342 -24.88 -29.49 68.69
C VAL G 342 -25.75 -28.33 68.23
N ASP G 343 -25.51 -27.13 68.79
CA ASP G 343 -26.28 -25.94 68.49
C ASP G 343 -25.64 -25.10 67.40
N SER G 344 -26.48 -24.64 66.48
CA SER G 344 -26.06 -23.69 65.45
C SER G 344 -25.97 -22.29 66.04
N ASN G 345 -25.08 -21.47 65.47
CA ASN G 345 -24.93 -20.10 65.93
C ASN G 345 -25.84 -19.15 65.13
N GLU G 346 -25.63 -17.85 65.31
CA GLU G 346 -26.51 -16.84 64.73
C GLU G 346 -26.44 -16.82 63.21
N GLN G 347 -25.41 -17.41 62.62
CA GLN G 347 -25.26 -17.49 61.17
C GLN G 347 -25.66 -18.85 60.60
N GLY G 348 -26.01 -19.81 61.45
CA GLY G 348 -26.31 -21.16 61.02
C GLY G 348 -25.18 -22.15 61.10
N SER G 349 -24.03 -21.77 61.67
CA SER G 349 -22.85 -22.61 61.73
C SER G 349 -22.76 -23.36 63.05
N TYR G 350 -22.30 -24.60 62.99
CA TYR G 350 -22.05 -25.41 64.17
C TYR G 350 -20.58 -25.41 64.59
N VAL G 351 -19.74 -24.60 63.94
CA VAL G 351 -18.29 -24.61 64.14
C VAL G 351 -17.87 -23.29 64.76
N VAL G 352 -17.12 -23.36 65.86
CA VAL G 352 -16.63 -22.19 66.57
C VAL G 352 -15.14 -22.35 66.87
N ALA G 353 -14.36 -21.33 66.50
CA ALA G 353 -12.93 -21.38 66.74
C ALA G 353 -12.62 -21.27 68.22
N MET G 354 -11.71 -22.14 68.70
CA MET G 354 -11.18 -22.06 70.05
C MET G 354 -9.82 -21.37 70.03
N GLU G 355 -8.87 -21.98 69.33
CA GLU G 355 -7.50 -21.49 69.25
C GLU G 355 -7.06 -21.39 67.79
N THR G 356 -6.14 -20.46 67.55
CA THR G 356 -5.57 -20.22 66.22
C THR G 356 -4.06 -20.33 66.31
N PHE G 357 -3.49 -21.29 65.63
CA PHE G 357 -2.05 -21.44 65.59
C PHE G 357 -1.53 -20.74 64.35
N THR G 358 -0.46 -19.98 64.51
CA THR G 358 0.01 -19.17 63.41
C THR G 358 0.71 -20.11 62.43
N ASN G 359 0.33 -20.02 61.17
CA ASN G 359 0.96 -20.75 60.08
C ASN G 359 1.39 -19.67 59.10
N LEU G 360 2.70 -19.48 58.96
CA LEU G 360 3.19 -18.54 57.95
C LEU G 360 2.77 -18.96 56.55
N GLY G 361 2.16 -20.13 56.39
CA GLY G 361 1.56 -20.56 55.15
C GLY G 361 2.58 -20.58 54.04
N PRO G 362 2.11 -20.78 52.80
CA PRO G 362 3.00 -20.60 51.66
C PRO G 362 3.48 -19.16 51.60
N ILE G 363 4.80 -18.97 51.60
CA ILE G 363 5.38 -17.64 51.53
C ILE G 363 5.68 -17.40 50.06
N VAL G 364 4.74 -16.75 49.38
CA VAL G 364 4.88 -16.53 47.95
C VAL G 364 6.00 -15.52 47.67
N ASP G 365 6.03 -14.44 48.45
CA ASP G 365 7.02 -13.39 48.31
C ASP G 365 7.25 -12.76 49.68
N MET G 366 8.29 -11.94 49.78
CA MET G 366 8.53 -11.18 51.00
C MET G 366 9.52 -10.06 50.73
N CYS G 367 9.46 -9.03 51.58
CA CYS G 367 10.41 -7.91 51.52
C CYS G 367 10.78 -7.50 52.94
N VAL G 368 11.97 -6.92 53.08
CA VAL G 368 12.46 -6.42 54.36
C VAL G 368 12.42 -4.90 54.35
N VAL G 369 11.82 -4.32 55.39
CA VAL G 369 11.66 -2.88 55.54
C VAL G 369 11.79 -2.55 57.02
N ASP G 370 12.60 -1.54 57.32
CA ASP G 370 12.76 -1.05 58.70
C ASP G 370 11.82 0.15 58.87
N LEU G 371 10.59 -0.15 59.29
CA LEU G 371 9.58 0.89 59.50
C LEU G 371 10.00 1.82 60.63
N GLU G 372 10.61 1.25 61.66
CA GLU G 372 11.00 2.00 62.84
C GLU G 372 12.33 2.70 62.68
N ARG G 373 13.03 2.48 61.56
CA ARG G 373 14.33 3.10 61.33
C ARG G 373 15.30 2.78 62.47
N GLN G 374 15.08 1.64 63.12
CA GLN G 374 15.87 1.18 64.25
C GLN G 374 17.14 0.45 63.85
N GLY G 375 17.44 0.33 62.57
CA GLY G 375 18.59 -0.47 62.22
C GLY G 375 18.34 -1.95 62.27
N GLN G 376 17.10 -2.35 62.55
CA GLN G 376 16.73 -3.76 62.64
C GLN G 376 16.19 -4.36 61.36
N GLY G 377 15.02 -3.88 60.92
CA GLY G 377 14.37 -4.45 59.76
C GLY G 377 13.27 -5.42 60.15
N GLN G 378 12.09 -5.24 59.55
CA GLN G 378 10.97 -6.13 59.75
C GLN G 378 10.72 -6.88 58.44
N LEU G 379 10.18 -8.10 58.54
CA LEU G 379 9.95 -8.95 57.38
C LEU G 379 8.45 -8.97 57.09
N VAL G 380 8.06 -8.47 55.92
CA VAL G 380 6.68 -8.46 55.46
C VAL G 380 6.53 -9.51 54.37
N THR G 381 5.67 -10.49 54.62
CA THR G 381 5.53 -11.64 53.75
C THR G 381 4.15 -11.69 53.11
N CYS G 382 4.10 -12.17 51.86
CA CYS G 382 2.85 -12.59 51.23
C CYS G 382 2.60 -14.07 51.56
N SER G 383 1.63 -14.33 52.43
CA SER G 383 1.45 -15.69 52.95
C SER G 383 0.02 -16.17 52.78
N GLY G 384 -0.12 -17.48 52.53
CA GLY G 384 -1.42 -18.10 52.39
C GLY G 384 -1.92 -18.09 50.97
N ALA G 385 -3.08 -18.73 50.80
CA ALA G 385 -3.76 -18.71 49.51
C ALA G 385 -5.27 -18.72 49.72
N PHE G 386 -5.98 -18.13 48.76
CA PHE G 386 -7.44 -18.13 48.71
C PHE G 386 -7.94 -17.43 49.99
N LYS G 387 -8.95 -17.99 50.66
CA LYS G 387 -9.53 -17.32 51.81
C LYS G 387 -8.51 -17.09 52.92
N GLU G 388 -7.47 -17.92 53.01
CA GLU G 388 -6.47 -17.80 54.06
C GLU G 388 -5.33 -16.87 53.71
N GLY G 389 -5.41 -16.18 52.57
CA GLY G 389 -4.33 -15.30 52.17
C GLY G 389 -4.18 -14.13 53.13
N SER G 390 -2.93 -13.78 53.43
CA SER G 390 -2.64 -12.81 54.46
C SER G 390 -1.29 -12.16 54.19
N LEU G 391 -1.08 -11.01 54.82
CA LEU G 391 0.23 -10.35 54.95
C LEU G 391 0.73 -10.54 56.37
N ARG G 392 2.01 -10.93 56.53
CA ARG G 392 2.57 -11.22 57.85
C ARG G 392 3.77 -10.34 58.13
N ILE G 393 3.70 -9.58 59.21
CA ILE G 393 4.77 -8.68 59.64
C ILE G 393 5.56 -9.38 60.73
N ILE G 394 6.87 -9.60 60.51
CA ILE G 394 7.70 -10.41 61.39
C ILE G 394 8.91 -9.61 61.88
N ARG G 395 9.10 -9.58 63.20
CA ARG G 395 10.21 -8.89 63.84
C ARG G 395 10.76 -9.70 65.02
N ASN G 396 12.02 -9.42 65.36
CA ASN G 396 12.66 -10.03 66.52
C ASN G 396 12.30 -9.29 67.81
N GLY G 397 11.97 -10.05 68.85
CA GLY G 397 11.63 -9.44 70.13
C GLY G 397 12.91 -9.13 70.89
N ILE G 398 13.01 -7.91 71.41
CA ILE G 398 14.25 -7.43 72.02
C ILE G 398 13.97 -6.81 73.39
N LYS G 409 12.03 -15.15 70.79
CA LYS G 409 10.99 -15.52 69.83
C LYS G 409 10.63 -14.35 68.92
N LEU G 410 9.82 -14.64 67.91
CA LEU G 410 9.40 -13.67 66.91
C LEU G 410 8.01 -13.12 67.20
N HIS G 411 7.85 -11.83 66.97
CA HIS G 411 6.53 -11.20 67.04
C HIS G 411 5.96 -11.15 65.63
N ILE G 412 4.76 -11.67 65.45
CA ILE G 412 4.15 -11.81 64.13
C ILE G 412 2.80 -11.10 64.17
N ARG G 413 2.62 -10.13 63.27
CA ARG G 413 1.34 -9.46 63.08
C ARG G 413 0.72 -9.99 61.79
N THR G 414 -0.58 -10.25 61.83
CA THR G 414 -1.29 -10.87 60.72
C THR G 414 -2.28 -9.88 60.12
N VAL G 415 -2.20 -9.68 58.82
CA VAL G 415 -3.11 -8.80 58.08
C VAL G 415 -3.88 -9.66 57.09
N PRO G 416 -5.15 -10.00 57.39
CA PRO G 416 -5.91 -10.84 56.47
C PRO G 416 -6.35 -10.13 55.20
N LEU G 417 -6.24 -10.86 54.07
CA LEU G 417 -6.64 -10.37 52.77
C LEU G 417 -7.84 -11.09 52.20
N TYR G 418 -8.12 -12.32 52.63
CA TYR G 418 -9.22 -13.13 52.12
C TYR G 418 -9.12 -13.38 50.62
N GLU G 419 -7.94 -13.15 50.06
CA GLU G 419 -7.61 -13.47 48.69
C GLU G 419 -6.12 -13.79 48.66
N SER G 420 -5.66 -14.30 47.54
CA SER G 420 -4.31 -14.85 47.47
C SER G 420 -3.31 -13.73 47.25
N PRO G 421 -2.34 -13.54 48.14
CA PRO G 421 -1.28 -12.55 47.90
C PRO G 421 -0.23 -13.18 46.98
N ARG G 422 0.35 -12.37 46.11
CA ARG G 422 1.29 -12.89 45.13
C ARG G 422 2.65 -12.23 45.20
N LYS G 423 2.72 -10.90 45.11
CA LYS G 423 3.99 -10.19 45.18
C LYS G 423 3.81 -8.96 46.06
N ILE G 424 4.89 -8.55 46.72
CA ILE G 424 4.87 -7.39 47.61
C ILE G 424 6.09 -6.52 47.31
N CYS G 425 5.90 -5.21 47.40
CA CYS G 425 6.97 -4.25 47.18
C CYS G 425 6.68 -3.03 48.04
N TYR G 426 7.71 -2.51 48.69
CA TYR G 426 7.57 -1.38 49.61
C TYR G 426 8.04 -0.09 48.95
N GLN G 427 7.23 0.95 49.08
CA GLN G 427 7.50 2.27 48.50
C GLN G 427 7.50 3.30 49.62
N GLU G 428 8.70 3.70 50.06
CA GLU G 428 8.81 4.62 51.19
C GLU G 428 8.17 5.95 50.85
N VAL G 429 8.36 6.42 49.62
CA VAL G 429 7.85 7.73 49.22
C VAL G 429 6.38 7.87 49.57
N SER G 430 5.61 6.80 49.38
CA SER G 430 4.18 6.82 49.63
C SER G 430 3.79 6.21 50.97
N GLN G 431 4.77 5.80 51.78
CA GLN G 431 4.50 5.19 53.08
C GLN G 431 3.44 4.11 52.94
N CYS G 432 3.62 3.27 51.93
CA CYS G 432 2.64 2.25 51.61
C CYS G 432 3.39 1.05 51.06
N PHE G 433 2.72 -0.10 51.07
CA PHE G 433 3.21 -1.30 50.42
C PHE G 433 2.39 -1.54 49.16
N GLY G 434 3.00 -2.02 48.12
CA GLY G 434 2.28 -2.56 46.96
C GLY G 434 2.23 -4.04 47.02
N VAL G 435 1.02 -4.60 46.85
CA VAL G 435 0.80 -6.03 46.90
C VAL G 435 -0.06 -6.42 45.70
N LEU G 436 0.42 -7.40 44.93
CA LEU G 436 -0.33 -8.02 43.85
C LEU G 436 -1.14 -9.19 44.39
N SER G 437 -2.38 -9.33 43.91
CA SER G 437 -3.30 -10.31 44.47
C SER G 437 -4.17 -10.95 43.38
N SER G 438 -4.79 -12.08 43.74
CA SER G 438 -5.70 -12.77 42.84
C SER G 438 -6.87 -13.31 43.65
N ARG G 439 -8.09 -13.11 43.14
CA ARG G 439 -9.28 -13.65 43.75
C ARG G 439 -10.01 -14.55 42.75
N ILE G 440 -10.70 -15.56 43.27
CA ILE G 440 -11.39 -16.54 42.43
C ILE G 440 -12.87 -16.19 42.39
N GLU G 441 -13.35 -15.89 41.18
CA GLU G 441 -14.76 -15.72 40.90
C GLU G 441 -15.22 -16.87 40.01
N VAL G 442 -16.53 -17.06 39.92
CA VAL G 442 -17.10 -18.18 39.18
C VAL G 442 -18.07 -17.64 38.15
N GLN G 443 -18.04 -18.24 36.96
CA GLN G 443 -18.92 -17.88 35.86
C GLN G 443 -20.36 -18.10 36.28
N ASP G 444 -21.19 -17.06 36.17
CA ASP G 444 -22.57 -17.13 36.68
C ASP G 444 -23.57 -16.98 35.53
N THR G 445 -24.85 -17.11 35.89
CA THR G 445 -25.93 -17.17 34.92
C THR G 445 -26.17 -15.85 34.21
N SER G 446 -25.66 -14.74 34.73
CA SER G 446 -25.78 -13.47 34.04
C SER G 446 -24.85 -13.34 32.84
N GLY G 447 -23.89 -14.26 32.69
CA GLY G 447 -22.84 -14.13 31.72
C GLY G 447 -21.56 -13.54 32.28
N GLY G 448 -21.64 -12.85 33.41
CA GLY G 448 -20.47 -12.34 34.08
C GLY G 448 -19.96 -13.33 35.10
N THR G 449 -19.34 -12.81 36.17
CA THR G 449 -18.81 -13.66 37.21
C THR G 449 -19.18 -13.10 38.56
N THR G 450 -19.07 -13.95 39.58
CA THR G 450 -19.44 -13.60 40.94
C THR G 450 -18.36 -14.09 41.88
N ALA G 451 -18.03 -13.25 42.86
CA ALA G 451 -17.00 -13.56 43.83
C ALA G 451 -17.64 -14.34 44.96
N LEU G 452 -16.94 -15.38 45.40
CA LEU G 452 -17.47 -16.28 46.42
C LEU G 452 -17.54 -15.64 47.79
N ARG G 453 -16.80 -14.57 48.02
CA ARG G 453 -16.70 -13.88 49.30
C ARG G 453 -16.05 -12.54 49.03
N PRO G 454 -16.31 -11.52 49.86
CA PRO G 454 -15.58 -10.25 49.70
C PRO G 454 -14.15 -10.36 50.18
N SER G 455 -13.26 -9.61 49.55
CA SER G 455 -11.83 -9.66 49.87
C SER G 455 -11.21 -8.30 49.60
N ALA G 456 -9.89 -8.23 49.82
CA ALA G 456 -9.19 -6.95 49.82
C ALA G 456 -9.47 -6.14 48.56
N SER G 457 -9.51 -6.79 47.40
CA SER G 457 -9.72 -6.03 46.17
C SER G 457 -11.13 -5.41 46.12
N THR G 458 -12.11 -6.08 46.71
CA THR G 458 -13.48 -5.59 46.75
C THR G 458 -13.68 -4.58 47.86
N GLN G 459 -12.88 -4.63 48.91
CA GLN G 459 -13.06 -3.78 50.08
C GLN G 459 -11.95 -2.72 50.24
N ALA G 460 -11.60 -2.06 49.16
CA ALA G 460 -10.59 -1.01 49.23
C ALA G 460 -11.34 0.29 49.47
N LEU G 461 -10.63 1.30 49.97
CA LEU G 461 -11.29 2.58 50.21
C LEU G 461 -11.72 3.17 48.87
N SER G 462 -10.77 3.32 47.94
CA SER G 462 -11.03 3.67 46.55
C SER G 462 -10.55 2.54 45.66
N SER G 463 -11.11 2.43 44.45
CA SER G 463 -10.78 1.35 43.54
C SER G 463 -10.73 1.88 42.12
N SER G 464 -10.06 1.12 41.25
CA SER G 464 -9.96 1.47 39.84
C SER G 464 -10.05 0.22 38.97
N VAL G 465 -10.34 0.43 37.69
CA VAL G 465 -10.44 -0.64 36.70
C VAL G 465 -9.67 -0.20 35.46
N SER G 466 -8.98 -1.15 34.84
CA SER G 466 -8.17 -0.85 33.66
C SER G 466 -9.07 -0.67 32.44
N SER G 467 -8.83 0.39 31.68
CA SER G 467 -9.59 0.66 30.47
C SER G 467 -8.78 0.45 29.21
N SER G 468 -7.56 -0.05 29.33
CA SER G 468 -6.70 -0.17 28.18
C SER G 468 -7.30 -1.14 27.16
N LYS G 469 -7.22 -0.76 25.89
CA LYS G 469 -7.61 -1.59 24.76
C LYS G 469 -6.37 -2.04 23.98
N LEU G 470 -5.22 -2.11 24.66
CA LEU G 470 -3.99 -2.52 23.99
C LEU G 470 -4.21 -3.83 23.24
N PHE G 471 -4.88 -4.79 23.86
CA PHE G 471 -5.23 -6.03 23.18
C PHE G 471 -6.53 -5.90 22.40
N SER G 472 -7.20 -4.77 22.57
CA SER G 472 -8.34 -4.36 21.77
C SER G 472 -9.25 -5.50 21.32
N SER G 473 -9.42 -5.65 20.01
CA SER G 473 -10.34 -6.68 19.56
C SER G 473 -9.76 -8.07 19.72
N SER G 474 -8.44 -8.21 19.57
CA SER G 474 -7.77 -9.49 19.73
C SER G 474 -8.28 -10.48 18.69
N THR G 475 -9.58 -10.46 18.43
CA THR G 475 -10.25 -11.38 17.50
C THR G 475 -9.92 -12.83 17.87
N ALA G 476 -10.09 -13.13 19.16
CA ALA G 476 -9.87 -14.47 19.70
C ALA G 476 -10.96 -14.71 20.73
N PRO G 477 -12.16 -15.05 20.27
CA PRO G 477 -13.27 -15.23 21.23
C PRO G 477 -13.09 -16.52 22.00
N HIS G 478 -13.25 -16.45 23.31
CA HIS G 478 -13.13 -17.61 24.19
C HIS G 478 -14.44 -17.94 24.86
N GLU G 479 -14.81 -19.22 24.78
CA GLU G 479 -16.08 -19.69 25.33
C GLU G 479 -16.01 -19.70 26.85
N THR G 480 -17.10 -19.29 27.48
CA THR G 480 -17.21 -19.26 28.94
C THR G 480 -18.38 -20.14 29.33
N SER G 481 -18.13 -21.08 30.23
CA SER G 481 -19.14 -22.03 30.69
C SER G 481 -19.48 -21.79 32.16
N PHE G 482 -20.77 -21.90 32.48
CA PHE G 482 -21.22 -21.70 33.85
C PHE G 482 -20.53 -22.66 34.80
N GLY G 483 -20.07 -22.14 35.93
CA GLY G 483 -19.42 -22.93 36.96
C GLY G 483 -17.92 -22.93 36.89
N GLU G 484 -17.33 -22.48 35.78
CA GLU G 484 -15.89 -22.44 35.66
C GLU G 484 -15.31 -21.34 36.54
N GLU G 485 -14.13 -21.60 37.08
CA GLU G 485 -13.45 -20.60 37.90
C GLU G 485 -12.62 -19.69 37.00
N VAL G 486 -12.46 -18.44 37.44
CA VAL G 486 -11.54 -17.50 36.81
C VAL G 486 -10.82 -16.74 37.93
N GLU G 487 -9.59 -16.33 37.66
CA GLU G 487 -8.82 -15.48 38.54
C GLU G 487 -8.91 -14.03 38.10
N VAL G 488 -9.06 -13.14 39.07
CA VAL G 488 -9.09 -11.70 38.86
C VAL G 488 -7.93 -11.08 39.62
N HIS G 489 -6.99 -10.48 38.90
CA HIS G 489 -5.77 -9.97 39.49
C HIS G 489 -5.85 -8.46 39.71
N ASN G 490 -5.31 -8.00 40.83
CA ASN G 490 -5.42 -6.62 41.27
C ASN G 490 -4.12 -6.19 41.92
N LEU G 491 -3.84 -4.89 41.86
CA LEU G 491 -2.76 -4.28 42.64
C LEU G 491 -3.36 -3.52 43.82
N LEU G 492 -2.95 -3.88 45.03
CA LEU G 492 -3.45 -3.28 46.25
C LEU G 492 -2.41 -2.32 46.83
N ILE G 493 -2.87 -1.15 47.26
CA ILE G 493 -2.02 -0.23 48.02
C ILE G 493 -2.42 -0.30 49.48
N ILE G 494 -1.44 -0.59 50.34
CA ILE G 494 -1.68 -0.92 51.74
C ILE G 494 -0.82 0.03 52.57
N ASP G 495 -1.43 0.70 53.53
CA ASP G 495 -0.72 1.65 54.37
C ASP G 495 0.26 0.93 55.30
N GLN G 496 1.43 1.54 55.52
CA GLN G 496 2.48 0.87 56.27
C GLN G 496 2.22 0.80 57.76
N HIS G 497 1.31 1.64 58.29
CA HIS G 497 0.95 1.58 59.70
C HIS G 497 -0.42 0.97 59.90
N THR G 498 -1.41 1.44 59.14
CA THR G 498 -2.77 0.94 59.33
C THR G 498 -2.93 -0.44 58.71
N PHE G 499 -2.14 -0.75 57.68
CA PHE G 499 -2.25 -1.99 56.92
C PHE G 499 -3.68 -2.20 56.41
N GLU G 500 -4.26 -1.09 55.97
CA GLU G 500 -5.57 -0.99 55.35
C GLU G 500 -5.42 -0.82 53.85
N VAL G 501 -6.32 -1.44 53.08
CA VAL G 501 -6.25 -1.35 51.63
C VAL G 501 -6.71 0.06 51.24
N LEU G 502 -5.80 0.87 50.72
CA LEU G 502 -6.15 2.23 50.34
C LEU G 502 -6.72 2.30 48.93
N HIS G 503 -6.15 1.56 47.99
CA HIS G 503 -6.59 1.56 46.61
C HIS G 503 -6.28 0.21 45.98
N ALA G 504 -7.11 -0.19 45.03
CA ALA G 504 -6.97 -1.45 44.33
C ALA G 504 -7.29 -1.27 42.85
N HIS G 505 -6.41 -1.76 41.99
CA HIS G 505 -6.55 -1.65 40.55
C HIS G 505 -6.86 -3.05 40.02
N GLN G 506 -7.95 -3.20 39.28
CA GLN G 506 -8.31 -4.51 38.72
C GLN G 506 -7.78 -4.57 37.29
N PHE G 507 -6.92 -5.54 37.03
CA PHE G 507 -6.31 -5.69 35.72
C PHE G 507 -7.31 -6.28 34.72
N LEU G 508 -6.90 -6.32 33.46
CA LEU G 508 -7.83 -6.66 32.39
C LEU G 508 -8.37 -8.08 32.56
N GLN G 509 -9.53 -8.33 31.94
CA GLN G 509 -10.11 -9.65 31.96
C GLN G 509 -9.12 -10.67 31.40
N ASN G 510 -8.92 -11.75 32.16
CA ASN G 510 -7.98 -12.81 31.82
C ASN G 510 -6.53 -12.34 31.84
N GLU G 511 -6.23 -11.24 32.54
CA GLU G 511 -4.87 -10.77 32.70
C GLU G 511 -4.36 -11.12 34.10
N TYR G 512 -3.23 -11.82 34.15
CA TYR G 512 -2.58 -12.21 35.39
C TYR G 512 -1.33 -11.34 35.58
N ALA G 513 -1.20 -10.70 36.74
CA ALA G 513 0.00 -9.91 37.06
C ALA G 513 1.07 -10.81 37.67
N LEU G 514 2.27 -10.77 37.11
CA LEU G 514 3.34 -11.67 37.53
C LEU G 514 4.50 -10.97 38.24
N SER G 515 4.76 -9.69 37.98
CA SER G 515 5.92 -9.02 38.54
C SER G 515 5.57 -7.62 39.01
N LEU G 516 6.29 -7.17 40.03
CA LEU G 516 6.02 -5.89 40.68
C LEU G 516 7.31 -5.27 41.20
N VAL G 517 7.52 -3.99 40.89
CA VAL G 517 8.63 -3.22 41.44
C VAL G 517 8.16 -1.83 41.83
N SER G 518 8.92 -1.20 42.73
CA SER G 518 8.76 0.19 43.12
C SER G 518 10.09 0.88 42.92
N CYS G 519 10.12 1.89 42.05
CA CYS G 519 11.40 2.52 41.74
C CYS G 519 11.20 3.83 40.98
N LYS G 520 12.30 4.59 40.91
CA LYS G 520 12.43 5.75 40.01
C LYS G 520 13.21 5.32 38.78
N LEU G 521 12.85 5.86 37.62
CA LEU G 521 13.50 5.51 36.36
C LEU G 521 14.01 6.76 35.66
N GLY G 522 15.12 6.59 34.93
CA GLY G 522 15.69 7.68 34.16
C GLY G 522 15.97 8.85 35.05
N LYS G 523 15.65 10.05 34.58
CA LYS G 523 15.74 11.26 35.38
C LYS G 523 14.36 11.69 35.91
N ASP G 524 13.38 10.80 35.91
CA ASP G 524 12.05 11.14 36.38
C ASP G 524 12.03 11.01 37.90
N PRO G 525 11.75 12.10 38.63
CA PRO G 525 11.82 12.03 40.11
C PRO G 525 10.68 11.27 40.75
N ASN G 526 9.61 11.00 40.03
CA ASN G 526 8.47 10.31 40.62
C ASN G 526 8.84 8.85 40.88
N THR G 527 8.35 8.32 41.98
CA THR G 527 8.52 6.91 42.32
C THR G 527 7.26 6.17 41.88
N TYR G 528 7.45 5.11 41.11
CA TYR G 528 6.35 4.41 40.45
C TYR G 528 6.20 2.99 40.98
N PHE G 529 4.98 2.48 40.86
CA PHE G 529 4.71 1.04 40.88
C PHE G 529 4.66 0.54 39.45
N ILE G 530 5.45 -0.47 39.12
CA ILE G 530 5.48 -1.05 37.78
C ILE G 530 5.10 -2.52 37.88
N VAL G 531 4.15 -2.95 37.05
CA VAL G 531 3.62 -4.31 37.07
C VAL G 531 3.82 -4.96 35.72
N GLY G 532 4.27 -6.21 35.74
CA GLY G 532 4.38 -7.03 34.55
C GLY G 532 3.28 -8.09 34.54
N THR G 533 2.61 -8.20 33.39
CA THR G 533 1.43 -9.04 33.28
C THR G 533 1.56 -10.00 32.10
N ALA G 534 0.62 -10.95 32.05
CA ALA G 534 0.53 -11.94 30.99
C ALA G 534 -0.95 -12.21 30.70
N MET G 535 -1.32 -12.25 29.42
CA MET G 535 -2.68 -12.64 29.04
C MET G 535 -2.79 -14.17 29.03
N VAL G 536 -3.69 -14.70 29.85
CA VAL G 536 -3.79 -16.12 30.12
C VAL G 536 -5.10 -16.66 29.55
N TYR G 537 -5.00 -17.63 28.63
CA TYR G 537 -6.16 -18.37 28.12
C TYR G 537 -5.81 -19.85 28.17
N PRO G 538 -6.70 -20.72 28.67
CA PRO G 538 -6.34 -22.16 28.74
C PRO G 538 -5.82 -22.71 27.43
N GLU G 539 -6.22 -22.11 26.30
CA GLU G 539 -5.83 -22.64 25.00
C GLU G 539 -4.33 -22.48 24.74
N GLU G 540 -3.72 -21.42 25.24
CA GLU G 540 -2.31 -21.20 24.98
C GLU G 540 -1.50 -21.97 26.01
N ALA G 541 -0.55 -22.79 25.51
CA ALA G 541 0.37 -23.46 26.42
C ALA G 541 1.36 -22.45 26.99
N GLU G 542 1.82 -21.52 26.15
CA GLU G 542 2.64 -20.41 26.58
C GLU G 542 1.98 -19.09 26.22
N PRO G 543 1.88 -18.14 27.15
CA PRO G 543 1.23 -16.86 26.83
C PRO G 543 2.03 -16.12 25.76
N LYS G 544 1.30 -15.49 24.83
CA LYS G 544 1.91 -14.74 23.75
C LYS G 544 1.64 -13.24 23.82
N GLN G 545 1.00 -12.76 24.87
CA GLN G 545 0.71 -11.34 25.01
C GLN G 545 0.97 -10.94 26.45
N GLY G 546 1.32 -9.68 26.66
CA GLY G 546 1.65 -9.21 27.99
C GLY G 546 1.77 -7.70 28.01
N ARG G 547 1.87 -7.15 29.21
CA ARG G 547 1.94 -5.72 29.40
C ARG G 547 2.92 -5.36 30.50
N ILE G 548 3.64 -4.26 30.32
CA ILE G 548 4.39 -3.61 31.40
C ILE G 548 3.69 -2.28 31.67
N VAL G 549 3.20 -2.11 32.88
CA VAL G 549 2.38 -0.95 33.24
C VAL G 549 3.10 -0.15 34.33
N VAL G 550 3.13 1.16 34.15
CA VAL G 550 3.79 2.08 35.08
C VAL G 550 2.71 2.89 35.79
N PHE G 551 2.60 2.69 37.11
CA PHE G 551 1.60 3.37 37.93
C PHE G 551 2.29 4.42 38.81
N GLN G 552 1.55 5.49 39.12
CA GLN G 552 1.93 6.43 40.17
C GLN G 552 0.83 6.52 41.21
N TYR G 553 1.16 6.26 42.47
CA TYR G 553 0.22 6.42 43.58
C TYR G 553 0.34 7.86 44.08
N SER G 554 -0.73 8.63 43.93
CA SER G 554 -0.71 10.03 44.32
C SER G 554 -2.05 10.42 44.89
N ASP G 555 -2.03 11.00 46.08
CA ASP G 555 -3.21 11.56 46.74
C ASP G 555 -4.33 10.53 46.84
N GLY G 556 -3.99 9.35 47.34
CA GLY G 556 -4.94 8.29 47.62
C GLY G 556 -5.42 7.50 46.42
N LYS G 557 -4.97 7.84 45.21
CA LYS G 557 -5.30 7.09 44.00
C LYS G 557 -4.02 6.92 43.20
N LEU G 558 -3.85 5.79 42.54
CA LEU G 558 -2.71 5.56 41.66
C LEU G 558 -3.20 5.60 40.21
N GLN G 559 -2.53 6.42 39.40
CA GLN G 559 -2.87 6.67 38.01
C GLN G 559 -1.79 6.13 37.09
N THR G 560 -2.24 5.68 35.91
CA THR G 560 -1.37 5.00 34.95
C THR G 560 -0.59 6.01 34.12
N VAL G 561 0.72 6.04 34.30
CA VAL G 561 1.59 6.95 33.55
C VAL G 561 1.81 6.43 32.13
N ALA G 562 2.08 5.14 31.97
CA ALA G 562 2.34 4.60 30.64
C ALA G 562 2.19 3.09 30.67
N GLU G 563 2.03 2.51 29.47
CA GLU G 563 1.92 1.07 29.29
C GLU G 563 2.75 0.63 28.09
N LYS G 564 3.40 -0.53 28.19
CA LYS G 564 4.18 -1.07 27.08
C LYS G 564 3.70 -2.50 26.79
N GLU G 565 3.45 -2.78 25.51
CA GLU G 565 2.99 -4.09 25.09
C GLU G 565 4.17 -5.02 24.83
N VAL G 566 4.01 -6.28 25.25
CA VAL G 566 5.01 -7.32 25.03
C VAL G 566 4.32 -8.56 24.48
N LYS G 567 5.11 -9.43 23.86
CA LYS G 567 4.60 -10.67 23.26
C LYS G 567 4.89 -11.87 24.16
N GLY G 568 4.51 -11.78 25.42
CA GLY G 568 4.77 -12.86 26.36
C GLY G 568 4.44 -12.41 27.77
N ALA G 569 4.94 -13.18 28.73
CA ALA G 569 4.70 -12.93 30.15
C ALA G 569 5.92 -12.24 30.77
N VAL G 570 5.67 -11.16 31.49
CA VAL G 570 6.76 -10.42 32.16
C VAL G 570 6.94 -11.11 33.51
N TYR G 571 7.72 -12.19 33.51
CA TYR G 571 7.83 -13.02 34.71
C TYR G 571 8.57 -12.30 35.84
N SER G 572 9.60 -11.52 35.52
CA SER G 572 10.38 -10.88 36.57
C SER G 572 10.93 -9.55 36.08
N MET G 573 10.85 -8.53 36.94
CA MET G 573 11.37 -7.20 36.68
C MET G 573 12.24 -6.76 37.85
N VAL G 574 13.22 -5.91 37.56
CA VAL G 574 14.16 -5.42 38.57
C VAL G 574 14.77 -4.13 38.06
N GLU G 575 14.92 -3.16 38.97
CA GLU G 575 15.51 -1.89 38.58
C GLU G 575 16.98 -2.11 38.25
N PHE G 576 17.44 -1.52 37.14
CA PHE G 576 18.81 -1.69 36.67
C PHE G 576 19.35 -0.33 36.28
N ASN G 577 19.97 0.36 37.25
CA ASN G 577 20.70 1.59 37.00
C ASN G 577 19.85 2.60 36.23
N GLY G 578 18.66 2.89 36.76
CA GLY G 578 17.79 3.85 36.12
C GLY G 578 17.00 3.31 34.95
N LYS G 579 17.22 2.06 34.58
CA LYS G 579 16.54 1.39 33.49
C LYS G 579 15.73 0.24 34.07
N LEU G 580 14.82 -0.28 33.27
CA LEU G 580 13.92 -1.36 33.69
C LEU G 580 14.35 -2.64 33.00
N LEU G 581 14.76 -3.64 33.78
CA LEU G 581 15.13 -4.95 33.28
C LEU G 581 13.95 -5.88 33.46
N ALA G 582 13.44 -6.42 32.34
CA ALA G 582 12.26 -7.27 32.36
C ALA G 582 12.54 -8.54 31.57
N SER G 583 12.01 -9.65 32.07
CA SER G 583 12.13 -10.94 31.41
C SER G 583 10.79 -11.27 30.81
N ILE G 584 10.71 -11.36 29.48
CA ILE G 584 9.48 -11.68 28.78
C ILE G 584 9.70 -13.04 28.10
N ASN G 585 9.13 -14.09 28.69
CA ASN G 585 9.26 -15.48 28.21
C ASN G 585 10.75 -15.80 28.10
N SER G 586 11.26 -16.17 26.93
CA SER G 586 12.67 -16.47 26.76
C SER G 586 13.54 -15.24 26.83
N THR G 587 13.01 -14.08 26.46
CA THR G 587 13.82 -12.87 26.34
C THR G 587 14.05 -12.20 27.69
N VAL G 588 15.28 -11.74 27.88
CA VAL G 588 15.65 -10.85 28.98
C VAL G 588 15.97 -9.50 28.35
N ARG G 589 15.17 -8.49 28.70
CA ARG G 589 15.20 -7.20 28.02
C ARG G 589 15.49 -6.07 28.99
N LEU G 590 16.19 -5.06 28.49
CA LEU G 590 16.47 -3.82 29.22
C LEU G 590 15.76 -2.67 28.52
N TYR G 591 14.91 -1.97 29.27
CA TYR G 591 14.13 -0.83 28.80
C TYR G 591 14.72 0.46 29.36
N GLU G 592 14.66 1.53 28.57
CA GLU G 592 15.01 2.88 29.03
C GLU G 592 13.73 3.69 29.26
N TRP G 593 13.78 4.62 30.21
CA TRP G 593 12.63 5.46 30.56
C TRP G 593 12.85 6.83 29.93
N THR G 594 12.06 7.14 28.91
CA THR G 594 12.30 8.33 28.12
C THR G 594 11.80 9.59 28.82
N THR G 595 12.18 10.73 28.25
CA THR G 595 11.68 12.03 28.67
C THR G 595 10.21 12.21 28.34
N GLU G 596 9.65 11.32 27.52
CA GLU G 596 8.23 11.31 27.19
C GLU G 596 7.43 10.39 28.10
N LYS G 597 8.03 9.89 29.18
CA LYS G 597 7.36 9.00 30.14
C LYS G 597 6.85 7.73 29.45
N GLU G 598 7.71 7.10 28.64
CA GLU G 598 7.38 5.83 28.03
C GLU G 598 8.62 4.94 27.93
N LEU G 599 8.39 3.64 28.01
CA LEU G 599 9.50 2.70 27.94
C LEU G 599 9.96 2.49 26.51
N ARG G 600 11.28 2.38 26.33
CA ARG G 600 11.93 2.19 25.04
C ARG G 600 12.92 1.05 25.21
N THR G 601 12.92 0.09 24.30
CA THR G 601 13.84 -1.04 24.39
C THR G 601 15.26 -0.58 24.07
N GLU G 602 16.24 -1.12 24.82
CA GLU G 602 17.63 -0.85 24.52
C GLU G 602 18.32 -2.09 23.92
N CYS G 603 18.40 -3.18 24.67
CA CYS G 603 19.10 -4.38 24.20
C CYS G 603 18.41 -5.62 24.75
N ASN G 604 18.66 -6.75 24.09
CA ASN G 604 17.98 -7.99 24.42
C ASN G 604 18.97 -9.14 24.55
N HIS G 605 18.52 -10.18 25.26
CA HIS G 605 19.18 -11.48 25.36
C HIS G 605 18.09 -12.52 25.12
N TYR G 606 18.40 -13.52 24.28
CA TYR G 606 17.39 -14.47 23.85
C TYR G 606 17.78 -15.93 24.04
N ASN G 607 18.97 -16.21 24.56
CA ASN G 607 19.38 -17.60 24.77
C ASN G 607 18.85 -18.14 26.11
N ASN G 608 17.53 -18.25 26.18
CA ASN G 608 16.87 -18.71 27.38
C ASN G 608 15.63 -19.50 27.02
N ILE G 609 15.34 -20.51 27.84
CA ILE G 609 14.10 -21.27 27.65
C ILE G 609 12.94 -20.53 28.29
N MET G 610 13.03 -20.27 29.59
CA MET G 610 12.06 -19.42 30.28
C MET G 610 12.79 -18.68 31.40
N ALA G 611 12.92 -17.36 31.24
CA ALA G 611 13.65 -16.51 32.18
C ALA G 611 12.72 -16.18 33.35
N LEU G 612 12.69 -17.09 34.32
CA LEU G 612 11.69 -16.98 35.38
C LEU G 612 12.10 -15.98 36.45
N TYR G 613 13.39 -15.88 36.76
CA TYR G 613 13.86 -15.07 37.87
C TYR G 613 15.02 -14.18 37.46
N LEU G 614 15.06 -12.97 38.01
CA LEU G 614 16.10 -11.99 37.74
C LEU G 614 16.57 -11.37 39.06
N LYS G 615 17.89 -11.14 39.15
CA LYS G 615 18.52 -10.45 40.28
C LYS G 615 19.74 -9.72 39.72
N THR G 616 19.99 -8.51 40.20
CA THR G 616 21.08 -7.70 39.64
C THR G 616 21.98 -7.15 40.75
N LYS G 617 23.28 -7.09 40.45
CA LYS G 617 24.29 -6.42 41.28
C LYS G 617 25.22 -5.66 40.35
N GLY G 618 25.19 -4.34 40.42
CA GLY G 618 26.01 -3.52 39.53
C GLY G 618 25.48 -3.62 38.10
N ASP G 619 26.36 -3.85 37.14
CA ASP G 619 25.96 -4.12 35.77
C ASP G 619 25.88 -5.61 35.49
N PHE G 620 25.90 -6.45 36.54
CA PHE G 620 25.77 -7.89 36.41
C PHE G 620 24.31 -8.28 36.62
N ILE G 621 23.87 -9.30 35.88
CA ILE G 621 22.51 -9.80 35.95
C ILE G 621 22.57 -11.31 36.17
N LEU G 622 21.75 -11.82 37.09
CA LEU G 622 21.66 -13.26 37.34
C LEU G 622 20.29 -13.71 36.82
N VAL G 623 20.27 -14.56 35.80
CA VAL G 623 19.03 -15.01 35.18
C VAL G 623 18.73 -16.43 35.65
N GLY G 624 17.49 -16.65 36.08
CA GLY G 624 17.04 -17.97 36.53
C GLY G 624 16.11 -18.66 35.56
N ASP G 625 16.53 -19.80 35.01
CA ASP G 625 15.77 -20.51 33.99
C ASP G 625 14.92 -21.64 34.56
N LEU G 626 13.93 -22.04 33.75
CA LEU G 626 13.06 -23.13 34.16
C LEU G 626 13.82 -24.43 34.30
N MET G 627 14.75 -24.71 33.38
CA MET G 627 15.47 -25.96 33.37
C MET G 627 16.97 -25.81 33.20
N ARG G 628 17.42 -24.77 32.51
CA ARG G 628 18.83 -24.63 32.18
C ARG G 628 19.62 -23.94 33.28
N SER G 629 19.09 -23.90 34.51
CA SER G 629 19.85 -23.41 35.66
C SER G 629 20.11 -21.91 35.47
N VAL G 630 21.19 -21.40 36.03
CA VAL G 630 21.46 -19.97 36.12
C VAL G 630 22.53 -19.52 35.14
N LEU G 631 22.40 -18.25 34.70
CA LEU G 631 23.32 -17.60 33.79
C LEU G 631 23.76 -16.26 34.37
N LEU G 632 25.05 -15.90 34.20
CA LEU G 632 25.57 -14.60 34.63
C LEU G 632 25.72 -13.70 33.40
N LEU G 633 24.71 -12.86 33.15
CA LEU G 633 24.76 -11.83 32.13
C LEU G 633 25.49 -10.59 32.61
N ALA G 634 25.95 -9.79 31.64
CA ALA G 634 26.58 -8.50 31.91
C ALA G 634 26.13 -7.48 30.89
N TYR G 635 25.91 -6.25 31.35
CA TYR G 635 25.65 -5.12 30.47
C TYR G 635 26.97 -4.46 30.10
N LYS G 636 27.23 -4.32 28.80
CA LYS G 636 28.44 -3.66 28.33
C LYS G 636 28.08 -2.25 27.89
N PRO G 637 28.32 -1.22 28.70
CA PRO G 637 27.80 0.11 28.35
C PRO G 637 28.40 0.67 27.08
N MET G 638 29.67 0.36 26.81
CA MET G 638 30.34 0.93 25.65
C MET G 638 29.68 0.48 24.36
N GLU G 639 29.20 -0.75 24.33
CA GLU G 639 28.67 -1.41 23.14
C GLU G 639 27.17 -1.35 23.09
N GLY G 640 26.51 -1.10 24.21
CA GLY G 640 25.07 -1.01 24.25
C GLY G 640 24.38 -2.34 24.06
N ASN G 641 24.92 -3.39 24.67
CA ASN G 641 24.37 -4.73 24.50
C ASN G 641 24.71 -5.55 25.73
N PHE G 642 24.13 -6.74 25.81
CA PHE G 642 24.45 -7.69 26.88
C PHE G 642 25.63 -8.56 26.45
N GLU G 643 26.23 -9.25 27.43
CA GLU G 643 27.31 -10.19 27.17
C GLU G 643 27.26 -11.33 28.17
N GLU G 644 27.23 -12.56 27.66
CA GLU G 644 27.14 -13.72 28.52
C GLU G 644 28.50 -13.92 29.17
N ILE G 645 28.60 -13.61 30.46
CA ILE G 645 29.87 -13.80 31.17
C ILE G 645 30.10 -15.27 31.48
N ALA G 646 29.05 -15.99 31.89
CA ALA G 646 29.22 -17.37 32.33
C ALA G 646 27.85 -18.02 32.48
N ARG G 647 27.83 -19.35 32.28
CA ARG G 647 26.61 -20.13 32.42
C ARG G 647 26.88 -21.40 33.22
N ASP G 648 25.89 -21.80 34.01
CA ASP G 648 25.90 -23.09 34.71
C ASP G 648 25.29 -24.15 33.79
N PHE G 649 26.10 -25.05 33.28
CA PHE G 649 25.58 -25.98 32.27
C PHE G 649 24.75 -27.12 32.85
N ASN G 650 24.96 -27.53 34.10
CA ASN G 650 24.12 -28.58 34.67
C ASN G 650 22.65 -28.17 34.64
N PRO G 651 21.74 -29.13 34.44
CA PRO G 651 20.33 -28.76 34.30
C PRO G 651 19.65 -28.86 35.66
N ASN G 652 19.24 -27.73 36.24
CA ASN G 652 18.50 -27.72 37.49
C ASN G 652 17.26 -26.88 37.30
N TRP G 653 16.11 -27.44 37.68
CA TRP G 653 14.84 -26.71 37.67
C TRP G 653 14.88 -25.70 38.81
N MET G 654 14.78 -24.41 38.48
CA MET G 654 14.99 -23.37 39.46
C MET G 654 13.67 -22.95 40.08
N SER G 655 13.73 -22.60 41.36
CA SER G 655 12.60 -22.05 42.07
C SER G 655 12.83 -20.62 42.55
N ALA G 656 14.09 -20.20 42.71
CA ALA G 656 14.45 -18.86 43.13
C ALA G 656 15.96 -18.75 43.05
N VAL G 657 16.45 -17.53 42.79
CA VAL G 657 17.88 -17.27 42.70
C VAL G 657 18.23 -16.06 43.55
N GLU G 658 19.53 -15.91 43.82
CA GLU G 658 20.02 -14.75 44.55
C GLU G 658 21.52 -14.60 44.30
N ILE G 659 21.97 -13.34 44.32
CA ILE G 659 23.38 -13.01 44.18
C ILE G 659 23.96 -12.82 45.58
N LEU G 660 25.01 -13.57 45.91
CA LEU G 660 25.67 -13.42 47.20
C LEU G 660 26.76 -12.35 47.17
N ASP G 661 27.63 -12.42 46.17
CA ASP G 661 28.69 -11.43 45.95
C ASP G 661 29.08 -11.52 44.48
N ASP G 662 30.12 -10.79 44.09
CA ASP G 662 30.48 -10.67 42.68
C ASP G 662 30.89 -11.99 42.05
N ASP G 663 31.24 -13.01 42.85
CA ASP G 663 31.66 -14.30 42.31
C ASP G 663 30.76 -15.46 42.68
N ASN G 664 29.99 -15.38 43.76
CA ASN G 664 29.16 -16.49 44.22
C ASN G 664 27.68 -16.24 43.96
N PHE G 665 26.97 -17.30 43.55
CA PHE G 665 25.55 -17.23 43.19
C PHE G 665 24.81 -18.39 43.83
N LEU G 666 23.66 -18.09 44.43
CA LEU G 666 22.88 -19.06 45.19
C LEU G 666 21.60 -19.43 44.45
N GLY G 667 21.26 -20.71 44.47
CA GLY G 667 20.07 -21.18 43.80
C GLY G 667 19.31 -22.20 44.62
N ALA G 668 18.01 -22.28 44.35
CA ALA G 668 17.11 -23.25 44.97
C ALA G 668 16.36 -23.98 43.86
N GLU G 669 16.34 -25.30 43.94
CA GLU G 669 15.71 -26.16 42.93
C GLU G 669 14.48 -26.86 43.49
N ASN G 670 13.61 -27.28 42.57
CA ASN G 670 12.37 -27.96 42.95
C ASN G 670 12.60 -29.28 43.66
N ALA G 671 13.85 -29.72 43.81
CA ALA G 671 14.16 -30.93 44.55
C ALA G 671 14.45 -30.66 46.02
N PHE G 672 14.09 -29.48 46.50
CA PHE G 672 14.35 -29.08 47.88
C PHE G 672 15.85 -29.01 48.15
N ASN G 673 16.62 -28.57 47.15
CA ASN G 673 18.07 -28.48 47.27
C ASN G 673 18.53 -27.06 46.98
N LEU G 674 19.61 -26.66 47.67
CA LEU G 674 20.28 -25.39 47.46
C LEU G 674 21.66 -25.65 46.85
N PHE G 675 22.09 -24.75 45.97
CA PHE G 675 23.42 -24.88 45.38
C PHE G 675 24.01 -23.50 45.11
N VAL G 676 25.34 -23.46 45.06
CA VAL G 676 26.08 -22.23 44.82
C VAL G 676 27.01 -22.42 43.63
N CYS G 677 26.94 -21.51 42.66
CA CYS G 677 27.78 -21.50 41.49
C CYS G 677 28.81 -20.39 41.64
N GLN G 678 30.00 -20.60 41.10
CA GLN G 678 31.09 -19.63 41.21
C GLN G 678 31.72 -19.45 39.84
N LYS G 679 32.11 -18.20 39.55
CA LYS G 679 32.89 -17.93 38.35
C LYS G 679 34.25 -18.58 38.47
N ASP G 680 34.73 -19.23 37.40
CA ASP G 680 36.03 -19.88 37.47
C ASP G 680 37.14 -18.84 37.58
N SER G 681 37.05 -17.97 38.58
CA SER G 681 38.06 -16.94 38.87
C SER G 681 38.27 -16.10 37.62
N ALA G 682 39.50 -15.82 37.22
CA ALA G 682 39.83 -15.08 36.00
C ALA G 682 40.80 -15.97 35.20
N ALA G 683 40.30 -17.07 34.66
CA ALA G 683 41.16 -18.02 33.98
C ALA G 683 41.69 -17.44 32.67
N THR G 684 42.69 -18.13 32.10
CA THR G 684 43.24 -17.77 30.81
C THR G 684 42.55 -18.48 29.65
N THR G 685 41.77 -19.50 29.93
CA THR G 685 41.07 -20.29 28.93
C THR G 685 39.63 -19.79 28.92
N ASP G 686 39.24 -19.08 27.86
CA ASP G 686 37.89 -18.54 27.82
C ASP G 686 36.84 -19.64 27.93
N GLU G 687 37.14 -20.86 27.45
CA GLU G 687 36.21 -21.96 27.59
C GLU G 687 35.89 -22.20 29.05
N GLU G 688 36.93 -22.23 29.90
CA GLU G 688 36.72 -22.37 31.34
C GLU G 688 36.03 -21.15 31.93
N ARG G 689 36.36 -19.96 31.42
CA ARG G 689 35.84 -18.74 32.03
C ARG G 689 34.32 -18.71 31.96
N GLN G 690 33.75 -19.15 30.84
CA GLN G 690 32.31 -19.12 30.69
C GLN G 690 31.58 -20.24 31.42
N HIS G 691 32.26 -20.95 32.32
CA HIS G 691 31.71 -22.09 33.04
C HIS G 691 31.59 -21.77 34.53
N LEU G 692 30.36 -21.60 34.99
CA LEU G 692 30.07 -21.52 36.42
C LEU G 692 30.10 -22.91 37.04
N GLN G 693 30.88 -23.06 38.11
CA GLN G 693 31.04 -24.36 38.74
C GLN G 693 30.24 -24.40 40.05
N GLU G 694 29.37 -25.41 40.16
CA GLU G 694 28.58 -25.61 41.37
C GLU G 694 29.52 -26.02 42.48
N VAL G 695 29.84 -25.06 43.36
CA VAL G 695 30.78 -25.30 44.44
C VAL G 695 30.10 -25.66 45.76
N GLY G 696 28.83 -25.32 45.93
CA GLY G 696 28.10 -25.68 47.14
C GLY G 696 26.86 -26.48 46.85
N LEU G 697 26.65 -27.55 47.60
CA LEU G 697 25.48 -28.40 47.43
C LEU G 697 24.91 -28.75 48.81
N PHE G 698 23.60 -28.67 48.95
CA PHE G 698 22.94 -28.87 50.24
C PHE G 698 21.48 -29.20 50.01
N HIS G 699 21.01 -30.28 50.63
CA HIS G 699 19.60 -30.64 50.61
C HIS G 699 18.92 -29.87 51.73
N LEU G 700 18.15 -28.85 51.38
CA LEU G 700 17.48 -28.04 52.39
C LEU G 700 16.28 -28.78 52.98
N GLY G 701 15.51 -29.47 52.14
CA GLY G 701 14.28 -30.09 52.55
C GLY G 701 13.05 -29.20 52.48
N GLU G 702 13.21 -27.97 52.00
CA GLU G 702 12.12 -27.02 51.86
C GLU G 702 12.19 -26.38 50.47
N PHE G 703 11.04 -25.85 50.03
CA PHE G 703 10.89 -25.25 48.72
C PHE G 703 10.99 -23.73 48.87
N VAL G 704 12.04 -23.14 48.32
CA VAL G 704 12.28 -21.70 48.46
C VAL G 704 11.60 -20.96 47.30
N ASN G 705 10.76 -20.00 47.65
CA ASN G 705 10.08 -19.15 46.67
C ASN G 705 10.76 -17.78 46.53
N VAL G 706 11.36 -17.26 47.61
CA VAL G 706 11.90 -15.90 47.63
C VAL G 706 13.21 -15.89 48.41
N PHE G 707 14.24 -15.32 47.79
CA PHE G 707 15.51 -14.98 48.42
C PHE G 707 15.56 -13.47 48.60
N CYS G 708 16.01 -13.02 49.78
CA CYS G 708 15.95 -11.60 50.09
C CYS G 708 17.11 -11.18 50.99
N HIS G 709 17.87 -10.18 50.53
CA HIS G 709 18.95 -9.62 51.35
C HIS G 709 18.37 -8.81 52.53
N GLY G 710 18.93 -9.04 53.71
CA GLY G 710 18.52 -8.33 54.90
C GLY G 710 18.66 -9.23 56.12
N SER G 711 18.46 -8.63 57.29
CA SER G 711 18.43 -9.43 58.52
C SER G 711 17.46 -8.79 59.51
N LEU G 712 16.88 -9.64 60.37
CA LEU G 712 15.97 -9.21 61.41
C LEU G 712 16.69 -8.78 62.70
N VAL G 713 17.97 -9.10 62.84
CA VAL G 713 18.76 -8.70 64.00
C VAL G 713 19.15 -7.23 63.89
N MET G 714 19.50 -6.65 65.04
CA MET G 714 19.98 -5.27 65.09
C MET G 714 21.28 -5.15 64.30
N GLN G 715 21.41 -4.07 63.53
CA GLN G 715 22.59 -3.83 62.69
C GLN G 715 23.41 -2.70 63.31
N ASN G 716 24.68 -2.97 63.62
CA ASN G 716 25.54 -1.94 64.19
C ASN G 716 26.42 -1.26 63.14
N LEU G 717 26.48 0.08 63.23
CA LEU G 717 27.32 0.85 62.33
C LEU G 717 28.79 0.62 62.58
N GLY G 718 29.15 0.25 63.81
CA GLY G 718 30.54 0.00 64.14
C GLY G 718 31.02 -1.32 63.61
N GLU G 719 32.14 -1.30 62.91
CA GLU G 719 32.66 -2.49 62.25
C GLU G 719 33.20 -3.48 63.27
N THR G 720 32.63 -4.69 63.27
CA THR G 720 33.09 -5.81 64.08
C THR G 720 33.39 -6.98 63.15
N SER G 721 34.53 -7.63 63.35
CA SER G 721 34.90 -8.74 62.48
C SER G 721 34.08 -9.96 62.90
N THR G 722 32.87 -10.05 62.33
CA THR G 722 32.00 -11.18 62.59
C THR G 722 32.45 -12.37 61.75
N PRO G 723 32.22 -13.60 62.22
CA PRO G 723 32.53 -14.76 61.37
C PRO G 723 31.71 -14.83 60.09
N THR G 724 30.42 -14.55 60.19
CA THR G 724 29.53 -14.56 59.05
C THR G 724 29.61 -13.25 58.28
N GLN G 725 29.60 -13.35 56.96
CA GLN G 725 29.57 -12.18 56.08
C GLN G 725 28.36 -12.27 55.16
N GLY G 726 27.55 -11.21 55.15
CA GLY G 726 26.35 -11.20 54.34
C GLY G 726 25.15 -11.75 55.08
N SER G 727 23.96 -11.51 54.51
CA SER G 727 22.73 -11.99 55.13
C SER G 727 21.66 -12.09 54.05
N VAL G 728 21.25 -13.32 53.74
CA VAL G 728 20.15 -13.59 52.84
C VAL G 728 19.08 -14.38 53.58
N LEU G 729 17.89 -13.82 53.65
CA LEU G 729 16.72 -14.51 54.17
C LEU G 729 15.98 -15.19 53.02
N PHE G 730 15.33 -16.31 53.32
CA PHE G 730 14.48 -16.94 52.32
C PHE G 730 13.22 -17.50 52.96
N GLY G 731 12.12 -17.43 52.22
CA GLY G 731 10.84 -17.97 52.66
C GLY G 731 10.49 -19.22 51.86
N THR G 732 9.69 -20.11 52.46
CA THR G 732 9.43 -21.42 51.88
C THR G 732 7.93 -21.73 51.88
N VAL G 733 7.60 -22.86 51.24
CA VAL G 733 6.21 -23.26 51.07
C VAL G 733 5.57 -23.70 52.38
N ASN G 734 6.34 -24.27 53.29
CA ASN G 734 5.83 -24.76 54.56
C ASN G 734 5.94 -23.72 55.67
N GLY G 735 6.23 -22.47 55.34
CA GLY G 735 6.33 -21.40 56.31
C GLY G 735 7.70 -21.21 56.92
N MET G 736 8.61 -22.16 56.72
CA MET G 736 9.98 -22.03 57.24
C MET G 736 10.66 -20.81 56.66
N ILE G 737 11.29 -20.00 57.52
CA ILE G 737 12.13 -18.89 57.10
C ILE G 737 13.57 -19.21 57.47
N GLY G 738 14.47 -19.11 56.50
CA GLY G 738 15.86 -19.45 56.69
C GLY G 738 16.80 -18.30 56.38
N LEU G 739 18.08 -18.56 56.64
CA LEU G 739 19.14 -17.56 56.51
C LEU G 739 20.38 -18.21 55.93
N VAL G 740 20.94 -17.59 54.90
CA VAL G 740 22.17 -18.04 54.27
C VAL G 740 23.22 -16.96 54.49
N THR G 741 24.44 -17.39 54.83
CA THR G 741 25.54 -16.46 55.03
C THR G 741 26.83 -17.14 54.62
N SER G 742 27.85 -16.33 54.35
CA SER G 742 29.15 -16.81 53.90
C SER G 742 30.11 -16.90 55.07
N LEU G 743 31.14 -17.73 54.91
CA LEU G 743 32.14 -17.95 55.93
C LEU G 743 33.53 -17.79 55.32
N SER G 744 34.52 -17.55 56.17
CA SER G 744 35.91 -17.64 55.76
C SER G 744 36.33 -19.11 55.74
N GLU G 745 37.40 -19.40 54.98
CA GLU G 745 37.83 -20.79 54.89
C GLU G 745 38.14 -21.37 56.26
N SER G 746 38.83 -20.61 57.11
CA SER G 746 39.14 -21.09 58.45
C SER G 746 37.85 -21.45 59.19
N TRP G 747 36.85 -20.58 59.09
CA TRP G 747 35.60 -20.78 59.82
C TRP G 747 34.86 -22.00 59.31
N TYR G 748 34.85 -22.21 57.99
CA TYR G 748 34.21 -23.40 57.43
C TYR G 748 34.85 -24.67 57.96
N ASN G 749 36.18 -24.78 57.84
CA ASN G 749 36.86 -26.01 58.24
C ASN G 749 36.63 -26.32 59.70
N LEU G 750 36.70 -25.31 60.55
CA LEU G 750 36.42 -25.51 61.97
C LEU G 750 35.02 -26.07 62.18
N LEU G 751 34.03 -25.42 61.59
CA LEU G 751 32.65 -25.84 61.80
C LEU G 751 32.37 -27.19 61.15
N LEU G 752 32.93 -27.43 59.96
CA LEU G 752 32.77 -28.73 59.33
C LEU G 752 33.35 -29.83 60.21
N ASP G 753 34.55 -29.61 60.76
CA ASP G 753 35.13 -30.57 61.68
C ASP G 753 34.23 -30.78 62.88
N MET G 754 33.56 -29.73 63.34
CA MET G 754 32.64 -29.87 64.47
C MET G 754 31.42 -30.69 64.09
N GLN G 755 30.88 -30.46 62.88
CA GLN G 755 29.71 -31.23 62.46
C GLN G 755 30.01 -32.72 62.47
N ASN G 756 31.07 -33.13 61.75
CA ASN G 756 31.43 -34.54 61.68
C ASN G 756 31.67 -35.10 63.07
N ARG G 757 32.12 -34.26 64.01
CA ARG G 757 32.23 -34.68 65.40
C ARG G 757 30.86 -34.73 66.07
N LEU G 758 30.02 -33.72 65.80
CA LEU G 758 28.70 -33.67 66.43
C LEU G 758 27.84 -34.85 65.99
N ASN G 759 27.98 -35.27 64.74
CA ASN G 759 27.15 -36.36 64.24
C ASN G 759 27.47 -37.69 64.93
N LYS G 760 28.73 -37.89 65.32
CA LYS G 760 29.08 -39.11 66.04
C LYS G 760 28.46 -39.11 67.43
N VAL G 761 28.17 -37.93 67.97
CA VAL G 761 27.67 -37.79 69.33
C VAL G 761 26.15 -37.84 69.37
N ILE G 762 25.51 -37.13 68.46
CA ILE G 762 24.07 -36.86 68.55
C ILE G 762 23.27 -38.03 67.99
N LYS G 763 22.25 -38.44 68.72
CA LYS G 763 21.34 -39.49 68.28
C LYS G 763 20.13 -38.87 67.56
N SER G 764 19.89 -39.29 66.33
CA SER G 764 18.78 -38.80 65.53
C SER G 764 17.59 -39.75 65.65
N VAL G 765 16.39 -39.18 65.57
CA VAL G 765 15.19 -40.00 65.55
C VAL G 765 15.18 -40.83 64.27
N GLY G 766 14.95 -42.13 64.42
CA GLY G 766 15.02 -43.05 63.31
C GLY G 766 16.41 -43.50 62.91
N LYS G 767 17.44 -43.08 63.64
CA LYS G 767 18.81 -43.47 63.33
C LYS G 767 19.14 -43.13 61.86
N ILE G 768 18.82 -41.90 61.47
CA ILE G 768 19.11 -41.42 60.12
C ILE G 768 20.45 -40.70 60.10
N GLU G 769 21.35 -41.13 59.24
CA GLU G 769 22.65 -40.47 59.09
C GLU G 769 22.48 -39.04 58.59
N HIS G 770 23.09 -38.09 59.30
CA HIS G 770 22.97 -36.69 58.92
C HIS G 770 23.53 -36.44 57.52
N SER G 771 24.68 -37.05 57.21
CA SER G 771 25.29 -36.85 55.89
C SER G 771 24.32 -37.24 54.78
N PHE G 772 23.52 -38.28 55.00
CA PHE G 772 22.55 -38.73 54.01
C PHE G 772 21.44 -37.72 53.83
N TRP G 773 20.88 -37.22 54.93
CA TRP G 773 19.76 -36.28 54.87
C TRP G 773 20.13 -35.02 54.09
N ARG G 774 21.28 -34.43 54.40
CA ARG G 774 21.67 -33.21 53.73
C ARG G 774 22.33 -33.45 52.38
N SER G 775 22.49 -34.70 51.96
CA SER G 775 23.00 -34.99 50.63
C SER G 775 22.04 -34.48 49.55
N PHE G 776 22.59 -33.75 48.57
CA PHE G 776 21.85 -33.34 47.39
C PHE G 776 21.18 -34.54 46.76
N HIS G 777 19.86 -34.47 46.61
CA HIS G 777 19.08 -35.63 46.17
C HIS G 777 17.98 -35.22 45.21
N THR G 778 18.06 -35.74 43.99
CA THR G 778 17.00 -35.68 43.00
C THR G 778 16.58 -37.11 42.67
N GLU G 779 15.41 -37.26 42.03
CA GLU G 779 14.98 -38.60 41.66
C GLU G 779 16.03 -39.32 40.81
N ARG G 780 16.93 -38.59 40.17
CA ARG G 780 17.94 -39.18 39.30
C ARG G 780 19.36 -39.20 39.85
N LYS G 781 19.76 -38.27 40.74
CA LYS G 781 21.13 -38.27 41.26
C LYS G 781 21.14 -37.96 42.74
N THR G 782 22.12 -38.52 43.46
CA THR G 782 22.37 -38.18 44.86
C THR G 782 23.86 -37.95 45.07
N GLU G 783 24.22 -36.78 45.58
CA GLU G 783 25.59 -36.41 45.86
C GLU G 783 25.71 -35.88 47.28
N PRO G 784 26.85 -36.09 47.94
CA PRO G 784 27.04 -35.55 49.28
C PRO G 784 27.11 -34.03 49.28
N ALA G 785 26.61 -33.44 50.36
CA ALA G 785 26.64 -31.99 50.50
C ALA G 785 28.07 -31.47 50.51
N THR G 786 28.24 -30.23 50.04
CA THR G 786 29.55 -29.61 50.03
C THR G 786 29.37 -28.10 50.05
N GLY G 787 30.27 -27.42 50.75
CA GLY G 787 30.23 -25.97 50.80
C GLY G 787 29.19 -25.38 51.71
N PHE G 788 28.49 -26.21 52.48
CA PHE G 788 27.40 -25.76 53.33
C PHE G 788 27.56 -26.32 54.74
N ILE G 789 27.37 -25.44 55.72
CA ILE G 789 27.35 -25.83 57.13
C ILE G 789 25.91 -25.85 57.60
N ASP G 790 25.46 -26.99 58.12
CA ASP G 790 24.10 -27.10 58.65
C ASP G 790 24.04 -26.32 59.96
N GLY G 791 23.67 -25.03 59.88
CA GLY G 791 23.72 -24.18 61.06
C GLY G 791 22.87 -24.69 62.21
N ASP G 792 21.78 -25.40 61.90
CA ASP G 792 20.96 -25.98 62.96
C ASP G 792 21.67 -27.12 63.68
N LEU G 793 22.62 -27.79 63.02
CA LEU G 793 23.43 -28.78 63.71
C LEU G 793 24.47 -28.10 64.60
N ILE G 794 25.12 -27.06 64.09
CA ILE G 794 26.09 -26.31 64.89
C ILE G 794 25.43 -25.71 66.12
N GLU G 795 24.25 -25.12 65.96
CA GLU G 795 23.61 -24.48 67.10
C GLU G 795 23.10 -25.48 68.15
N SER G 796 23.12 -26.78 67.86
CA SER G 796 22.73 -27.77 68.85
C SER G 796 23.85 -28.13 69.82
N PHE G 797 25.09 -27.74 69.54
CA PHE G 797 26.20 -27.94 70.47
C PHE G 797 25.89 -27.35 71.85
N LEU G 798 25.17 -26.23 71.89
CA LEU G 798 24.88 -25.59 73.16
C LEU G 798 23.91 -26.38 74.03
N ASP G 799 23.21 -27.37 73.48
CA ASP G 799 22.22 -28.14 74.21
C ASP G 799 22.71 -29.53 74.57
N ILE G 800 23.90 -29.93 74.12
CA ILE G 800 24.38 -31.28 74.41
C ILE G 800 25.05 -31.29 75.78
N SER G 801 25.07 -32.46 76.41
CA SER G 801 25.60 -32.56 77.76
C SER G 801 27.11 -32.31 77.77
N ARG G 802 27.62 -31.96 78.95
CA ARG G 802 29.05 -31.70 79.07
C ARG G 802 29.92 -32.89 78.71
N PRO G 803 29.62 -34.13 79.13
CA PRO G 803 30.46 -35.26 78.67
C PRO G 803 30.61 -35.27 77.16
N LYS G 804 29.52 -34.99 76.45
CA LYS G 804 29.55 -35.00 75.00
C LYS G 804 30.34 -33.81 74.48
N MET G 805 30.24 -32.65 75.13
CA MET G 805 31.03 -31.50 74.70
C MET G 805 32.51 -31.85 74.69
N GLN G 806 32.97 -32.60 75.69
CA GLN G 806 34.37 -33.02 75.72
C GLN G 806 34.68 -33.96 74.58
N GLU G 807 33.75 -34.86 74.23
CA GLU G 807 33.99 -35.74 73.09
C GLU G 807 34.21 -34.94 71.82
N VAL G 808 33.49 -33.82 71.65
CA VAL G 808 33.63 -33.02 70.45
C VAL G 808 34.92 -32.21 70.46
N VAL G 809 35.24 -31.56 71.59
CA VAL G 809 36.41 -30.68 71.62
C VAL G 809 37.70 -31.46 71.79
N ALA G 810 37.62 -32.75 72.06
CA ALA G 810 38.79 -33.61 72.22
C ALA G 810 39.58 -33.70 70.93
N ASN G 811 40.90 -33.54 71.02
CA ASN G 811 41.79 -33.68 69.88
C ASN G 811 41.41 -32.73 68.76
N LEU G 812 40.90 -31.56 69.13
CA LEU G 812 40.50 -30.53 68.20
C LEU G 812 41.38 -29.28 68.32
N GLN G 813 41.92 -28.84 67.18
CA GLN G 813 42.72 -27.62 67.09
C GLN G 813 41.99 -26.63 66.19
N TYR G 814 41.93 -25.37 66.62
CA TYR G 814 41.26 -24.30 65.87
C TYR G 814 42.20 -23.09 65.86
N ASP G 815 41.95 -22.16 64.93
CA ASP G 815 42.88 -21.06 64.70
C ASP G 815 43.13 -20.22 65.96
N ASP G 816 42.11 -20.01 66.80
CA ASP G 816 42.31 -19.39 68.12
C ASP G 816 43.06 -18.06 68.02
N GLY G 817 42.75 -17.28 67.00
CA GLY G 817 43.43 -16.05 66.71
C GLY G 817 44.07 -16.16 65.34
N SER G 818 44.95 -15.21 65.05
CA SER G 818 45.77 -15.27 63.84
C SER G 818 47.23 -15.49 64.22
N GLY G 819 47.79 -16.61 63.77
CA GLY G 819 49.18 -16.94 64.01
C GLY G 819 49.47 -17.84 65.19
N MET G 820 48.53 -18.03 66.11
CA MET G 820 48.74 -18.86 67.29
C MET G 820 47.62 -19.90 67.30
N LYS G 821 47.97 -21.17 67.06
CA LYS G 821 47.00 -22.23 66.92
C LYS G 821 47.05 -23.09 68.19
N ARG G 822 45.90 -23.21 68.86
CA ARG G 822 45.77 -23.87 70.16
C ARG G 822 44.56 -24.76 70.21
N GLU G 823 44.68 -25.84 70.98
CA GLU G 823 43.61 -26.81 71.12
C GLU G 823 42.33 -26.17 71.65
N ALA G 824 41.21 -26.76 71.24
CA ALA G 824 39.90 -26.21 71.53
C ALA G 824 39.40 -26.76 72.85
N THR G 825 38.71 -25.91 73.60
CA THR G 825 38.04 -26.27 74.84
C THR G 825 36.55 -26.10 74.64
N ALA G 826 35.77 -26.77 75.51
CA ALA G 826 34.33 -26.55 75.47
C ALA G 826 34.00 -25.10 75.78
N ASP G 827 34.88 -24.41 76.50
CA ASP G 827 34.67 -23.00 76.76
C ASP G 827 34.92 -22.18 75.50
N ASP G 828 35.91 -22.57 74.69
CA ASP G 828 36.17 -21.85 73.45
C ASP G 828 35.03 -22.05 72.46
N LEU G 829 34.60 -23.31 72.26
CA LEU G 829 33.59 -23.58 71.24
C LEU G 829 32.23 -23.00 71.62
N ILE G 830 31.89 -22.98 72.91
CA ILE G 830 30.64 -22.32 73.30
C ILE G 830 30.69 -20.84 72.90
N LYS G 831 31.86 -20.22 72.99
CA LYS G 831 31.98 -18.84 72.54
C LYS G 831 31.71 -18.76 71.04
N VAL G 832 32.20 -19.74 70.28
CA VAL G 832 32.02 -19.73 68.83
C VAL G 832 30.55 -19.92 68.46
N VAL G 833 29.89 -20.92 69.03
CA VAL G 833 28.51 -21.19 68.65
C VAL G 833 27.58 -20.06 69.06
N GLU G 834 27.76 -19.52 70.26
CA GLU G 834 26.87 -18.47 70.74
C GLU G 834 26.95 -17.22 69.88
N GLU G 835 28.13 -16.89 69.35
CA GLU G 835 28.22 -15.76 68.43
C GLU G 835 27.45 -16.04 67.15
N LEU G 836 27.47 -17.29 66.68
CA LEU G 836 26.75 -17.63 65.46
C LEU G 836 25.24 -17.57 65.65
N THR G 837 24.75 -17.78 66.87
CA THR G 837 23.31 -17.69 67.10
C THR G 837 22.81 -16.25 67.03
N ARG G 838 23.72 -15.28 66.91
CA ARG G 838 23.35 -13.87 66.89
C ARG G 838 23.08 -13.35 65.48
N ILE G 839 23.15 -14.20 64.46
CA ILE G 839 22.85 -13.76 63.11
C ILE G 839 21.35 -13.78 62.82
N HIS G 840 20.54 -14.26 63.75
CA HIS G 840 19.10 -14.30 63.56
C HIS G 840 18.40 -14.17 64.91
N THR H 7 28.92 -22.83 -4.55
CA THR H 7 27.90 -23.87 -4.70
C THR H 7 27.53 -24.45 -3.34
N GLU H 8 26.54 -25.35 -3.35
CA GLU H 8 26.07 -25.96 -2.11
C GLU H 8 27.13 -26.83 -1.47
N SER H 9 28.12 -27.28 -2.24
CA SER H 9 29.12 -28.22 -1.76
C SER H 9 30.39 -27.58 -1.20
N ASP H 10 30.71 -26.35 -1.59
CA ASP H 10 32.00 -25.78 -1.17
C ASP H 10 31.86 -25.38 0.30
N TRP H 11 32.36 -26.25 1.17
CA TRP H 11 32.26 -26.07 2.60
C TRP H 11 33.58 -25.49 3.07
N GLY H 12 33.57 -24.91 4.26
CA GLY H 12 34.78 -24.35 4.80
C GLY H 12 35.16 -22.98 4.27
N LYS H 13 34.43 -22.45 3.29
CA LYS H 13 34.77 -21.16 2.71
C LYS H 13 33.90 -20.03 3.22
N ARG H 14 32.59 -20.25 3.34
CA ARG H 14 31.71 -19.23 3.88
C ARG H 14 32.04 -18.94 5.33
N CYS H 15 31.91 -17.67 5.69
CA CYS H 15 32.33 -17.17 6.99
C CYS H 15 31.21 -17.29 8.00
N VAL H 16 31.58 -17.35 9.27
CA VAL H 16 30.62 -17.45 10.36
C VAL H 16 29.95 -16.10 10.62
N ASP H 17 30.39 -15.05 9.90
CA ASP H 17 29.68 -13.78 9.99
C ASP H 17 28.22 -13.89 9.60
N LYS H 18 27.88 -14.85 8.74
CA LYS H 18 26.52 -15.04 8.24
C LYS H 18 25.54 -15.49 9.33
N PHE H 19 26.03 -15.78 10.54
CA PHE H 19 25.18 -16.20 11.65
C PHE H 19 25.25 -15.20 12.80
N ASP H 20 24.10 -14.90 13.41
CA ASP H 20 24.05 -14.11 14.64
C ASP H 20 24.15 -15.04 15.84
N ILE H 21 25.25 -14.96 16.59
CA ILE H 21 25.40 -15.86 17.72
C ILE H 21 24.42 -15.45 18.81
N ILE H 22 23.64 -16.41 19.29
CA ILE H 22 22.63 -16.14 20.31
C ILE H 22 23.16 -16.37 21.71
N GLY H 23 23.97 -17.40 21.90
CA GLY H 23 24.52 -17.69 23.19
C GLY H 23 25.31 -18.98 23.14
N ILE H 24 25.52 -19.57 24.31
CA ILE H 24 26.22 -20.85 24.42
C ILE H 24 25.23 -21.87 24.93
N ILE H 25 25.07 -22.97 24.18
CA ILE H 25 24.16 -24.04 24.54
C ILE H 25 24.90 -25.20 25.21
N GLY H 26 26.22 -25.28 25.06
CA GLY H 26 27.00 -26.33 25.70
C GLY H 26 28.47 -26.11 25.43
N GLU H 27 29.28 -26.87 26.16
CA GLU H 27 30.72 -26.86 26.00
C GLU H 27 31.17 -28.19 25.39
N GLY H 28 32.11 -28.12 24.46
CA GLY H 28 32.52 -29.26 23.65
C GLY H 28 33.93 -29.74 23.88
N THR H 29 34.21 -30.99 23.53
CA THR H 29 35.55 -31.55 23.76
C THR H 29 36.64 -30.72 23.12
N TYR H 30 36.37 -30.20 21.92
CA TYR H 30 37.35 -29.45 21.16
C TYR H 30 36.94 -28.00 21.02
N GLY H 31 35.68 -27.67 21.27
CA GLY H 31 35.21 -26.30 21.17
C GLY H 31 33.79 -26.18 21.68
N GLN H 32 33.40 -24.95 21.96
CA GLN H 32 32.11 -24.68 22.56
C GLN H 32 31.02 -24.74 21.50
N VAL H 33 29.85 -25.26 21.87
CA VAL H 33 28.71 -25.31 20.95
C VAL H 33 27.88 -24.06 21.19
N TYR H 34 27.60 -23.31 20.12
CA TYR H 34 26.82 -22.09 20.23
C TYR H 34 25.49 -22.27 19.50
N LYS H 35 24.43 -21.65 20.02
CA LYS H 35 23.19 -21.49 19.28
C LYS H 35 23.31 -20.27 18.37
N ALA H 36 22.52 -20.26 17.30
CA ALA H 36 22.71 -19.19 16.33
C ALA H 36 21.50 -19.08 15.42
N LYS H 37 21.40 -17.91 14.79
CA LYS H 37 20.38 -17.61 13.79
C LYS H 37 21.08 -17.26 12.48
N ASP H 38 20.66 -17.90 11.40
CA ASP H 38 21.18 -17.56 10.08
C ASP H 38 20.64 -16.22 9.62
N LYS H 39 21.54 -15.32 9.21
CA LYS H 39 21.12 -13.98 8.83
C LYS H 39 20.28 -13.97 7.56
N ASP H 40 20.55 -14.88 6.62
CA ASP H 40 19.83 -14.84 5.35
C ASP H 40 18.48 -15.56 5.43
N THR H 41 18.44 -16.71 6.10
CA THR H 41 17.25 -17.54 6.09
C THR H 41 16.45 -17.46 7.39
N GLY H 42 17.06 -16.95 8.46
CA GLY H 42 16.44 -16.95 9.76
C GLY H 42 16.46 -18.29 10.48
N GLU H 43 16.93 -19.34 9.82
CA GLU H 43 16.96 -20.65 10.44
C GLU H 43 17.87 -20.64 11.68
N LEU H 44 17.46 -21.39 12.68
CA LEU H 44 18.25 -21.61 13.87
C LEU H 44 19.16 -22.81 13.64
N VAL H 45 20.43 -22.63 13.93
CA VAL H 45 21.48 -23.61 13.74
C VAL H 45 22.16 -23.76 15.09
N ALA H 46 23.04 -24.73 15.20
CA ALA H 46 23.87 -24.87 16.40
C ALA H 46 25.30 -25.13 15.93
N LEU H 47 26.15 -24.13 16.06
CA LEU H 47 27.51 -24.17 15.53
C LEU H 47 28.45 -24.77 16.57
N LYS H 48 29.10 -25.88 16.22
CA LYS H 48 30.17 -26.42 17.05
C LYS H 48 31.48 -25.77 16.59
N LYS H 49 32.32 -25.36 17.53
CA LYS H 49 33.59 -24.75 17.21
C LYS H 49 34.73 -25.76 17.29
N VAL H 50 35.61 -25.71 16.29
CA VAL H 50 36.84 -26.50 16.31
C VAL H 50 38.00 -25.53 16.25
N ARG H 51 38.80 -25.48 17.31
CA ARG H 51 39.90 -24.53 17.40
C ARG H 51 41.12 -25.31 16.89
N LEU H 52 41.64 -24.91 15.75
CA LEU H 52 42.82 -25.57 15.22
C LEU H 52 44.11 -24.95 15.74
N ASP H 53 43.98 -23.85 16.49
CA ASP H 53 45.15 -23.12 16.95
C ASP H 53 45.90 -23.90 18.02
N ASN H 54 45.27 -24.88 18.68
CA ASN H 54 46.05 -25.72 19.59
C ASN H 54 47.27 -26.25 18.86
N GLU H 55 47.06 -26.69 17.60
CA GLU H 55 48.13 -27.07 16.70
C GLU H 55 49.08 -28.07 17.34
N LYS H 56 48.59 -28.80 18.34
CA LYS H 56 49.28 -30.01 18.78
C LYS H 56 49.19 -31.07 17.69
N GLU H 57 47.98 -31.30 17.19
CA GLU H 57 47.71 -32.18 16.06
C GLU H 57 46.82 -31.54 15.01
N GLY H 58 46.60 -30.23 15.06
CA GLY H 58 45.79 -29.62 14.01
C GLY H 58 44.32 -29.96 14.17
N PHE H 59 43.61 -30.02 13.04
CA PHE H 59 42.20 -30.38 13.05
C PHE H 59 42.04 -31.71 13.79
N PRO H 60 41.22 -31.75 14.85
CA PRO H 60 41.14 -32.98 15.68
C PRO H 60 40.63 -34.19 14.92
N ILE H 61 41.08 -35.35 15.35
CA ILE H 61 40.58 -36.60 14.79
C ILE H 61 39.08 -36.74 15.10
N THR H 62 38.63 -36.20 16.24
CA THR H 62 37.20 -36.27 16.57
C THR H 62 36.35 -35.52 15.56
N ALA H 63 36.78 -34.31 15.16
CA ALA H 63 36.06 -33.57 14.14
C ALA H 63 36.08 -34.33 12.82
N ILE H 64 37.24 -34.89 12.48
CA ILE H 64 37.39 -35.65 11.25
C ILE H 64 36.48 -36.87 11.26
N ARG H 65 36.21 -37.44 12.44
CA ARG H 65 35.26 -38.55 12.46
C ARG H 65 33.83 -38.06 12.34
N GLU H 66 33.50 -36.90 12.91
CA GLU H 66 32.12 -36.42 12.81
C GLU H 66 31.82 -35.90 11.41
N ILE H 67 32.82 -35.40 10.69
CA ILE H 67 32.59 -34.92 9.33
C ILE H 67 32.49 -36.06 8.34
N LYS H 68 33.20 -37.16 8.60
CA LYS H 68 33.17 -38.29 7.68
C LYS H 68 31.86 -39.03 7.81
N ILE H 69 31.48 -39.32 9.05
CA ILE H 69 30.35 -40.18 9.32
C ILE H 69 29.05 -39.44 9.07
N LEU H 70 28.95 -38.20 9.54
CA LEU H 70 27.69 -37.48 9.40
C LEU H 70 27.48 -36.85 8.02
N ARG H 71 28.53 -36.60 7.25
CA ARG H 71 28.33 -36.17 5.87
C ARG H 71 28.01 -37.34 4.96
N GLN H 72 28.15 -38.57 5.46
CA GLN H 72 27.71 -39.78 4.79
C GLN H 72 26.29 -40.18 5.21
N LEU H 73 25.94 -40.02 6.48
CA LEU H 73 24.70 -40.55 7.02
C LEU H 73 23.59 -39.50 6.93
N ILE H 74 22.56 -39.82 6.17
CA ILE H 74 21.41 -38.96 5.93
C ILE H 74 20.20 -39.76 6.40
N HIS H 75 19.58 -39.33 7.51
CA HIS H 75 18.38 -39.99 8.01
C HIS H 75 17.67 -39.02 8.94
N ARG H 76 16.34 -39.14 9.00
CA ARG H 76 15.58 -38.23 9.86
C ARG H 76 15.86 -38.42 11.34
N SER H 77 16.34 -39.58 11.75
CA SER H 77 16.62 -39.88 13.14
C SER H 77 18.10 -39.71 13.46
N VAL H 78 18.89 -39.17 12.52
CA VAL H 78 20.31 -38.88 12.69
C VAL H 78 20.55 -37.40 12.39
N VAL H 79 21.37 -36.74 13.24
CA VAL H 79 21.53 -35.28 13.16
C VAL H 79 22.27 -34.87 11.89
N ASN H 80 22.04 -33.62 11.46
CA ASN H 80 22.52 -33.15 10.17
C ASN H 80 23.65 -32.12 10.33
N MET H 81 24.75 -32.31 9.58
CA MET H 81 25.78 -31.29 9.42
C MET H 81 25.51 -30.56 8.10
N LYS H 82 25.02 -29.34 8.20
CA LYS H 82 24.62 -28.56 7.02
C LYS H 82 25.82 -27.93 6.31
N GLU H 83 26.75 -27.35 7.06
CA GLU H 83 27.94 -26.76 6.44
C GLU H 83 29.02 -26.58 7.50
N ILE H 84 30.20 -26.19 7.03
CA ILE H 84 31.33 -25.82 7.87
C ILE H 84 31.73 -24.42 7.44
N VAL H 85 31.79 -23.51 8.40
CA VAL H 85 32.07 -22.11 8.16
C VAL H 85 33.29 -21.72 8.98
N THR H 86 33.93 -20.64 8.59
CA THR H 86 35.24 -20.32 9.12
C THR H 86 35.23 -18.99 9.83
N ASP H 87 36.09 -18.89 10.86
CA ASP H 87 36.39 -17.60 11.47
C ASP H 87 37.10 -16.72 10.44
N LYS H 88 37.03 -15.41 10.66
CA LYS H 88 37.53 -14.48 9.65
C LYS H 88 38.94 -14.84 9.18
N GLN H 89 39.06 -15.22 7.91
CA GLN H 89 40.36 -15.47 7.29
C GLN H 89 40.93 -14.13 6.83
N ASP H 90 41.29 -13.31 7.81
CA ASP H 90 41.80 -11.96 7.53
C ASP H 90 43.20 -11.99 6.93
N ALA H 91 44.05 -12.90 7.36
CA ALA H 91 45.44 -12.86 6.93
C ALA H 91 45.60 -13.28 5.46
N LEU H 92 46.27 -12.43 4.70
CA LEU H 92 46.61 -12.78 3.32
C LEU H 92 47.63 -13.91 3.29
N ASP H 93 48.53 -13.93 4.28
CA ASP H 93 49.49 -15.00 4.47
C ASP H 93 48.81 -16.03 5.37
N PHE H 94 48.46 -17.18 4.80
CA PHE H 94 47.72 -18.20 5.54
C PHE H 94 48.37 -18.59 6.86
N LYS H 95 49.70 -18.47 6.97
CA LYS H 95 50.38 -18.86 8.19
C LYS H 95 49.91 -18.04 9.40
N LYS H 96 49.57 -16.77 9.18
CA LYS H 96 49.14 -15.91 10.30
C LYS H 96 47.86 -16.42 10.94
N ASP H 97 47.00 -17.07 10.17
CA ASP H 97 45.69 -17.45 10.67
C ASP H 97 45.80 -18.42 11.84
N LYS H 98 45.17 -18.05 12.95
CA LYS H 98 44.99 -18.91 14.10
C LYS H 98 43.50 -19.16 14.31
N GLY H 99 42.70 -18.78 13.31
CA GLY H 99 41.26 -18.91 13.40
C GLY H 99 40.76 -20.34 13.40
N ALA H 100 39.52 -20.50 13.86
CA ALA H 100 38.87 -21.79 13.99
C ALA H 100 37.78 -21.99 12.94
N PHE H 101 37.30 -23.23 12.84
CA PHE H 101 36.19 -23.57 11.95
C PHE H 101 34.98 -23.88 12.83
N TYR H 102 33.79 -23.67 12.28
CA TYR H 102 32.54 -23.94 12.99
C TYR H 102 31.73 -24.95 12.18
N LEU H 103 31.26 -25.99 12.86
CA LEU H 103 30.48 -27.06 12.25
C LEU H 103 29.00 -26.72 12.42
N VAL H 104 28.35 -26.28 11.34
CA VAL H 104 26.95 -25.88 11.42
C VAL H 104 26.07 -27.13 11.47
N PHE H 105 25.18 -27.15 12.47
CA PHE H 105 24.23 -28.23 12.70
C PHE H 105 22.83 -27.64 12.80
N GLU H 106 21.83 -28.51 12.69
CA GLU H 106 20.45 -28.13 12.99
C GLU H 106 20.24 -27.99 14.49
N TYR H 107 19.41 -27.02 14.91
CA TYR H 107 19.15 -26.82 16.34
C TYR H 107 17.97 -27.69 16.75
N MET H 108 18.24 -28.71 17.57
CA MET H 108 17.19 -29.53 18.16
C MET H 108 16.84 -28.91 19.51
N ASP H 109 15.54 -28.75 19.77
CA ASP H 109 15.10 -27.86 20.83
C ASP H 109 15.56 -28.32 22.20
N HIS H 110 15.50 -29.62 22.49
CA HIS H 110 15.79 -30.15 23.81
C HIS H 110 16.67 -31.40 23.73
N ASP H 111 17.21 -31.78 24.89
CA ASP H 111 17.92 -33.05 25.06
C ASP H 111 17.21 -33.88 26.13
N LEU H 112 17.25 -35.19 25.96
CA LEU H 112 16.41 -36.05 26.80
C LEU H 112 16.76 -35.86 28.28
N MET H 113 18.06 -35.75 28.58
CA MET H 113 18.51 -35.62 29.97
C MET H 113 17.91 -34.40 30.65
N GLY H 114 17.90 -33.25 29.97
CA GLY H 114 17.37 -32.04 30.59
C GLY H 114 15.87 -32.15 30.80
N LEU H 115 15.17 -32.80 29.85
CA LEU H 115 13.74 -33.00 30.02
C LEU H 115 13.44 -34.01 31.12
N LEU H 116 14.29 -35.02 31.29
CA LEU H 116 14.05 -36.00 32.35
C LEU H 116 14.42 -35.42 33.71
N GLU H 117 15.46 -34.58 33.77
CA GLU H 117 15.90 -34.00 35.02
C GLU H 117 14.81 -33.12 35.64
N SER H 118 14.05 -32.39 34.82
CA SER H 118 12.94 -31.61 35.38
C SER H 118 11.88 -32.50 36.00
N GLY H 119 11.71 -33.72 35.47
CA GLY H 119 10.81 -34.70 36.01
C GLY H 119 9.33 -34.47 35.79
N LEU H 120 8.92 -33.30 35.30
CA LEU H 120 7.49 -33.08 35.10
C LEU H 120 7.05 -33.71 33.79
N VAL H 121 7.98 -33.93 32.87
CA VAL H 121 7.66 -34.53 31.59
C VAL H 121 7.23 -35.96 31.89
N HIS H 122 6.14 -36.37 31.26
CA HIS H 122 5.65 -37.72 31.41
C HIS H 122 5.63 -38.37 30.03
N PHE H 123 6.25 -39.54 29.92
CA PHE H 123 6.29 -40.24 28.65
C PHE H 123 5.29 -41.38 28.80
N SER H 124 4.25 -41.37 27.97
CA SER H 124 3.28 -42.44 27.97
C SER H 124 3.83 -43.61 27.16
N GLU H 125 3.10 -44.72 27.18
CA GLU H 125 3.55 -45.85 26.38
C GLU H 125 3.67 -45.45 24.92
N ASP H 126 2.63 -44.80 24.38
CA ASP H 126 2.68 -44.38 22.99
C ASP H 126 3.84 -43.43 22.73
N HIS H 127 4.13 -42.52 23.66
CA HIS H 127 5.27 -41.64 23.49
C HIS H 127 6.58 -42.44 23.42
N ILE H 128 6.74 -43.43 24.29
CA ILE H 128 7.94 -44.27 24.24
C ILE H 128 8.02 -45.05 22.94
N LYS H 129 6.88 -45.55 22.45
CA LYS H 129 6.89 -46.29 21.20
C LYS H 129 7.44 -45.46 20.06
N SER H 130 7.02 -44.21 19.94
CA SER H 130 7.50 -43.37 18.85
C SER H 130 8.96 -42.99 19.06
N PHE H 131 9.35 -42.75 20.31
CA PHE H 131 10.73 -42.43 20.62
C PHE H 131 11.66 -43.59 20.27
N MET H 132 11.31 -44.80 20.70
CA MET H 132 12.18 -45.94 20.45
C MET H 132 12.24 -46.27 18.97
N LYS H 133 11.10 -46.27 18.28
CA LYS H 133 11.11 -46.62 16.87
C LYS H 133 12.02 -45.68 16.08
N GLN H 134 11.95 -44.39 16.37
CA GLN H 134 12.83 -43.43 15.70
C GLN H 134 14.28 -43.70 16.04
N LEU H 135 14.58 -43.87 17.33
CA LEU H 135 15.95 -44.14 17.75
C LEU H 135 16.46 -45.41 17.09
N MET H 136 15.67 -46.47 17.14
CA MET H 136 16.06 -47.75 16.56
C MET H 136 16.18 -47.67 15.05
N GLU H 137 15.25 -46.98 14.40
CA GLU H 137 15.37 -46.80 12.96
C GLU H 137 16.65 -46.07 12.63
N GLY H 138 17.00 -45.05 13.43
CA GLY H 138 18.27 -44.37 13.23
C GLY H 138 19.46 -45.27 13.46
N LEU H 139 19.46 -46.02 14.57
CA LEU H 139 20.59 -46.89 14.86
C LEU H 139 20.76 -47.97 13.79
N GLU H 140 19.64 -48.59 13.38
CA GLU H 140 19.68 -49.57 12.30
C GLU H 140 20.33 -48.98 11.05
N TYR H 141 19.92 -47.77 10.67
CA TYR H 141 20.51 -47.11 9.52
C TYR H 141 22.03 -47.03 9.66
N CYS H 142 22.51 -46.55 10.81
CA CYS H 142 23.94 -46.40 11.02
C CYS H 142 24.63 -47.76 11.04
N HIS H 143 24.06 -48.73 11.77
CA HIS H 143 24.66 -50.05 11.82
C HIS H 143 24.67 -50.69 10.44
N LYS H 144 23.63 -50.43 9.65
CA LYS H 144 23.61 -50.94 8.28
C LYS H 144 24.77 -50.37 7.46
N LYS H 145 25.08 -49.10 7.66
CA LYS H 145 26.25 -48.48 7.02
C LYS H 145 27.55 -48.83 7.73
N ASN H 146 27.49 -49.74 8.71
CA ASN H 146 28.65 -50.29 9.39
C ASN H 146 29.37 -49.27 10.27
N PHE H 147 28.62 -48.40 10.93
CA PHE H 147 29.17 -47.42 11.85
C PHE H 147 28.65 -47.67 13.26
N LEU H 148 29.49 -47.36 14.25
CA LEU H 148 29.19 -47.62 15.65
C LEU H 148 29.21 -46.29 16.39
N HIS H 149 28.08 -45.93 17.03
CA HIS H 149 28.02 -44.67 17.74
C HIS H 149 29.03 -44.63 18.90
N ARG H 150 29.01 -45.65 19.74
CA ARG H 150 29.98 -45.88 20.80
C ARG H 150 29.88 -44.86 21.92
N ASP H 151 28.88 -43.98 21.88
CA ASP H 151 28.71 -43.01 22.96
C ASP H 151 27.22 -42.71 23.14
N ILE H 152 26.39 -43.75 23.10
CA ILE H 152 24.96 -43.53 23.26
C ILE H 152 24.66 -43.16 24.71
N LYS H 153 24.00 -42.03 24.89
CA LYS H 153 23.68 -41.52 26.22
C LYS H 153 22.49 -40.57 26.08
N CYS H 154 21.86 -40.28 27.22
CA CYS H 154 20.62 -39.52 27.20
C CYS H 154 20.79 -38.09 26.71
N SER H 155 21.97 -37.49 26.86
CA SER H 155 22.20 -36.15 26.37
C SER H 155 22.55 -36.10 24.88
N ASN H 156 22.78 -37.24 24.25
CA ASN H 156 23.09 -37.31 22.83
C ASN H 156 21.88 -37.73 22.00
N ILE H 157 20.71 -37.84 22.63
CA ILE H 157 19.46 -38.08 21.93
C ILE H 157 18.67 -36.77 21.99
N LEU H 158 18.80 -35.95 20.94
CA LEU H 158 18.13 -34.67 20.89
C LEU H 158 16.68 -34.83 20.46
N LEU H 159 15.85 -33.93 20.97
CA LEU H 159 14.39 -33.99 20.77
C LEU H 159 13.87 -32.57 20.58
N ASN H 160 13.21 -32.32 19.46
CA ASN H 160 12.44 -31.09 19.26
C ASN H 160 10.94 -31.39 19.42
N ASN H 161 10.18 -30.32 19.67
CA ASN H 161 8.86 -30.45 20.26
C ASN H 161 7.87 -31.26 19.42
N SER H 162 8.04 -31.30 18.10
CA SER H 162 7.12 -32.07 17.29
C SER H 162 7.06 -33.53 17.72
N GLY H 163 8.09 -34.03 18.40
CA GLY H 163 8.24 -35.43 18.69
C GLY H 163 9.29 -36.13 17.87
N GLN H 164 10.05 -35.39 17.06
CA GLN H 164 11.14 -35.95 16.29
C GLN H 164 12.39 -36.13 17.15
N ILE H 165 13.02 -37.28 16.98
CA ILE H 165 14.25 -37.67 17.69
C ILE H 165 15.40 -37.76 16.70
N LYS H 166 16.58 -37.28 17.11
CA LYS H 166 17.80 -37.33 16.30
C LYS H 166 18.98 -37.67 17.20
N LEU H 167 19.83 -38.58 16.73
CA LEU H 167 21.06 -38.96 17.42
C LEU H 167 22.14 -37.91 17.16
N ALA H 168 23.13 -37.84 18.07
CA ALA H 168 23.92 -36.61 18.12
C ALA H 168 25.43 -36.67 18.07
N ASP H 169 26.07 -37.19 19.10
CA ASP H 169 27.54 -37.18 19.15
C ASP H 169 28.14 -38.36 18.39
N PHE H 170 28.50 -38.15 17.13
CA PHE H 170 29.21 -39.16 16.36
C PHE H 170 30.72 -38.97 16.42
N GLY H 171 31.21 -38.22 17.41
CA GLY H 171 32.64 -37.96 17.51
C GLY H 171 33.46 -39.19 17.82
N LEU H 172 32.89 -40.14 18.56
CA LEU H 172 33.59 -41.33 18.98
C LEU H 172 33.27 -42.53 18.09
N ALA H 173 32.69 -42.31 16.92
CA ALA H 173 32.24 -43.37 16.02
C ALA H 173 33.33 -43.86 15.08
N ARG H 174 33.22 -45.14 14.68
CA ARG H 174 34.18 -45.76 13.77
C ARG H 174 33.50 -46.89 13.01
N LEU H 175 34.06 -47.24 11.86
CA LEU H 175 33.52 -48.30 11.01
C LEU H 175 33.83 -49.68 11.58
N TYR H 176 32.86 -50.59 11.45
CA TYR H 176 32.95 -51.96 11.95
C TYR H 176 33.04 -52.94 10.80
N ASN H 177 34.04 -53.82 10.82
CA ASN H 177 34.18 -54.90 9.85
C ASN H 177 34.14 -56.22 10.60
N SER H 178 33.14 -57.04 10.31
CA SER H 178 33.04 -58.36 10.93
C SER H 178 34.15 -59.30 10.44
N GLU H 179 34.43 -59.28 9.14
CA GLU H 179 35.41 -60.19 8.57
C GLU H 179 36.81 -59.90 9.09
N GLU H 180 37.16 -58.62 9.23
CA GLU H 180 38.45 -58.16 9.72
C GLU H 180 38.26 -57.49 11.09
N SER H 181 38.54 -58.24 12.14
CA SER H 181 38.44 -57.75 13.53
C SER H 181 39.70 -57.00 13.96
N ARG H 182 39.61 -55.67 14.06
CA ARG H 182 40.69 -54.82 14.56
C ARG H 182 40.49 -54.44 16.02
N PRO H 183 41.55 -54.29 16.81
CA PRO H 183 41.36 -53.95 18.23
C PRO H 183 40.95 -52.50 18.41
N TYR H 184 39.79 -52.30 19.06
CA TYR H 184 39.35 -50.95 19.39
C TYR H 184 39.60 -50.60 20.87
N ASN H 186 38.57 -50.13 24.75
CA ASN H 186 37.69 -50.75 25.73
C ASN H 186 36.74 -49.84 26.47
N LYS H 187 37.17 -48.60 26.74
CA LYS H 187 36.36 -47.62 27.45
C LYS H 187 35.82 -46.59 26.46
N VAL H 188 34.58 -46.77 26.00
CA VAL H 188 33.96 -45.88 25.02
C VAL H 188 32.70 -45.22 25.55
N ILE H 189 31.72 -46.01 26.02
CA ILE H 189 30.41 -45.49 26.42
C ILE H 189 30.47 -45.06 27.88
N THR H 190 29.65 -44.07 28.26
CA THR H 190 29.61 -43.67 29.66
C THR H 190 29.17 -44.87 30.51
N LEU H 191 29.74 -44.97 31.71
CA LEU H 191 29.60 -46.19 32.50
C LEU H 191 28.16 -46.67 32.61
N TRP H 192 27.22 -45.74 32.81
CA TRP H 192 25.84 -46.13 33.06
C TRP H 192 25.24 -46.87 31.87
N TYR H 193 25.64 -46.52 30.66
CA TYR H 193 25.11 -47.12 29.45
C TYR H 193 26.13 -48.04 28.77
N ARG H 194 27.23 -48.39 29.49
CA ARG H 194 28.27 -49.20 28.87
C ARG H 194 27.88 -50.68 29.00
N PRO H 195 28.07 -51.49 27.96
CA PRO H 195 27.65 -52.90 28.03
C PRO H 195 28.61 -53.75 28.84
N PRO H 196 28.13 -54.91 29.30
CA PRO H 196 28.98 -55.76 30.16
C PRO H 196 30.25 -56.26 29.49
N GLU H 197 30.19 -56.54 28.18
CA GLU H 197 31.39 -57.02 27.50
C GLU H 197 32.52 -56.01 27.62
N LEU H 198 32.19 -54.73 27.44
CA LEU H 198 33.20 -53.68 27.58
C LEU H 198 33.68 -53.58 29.01
N LEU H 199 32.80 -53.81 29.98
CA LEU H 199 33.25 -53.81 31.37
C LEU H 199 34.25 -54.94 31.62
N LEU H 200 34.04 -56.08 30.97
CA LEU H 200 34.90 -57.25 31.08
C LEU H 200 36.08 -57.22 30.10
N GLY H 201 36.31 -56.09 29.46
CA GLY H 201 37.53 -55.85 28.71
C GLY H 201 37.57 -56.37 27.29
N GLU H 202 36.41 -56.43 26.63
CA GLU H 202 36.38 -56.80 25.23
C GLU H 202 36.89 -55.64 24.39
N GLU H 203 37.87 -55.90 23.53
CA GLU H 203 38.47 -54.87 22.69
C GLU H 203 38.04 -54.97 21.24
N ARG H 204 37.44 -56.10 20.85
CA ARG H 204 36.85 -56.27 19.53
C ARG H 204 35.34 -56.43 19.69
N TYR H 205 34.66 -55.29 19.77
CA TYR H 205 33.23 -55.31 20.09
C TYR H 205 32.40 -55.09 18.85
N THR H 206 31.15 -55.52 18.93
CA THR H 206 30.18 -55.51 17.85
C THR H 206 29.27 -54.31 17.98
N PRO H 207 28.45 -54.06 16.96
CA PRO H 207 27.43 -53.00 17.09
C PRO H 207 26.50 -53.22 18.27
N ALA H 208 26.50 -54.42 18.84
CA ALA H 208 25.61 -54.73 19.97
C ALA H 208 25.91 -53.88 21.18
N ILE H 209 27.06 -53.20 21.21
CA ILE H 209 27.33 -52.29 22.32
C ILE H 209 26.32 -51.15 22.32
N ASP H 210 26.04 -50.59 21.14
CA ASP H 210 25.08 -49.49 21.04
C ASP H 210 23.68 -49.97 21.42
N VAL H 211 23.35 -51.22 21.08
CA VAL H 211 22.04 -51.73 21.44
C VAL H 211 21.88 -51.76 22.96
N TRP H 212 22.92 -52.21 23.68
CA TRP H 212 22.86 -52.21 25.13
C TRP H 212 22.51 -50.83 25.67
N SER H 213 23.20 -49.79 25.18
CA SER H 213 22.92 -48.44 25.65
C SER H 213 21.46 -48.08 25.44
N CYS H 214 20.96 -48.29 24.22
CA CYS H 214 19.57 -47.93 23.92
C CYS H 214 18.60 -48.70 24.79
N GLY H 215 18.95 -49.94 25.15
CA GLY H 215 18.12 -50.68 26.09
C GLY H 215 18.07 -50.02 27.45
N CYS H 216 19.22 -49.57 27.94
CA CYS H 216 19.24 -48.82 29.19
C CYS H 216 18.31 -47.62 29.12
N ILE H 217 18.27 -46.96 27.96
CA ILE H 217 17.36 -45.83 27.77
C ILE H 217 15.91 -46.30 27.76
N LEU H 218 15.63 -47.41 27.08
CA LEU H 218 14.25 -47.91 27.07
C LEU H 218 13.72 -48.04 28.49
N GLY H 219 14.50 -48.69 29.36
CA GLY H 219 14.08 -48.84 30.74
C GLY H 219 13.97 -47.51 31.46
N GLU H 220 14.93 -46.61 31.24
CA GLU H 220 14.94 -45.33 31.94
C GLU H 220 13.71 -44.51 31.59
N LEU H 221 13.14 -44.69 30.40
CA LEU H 221 11.91 -43.98 30.05
C LEU H 221 10.73 -44.46 30.88
N PHE H 222 10.75 -45.74 31.27
CA PHE H 222 9.67 -46.27 32.10
C PHE H 222 9.86 -45.92 33.58
N THR H 223 11.10 -45.75 34.04
CA THR H 223 11.35 -45.41 35.44
C THR H 223 11.65 -43.94 35.71
N LYS H 224 12.04 -43.16 34.69
CA LYS H 224 12.47 -41.78 34.85
C LYS H 224 13.80 -41.65 35.58
N LYS H 225 14.54 -42.75 35.72
CA LYS H 225 15.84 -42.82 36.40
C LYS H 225 16.73 -43.84 35.74
N PRO H 226 18.01 -43.55 35.52
CA PRO H 226 18.88 -44.56 34.92
C PRO H 226 18.87 -45.86 35.72
N ILE H 227 19.07 -46.96 35.01
CA ILE H 227 18.93 -48.28 35.61
C ILE H 227 20.15 -48.65 36.43
N PHE H 228 21.33 -48.40 35.89
CA PHE H 228 22.59 -48.85 36.46
C PHE H 228 23.46 -47.65 36.79
N GLN H 229 23.33 -47.11 37.99
CA GLN H 229 24.11 -45.95 38.39
C GLN H 229 25.18 -46.37 39.39
N ALA H 230 26.43 -46.31 38.95
CA ALA H 230 27.59 -46.60 39.76
C ALA H 230 28.71 -45.71 39.24
N ASN H 231 29.77 -45.59 40.03
CA ASN H 231 30.88 -44.73 39.68
C ASN H 231 32.12 -45.50 39.23
N LEU H 232 32.20 -46.79 39.53
CA LEU H 232 33.35 -47.60 39.17
C LEU H 232 32.91 -48.86 38.44
N GLU H 233 33.77 -49.30 37.53
CA GLU H 233 33.42 -50.32 36.56
C GLU H 233 32.99 -51.61 37.23
N LEU H 234 33.69 -52.01 38.30
CA LEU H 234 33.26 -53.21 39.01
C LEU H 234 31.92 -53.00 39.69
N ALA H 235 31.71 -51.84 40.30
CA ALA H 235 30.41 -51.55 40.90
C ALA H 235 29.32 -51.60 39.85
N GLN H 236 29.62 -51.14 38.63
CA GLN H 236 28.64 -51.20 37.56
C GLN H 236 28.31 -52.63 37.18
N LEU H 237 29.33 -53.47 36.98
CA LEU H 237 29.10 -54.87 36.65
C LEU H 237 28.27 -55.55 37.73
N GLU H 238 28.46 -55.16 39.00
CA GLU H 238 27.65 -55.72 40.07
C GLU H 238 26.19 -55.34 39.91
N LEU H 239 25.92 -54.07 39.61
CA LEU H 239 24.54 -53.64 39.42
C LEU H 239 23.89 -54.36 38.25
N ILE H 240 24.61 -54.42 37.12
CA ILE H 240 24.12 -55.16 35.97
C ILE H 240 23.85 -56.61 36.35
N SER H 241 24.76 -57.22 37.11
CA SER H 241 24.62 -58.62 37.47
C SER H 241 23.40 -58.87 38.33
N ARG H 242 23.10 -57.96 39.25
CA ARG H 242 21.95 -58.15 40.14
C ARG H 242 20.66 -58.26 39.35
N LEU H 243 20.55 -57.51 38.26
CA LEU H 243 19.34 -57.45 37.46
C LEU H 243 19.34 -58.49 36.35
N CYS H 244 20.42 -58.55 35.59
CA CYS H 244 20.49 -59.38 34.39
C CYS H 244 21.03 -60.78 34.63
N GLY H 245 21.57 -61.05 35.80
CA GLY H 245 22.27 -62.29 36.04
C GLY H 245 23.78 -62.09 35.87
N SER H 246 24.55 -62.87 36.62
CA SER H 246 26.01 -62.72 36.55
C SER H 246 26.54 -63.28 35.23
N PRO H 247 27.53 -62.62 34.62
CA PRO H 247 28.20 -63.23 33.47
C PRO H 247 28.81 -64.57 33.84
N CYS H 248 28.44 -65.62 33.10
CA CYS H 248 28.96 -66.95 33.33
C CYS H 248 28.83 -67.75 32.05
N PRO H 249 29.66 -68.78 31.87
CA PRO H 249 29.60 -69.56 30.61
C PRO H 249 28.25 -70.19 30.32
N ALA H 250 27.43 -70.45 31.34
CA ALA H 250 26.15 -71.10 31.10
C ALA H 250 25.29 -70.27 30.16
N VAL H 251 25.24 -68.96 30.36
CA VAL H 251 24.43 -68.07 29.52
C VAL H 251 25.25 -67.35 28.46
N TRP H 252 26.57 -67.28 28.61
CA TRP H 252 27.44 -66.46 27.76
C TRP H 252 28.66 -67.31 27.48
N PRO H 253 28.53 -68.31 26.59
CA PRO H 253 29.58 -69.34 26.47
C PRO H 253 30.99 -68.81 26.26
N ASP H 254 31.16 -67.70 25.55
CA ASP H 254 32.48 -67.19 25.23
C ASP H 254 32.98 -66.17 26.25
N VAL H 255 32.28 -65.98 27.36
CA VAL H 255 32.73 -64.99 28.34
C VAL H 255 34.10 -65.36 28.87
N ILE H 256 34.43 -66.66 28.91
CA ILE H 256 35.69 -67.13 29.45
C ILE H 256 36.87 -66.61 28.67
N ARG H 257 36.67 -66.21 27.41
CA ARG H 257 37.74 -65.63 26.63
C ARG H 257 38.08 -64.21 27.05
N LEU H 258 37.23 -63.56 27.80
CA LEU H 258 37.41 -62.14 28.05
C LEU H 258 38.51 -61.90 29.08
N PRO H 259 39.28 -60.82 28.90
CA PRO H 259 40.41 -60.59 29.80
C PRO H 259 40.07 -60.63 31.28
N TYR H 260 39.01 -59.92 31.69
CA TYR H 260 38.74 -59.69 33.09
C TYR H 260 37.67 -60.64 33.64
N PHE H 261 37.38 -61.73 32.93
CA PHE H 261 36.30 -62.60 33.39
C PHE H 261 36.61 -63.17 34.76
N ASN H 262 37.85 -63.66 34.95
CA ASN H 262 38.24 -64.11 36.29
C ASN H 262 38.42 -62.92 37.22
N THR H 263 38.99 -61.83 36.71
CA THR H 263 39.33 -60.67 37.53
C THR H 263 38.11 -59.98 38.11
N MET H 264 37.16 -59.60 37.26
CA MET H 264 35.99 -58.83 37.72
C MET H 264 34.85 -59.81 37.96
N LYS H 265 34.81 -60.33 39.18
CA LYS H 265 33.71 -61.24 39.49
C LYS H 265 32.68 -60.53 40.35
N PRO H 266 31.39 -60.73 40.09
CA PRO H 266 30.36 -60.14 40.96
C PRO H 266 30.34 -60.79 42.34
N LYS H 267 29.72 -60.07 43.29
CA LYS H 267 29.66 -60.52 44.67
C LYS H 267 29.15 -61.96 44.75
N LYS H 268 28.17 -62.29 43.93
CA LYS H 268 27.61 -63.63 43.82
C LYS H 268 27.45 -64.02 42.37
N GLN H 269 27.00 -65.26 42.17
CA GLN H 269 26.49 -65.72 40.88
C GLN H 269 24.97 -65.50 40.86
N TYR H 270 24.59 -64.27 40.53
CA TYR H 270 23.19 -63.87 40.59
C TYR H 270 22.35 -64.49 39.46
N ARG H 271 21.06 -64.70 39.76
CA ARG H 271 20.07 -65.10 38.78
C ARG H 271 19.51 -63.86 38.08
N ARG H 272 18.92 -64.08 36.90
CA ARG H 272 18.28 -62.98 36.18
C ARG H 272 16.95 -62.64 36.83
N ARG H 273 16.74 -61.35 37.09
CA ARG H 273 15.56 -60.85 37.77
C ARG H 273 14.86 -59.77 36.93
N LEU H 274 15.30 -59.58 35.68
CA LEU H 274 14.86 -58.42 34.91
C LEU H 274 13.34 -58.37 34.78
N ARG H 275 12.72 -59.47 34.36
CA ARG H 275 11.27 -59.43 34.20
C ARG H 275 10.60 -59.18 35.53
N GLU H 276 11.17 -59.71 36.62
CA GLU H 276 10.59 -59.48 37.93
C GLU H 276 10.70 -58.02 38.34
N GLU H 277 11.91 -57.47 38.29
CA GLU H 277 12.11 -56.10 38.76
C GLU H 277 11.45 -55.07 37.85
N PHE H 278 11.26 -55.38 36.56
CA PHE H 278 10.50 -54.54 35.65
C PHE H 278 9.11 -55.10 35.38
N SER H 279 8.52 -55.80 36.35
CA SER H 279 7.21 -56.41 36.10
C SER H 279 6.14 -55.37 35.76
N PHE H 280 6.33 -54.12 36.20
CA PHE H 280 5.35 -53.07 35.94
C PHE H 280 5.32 -52.63 34.48
N ILE H 281 6.32 -52.98 33.67
CA ILE H 281 6.39 -52.58 32.26
C ILE H 281 5.45 -53.41 31.38
N PRO H 282 4.82 -52.79 30.37
CA PRO H 282 3.95 -53.55 29.46
C PRO H 282 4.65 -54.76 28.85
N SER H 283 3.86 -55.78 28.53
CA SER H 283 4.42 -57.06 28.11
C SER H 283 5.27 -56.92 26.85
N ALA H 284 4.74 -56.23 25.83
CA ALA H 284 5.50 -56.07 24.60
C ALA H 284 6.82 -55.38 24.85
N ALA H 285 6.83 -54.39 25.75
CA ALA H 285 8.05 -53.64 26.03
C ALA H 285 9.01 -54.42 26.89
N LEU H 286 8.50 -55.10 27.93
CA LEU H 286 9.36 -55.89 28.79
C LEU H 286 10.13 -56.91 27.98
N ASP H 287 9.46 -57.54 27.01
CA ASP H 287 10.12 -58.48 26.12
C ASP H 287 11.24 -57.79 25.34
N LEU H 288 11.00 -56.57 24.88
CA LEU H 288 12.04 -55.83 24.19
C LEU H 288 13.23 -55.59 25.12
N LEU H 289 12.95 -55.17 26.35
CA LEU H 289 14.02 -54.89 27.30
C LEU H 289 14.82 -56.16 27.59
N ASP H 290 14.14 -57.29 27.80
CA ASP H 290 14.85 -58.51 28.15
C ASP H 290 15.91 -58.83 27.12
N HIS H 291 15.60 -58.60 25.85
CA HIS H 291 16.50 -58.92 24.75
C HIS H 291 17.58 -57.87 24.58
N MET H 292 17.24 -56.58 24.76
CA MET H 292 18.25 -55.54 24.58
C MET H 292 19.30 -55.61 25.69
N LEU H 293 18.87 -55.92 26.91
CA LEU H 293 19.76 -56.05 28.06
C LEU H 293 20.09 -57.53 28.31
N THR H 294 20.56 -58.18 27.25
CA THR H 294 21.07 -59.55 27.28
C THR H 294 22.59 -59.53 27.32
N LEU H 295 23.16 -60.31 28.26
CA LEU H 295 24.59 -60.17 28.54
C LEU H 295 25.46 -60.55 27.35
N ASP H 296 25.17 -61.68 26.71
CA ASP H 296 26.04 -62.14 25.63
C ASP H 296 25.75 -61.32 24.37
N PRO H 297 26.70 -60.52 23.89
CA PRO H 297 26.40 -59.67 22.72
C PRO H 297 26.00 -60.46 21.48
N SER H 298 26.45 -61.71 21.34
CA SER H 298 26.05 -62.53 20.21
C SER H 298 24.61 -63.01 20.35
N LYS H 299 24.06 -62.99 21.57
CA LYS H 299 22.66 -63.32 21.79
C LYS H 299 21.77 -62.08 21.92
N ARG H 300 22.37 -60.89 22.06
CA ARG H 300 21.61 -59.65 22.15
C ARG H 300 21.00 -59.29 20.80
N CYS H 301 19.73 -58.88 20.83
CA CYS H 301 19.03 -58.57 19.60
C CYS H 301 19.69 -57.39 18.87
N THR H 302 19.41 -57.32 17.57
CA THR H 302 19.93 -56.25 16.73
C THR H 302 18.93 -55.10 16.64
N ALA H 303 19.35 -54.01 16.01
CA ALA H 303 18.43 -52.90 15.78
C ALA H 303 17.29 -53.33 14.87
N GLU H 304 17.60 -54.05 13.79
CA GLU H 304 16.53 -54.51 12.91
C GLU H 304 15.50 -55.32 13.68
N GLN H 305 15.97 -56.20 14.56
CA GLN H 305 15.05 -57.08 15.27
C GLN H 305 14.13 -56.30 16.18
N THR H 306 14.63 -55.24 16.83
CA THR H 306 13.77 -54.44 17.70
C THR H 306 12.66 -53.77 16.89
N LEU H 307 12.98 -53.35 15.66
CA LEU H 307 11.96 -52.77 14.80
C LEU H 307 10.97 -53.83 14.35
N GLN H 308 11.38 -55.10 14.40
CA GLN H 308 10.49 -56.22 14.16
C GLN H 308 10.00 -56.84 15.47
N SER H 309 9.62 -56.00 16.43
CA SER H 309 9.17 -56.44 17.75
C SER H 309 7.71 -56.07 17.92
N ASP H 310 6.98 -56.88 18.68
CA ASP H 310 5.59 -56.53 18.96
C ASP H 310 5.44 -55.11 19.47
N PHE H 311 6.45 -54.59 20.19
CA PHE H 311 6.37 -53.24 20.74
C PHE H 311 6.43 -52.18 19.63
N LEU H 312 7.35 -52.35 18.68
CA LEU H 312 7.63 -51.33 17.68
C LEU H 312 7.19 -51.71 16.28
N LYS H 313 6.86 -52.98 16.03
CA LYS H 313 6.61 -53.45 14.68
C LYS H 313 5.52 -52.65 13.99
N ASP H 314 4.40 -52.45 14.67
CA ASP H 314 3.23 -51.81 14.07
C ASP H 314 3.11 -50.33 14.39
N VAL H 315 4.09 -49.74 15.08
CA VAL H 315 4.05 -48.31 15.34
C VAL H 315 4.21 -47.52 14.04
N GLU H 316 3.33 -46.55 13.83
CA GLU H 316 3.38 -45.69 12.65
C GLU H 316 3.86 -44.31 13.06
N LEU H 317 4.96 -43.85 12.45
CA LEU H 317 5.56 -42.56 12.75
C LEU H 317 4.71 -41.38 12.33
N SER H 318 3.62 -41.61 11.58
CA SER H 318 2.76 -40.50 11.15
C SER H 318 2.03 -39.85 12.32
N LYS H 319 1.62 -40.62 13.33
CA LYS H 319 0.95 -40.02 14.48
C LYS H 319 1.87 -39.06 15.23
N MET H 320 3.04 -39.52 15.61
CA MET H 320 4.06 -38.72 16.31
C MET H 320 3.44 -37.75 17.32
N ALA H 321 2.76 -38.33 18.30
CA ALA H 321 2.12 -37.56 19.36
C ALA H 321 3.14 -36.75 20.16
N PRO H 322 3.01 -35.44 20.25
CA PRO H 322 4.03 -34.64 20.97
C PRO H 322 4.07 -35.06 22.44
N PRO H 323 5.25 -35.09 23.07
CA PRO H 323 5.32 -35.51 24.47
C PRO H 323 4.73 -34.48 25.42
N ASP H 324 4.63 -34.88 26.69
CA ASP H 324 3.93 -34.07 27.68
C ASP H 324 4.93 -33.02 28.16
N LEU H 325 5.05 -31.93 27.39
CA LEU H 325 5.94 -30.87 27.81
C LEU H 325 5.21 -30.02 28.85
N PRO H 326 5.90 -29.53 29.89
CA PRO H 326 5.19 -28.84 30.98
C PRO H 326 4.41 -27.63 30.49
N HIS H 327 3.15 -27.56 30.89
CA HIS H 327 2.28 -26.41 30.67
C HIS H 327 2.76 -25.22 31.50
N TRP H 328 2.44 -24.02 31.04
CA TRP H 328 2.95 -22.83 31.72
C TRP H 328 2.38 -22.76 33.13
N GLN H 329 1.16 -23.26 33.34
CA GLN H 329 0.57 -23.27 34.68
C GLN H 329 1.43 -24.06 35.65
N ASP H 330 2.15 -25.07 35.18
CA ASP H 330 2.95 -25.88 36.07
C ASP H 330 4.28 -25.23 36.41
N CYS H 331 4.65 -24.17 35.71
CA CYS H 331 5.87 -23.44 35.97
C CYS H 331 5.77 -22.69 37.28
N THR I 24 24.54 -31.33 -2.82
CA THR I 24 24.80 -32.10 -1.62
C THR I 24 26.30 -32.30 -1.39
N LYS I 25 26.94 -33.12 -2.23
CA LYS I 25 28.38 -33.40 -2.17
C LYS I 25 29.00 -33.07 -3.52
N PRO I 26 30.25 -32.62 -3.52
CA PRO I 26 30.84 -32.05 -4.74
C PRO I 26 31.31 -33.07 -5.77
N CYS I 27 31.48 -32.56 -6.99
CA CYS I 27 31.97 -33.34 -8.12
C CYS I 27 33.48 -33.21 -8.24
N TRP I 28 34.18 -34.35 -8.18
CA TRP I 28 35.64 -34.37 -8.19
C TRP I 28 36.25 -34.94 -9.48
N TYR I 29 35.55 -34.84 -10.60
CA TYR I 29 36.08 -35.39 -11.84
C TYR I 29 36.03 -34.37 -12.97
N TRP I 30 37.13 -34.31 -13.73
CA TRP I 30 37.33 -33.38 -14.83
C TRP I 30 37.57 -34.18 -16.10
N ASP I 31 37.49 -33.51 -17.25
CA ASP I 31 37.89 -34.13 -18.50
C ASP I 31 39.36 -33.86 -18.75
N LYS I 32 40.01 -34.81 -19.44
CA LYS I 32 41.41 -34.66 -19.80
C LYS I 32 41.69 -33.28 -20.37
N LYS I 33 40.79 -32.81 -21.25
CA LYS I 33 40.98 -31.51 -21.87
C LYS I 33 41.11 -30.40 -20.84
N ASP I 34 40.49 -30.58 -19.67
CA ASP I 34 40.48 -29.55 -18.65
C ASP I 34 41.84 -29.36 -17.99
N LEU I 35 42.71 -30.37 -18.01
CA LEU I 35 44.01 -30.25 -17.37
C LEU I 35 44.93 -29.27 -18.07
N ALA I 36 44.55 -28.80 -19.26
CA ALA I 36 45.28 -27.73 -19.92
C ALA I 36 45.06 -26.38 -19.25
N HIS I 37 44.18 -26.32 -18.24
CA HIS I 37 43.77 -25.08 -17.63
C HIS I 37 43.85 -25.13 -16.11
N THR I 38 44.77 -25.91 -15.56
CA THR I 38 44.98 -25.88 -14.12
C THR I 38 45.67 -24.58 -13.74
N PRO I 39 45.54 -24.14 -12.48
CA PRO I 39 46.30 -22.97 -12.03
C PRO I 39 47.77 -23.03 -12.43
N SER I 40 48.39 -24.21 -12.34
CA SER I 40 49.79 -24.35 -12.69
C SER I 40 50.04 -24.03 -14.16
N GLN I 41 49.20 -24.57 -15.05
CA GLN I 41 49.36 -24.28 -16.47
C GLN I 41 49.24 -22.79 -16.73
N LEU I 42 48.27 -22.14 -16.11
CA LEU I 42 47.99 -20.74 -16.35
C LEU I 42 49.01 -19.81 -15.73
N GLU I 43 49.83 -20.30 -14.80
CA GLU I 43 50.96 -19.55 -14.29
C GLU I 43 52.26 -19.84 -15.05
N GLY I 44 52.18 -20.45 -16.23
CA GLY I 44 53.35 -20.61 -17.08
C GLY I 44 54.06 -21.93 -16.95
N LEU I 45 53.58 -22.83 -16.09
CA LEU I 45 54.12 -24.17 -16.02
C LEU I 45 53.67 -24.97 -17.24
N ASP I 46 54.60 -25.67 -17.88
CA ASP I 46 54.24 -26.41 -19.08
C ASP I 46 53.73 -27.81 -18.73
N PRO I 47 53.01 -28.46 -19.65
CA PRO I 47 52.35 -29.74 -19.29
C PRO I 47 53.31 -30.80 -18.78
N ALA I 48 54.48 -30.94 -19.40
CA ALA I 48 55.41 -31.96 -18.93
C ALA I 48 55.83 -31.69 -17.50
N THR I 49 56.09 -30.43 -17.16
CA THR I 49 56.55 -30.10 -15.82
C THR I 49 55.50 -30.41 -14.77
N GLU I 50 54.25 -30.00 -15.01
CA GLU I 50 53.23 -30.26 -14.00
C GLU I 50 53.10 -31.75 -13.75
N ALA I 51 53.26 -32.58 -14.79
CA ALA I 51 53.17 -34.02 -14.59
C ALA I 51 54.43 -34.61 -13.96
N ARG I 52 55.61 -34.07 -14.23
CA ARG I 52 56.78 -34.51 -13.47
C ARG I 52 56.55 -34.24 -11.99
N TYR I 53 56.02 -33.07 -11.67
CA TYR I 53 55.73 -32.71 -10.30
C TYR I 53 54.72 -33.65 -9.66
N ARG I 54 53.73 -34.12 -10.44
CA ARG I 54 52.73 -35.00 -9.86
C ARG I 54 53.33 -36.37 -9.57
N ARG I 55 54.14 -36.89 -10.49
CA ARG I 55 54.83 -38.15 -10.25
C ARG I 55 55.74 -38.03 -9.04
N GLU I 56 56.51 -36.94 -8.97
CA GLU I 56 57.45 -36.77 -7.86
C GLU I 56 56.71 -36.64 -6.55
N GLY I 57 55.72 -35.75 -6.49
CA GLY I 57 54.99 -35.54 -5.27
C GLY I 57 54.23 -36.78 -4.83
N ALA I 58 53.61 -37.47 -5.78
CA ALA I 58 52.86 -38.67 -5.44
C ALA I 58 53.78 -39.75 -4.87
N ARG I 59 54.95 -39.95 -5.49
CA ARG I 59 55.88 -40.94 -4.95
C ARG I 59 56.40 -40.52 -3.57
N PHE I 60 56.72 -39.23 -3.41
CA PHE I 60 57.10 -38.71 -2.10
C PHE I 60 56.07 -39.16 -1.06
N ILE I 61 54.79 -38.94 -1.34
CA ILE I 61 53.74 -39.40 -0.42
C ILE I 61 53.81 -40.92 -0.25
N PHE I 62 53.94 -41.65 -1.36
CA PHE I 62 54.02 -43.10 -1.30
C PHE I 62 55.24 -43.55 -0.51
N ASP I 63 56.40 -42.94 -0.77
CA ASP I 63 57.64 -43.39 -0.14
C ASP I 63 57.67 -43.03 1.34
N VAL I 64 57.25 -41.82 1.69
CA VAL I 64 57.22 -41.41 3.08
C VAL I 64 56.32 -42.32 3.90
N GLY I 65 55.09 -42.53 3.41
CA GLY I 65 54.15 -43.35 4.15
C GLY I 65 54.54 -44.80 4.23
N THR I 66 55.15 -45.35 3.17
CA THR I 66 55.59 -46.73 3.22
C THR I 66 56.63 -46.94 4.32
N ARG I 67 57.57 -46.00 4.45
CA ARG I 67 58.55 -46.11 5.54
C ARG I 67 57.87 -46.05 6.91
N LEU I 68 56.74 -45.34 7.01
CA LEU I 68 56.02 -45.25 8.28
C LEU I 68 55.14 -46.47 8.53
N GLY I 69 55.05 -47.39 7.58
CA GLY I 69 54.26 -48.58 7.77
C GLY I 69 52.78 -48.38 7.56
N LEU I 70 52.40 -47.42 6.71
CA LEU I 70 51.01 -47.05 6.58
C LEU I 70 50.26 -47.96 5.61
N HIS I 71 48.99 -48.19 5.92
CA HIS I 71 48.08 -48.95 5.07
C HIS I 71 48.00 -48.32 3.68
N TYR I 72 47.69 -49.15 2.68
CA TYR I 72 47.69 -48.67 1.30
C TYR I 72 46.60 -47.64 1.06
N ASP I 73 45.44 -47.79 1.71
CA ASP I 73 44.38 -46.80 1.53
C ASP I 73 44.84 -45.42 1.99
N THR I 74 45.60 -45.38 3.09
CA THR I 74 46.05 -44.11 3.62
C THR I 74 46.93 -43.38 2.61
N LEU I 75 47.84 -44.12 1.96
CA LEU I 75 48.68 -43.50 0.94
C LEU I 75 47.84 -42.94 -0.19
N ALA I 76 46.89 -43.73 -0.68
CA ALA I 76 46.06 -43.28 -1.79
C ALA I 76 45.23 -42.07 -1.40
N THR I 77 44.65 -42.08 -0.20
CA THR I 77 43.85 -40.94 0.23
C THR I 77 44.67 -39.67 0.20
N GLY I 78 45.88 -39.71 0.75
CA GLY I 78 46.75 -38.54 0.68
C GLY I 78 47.03 -38.13 -0.74
N ILE I 79 47.30 -39.09 -1.62
CA ILE I 79 47.67 -38.76 -3.00
C ILE I 79 46.50 -38.12 -3.74
N ILE I 80 45.26 -38.59 -3.49
CA ILE I 80 44.14 -37.96 -4.15
C ILE I 80 43.91 -36.56 -3.60
N TYR I 81 44.03 -36.39 -2.27
CA TYR I 81 44.04 -35.04 -1.72
C TYR I 81 45.06 -34.17 -2.47
N PHE I 82 46.28 -34.70 -2.62
CA PHE I 82 47.34 -33.98 -3.32
C PHE I 82 46.92 -33.60 -4.74
N HIS I 83 46.48 -34.58 -5.53
CA HIS I 83 46.13 -34.29 -6.92
C HIS I 83 45.03 -33.24 -6.99
N ARG I 84 43.98 -33.42 -6.18
CA ARG I 84 42.89 -32.47 -6.18
C ARG I 84 43.38 -31.08 -5.80
N PHE I 85 44.25 -31.01 -4.79
CA PHE I 85 44.77 -29.72 -4.37
C PHE I 85 45.27 -28.91 -5.55
N TYR I 86 46.07 -29.52 -6.43
CA TYR I 86 46.67 -28.79 -7.55
C TYR I 86 45.73 -28.64 -8.72
N MET I 87 44.46 -28.96 -8.54
CA MET I 87 43.42 -28.50 -9.44
C MET I 87 42.85 -27.16 -8.99
N PHE I 88 43.18 -26.75 -7.75
CA PHE I 88 42.72 -25.49 -7.19
C PHE I 88 43.85 -24.52 -6.90
N HIS I 89 45.10 -24.93 -7.05
CA HIS I 89 46.22 -24.09 -6.68
C HIS I 89 47.33 -24.37 -7.67
N SER I 90 48.35 -23.52 -7.65
CA SER I 90 49.48 -23.67 -8.54
C SER I 90 50.63 -24.35 -7.80
N PHE I 91 51.48 -25.02 -8.57
CA PHE I 91 52.68 -25.62 -8.00
C PHE I 91 53.69 -24.54 -7.66
N LYS I 92 53.62 -23.41 -8.37
CA LYS I 92 54.56 -22.32 -8.12
C LYS I 92 54.27 -21.62 -6.80
N GLN I 93 53.03 -21.58 -6.35
CA GLN I 93 52.73 -20.92 -5.09
C GLN I 93 52.80 -21.86 -3.90
N PHE I 94 52.59 -23.15 -4.11
CA PHE I 94 52.65 -24.13 -3.03
C PHE I 94 53.69 -25.20 -3.34
N PRO I 95 54.78 -25.30 -2.58
CA PRO I 95 55.76 -26.36 -2.85
C PRO I 95 55.09 -27.72 -2.76
N ARG I 96 55.50 -28.61 -3.68
CA ARG I 96 54.76 -29.87 -3.82
C ARG I 96 55.06 -30.82 -2.68
N TYR I 97 56.26 -30.73 -2.10
CA TYR I 97 56.67 -31.67 -1.06
C TYR I 97 56.14 -31.29 0.31
N VAL I 98 55.96 -30.00 0.56
CA VAL I 98 55.22 -29.57 1.74
C VAL I 98 53.76 -30.01 1.62
N THR I 99 53.13 -29.70 0.49
CA THR I 99 51.75 -30.11 0.27
C THR I 99 51.59 -31.62 0.45
N GLY I 100 52.48 -32.40 -0.16
CA GLY I 100 52.43 -33.83 0.03
C GLY I 100 52.44 -34.23 1.49
N ALA I 101 53.42 -33.70 2.26
CA ALA I 101 53.49 -34.04 3.68
C ALA I 101 52.21 -33.69 4.40
N CYS I 102 51.61 -32.54 4.08
CA CYS I 102 50.36 -32.15 4.72
C CYS I 102 49.24 -33.12 4.37
N CYS I 103 49.14 -33.52 3.10
CA CYS I 103 48.09 -34.45 2.69
C CYS I 103 48.19 -35.76 3.47
N LEU I 104 49.40 -36.34 3.54
CA LEU I 104 49.54 -37.60 4.27
C LEU I 104 49.18 -37.40 5.73
N PHE I 105 49.60 -36.28 6.32
CA PHE I 105 49.26 -36.03 7.72
C PHE I 105 47.74 -36.05 7.91
N LEU I 106 47.00 -35.34 7.06
CA LEU I 106 45.55 -35.33 7.18
C LEU I 106 44.97 -36.71 6.86
N ALA I 107 45.47 -37.35 5.81
CA ALA I 107 44.98 -38.66 5.44
C ALA I 107 45.06 -39.62 6.60
N GLY I 108 46.16 -39.59 7.35
CA GLY I 108 46.31 -40.50 8.48
C GLY I 108 45.20 -40.36 9.50
N LYS I 109 44.82 -39.12 9.82
CA LYS I 109 43.73 -38.93 10.76
C LYS I 109 42.41 -39.34 10.14
N VAL I 110 42.24 -39.09 8.85
CA VAL I 110 41.00 -39.45 8.17
C VAL I 110 40.81 -40.96 8.17
N GLU I 111 41.85 -41.70 7.80
CA GLU I 111 41.76 -43.15 7.64
C GLU I 111 42.04 -43.92 8.93
N GLU I 112 42.16 -43.22 10.06
CA GLU I 112 42.39 -43.86 11.36
C GLU I 112 43.72 -44.60 11.41
N THR I 113 44.74 -44.05 10.73
CA THR I 113 46.12 -44.51 10.86
C THR I 113 47.02 -43.32 11.18
N PRO I 114 46.73 -42.60 12.26
CA PRO I 114 47.38 -41.29 12.45
C PRO I 114 48.87 -41.40 12.75
N LYS I 115 49.61 -40.39 12.27
CA LYS I 115 51.04 -40.25 12.55
C LYS I 115 51.29 -38.80 12.97
N LYS I 116 52.34 -38.61 13.76
CA LYS I 116 52.68 -37.29 14.26
C LYS I 116 53.34 -36.48 13.16
N CYS I 117 52.98 -35.18 13.09
CA CYS I 117 53.59 -34.33 12.08
C CYS I 117 55.10 -34.38 12.20
N LYS I 118 55.59 -34.54 13.44
CA LYS I 118 57.02 -34.65 13.70
C LYS I 118 57.63 -35.85 12.98
N ASP I 119 56.91 -36.97 12.94
CA ASP I 119 57.45 -38.17 12.31
C ASP I 119 57.47 -38.05 10.79
N ILE I 120 56.45 -37.42 10.22
CA ILE I 120 56.40 -37.26 8.77
C ILE I 120 57.54 -36.37 8.32
N ILE I 121 57.84 -35.31 9.07
CA ILE I 121 58.96 -34.44 8.70
C ILE I 121 60.27 -35.24 8.76
N LYS I 122 60.48 -35.97 9.85
CA LYS I 122 61.70 -36.77 9.98
C LYS I 122 61.88 -37.72 8.81
N THR I 123 60.82 -38.45 8.44
CA THR I 123 60.91 -39.38 7.32
C THR I 123 61.19 -38.65 6.01
N ALA I 124 60.52 -37.51 5.81
CA ALA I 124 60.74 -36.73 4.59
C ALA I 124 62.20 -36.31 4.48
N ARG I 125 62.84 -36.00 5.60
CA ARG I 125 64.23 -35.58 5.56
C ARG I 125 65.12 -36.73 5.07
N SER I 126 64.82 -37.96 5.50
CA SER I 126 65.58 -39.10 5.04
C SER I 126 65.53 -39.22 3.51
N LEU I 127 64.35 -38.98 2.94
CA LEU I 127 64.12 -39.25 1.53
C LEU I 127 64.44 -38.06 0.64
N LEU I 128 64.35 -36.84 1.15
CA LEU I 128 64.63 -35.67 0.34
C LEU I 128 66.07 -35.22 0.54
N ASN I 129 66.69 -34.75 -0.53
CA ASN I 129 68.04 -34.18 -0.46
C ASN I 129 67.95 -32.77 0.12
N ASP I 130 69.08 -32.06 0.13
CA ASP I 130 69.11 -30.76 0.79
C ASP I 130 68.36 -29.71 -0.02
N VAL I 131 68.51 -29.74 -1.35
CA VAL I 131 67.78 -28.80 -2.19
C VAL I 131 66.27 -29.02 -2.03
N GLN I 132 65.83 -30.27 -2.14
CA GLN I 132 64.42 -30.58 -2.03
C GLN I 132 63.86 -30.19 -0.67
N PHE I 133 64.57 -30.57 0.40
CA PHE I 133 64.10 -30.24 1.74
C PHE I 133 64.09 -28.75 2.01
N GLY I 134 64.66 -27.94 1.11
CA GLY I 134 64.58 -26.50 1.27
C GLY I 134 63.17 -25.95 1.23
N GLN I 135 62.25 -26.69 0.61
CA GLN I 135 60.86 -26.24 0.56
C GLN I 135 60.27 -26.09 1.95
N PHE I 136 60.64 -26.98 2.88
CA PHE I 136 60.04 -26.93 4.21
C PHE I 136 60.49 -25.72 5.02
N GLY I 137 61.56 -25.05 4.62
CA GLY I 137 61.91 -23.80 5.26
C GLY I 137 62.46 -23.95 6.67
N ASP I 138 62.40 -22.84 7.41
CA ASP I 138 63.05 -22.80 8.70
C ASP I 138 62.33 -23.66 9.73
N ASP I 139 61.00 -23.70 9.69
CA ASP I 139 60.21 -24.47 10.63
C ASP I 139 59.32 -25.42 9.85
N PRO I 140 59.79 -26.63 9.56
CA PRO I 140 58.98 -27.54 8.72
C PRO I 140 57.62 -27.87 9.33
N LYS I 141 57.60 -28.25 10.61
CA LYS I 141 56.36 -28.73 11.22
C LYS I 141 55.25 -27.69 11.10
N GLU I 142 55.55 -26.43 11.40
CA GLU I 142 54.51 -25.40 11.35
C GLU I 142 53.99 -25.22 9.93
N GLU I 143 54.89 -25.14 8.94
CA GLU I 143 54.47 -24.93 7.55
C GLU I 143 53.48 -26.00 7.12
N VAL I 144 53.71 -27.24 7.56
CA VAL I 144 52.78 -28.31 7.25
C VAL I 144 51.48 -28.11 8.00
N MET I 145 51.58 -27.85 9.32
CA MET I 145 50.38 -27.65 10.12
C MET I 145 49.55 -26.46 9.63
N VAL I 146 50.22 -25.42 9.14
CA VAL I 146 49.49 -24.27 8.60
C VAL I 146 48.72 -24.66 7.35
N LEU I 147 49.34 -25.45 6.47
CA LEU I 147 48.70 -25.78 5.20
C LEU I 147 47.43 -26.58 5.40
N GLU I 148 47.33 -27.31 6.52
CA GLU I 148 46.16 -28.12 6.79
C GLU I 148 44.87 -27.32 6.68
N ARG I 149 44.89 -26.08 7.17
CA ARG I 149 43.71 -25.23 7.08
C ARG I 149 43.28 -25.06 5.63
N ILE I 150 44.23 -24.71 4.77
CA ILE I 150 43.92 -24.53 3.36
C ILE I 150 43.51 -25.86 2.74
N LEU I 151 44.20 -26.94 3.08
CA LEU I 151 43.88 -28.24 2.49
C LEU I 151 42.42 -28.60 2.76
N LEU I 152 42.02 -28.54 4.04
CA LEU I 152 40.65 -28.88 4.39
C LEU I 152 39.65 -28.04 3.62
N GLN I 153 39.92 -26.74 3.49
CA GLN I 153 39.03 -25.90 2.70
C GLN I 153 39.09 -26.27 1.22
N THR I 154 40.29 -26.58 0.71
CA THR I 154 40.43 -26.84 -0.71
C THR I 154 39.64 -28.09 -1.11
N ILE I 155 39.75 -29.16 -0.33
CA ILE I 155 39.03 -30.39 -0.62
C ILE I 155 37.60 -30.29 -0.08
N LYS I 156 37.18 -29.09 0.30
CA LYS I 156 35.80 -28.80 0.65
C LYS I 156 35.30 -29.69 1.79
N PHE I 157 36.20 -30.07 2.68
CA PHE I 157 35.88 -30.92 3.82
C PHE I 157 35.20 -32.22 3.39
N ASP I 158 35.37 -32.60 2.12
CA ASP I 158 34.89 -33.89 1.61
C ASP I 158 36.00 -34.90 1.85
N LEU I 159 36.02 -35.45 3.06
CA LEU I 159 37.16 -36.26 3.49
C LEU I 159 37.05 -37.72 3.06
N GLN I 160 35.85 -38.25 2.91
CA GLN I 160 35.70 -39.66 2.54
C GLN I 160 36.09 -39.87 1.08
N VAL I 161 36.95 -40.85 0.84
CA VAL I 161 37.44 -41.17 -0.50
C VAL I 161 37.47 -42.69 -0.66
N GLU I 162 37.04 -43.16 -1.84
CA GLU I 162 37.10 -44.57 -2.21
C GLU I 162 38.23 -44.76 -3.21
N HIS I 163 38.83 -45.96 -3.21
CA HIS I 163 39.98 -46.21 -4.06
C HIS I 163 39.78 -47.48 -4.87
N PRO I 164 40.45 -47.57 -6.04
CA PRO I 164 40.26 -48.76 -6.89
C PRO I 164 40.53 -50.09 -6.20
N TYR I 165 41.39 -50.12 -5.17
CA TYR I 165 41.81 -51.39 -4.61
C TYR I 165 40.61 -52.21 -4.15
N GLN I 166 39.73 -51.59 -3.37
CA GLN I 166 38.62 -52.34 -2.79
C GLN I 166 37.73 -52.93 -3.87
N PHE I 167 37.59 -52.24 -5.00
CA PHE I 167 36.77 -52.75 -6.09
C PHE I 167 37.51 -53.85 -6.84
N LEU I 168 38.82 -53.70 -7.00
CA LEU I 168 39.62 -54.77 -7.58
C LEU I 168 39.42 -56.07 -6.80
N LEU I 169 39.33 -55.97 -5.47
CA LEU I 169 39.12 -57.15 -4.66
C LEU I 169 37.67 -57.61 -4.69
N LYS I 170 36.73 -56.66 -4.59
CA LYS I 170 35.31 -57.01 -4.66
C LYS I 170 34.99 -57.71 -5.97
N TYR I 171 35.53 -57.22 -7.09
CA TYR I 171 35.21 -57.81 -8.38
C TYR I 171 35.93 -59.13 -8.59
N ALA I 172 37.22 -59.19 -8.24
CA ALA I 172 37.96 -60.44 -8.39
C ALA I 172 37.36 -61.55 -7.52
N LYS I 173 36.79 -61.18 -6.37
CA LYS I 173 36.21 -62.18 -5.47
C LYS I 173 35.07 -62.94 -6.14
N GLN I 174 34.42 -62.33 -7.12
CA GLN I 174 33.31 -62.97 -7.83
C GLN I 174 33.78 -63.77 -9.04
N LEU I 175 35.08 -63.88 -9.26
CA LEU I 175 35.63 -64.71 -10.32
C LEU I 175 35.92 -66.09 -9.76
N LYS I 176 35.45 -67.13 -10.47
CA LYS I 176 35.68 -68.52 -10.09
C LYS I 176 36.38 -69.25 -11.22
N GLY I 177 37.47 -69.93 -10.87
CA GLY I 177 38.30 -70.61 -11.86
C GLY I 177 39.61 -71.01 -11.25
N ASP I 178 40.62 -71.10 -12.12
CA ASP I 178 41.95 -71.44 -11.63
C ASP I 178 42.39 -70.39 -10.61
N LYS I 179 42.58 -70.85 -9.37
CA LYS I 179 42.91 -69.91 -8.32
C LYS I 179 44.14 -69.09 -8.68
N ASN I 180 45.12 -69.72 -9.30
CA ASN I 180 46.41 -69.12 -9.59
C ASN I 180 46.44 -68.35 -10.90
N LYS I 181 45.47 -68.57 -11.79
CA LYS I 181 45.37 -67.61 -12.90
C LYS I 181 44.70 -66.31 -12.47
N ILE I 182 43.77 -66.37 -11.53
CA ILE I 182 43.13 -65.15 -11.04
C ILE I 182 44.07 -64.33 -10.17
N GLN I 183 44.90 -65.01 -9.37
CA GLN I 183 45.78 -64.28 -8.47
C GLN I 183 46.86 -63.50 -9.21
N LYS I 184 47.29 -64.00 -10.35
CA LYS I 184 48.21 -63.22 -11.17
C LYS I 184 47.53 -61.98 -11.73
N LEU I 185 46.27 -62.13 -12.14
CA LEU I 185 45.51 -60.98 -12.60
C LEU I 185 45.44 -59.90 -11.52
N VAL I 186 45.05 -60.30 -10.30
CA VAL I 186 44.86 -59.35 -9.22
C VAL I 186 46.16 -58.61 -8.94
N GLN I 187 47.25 -59.36 -8.80
CA GLN I 187 48.53 -58.75 -8.47
C GLN I 187 48.95 -57.75 -9.53
N MET I 188 48.81 -58.12 -10.80
CA MET I 188 49.19 -57.22 -11.89
C MET I 188 48.31 -55.98 -11.88
N ALA I 189 47.00 -56.16 -11.66
CA ALA I 189 46.11 -55.01 -11.55
C ALA I 189 46.49 -54.13 -10.37
N TRP I 190 46.80 -54.76 -9.23
CA TRP I 190 47.22 -54.00 -8.06
C TRP I 190 48.44 -53.15 -8.35
N THR I 191 49.43 -53.72 -9.05
CA THR I 191 50.59 -52.95 -9.46
C THR I 191 50.20 -51.79 -10.36
N PHE I 192 49.25 -52.02 -11.28
CA PHE I 192 48.79 -50.94 -12.16
C PHE I 192 48.07 -49.85 -11.38
N VAL I 193 47.30 -50.21 -10.36
CA VAL I 193 46.65 -49.21 -9.53
C VAL I 193 47.70 -48.32 -8.87
N ASN I 194 48.69 -48.94 -8.23
CA ASN I 194 49.76 -48.17 -7.61
C ASN I 194 50.39 -47.21 -8.61
N ASP I 195 50.53 -47.65 -9.87
CA ASP I 195 51.15 -46.80 -10.88
C ASP I 195 50.22 -45.66 -11.28
N SER I 196 48.92 -45.94 -11.38
CA SER I 196 47.97 -44.93 -11.80
C SER I 196 47.90 -43.77 -10.82
N LEU I 197 48.35 -43.98 -9.58
CA LEU I 197 48.33 -42.90 -8.59
C LEU I 197 49.27 -41.77 -8.98
N CYS I 198 50.31 -42.06 -9.75
CA CYS I 198 51.19 -41.00 -10.24
C CYS I 198 50.52 -40.15 -11.31
N THR I 199 49.38 -40.59 -11.83
CA THR I 199 48.68 -39.91 -12.91
C THR I 199 47.43 -39.22 -12.39
N THR I 200 46.84 -38.41 -13.27
CA THR I 200 45.59 -37.71 -12.98
C THR I 200 44.35 -38.58 -13.23
N LEU I 201 44.52 -39.88 -13.45
CA LEU I 201 43.36 -40.75 -13.59
C LEU I 201 42.49 -40.69 -12.35
N SER I 202 43.11 -40.50 -11.17
CA SER I 202 42.33 -40.32 -9.95
C SER I 202 41.33 -39.18 -10.11
N LEU I 203 41.62 -38.23 -11.00
CA LEU I 203 40.79 -37.07 -11.21
C LEU I 203 39.85 -37.18 -12.41
N GLN I 204 39.98 -38.24 -13.22
CA GLN I 204 39.17 -38.35 -14.43
C GLN I 204 38.05 -39.37 -14.34
N TRP I 205 38.25 -40.46 -13.59
CA TRP I 205 37.35 -41.60 -13.61
C TRP I 205 37.13 -42.09 -12.20
N GLU I 206 35.90 -42.49 -11.91
CA GLU I 206 35.57 -43.08 -10.62
C GLU I 206 36.48 -44.28 -10.35
N PRO I 207 36.72 -44.59 -9.08
CA PRO I 207 37.62 -45.73 -8.78
C PRO I 207 37.12 -47.05 -9.32
N GLU I 208 35.80 -47.28 -9.30
CA GLU I 208 35.27 -48.52 -9.87
C GLU I 208 35.73 -48.70 -11.30
N ILE I 209 35.72 -47.62 -12.08
CA ILE I 209 36.15 -47.70 -13.47
C ILE I 209 37.64 -48.00 -13.55
N ILE I 210 38.45 -47.36 -12.70
CA ILE I 210 39.87 -47.66 -12.69
C ILE I 210 40.09 -49.14 -12.40
N ALA I 211 39.38 -49.68 -11.40
CA ALA I 211 39.56 -51.07 -11.03
C ALA I 211 39.28 -52.01 -12.19
N VAL I 212 38.22 -51.75 -12.96
CA VAL I 212 37.95 -52.57 -14.13
C VAL I 212 39.06 -52.41 -15.17
N ALA I 213 39.49 -51.17 -15.41
CA ALA I 213 40.50 -50.94 -16.44
C ALA I 213 41.76 -51.75 -16.16
N VAL I 214 42.19 -51.80 -14.90
CA VAL I 214 43.42 -52.52 -14.59
C VAL I 214 43.20 -54.03 -14.71
N MET I 215 41.98 -54.49 -14.46
CA MET I 215 41.68 -55.90 -14.71
C MET I 215 41.72 -56.20 -16.21
N TYR I 216 41.22 -55.26 -17.01
CA TYR I 216 41.22 -55.38 -18.46
C TYR I 216 42.64 -55.48 -19.02
N LEU I 217 43.52 -54.56 -18.60
CA LEU I 217 44.90 -54.57 -19.09
C LEU I 217 45.59 -55.85 -18.64
N ALA I 218 45.42 -56.24 -17.38
CA ALA I 218 46.03 -57.47 -16.89
C ALA I 218 45.52 -58.68 -17.66
N GLY I 219 44.23 -58.69 -18.00
CA GLY I 219 43.70 -59.79 -18.80
C GLY I 219 44.27 -59.80 -20.21
N ARG I 220 44.28 -58.66 -20.86
CA ARG I 220 44.89 -58.53 -22.18
C ARG I 220 46.35 -58.99 -22.16
N LEU I 221 47.10 -58.52 -21.16
CA LEU I 221 48.53 -58.84 -21.09
C LEU I 221 48.77 -60.30 -20.68
N CYS I 222 48.04 -60.80 -19.69
CA CYS I 222 48.22 -62.20 -19.30
C CYS I 222 47.50 -63.19 -20.22
N LYS I 223 46.90 -62.70 -21.31
CA LYS I 223 46.13 -63.53 -22.24
C LYS I 223 45.12 -64.40 -21.49
N PHE I 224 44.45 -63.81 -20.49
CA PHE I 224 43.37 -64.43 -19.77
C PHE I 224 42.05 -63.87 -20.32
N GLU I 225 41.00 -64.69 -20.35
CA GLU I 225 39.68 -64.20 -20.74
C GLU I 225 38.70 -64.24 -19.57
N ILE I 226 38.51 -63.08 -18.95
CA ILE I 226 37.76 -62.98 -17.71
C ILE I 226 36.30 -63.32 -17.91
N GLN I 227 35.80 -63.26 -19.15
CA GLN I 227 34.40 -63.55 -19.37
C GLN I 227 34.00 -64.88 -18.75
N GLU I 228 34.89 -65.86 -18.80
CA GLU I 228 34.57 -67.21 -18.37
C GLU I 228 34.50 -67.34 -16.85
N TRP I 229 35.39 -66.64 -16.12
CA TRP I 229 35.47 -66.81 -14.67
C TRP I 229 34.27 -66.23 -13.94
N THR I 230 33.43 -65.47 -14.64
CA THR I 230 32.27 -64.83 -14.07
C THR I 230 31.06 -65.77 -14.06
N SER I 231 29.94 -65.27 -13.54
CA SER I 231 28.67 -65.99 -13.55
C SER I 231 27.98 -65.98 -14.91
N LYS I 232 28.50 -65.25 -15.89
CA LYS I 232 27.89 -65.16 -17.22
C LYS I 232 28.94 -65.42 -18.30
N PRO I 233 29.38 -66.67 -18.42
CA PRO I 233 30.59 -66.94 -19.24
C PRO I 233 30.48 -66.57 -20.72
N MET I 234 29.29 -66.36 -21.27
CA MET I 234 29.15 -66.06 -22.69
C MET I 234 28.90 -64.58 -22.97
N TYR I 235 28.90 -63.75 -21.93
CA TYR I 235 28.83 -62.29 -22.03
C TYR I 235 30.25 -61.72 -22.17
N ARG I 236 30.67 -61.43 -23.39
CA ARG I 236 32.07 -61.03 -23.63
C ARG I 236 32.42 -59.69 -22.99
N ARG I 237 31.44 -58.84 -22.71
CA ARG I 237 31.70 -57.58 -22.02
C ARG I 237 31.49 -57.81 -20.52
N TRP I 238 32.52 -58.31 -19.84
CA TRP I 238 32.36 -58.66 -18.43
C TRP I 238 32.23 -57.43 -17.54
N TRP I 239 32.87 -56.31 -17.90
CA TRP I 239 32.80 -55.14 -17.03
C TRP I 239 31.36 -54.77 -16.66
N GLU I 240 30.42 -55.04 -17.56
CA GLU I 240 29.08 -54.49 -17.41
C GLU I 240 28.41 -54.98 -16.12
N GLN I 241 28.67 -56.23 -15.72
CA GLN I 241 28.02 -56.74 -14.52
C GLN I 241 28.61 -56.17 -13.23
N PHE I 242 29.79 -55.56 -13.30
CA PHE I 242 30.39 -54.89 -12.15
C PHE I 242 30.19 -53.38 -12.19
N VAL I 243 30.38 -52.77 -13.35
CA VAL I 243 30.30 -51.32 -13.52
C VAL I 243 29.42 -51.05 -14.73
N GLN I 244 28.23 -50.50 -14.50
CA GLN I 244 27.30 -50.26 -15.58
C GLN I 244 27.70 -49.05 -16.41
N ASP I 245 27.44 -49.12 -17.71
CA ASP I 245 27.64 -48.00 -18.63
C ASP I 245 29.10 -47.60 -18.78
N VAL I 246 29.97 -48.56 -19.14
CA VAL I 246 31.36 -48.23 -19.43
C VAL I 246 31.70 -48.49 -20.88
N PRO I 247 32.03 -47.45 -21.65
CA PRO I 247 32.43 -47.69 -23.05
C PRO I 247 33.79 -48.35 -23.11
N VAL I 248 34.00 -49.13 -24.18
CA VAL I 248 35.29 -49.80 -24.31
C VAL I 248 36.40 -48.77 -24.54
N ASP I 249 36.06 -47.69 -25.26
CA ASP I 249 37.03 -46.63 -25.53
C ASP I 249 37.62 -46.08 -24.24
N VAL I 250 36.78 -45.90 -23.22
CA VAL I 250 37.24 -45.39 -21.93
C VAL I 250 38.31 -46.32 -21.37
N LEU I 251 38.04 -47.62 -21.37
CA LEU I 251 39.02 -48.58 -20.85
C LEU I 251 40.31 -48.52 -21.64
N GLU I 252 40.23 -48.27 -22.94
CA GLU I 252 41.43 -48.13 -23.75
C GLU I 252 42.19 -46.86 -23.38
N ASP I 253 41.47 -45.77 -23.16
CA ASP I 253 42.13 -44.54 -22.72
C ASP I 253 42.89 -44.74 -21.41
N ILE I 254 42.24 -45.40 -20.43
CA ILE I 254 42.89 -45.58 -19.13
C ILE I 254 44.10 -46.50 -19.25
N CYS I 255 43.92 -47.65 -19.91
CA CYS I 255 45.03 -48.58 -20.07
C CYS I 255 46.19 -47.87 -20.77
N HIS I 256 45.87 -47.11 -21.81
CA HIS I 256 46.87 -46.39 -22.56
C HIS I 256 47.73 -45.53 -21.66
N GLN I 257 47.11 -44.80 -20.72
CA GLN I 257 47.88 -43.92 -19.87
C GLN I 257 48.86 -44.69 -18.99
N ILE I 258 48.46 -45.86 -18.51
CA ILE I 258 49.38 -46.66 -17.72
C ILE I 258 50.51 -47.17 -18.59
N LEU I 259 50.16 -47.66 -19.78
CA LEU I 259 51.16 -48.19 -20.70
C LEU I 259 52.14 -47.10 -21.12
N ASP I 260 51.69 -45.85 -21.23
CA ASP I 260 52.60 -44.78 -21.61
C ASP I 260 53.72 -44.61 -20.61
N LEU I 261 53.43 -44.80 -19.33
CA LEU I 261 54.47 -44.70 -18.32
C LEU I 261 55.58 -45.72 -18.56
N TYR I 262 55.19 -46.98 -18.79
CA TYR I 262 56.19 -48.04 -19.00
C TYR I 262 56.96 -47.85 -20.31
N SER I 263 56.27 -47.50 -21.39
CA SER I 263 56.94 -47.40 -22.69
C SER I 263 57.96 -46.27 -22.71
N GLN I 264 57.58 -45.08 -22.23
CA GLN I 264 58.51 -43.94 -22.20
C GLN I 264 59.69 -44.22 -21.29
N GLY I 265 59.43 -44.77 -20.10
CA GLY I 265 60.52 -45.18 -19.23
C GLY I 265 61.14 -46.48 -19.71
N LYS I 266 62.30 -46.80 -19.16
CA LYS I 266 62.94 -48.08 -19.46
C LYS I 266 62.19 -49.27 -18.84
N GLN I 267 61.31 -49.03 -17.89
CA GLN I 267 60.55 -50.09 -17.24
C GLN I 267 59.76 -50.93 -18.24
N GLN I 268 59.60 -52.22 -17.92
CA GLN I 268 58.88 -53.16 -18.76
C GLN I 268 57.67 -53.72 -18.04
N MET I 269 56.66 -54.13 -18.82
CA MET I 269 55.43 -54.67 -18.24
C MET I 269 55.76 -55.81 -17.28
N PRO I 270 55.15 -55.85 -16.10
CA PRO I 270 55.57 -56.86 -15.11
C PRO I 270 55.42 -58.28 -15.61
N HIS I 271 54.29 -58.61 -16.22
CA HIS I 271 53.98 -59.96 -16.65
C HIS I 271 54.58 -61.01 -15.72
#